data_7DBK
#
_entry.id   7DBK
#
_cell.length_a   232.477
_cell.length_b   84.173
_cell.length_c   156.210
_cell.angle_alpha   90.000
_cell.angle_beta   120.760
_cell.angle_gamma   90.000
#
_symmetry.space_group_name_H-M   'C 1 2 1'
#
loop_
_entity.id
_entity.type
_entity.pdbx_description
1 polymer 'L-lactate dehydrogenase B chain'
2 non-polymer '1,4-DIHYDRONICOTINAMIDE ADENINE DINUCLEOTIDE'
3 non-polymer GLYCEROL
4 water water
#
_entity_poly.entity_id   1
_entity_poly.type   'polypeptide(L)'
_entity_poly.pdbx_seq_one_letter_code
;ATLKEKLIAPVAEEEATVPNNKITVVGVGQVGMACAISILGKSLADELALVDVLEDKLKGEMMDLQHGSLFLQTPKIVAD
KDYSVTANSKIVVVTAGVRQQEGESRLNLVQRNVNVFKFIIPQIVKYSPDCIIIVVSNPVDILTYVTWKLSGLPKHRVIG
SGCNLDSARFRYLMAEKLGIHPSSCHGWILGEHGDSSVAVWSGVNVAGVSLQELNPEMGTDNDSENWKEVHKMVVESAYE
VIKLKGYTNWAIGLSVADLIESMLKNLSRIHPVSTMVKGMYGIENEVFLSLPCILNARGLTSVINQKLKDDEVAQLKKSA
DTLWDIQKDLKDL
;
_entity_poly.pdbx_strand_id   A,B,C,D,E,F,G,H
#
# COMPACT_ATOMS: atom_id res chain seq x y z
N ALA A 1 -8.99 -8.59 56.79
CA ALA A 1 -7.60 -8.22 57.16
C ALA A 1 -6.60 -8.95 56.25
N THR A 2 -6.95 -10.11 55.68
CA THR A 2 -6.24 -10.72 54.51
C THR A 2 -6.43 -9.81 53.28
N LEU A 3 -5.45 -9.76 52.39
CA LEU A 3 -5.56 -9.00 51.10
C LEU A 3 -6.79 -9.53 50.34
N LYS A 4 -6.91 -10.85 50.21
CA LYS A 4 -8.00 -11.50 49.46
C LYS A 4 -9.34 -11.07 50.06
N GLU A 5 -9.43 -10.91 51.39
CA GLU A 5 -10.68 -10.52 52.07
C GLU A 5 -10.97 -9.04 51.80
N LYS A 6 -9.95 -8.19 51.70
CA LYS A 6 -10.14 -6.75 51.36
C LYS A 6 -10.60 -6.67 49.89
N LEU A 7 -10.05 -7.52 49.03
CA LEU A 7 -10.21 -7.36 47.56
C LEU A 7 -11.54 -7.97 47.08
N ILE A 8 -11.92 -9.14 47.57
CA ILE A 8 -12.95 -10.01 46.93
C ILE A 8 -14.11 -10.25 47.91
N ALA A 9 -15.30 -9.69 47.60
CA ALA A 9 -16.58 -9.87 48.31
C ALA A 9 -17.36 -11.02 47.69
N PRO A 10 -17.74 -12.04 48.48
CA PRO A 10 -18.51 -13.16 47.94
C PRO A 10 -19.93 -12.71 47.63
N VAL A 11 -20.44 -13.16 46.49
CA VAL A 11 -21.85 -13.10 46.04
C VAL A 11 -22.49 -14.46 46.25
N ALA A 12 -21.78 -15.53 45.93
CA ALA A 12 -22.22 -16.92 46.21
C ALA A 12 -21.46 -17.41 47.44
N GLU A 13 -22.13 -18.15 48.29
CA GLU A 13 -21.48 -19.07 49.27
C GLU A 13 -20.46 -19.94 48.53
N GLU A 14 -19.21 -19.99 49.01
CA GLU A 14 -18.16 -20.88 48.47
C GLU A 14 -18.58 -22.32 48.78
N GLU A 15 -18.39 -23.25 47.83
CA GLU A 15 -18.86 -24.66 47.89
C GLU A 15 -17.90 -25.59 47.15
N ALA A 16 -17.99 -26.90 47.42
CA ALA A 16 -17.37 -27.98 46.63
C ALA A 16 -18.03 -28.02 45.24
N THR A 17 -17.26 -27.69 44.20
CA THR A 17 -17.66 -27.80 42.77
C THR A 17 -17.05 -29.08 42.19
N VAL A 18 -17.75 -29.73 41.26
CA VAL A 18 -17.18 -30.85 40.44
C VAL A 18 -16.89 -30.32 39.05
N PRO A 19 -15.74 -30.66 38.42
CA PRO A 19 -15.45 -30.15 37.08
C PRO A 19 -16.42 -30.82 36.10
N ASN A 20 -16.66 -30.12 35.03
CA ASN A 20 -17.65 -30.52 34.01
C ASN A 20 -16.96 -31.37 32.93
N ASN A 21 -15.66 -31.14 32.72
CA ASN A 21 -14.85 -31.69 31.61
C ASN A 21 -13.44 -31.96 32.11
N LYS A 22 -13.32 -32.81 33.10
CA LYS A 22 -12.00 -33.18 33.64
C LYS A 22 -11.39 -34.29 32.79
N ILE A 23 -10.12 -34.13 32.46
CA ILE A 23 -9.31 -35.15 31.76
C ILE A 23 -8.14 -35.55 32.65
N THR A 24 -7.86 -36.84 32.73
CA THR A 24 -6.64 -37.38 33.37
C THR A 24 -5.77 -37.97 32.26
N VAL A 25 -4.49 -37.69 32.33
CA VAL A 25 -3.43 -38.38 31.56
C VAL A 25 -2.59 -39.19 32.55
N VAL A 26 -2.55 -40.51 32.31
CA VAL A 26 -1.74 -41.47 33.12
C VAL A 26 -0.50 -41.80 32.30
N GLY A 27 0.66 -41.47 32.87
CA GLY A 27 1.97 -41.54 32.23
C GLY A 27 2.35 -40.19 31.67
N VAL A 28 3.37 -39.55 32.26
CA VAL A 28 3.81 -38.20 31.82
C VAL A 28 5.16 -38.32 31.12
N GLY A 29 5.27 -39.32 30.24
CA GLY A 29 6.42 -39.46 29.34
C GLY A 29 6.24 -38.65 28.08
N GLN A 30 6.91 -39.07 27.01
CA GLN A 30 6.91 -38.30 25.75
C GLN A 30 5.47 -38.16 25.24
N VAL A 31 4.75 -39.27 25.19
CA VAL A 31 3.38 -39.32 24.63
C VAL A 31 2.41 -38.64 25.60
N GLY A 32 2.49 -38.94 26.89
CA GLY A 32 1.53 -38.34 27.84
C GLY A 32 1.61 -36.81 27.81
N MET A 33 2.82 -36.23 27.78
CA MET A 33 2.98 -34.76 27.77
C MET A 33 2.57 -34.18 26.41
N ALA A 34 2.79 -34.86 25.28
CA ALA A 34 2.30 -34.40 23.97
C ALA A 34 0.76 -34.41 24.00
N CYS A 35 0.15 -35.41 24.64
CA CYS A 35 -1.32 -35.46 24.83
C CYS A 35 -1.73 -34.27 25.69
N ALA A 36 -1.03 -34.07 26.80
CA ALA A 36 -1.37 -33.00 27.77
C ALA A 36 -1.31 -31.65 27.07
N ILE A 37 -0.23 -31.34 26.35
CA ILE A 37 -0.12 -29.97 25.77
C ILE A 37 -1.16 -29.80 24.65
N SER A 38 -1.51 -30.87 23.90
CA SER A 38 -2.53 -30.82 22.84
C SER A 38 -3.93 -30.57 23.43
N ILE A 39 -4.26 -31.23 24.53
CA ILE A 39 -5.56 -31.08 25.22
C ILE A 39 -5.63 -29.62 25.72
N LEU A 40 -4.56 -29.12 26.38
CA LEU A 40 -4.53 -27.75 26.93
C LEU A 40 -4.62 -26.74 25.78
N GLY A 41 -3.88 -26.93 24.68
CA GLY A 41 -3.92 -25.98 23.55
C GLY A 41 -5.29 -25.88 22.91
N LYS A 42 -6.10 -26.93 22.96
CA LYS A 42 -7.46 -26.89 22.36
C LYS A 42 -8.51 -26.50 23.41
N SER A 43 -8.09 -26.16 24.64
CA SER A 43 -8.99 -25.80 25.78
C SER A 43 -10.01 -26.92 26.00
N LEU A 44 -9.59 -28.18 26.02
CA LEU A 44 -10.58 -29.29 26.10
C LEU A 44 -10.88 -29.66 27.56
N ALA A 45 -10.06 -29.25 28.52
CA ALA A 45 -10.23 -29.65 29.93
C ALA A 45 -10.48 -28.40 30.79
N ASP A 46 -11.47 -28.47 31.67
CA ASP A 46 -11.59 -27.47 32.75
C ASP A 46 -10.72 -27.89 33.94
N GLU A 47 -10.25 -29.12 33.95
CA GLU A 47 -9.35 -29.65 35.00
C GLU A 47 -8.53 -30.74 34.31
N LEU A 48 -7.23 -30.71 34.51
CA LEU A 48 -6.28 -31.72 33.98
C LEU A 48 -5.57 -32.35 35.16
N ALA A 49 -5.66 -33.67 35.29
CA ALA A 49 -4.94 -34.43 36.33
C ALA A 49 -3.87 -35.27 35.62
N LEU A 50 -2.66 -35.29 36.20
CA LEU A 50 -1.55 -36.13 35.71
C LEU A 50 -1.19 -37.14 36.80
N VAL A 51 -0.88 -38.37 36.38
CA VAL A 51 -0.42 -39.48 37.27
C VAL A 51 0.77 -40.15 36.59
N ASP A 52 1.75 -40.51 37.41
CA ASP A 52 2.92 -41.31 37.02
C ASP A 52 3.43 -41.94 38.32
N VAL A 53 4.40 -42.84 38.21
CA VAL A 53 5.17 -43.39 39.35
C VAL A 53 6.40 -42.53 39.65
N LEU A 54 6.84 -41.69 38.72
CA LEU A 54 8.05 -40.84 38.92
C LEU A 54 7.59 -39.52 39.55
N GLU A 55 7.54 -39.46 40.89
CA GLU A 55 6.89 -38.34 41.62
C GLU A 55 7.62 -37.03 41.32
N ASP A 56 8.94 -37.04 41.11
CA ASP A 56 9.66 -35.77 40.85
C ASP A 56 9.33 -35.30 39.44
N LYS A 57 9.47 -36.15 38.43
CA LYS A 57 9.13 -35.74 37.04
C LYS A 57 7.68 -35.25 37.03
N LEU A 58 6.78 -35.97 37.70
CA LEU A 58 5.35 -35.66 37.67
C LEU A 58 5.13 -34.23 38.19
N LYS A 59 5.73 -33.89 39.32
CA LYS A 59 5.58 -32.54 39.93
C LYS A 59 6.15 -31.49 38.96
N GLY A 60 7.34 -31.76 38.40
CA GLY A 60 7.96 -30.83 37.44
C GLY A 60 7.08 -30.57 36.23
N GLU A 61 6.47 -31.61 35.64
CA GLU A 61 5.56 -31.43 34.49
C GLU A 61 4.33 -30.61 34.91
N MET A 62 3.75 -30.95 36.06
CA MET A 62 2.57 -30.20 36.59
C MET A 62 2.93 -28.71 36.69
N MET A 63 4.06 -28.39 37.32
CA MET A 63 4.46 -26.98 37.55
C MET A 63 4.72 -26.28 36.22
N ASP A 64 5.35 -26.95 35.26
CA ASP A 64 5.71 -26.33 33.97
C ASP A 64 4.40 -25.96 33.24
N LEU A 65 3.42 -26.88 33.23
CA LEU A 65 2.11 -26.55 32.63
C LEU A 65 1.45 -25.40 33.39
N GLN A 66 1.46 -25.43 34.72
CA GLN A 66 0.83 -24.37 35.54
C GLN A 66 1.43 -23.00 35.18
N HIS A 67 2.74 -22.96 34.99
CA HIS A 67 3.49 -21.72 34.66
C HIS A 67 3.03 -21.17 33.31
N GLY A 68 2.45 -21.98 32.43
CA GLY A 68 1.87 -21.53 31.16
C GLY A 68 0.39 -21.14 31.24
N SER A 69 -0.21 -21.13 32.44
CA SER A 69 -1.66 -20.96 32.72
C SER A 69 -2.22 -19.68 32.09
N LEU A 70 -1.42 -18.62 32.13
CA LEU A 70 -1.82 -17.32 31.54
C LEU A 70 -2.23 -17.53 30.07
N PHE A 71 -1.60 -18.46 29.35
CA PHE A 71 -1.79 -18.66 27.90
C PHE A 71 -2.87 -19.70 27.61
N LEU A 72 -3.48 -20.28 28.65
CA LEU A 72 -4.39 -21.43 28.52
C LEU A 72 -5.77 -21.08 29.09
N GLN A 73 -6.68 -22.03 29.07
CA GLN A 73 -8.06 -21.89 29.61
C GLN A 73 -8.38 -23.16 30.42
N THR A 74 -7.45 -23.56 31.27
CA THR A 74 -7.64 -24.70 32.17
C THR A 74 -7.29 -24.23 33.58
N PRO A 75 -8.31 -23.96 34.41
CA PRO A 75 -8.09 -23.31 35.69
C PRO A 75 -7.55 -24.20 36.82
N LYS A 76 -7.50 -25.52 36.58
CA LYS A 76 -7.00 -26.46 37.61
C LYS A 76 -6.14 -27.54 36.94
N ILE A 77 -4.87 -27.54 37.27
CA ILE A 77 -3.89 -28.58 36.84
C ILE A 77 -3.31 -29.20 38.10
N VAL A 78 -3.49 -30.51 38.26
CA VAL A 78 -3.15 -31.25 39.50
C VAL A 78 -2.40 -32.52 39.08
N ALA A 79 -1.61 -33.04 40.00
CA ALA A 79 -0.74 -34.20 39.72
C ALA A 79 -0.40 -34.89 41.03
N ASP A 80 -0.40 -36.22 40.98
CA ASP A 80 -0.10 -37.05 42.16
C ASP A 80 0.08 -38.51 41.72
N LYS A 81 0.90 -39.25 42.45
CA LYS A 81 1.00 -40.70 42.23
C LYS A 81 -0.30 -41.36 42.71
N ASP A 82 -1.05 -40.69 43.59
CA ASP A 82 -2.31 -41.22 44.20
C ASP A 82 -3.49 -40.91 43.28
N TYR A 83 -4.29 -41.93 42.92
CA TYR A 83 -5.36 -41.77 41.90
C TYR A 83 -6.54 -40.96 42.46
N SER A 84 -6.54 -40.61 43.75
CA SER A 84 -7.56 -39.67 44.31
C SER A 84 -7.53 -38.37 43.51
N VAL A 85 -6.39 -38.00 42.92
CA VAL A 85 -6.25 -36.72 42.15
C VAL A 85 -7.10 -36.80 40.86
N THR A 86 -7.44 -38.02 40.41
CA THR A 86 -8.12 -38.26 39.13
C THR A 86 -9.66 -38.28 39.28
N ALA A 87 -10.20 -38.11 40.49
CA ALA A 87 -11.63 -38.38 40.79
C ALA A 87 -12.49 -37.57 39.81
N ASN A 88 -13.54 -38.18 39.28
CA ASN A 88 -14.61 -37.53 38.46
C ASN A 88 -14.06 -37.05 37.12
N SER A 89 -13.07 -37.76 36.58
CA SER A 89 -12.61 -37.52 35.21
C SER A 89 -13.71 -37.93 34.22
N LYS A 90 -13.92 -37.18 33.16
CA LYS A 90 -14.81 -37.62 32.06
C LYS A 90 -14.07 -38.55 31.11
N ILE A 91 -12.80 -38.26 30.86
CA ILE A 91 -11.93 -39.03 29.96
C ILE A 91 -10.60 -39.28 30.67
N VAL A 92 -10.13 -40.52 30.59
CA VAL A 92 -8.80 -40.90 31.12
C VAL A 92 -8.01 -41.45 29.94
N VAL A 93 -6.88 -40.82 29.68
CA VAL A 93 -5.95 -41.24 28.61
C VAL A 93 -4.83 -42.05 29.25
N VAL A 94 -4.60 -43.27 28.82
CA VAL A 94 -3.56 -44.13 29.42
C VAL A 94 -2.40 -44.24 28.43
N THR A 95 -1.26 -43.64 28.80
CA THR A 95 -0.01 -43.60 28.01
C THR A 95 1.12 -44.27 28.80
N ALA A 96 0.81 -44.94 29.91
CA ALA A 96 1.80 -45.44 30.89
C ALA A 96 2.41 -46.76 30.42
N GLY A 97 3.64 -46.99 30.85
CA GLY A 97 4.31 -48.27 30.66
C GLY A 97 5.70 -48.07 30.10
N VAL A 98 6.13 -48.97 29.24
CA VAL A 98 7.43 -48.77 28.55
C VAL A 98 7.18 -48.96 27.06
N ARG A 99 7.94 -48.22 26.25
CA ARG A 99 8.01 -48.40 24.79
C ARG A 99 8.63 -49.76 24.51
N GLN A 100 8.44 -50.26 23.30
CA GLN A 100 9.24 -51.40 22.81
C GLN A 100 10.71 -50.97 22.78
N GLN A 101 11.59 -51.93 23.00
CA GLN A 101 13.05 -51.71 22.95
C GLN A 101 13.62 -52.69 21.93
N GLU A 102 14.61 -52.24 21.13
CA GLU A 102 15.33 -53.10 20.17
C GLU A 102 15.85 -54.32 20.94
N GLY A 103 15.74 -55.48 20.32
CA GLY A 103 16.20 -56.74 20.90
C GLY A 103 15.15 -57.42 21.76
N GLU A 104 14.03 -56.76 22.07
CA GLU A 104 12.98 -57.39 22.92
C GLU A 104 11.83 -57.88 22.01
N SER A 105 11.16 -58.94 22.42
CA SER A 105 10.05 -59.62 21.68
C SER A 105 8.72 -58.90 21.92
N ARG A 106 7.71 -59.17 21.08
CA ARG A 106 6.34 -58.64 21.25
C ARG A 106 5.73 -59.24 22.53
N LEU A 107 5.97 -60.52 22.80
CA LEU A 107 5.49 -61.15 24.08
C LEU A 107 6.05 -60.36 25.25
N ASN A 108 7.32 -59.97 25.17
CA ASN A 108 8.02 -59.27 26.29
C ASN A 108 7.27 -57.96 26.56
N LEU A 109 6.90 -57.24 25.50
CA LEU A 109 6.22 -55.95 25.67
C LEU A 109 4.84 -56.20 26.29
N VAL A 110 4.14 -57.28 25.90
CA VAL A 110 2.82 -57.64 26.51
C VAL A 110 3.03 -57.83 28.01
N GLN A 111 4.03 -58.59 28.42
CA GLN A 111 4.23 -58.93 29.85
C GLN A 111 4.53 -57.66 30.65
N ARG A 112 5.40 -56.78 30.14
CA ARG A 112 5.81 -55.53 30.85
C ARG A 112 4.60 -54.61 31.03
N ASN A 113 3.78 -54.44 30.00
CA ASN A 113 2.71 -53.40 30.05
C ASN A 113 1.44 -53.99 30.65
N VAL A 114 1.21 -55.30 30.55
CA VAL A 114 0.03 -55.88 31.23
C VAL A 114 0.27 -55.76 32.74
N ASN A 115 1.51 -55.96 33.19
CA ASN A 115 1.91 -55.82 34.61
C ASN A 115 1.48 -54.41 35.09
N VAL A 116 1.80 -53.39 34.30
CA VAL A 116 1.51 -51.96 34.61
C VAL A 116 -0.02 -51.76 34.65
N PHE A 117 -0.74 -52.29 33.68
CA PHE A 117 -2.20 -52.04 33.55
C PHE A 117 -2.94 -52.73 34.68
N LYS A 118 -2.44 -53.87 35.17
CA LYS A 118 -3.05 -54.55 36.32
C LYS A 118 -3.09 -53.64 37.56
N PHE A 119 -2.12 -52.75 37.74
CA PHE A 119 -2.14 -51.78 38.87
C PHE A 119 -3.02 -50.56 38.54
N ILE A 120 -2.85 -50.01 37.33
CA ILE A 120 -3.44 -48.70 36.91
C ILE A 120 -4.98 -48.79 36.72
N ILE A 121 -5.46 -49.76 35.96
CA ILE A 121 -6.86 -49.70 35.46
C ILE A 121 -7.85 -49.76 36.63
N PRO A 122 -7.69 -50.65 37.64
CA PRO A 122 -8.62 -50.69 38.77
C PRO A 122 -8.65 -49.37 39.56
N GLN A 123 -7.49 -48.69 39.65
CA GLN A 123 -7.36 -47.37 40.33
C GLN A 123 -8.17 -46.33 39.55
N ILE A 124 -8.07 -46.35 38.23
CA ILE A 124 -8.81 -45.39 37.37
C ILE A 124 -10.30 -45.49 37.67
N VAL A 125 -10.87 -46.69 37.64
CA VAL A 125 -12.34 -46.84 37.70
C VAL A 125 -12.82 -46.68 39.15
N LYS A 126 -11.95 -46.88 40.15
CA LYS A 126 -12.29 -46.60 41.56
C LYS A 126 -12.72 -45.15 41.70
N TYR A 127 -11.96 -44.23 41.11
CA TYR A 127 -12.13 -42.77 41.35
C TYR A 127 -13.03 -42.16 40.29
N SER A 128 -13.08 -42.77 39.09
CA SER A 128 -13.90 -42.24 37.96
C SER A 128 -14.72 -43.39 37.38
N PRO A 129 -15.72 -43.94 38.10
CA PRO A 129 -16.46 -45.10 37.59
C PRO A 129 -17.23 -44.82 36.28
N ASP A 130 -17.53 -43.56 36.00
CA ASP A 130 -18.31 -43.09 34.82
C ASP A 130 -17.42 -42.59 33.68
N CYS A 131 -16.09 -42.73 33.75
CA CYS A 131 -15.21 -42.15 32.70
C CYS A 131 -15.25 -42.99 31.39
N ILE A 132 -14.71 -42.39 30.34
CA ILE A 132 -14.28 -43.07 29.09
C ILE A 132 -12.77 -43.22 29.19
N ILE A 133 -12.25 -44.41 28.91
CA ILE A 133 -10.80 -44.62 28.85
C ILE A 133 -10.36 -44.67 27.39
N ILE A 134 -9.32 -43.92 27.07
CA ILE A 134 -8.61 -43.97 25.77
C ILE A 134 -7.28 -44.66 26.04
N VAL A 135 -7.08 -45.80 25.42
CA VAL A 135 -5.85 -46.60 25.61
C VAL A 135 -4.86 -46.29 24.49
N VAL A 136 -3.67 -45.82 24.86
CA VAL A 136 -2.63 -45.44 23.88
C VAL A 136 -1.44 -46.39 24.01
N SER A 137 -1.11 -46.87 25.22
CA SER A 137 0.07 -47.73 25.46
C SER A 137 0.08 -48.93 24.52
N ASN A 138 1.26 -49.30 24.03
CA ASN A 138 1.44 -50.52 23.18
C ASN A 138 1.77 -51.75 24.01
N PRO A 139 1.40 -52.96 23.51
CA PRO A 139 0.66 -53.13 22.25
C PRO A 139 -0.84 -52.80 22.39
N VAL A 140 -1.30 -51.85 21.60
CA VAL A 140 -2.54 -51.08 21.92
C VAL A 140 -3.77 -52.00 21.82
N ASP A 141 -3.86 -52.92 20.87
CA ASP A 141 -5.09 -53.75 20.75
C ASP A 141 -5.18 -54.71 21.93
N ILE A 142 -4.08 -55.34 22.32
CA ILE A 142 -4.06 -56.21 23.53
C ILE A 142 -4.40 -55.36 24.76
N LEU A 143 -3.70 -54.24 24.95
CA LEU A 143 -3.93 -53.44 26.18
C LEU A 143 -5.35 -52.84 26.22
N THR A 144 -6.02 -52.64 25.09
CA THR A 144 -7.44 -52.18 25.11
C THR A 144 -8.34 -53.29 25.63
N TYR A 145 -8.07 -54.53 25.20
CA TYR A 145 -8.79 -55.71 25.69
C TYR A 145 -8.56 -55.82 27.19
N VAL A 146 -7.30 -55.71 27.58
CA VAL A 146 -6.91 -55.86 29.02
C VAL A 146 -7.65 -54.78 29.85
N THR A 147 -7.74 -53.58 29.33
CA THR A 147 -8.44 -52.43 29.99
C THR A 147 -9.92 -52.75 30.14
N TRP A 148 -10.54 -53.22 29.08
CA TRP A 148 -11.97 -53.57 29.14
C TRP A 148 -12.20 -54.63 30.22
N LYS A 149 -11.40 -55.70 30.25
CA LYS A 149 -11.55 -56.77 31.27
C LYS A 149 -11.33 -56.20 32.69
N LEU A 150 -10.24 -55.50 32.92
CA LEU A 150 -9.89 -55.03 34.30
C LEU A 150 -10.87 -53.93 34.75
N SER A 151 -11.37 -53.11 33.84
CA SER A 151 -12.16 -51.88 34.17
C SER A 151 -13.59 -52.28 34.57
N GLY A 152 -14.10 -53.35 34.01
CA GLY A 152 -15.54 -53.66 34.08
C GLY A 152 -16.44 -52.60 33.42
N LEU A 153 -15.90 -51.74 32.57
CA LEU A 153 -16.72 -50.72 31.84
C LEU A 153 -17.40 -51.39 30.66
N PRO A 154 -18.52 -50.85 30.19
CA PRO A 154 -19.13 -51.33 28.94
C PRO A 154 -18.20 -51.01 27.76
N LYS A 155 -18.21 -51.86 26.73
CA LYS A 155 -17.45 -51.68 25.46
C LYS A 155 -17.42 -50.22 24.98
N HIS A 156 -18.55 -49.52 25.02
CA HIS A 156 -18.66 -48.18 24.42
C HIS A 156 -17.82 -47.14 25.17
N ARG A 157 -17.33 -47.48 26.38
CA ARG A 157 -16.51 -46.54 27.16
C ARG A 157 -15.04 -46.95 27.17
N VAL A 158 -14.66 -47.94 26.36
CA VAL A 158 -13.23 -48.33 26.29
C VAL A 158 -12.82 -48.25 24.82
N ILE A 159 -11.92 -47.31 24.55
CA ILE A 159 -11.53 -46.93 23.17
C ILE A 159 -10.04 -47.15 23.03
N GLY A 160 -9.64 -47.99 22.09
CA GLY A 160 -8.22 -48.09 21.73
C GLY A 160 -7.85 -47.08 20.66
N SER A 161 -6.74 -46.39 20.84
CA SER A 161 -6.26 -45.46 19.79
C SER A 161 -6.11 -46.24 18.47
N GLY A 162 -5.66 -47.49 18.52
CA GLY A 162 -5.73 -48.42 17.38
C GLY A 162 -5.12 -47.82 16.10
N CYS A 163 -5.89 -47.72 15.03
CA CYS A 163 -5.40 -47.29 13.70
C CYS A 163 -5.70 -45.82 13.45
N ASN A 164 -6.06 -45.05 14.50
CA ASN A 164 -6.38 -43.61 14.34
C ASN A 164 -5.14 -42.89 13.77
N LEU A 165 -3.97 -43.12 14.33
CA LEU A 165 -2.74 -42.45 13.83
C LEU A 165 -2.32 -43.08 12.50
N ASP A 166 -2.46 -44.39 12.33
CA ASP A 166 -2.11 -45.07 11.05
C ASP A 166 -2.86 -44.36 9.92
N SER A 167 -4.14 -44.10 10.12
CA SER A 167 -5.00 -43.46 9.10
C SER A 167 -4.51 -42.02 8.86
N ALA A 168 -4.14 -41.30 9.91
CA ALA A 168 -3.66 -39.91 9.76
C ALA A 168 -2.36 -39.93 8.96
N ARG A 169 -1.49 -40.88 9.21
CA ARG A 169 -0.21 -41.01 8.45
C ARG A 169 -0.49 -41.38 7.00
N PHE A 170 -1.41 -42.31 6.76
CA PHE A 170 -1.81 -42.68 5.38
C PHE A 170 -2.31 -41.45 4.59
N ARG A 171 -3.16 -40.64 5.22
CA ARG A 171 -3.77 -39.45 4.56
C ARG A 171 -2.66 -38.42 4.29
N TYR A 172 -1.70 -38.27 5.20
CA TYR A 172 -0.48 -37.46 4.96
C TYR A 172 0.29 -38.00 3.74
N LEU A 173 0.54 -39.31 3.66
CA LEU A 173 1.31 -39.88 2.52
C LEU A 173 0.54 -39.68 1.22
N MET A 174 -0.78 -39.85 1.22
CA MET A 174 -1.62 -39.59 0.04
C MET A 174 -1.42 -38.12 -0.36
N ALA A 175 -1.53 -37.23 0.62
CA ALA A 175 -1.45 -35.76 0.42
C ALA A 175 -0.12 -35.39 -0.25
N GLU A 176 0.97 -35.98 0.23
CA GLU A 176 2.34 -35.76 -0.32
C GLU A 176 2.35 -36.14 -1.82
N LYS A 177 1.71 -37.24 -2.16
CA LYS A 177 1.60 -37.78 -3.53
C LYS A 177 0.92 -36.73 -4.43
N LEU A 178 -0.13 -36.09 -3.92
CA LEU A 178 -1.06 -35.32 -4.76
C LEU A 178 -0.90 -33.81 -4.60
N GLY A 179 -0.19 -33.32 -3.59
CA GLY A 179 0.03 -31.88 -3.35
C GLY A 179 -1.22 -31.20 -2.81
N ILE A 180 -2.03 -31.91 -2.03
CA ILE A 180 -3.25 -31.33 -1.40
C ILE A 180 -3.22 -31.54 0.11
N HIS A 181 -4.07 -30.85 0.86
CA HIS A 181 -4.13 -30.97 2.33
C HIS A 181 -4.60 -32.38 2.66
N PRO A 182 -4.04 -33.04 3.71
CA PRO A 182 -4.49 -34.38 4.10
C PRO A 182 -6.00 -34.48 4.43
N SER A 183 -6.64 -33.39 4.88
CA SER A 183 -8.10 -33.37 5.13
C SER A 183 -8.90 -33.55 3.82
N SER A 184 -8.33 -33.30 2.64
CA SER A 184 -9.05 -33.49 1.35
C SER A 184 -8.71 -34.85 0.75
N CYS A 185 -7.87 -35.66 1.41
CA CYS A 185 -7.50 -37.03 0.98
C CYS A 185 -8.28 -37.95 1.90
N HIS A 186 -8.90 -39.02 1.40
CA HIS A 186 -9.72 -39.90 2.26
C HIS A 186 -9.26 -41.33 2.08
N GLY A 187 -9.10 -42.02 3.19
CA GLY A 187 -8.64 -43.41 3.13
C GLY A 187 -8.53 -43.96 4.51
N TRP A 188 -8.80 -45.25 4.66
CA TRP A 188 -8.99 -45.90 5.97
C TRP A 188 -8.00 -47.05 6.13
N ILE A 189 -7.24 -47.01 7.20
CA ILE A 189 -6.36 -48.12 7.65
C ILE A 189 -7.07 -48.72 8.86
N LEU A 190 -7.44 -49.99 8.78
CA LEU A 190 -8.28 -50.62 9.82
C LEU A 190 -7.56 -51.88 10.35
N GLY A 191 -8.19 -52.53 11.33
CA GLY A 191 -7.71 -53.81 11.88
C GLY A 191 -6.68 -53.55 12.94
N GLU A 192 -5.58 -54.29 12.91
CA GLU A 192 -4.52 -54.21 13.92
C GLU A 192 -3.63 -52.99 13.67
N HIS A 193 -3.33 -52.19 14.71
CA HIS A 193 -2.33 -51.11 14.67
C HIS A 193 -0.97 -51.67 14.22
N GLY A 194 -0.25 -50.95 13.34
CA GLY A 194 1.14 -51.27 12.91
C GLY A 194 1.18 -52.33 11.80
N ASP A 195 2.01 -53.38 11.95
CA ASP A 195 2.49 -54.24 10.84
C ASP A 195 1.36 -54.87 9.99
N SER A 196 0.34 -55.39 10.65
CA SER A 196 -0.69 -56.25 10.01
C SER A 196 -1.97 -55.49 9.64
N SER A 197 -1.94 -54.15 9.64
CA SER A 197 -3.15 -53.33 9.34
C SER A 197 -3.71 -53.62 7.95
N VAL A 198 -4.97 -53.26 7.73
CA VAL A 198 -5.68 -53.42 6.45
C VAL A 198 -5.84 -52.04 5.80
N ALA A 199 -5.33 -51.85 4.56
CA ALA A 199 -5.66 -50.63 3.78
C ALA A 199 -6.90 -50.93 2.95
N VAL A 200 -7.99 -50.22 3.18
CA VAL A 200 -9.27 -50.48 2.46
C VAL A 200 -9.21 -49.72 1.13
N TRP A 201 -8.60 -50.33 0.13
CA TRP A 201 -8.33 -49.63 -1.16
C TRP A 201 -9.64 -49.09 -1.77
N SER A 202 -10.76 -49.81 -1.68
CA SER A 202 -12.03 -49.44 -2.34
C SER A 202 -12.53 -48.09 -1.81
N GLY A 203 -12.09 -47.64 -0.62
CA GLY A 203 -12.55 -46.41 0.05
C GLY A 203 -11.65 -45.23 -0.22
N VAL A 204 -10.47 -45.45 -0.84
CA VAL A 204 -9.45 -44.38 -1.00
C VAL A 204 -9.92 -43.45 -2.13
N ASN A 205 -10.03 -42.16 -1.83
CA ASN A 205 -10.70 -41.26 -2.78
C ASN A 205 -10.32 -39.82 -2.45
N VAL A 206 -10.42 -39.00 -3.48
CA VAL A 206 -10.36 -37.53 -3.40
C VAL A 206 -11.65 -36.98 -4.06
N ALA A 207 -12.39 -36.14 -3.33
CA ALA A 207 -13.63 -35.51 -3.84
C ALA A 207 -14.58 -36.61 -4.35
N GLY A 208 -14.58 -37.78 -3.68
CA GLY A 208 -15.49 -38.89 -4.04
C GLY A 208 -15.03 -39.70 -5.24
N VAL A 209 -13.94 -39.32 -5.90
CA VAL A 209 -13.34 -40.07 -7.03
C VAL A 209 -12.55 -41.27 -6.46
N SER A 210 -13.01 -42.47 -6.71
CA SER A 210 -12.33 -43.73 -6.29
C SER A 210 -10.96 -43.80 -6.97
N LEU A 211 -9.85 -43.80 -6.23
CA LEU A 211 -8.51 -43.98 -6.86
C LEU A 211 -8.32 -45.44 -7.34
N GLN A 212 -9.05 -46.42 -6.78
CA GLN A 212 -9.01 -47.84 -7.28
C GLN A 212 -9.76 -47.97 -8.61
N GLU A 213 -10.81 -47.18 -8.85
CA GLU A 213 -11.44 -47.15 -10.20
C GLU A 213 -10.42 -46.59 -11.23
N LEU A 214 -9.73 -45.48 -10.94
CA LEU A 214 -8.71 -44.85 -11.84
C LEU A 214 -7.46 -45.72 -12.00
N ASN A 215 -7.22 -46.64 -11.06
CA ASN A 215 -6.04 -47.55 -11.06
C ASN A 215 -6.44 -48.87 -10.42
N PRO A 216 -6.96 -49.84 -11.21
CA PRO A 216 -7.44 -51.11 -10.65
C PRO A 216 -6.35 -52.04 -10.11
N GLU A 217 -5.07 -51.72 -10.38
CA GLU A 217 -3.87 -52.47 -9.89
C GLU A 217 -3.44 -51.93 -8.51
N MET A 218 -4.16 -50.95 -7.96
CA MET A 218 -3.91 -50.39 -6.61
C MET A 218 -3.85 -51.54 -5.59
N GLY A 219 -2.74 -51.66 -4.87
CA GLY A 219 -2.57 -52.66 -3.81
C GLY A 219 -2.06 -54.01 -4.31
N THR A 220 -1.84 -54.18 -5.62
CA THR A 220 -1.21 -55.39 -6.21
C THR A 220 0.30 -55.15 -6.37
N ASP A 221 1.03 -56.18 -6.82
CA ASP A 221 2.50 -56.15 -7.02
C ASP A 221 2.81 -55.65 -8.44
N ASN A 222 1.80 -55.20 -9.20
CA ASN A 222 1.95 -54.71 -10.59
C ASN A 222 1.31 -53.33 -10.74
N ASP A 223 1.83 -52.34 -10.01
CA ASP A 223 1.22 -51.00 -9.78
C ASP A 223 2.33 -49.94 -9.86
N SER A 224 2.30 -49.06 -10.87
CA SER A 224 3.31 -47.98 -11.09
C SER A 224 3.12 -46.85 -10.08
N GLU A 225 2.00 -46.85 -9.33
CA GLU A 225 1.75 -45.88 -8.23
C GLU A 225 2.18 -46.48 -6.88
N ASN A 226 2.53 -47.77 -6.88
CA ASN A 226 3.05 -48.52 -5.71
C ASN A 226 2.30 -48.20 -4.42
N TRP A 227 0.98 -48.43 -4.45
CA TRP A 227 0.13 -48.24 -3.25
C TRP A 227 0.52 -49.24 -2.16
N LYS A 228 0.94 -50.45 -2.51
CA LYS A 228 1.39 -51.43 -1.48
C LYS A 228 2.54 -50.81 -0.66
N GLU A 229 3.46 -50.12 -1.34
CA GLU A 229 4.60 -49.36 -0.70
C GLU A 229 4.04 -48.27 0.20
N VAL A 230 3.01 -47.54 -0.23
CA VAL A 230 2.44 -46.46 0.62
C VAL A 230 1.93 -47.10 1.92
N HIS A 231 1.21 -48.22 1.82
CA HIS A 231 0.68 -48.94 3.02
C HIS A 231 1.87 -49.34 3.91
N LYS A 232 2.92 -49.91 3.32
CA LYS A 232 4.16 -50.32 4.02
C LYS A 232 4.75 -49.10 4.75
N MET A 233 4.77 -47.94 4.09
CA MET A 233 5.36 -46.68 4.63
C MET A 233 4.54 -46.18 5.83
N VAL A 234 3.24 -46.48 5.91
CA VAL A 234 2.44 -46.13 7.12
C VAL A 234 3.12 -46.72 8.36
N VAL A 235 3.45 -48.01 8.29
CA VAL A 235 4.21 -48.82 9.31
C VAL A 235 5.64 -48.26 9.41
N GLU A 236 6.34 -48.23 8.29
CA GLU A 236 7.81 -48.11 8.26
C GLU A 236 8.22 -46.67 8.62
N SER A 237 7.38 -45.70 8.24
CA SER A 237 7.63 -44.27 8.58
C SER A 237 7.66 -44.11 10.11
N ALA A 238 6.83 -44.83 10.86
CA ALA A 238 6.85 -44.77 12.34
C ALA A 238 8.16 -45.35 12.88
N TYR A 239 8.54 -46.55 12.39
CA TYR A 239 9.81 -47.19 12.81
C TYR A 239 10.96 -46.23 12.51
N GLU A 240 10.88 -45.48 11.41
CA GLU A 240 11.99 -44.58 11.01
C GLU A 240 12.06 -43.46 12.04
N VAL A 241 10.93 -42.86 12.39
CA VAL A 241 10.88 -41.78 13.42
C VAL A 241 11.47 -42.33 14.72
N ILE A 242 11.05 -43.51 15.12
CA ILE A 242 11.61 -44.18 16.34
C ILE A 242 13.15 -44.34 16.26
N LYS A 243 13.69 -44.81 15.13
CA LYS A 243 15.16 -44.95 14.93
C LYS A 243 15.82 -43.55 15.04
N LEU A 244 15.18 -42.51 14.50
CA LEU A 244 15.82 -41.17 14.33
C LEU A 244 15.75 -40.36 15.62
N LYS A 245 14.62 -40.32 16.33
CA LYS A 245 14.52 -39.45 17.54
C LYS A 245 14.24 -40.31 18.79
N GLY A 246 14.05 -41.62 18.64
CA GLY A 246 13.92 -42.56 19.77
C GLY A 246 12.51 -42.99 20.09
N TYR A 247 11.51 -42.28 19.59
CA TYR A 247 10.09 -42.48 19.98
C TYR A 247 9.28 -41.63 19.02
N THR A 248 7.97 -41.78 19.03
CA THR A 248 7.07 -40.82 18.37
C THR A 248 6.15 -40.24 19.45
N ASN A 249 5.78 -38.97 19.32
CA ASN A 249 4.83 -38.40 20.30
C ASN A 249 3.97 -37.30 19.70
N TRP A 250 4.47 -36.45 18.79
CA TRP A 250 3.67 -35.25 18.40
C TRP A 250 2.40 -35.67 17.64
N ALA A 251 2.53 -36.53 16.63
CA ALA A 251 1.34 -36.92 15.83
C ALA A 251 0.35 -37.66 16.74
N ILE A 252 0.81 -38.58 17.59
CA ILE A 252 -0.13 -39.30 18.50
C ILE A 252 -0.80 -38.30 19.45
N GLY A 253 -0.08 -37.35 20.04
CA GLY A 253 -0.70 -36.34 20.92
C GLY A 253 -1.82 -35.58 20.22
N LEU A 254 -1.60 -35.13 18.99
CA LEU A 254 -2.62 -34.34 18.24
C LEU A 254 -3.81 -35.26 17.96
N SER A 255 -3.58 -36.52 17.63
CA SER A 255 -4.65 -37.44 17.23
C SER A 255 -5.52 -37.74 18.47
N VAL A 256 -4.92 -37.85 19.65
CA VAL A 256 -5.67 -38.12 20.91
C VAL A 256 -6.53 -36.90 21.22
N ALA A 257 -6.00 -35.69 21.07
CA ALA A 257 -6.78 -34.46 21.33
C ALA A 257 -7.95 -34.38 20.34
N ASP A 258 -7.75 -34.80 19.11
CA ASP A 258 -8.82 -34.82 18.08
C ASP A 258 -9.95 -35.79 18.51
N LEU A 259 -9.62 -36.99 19.03
CA LEU A 259 -10.63 -37.92 19.58
C LEU A 259 -11.39 -37.23 20.72
N ILE A 260 -10.67 -36.59 21.63
CA ILE A 260 -11.29 -35.97 22.84
C ILE A 260 -12.25 -34.86 22.37
N GLU A 261 -11.86 -34.09 21.38
CA GLU A 261 -12.69 -32.99 20.82
C GLU A 261 -14.02 -33.58 20.32
N SER A 262 -13.97 -34.69 19.58
CA SER A 262 -15.22 -35.32 19.08
C SER A 262 -16.09 -35.68 20.26
N MET A 263 -15.51 -36.20 21.34
CA MET A 263 -16.37 -36.72 22.43
C MET A 263 -16.88 -35.57 23.30
N LEU A 264 -16.03 -34.66 23.73
CA LEU A 264 -16.49 -33.61 24.66
C LEU A 264 -17.38 -32.58 23.94
N LYS A 265 -17.25 -32.41 22.63
CA LYS A 265 -18.16 -31.55 21.87
C LYS A 265 -19.34 -32.36 21.31
N ASN A 266 -19.44 -33.65 21.62
CA ASN A 266 -20.60 -34.49 21.24
C ASN A 266 -20.84 -34.46 19.72
N LEU A 267 -19.81 -34.57 18.91
CA LEU A 267 -19.92 -34.29 17.46
C LEU A 267 -20.43 -35.51 16.67
N SER A 268 -20.18 -36.74 17.10
CA SER A 268 -20.52 -37.95 16.30
C SER A 268 -19.71 -37.84 14.99
N ARG A 269 -18.40 -37.62 15.10
CA ARG A 269 -17.47 -37.78 13.96
C ARG A 269 -16.98 -39.24 13.96
N ILE A 270 -16.55 -39.70 12.79
CA ILE A 270 -16.12 -41.09 12.58
C ILE A 270 -14.61 -41.14 12.62
N HIS A 271 -14.07 -42.02 13.45
CA HIS A 271 -12.62 -42.20 13.64
C HIS A 271 -12.29 -43.69 13.58
N PRO A 272 -11.15 -44.09 12.97
CA PRO A 272 -10.74 -45.49 12.99
C PRO A 272 -10.00 -45.85 14.27
N VAL A 273 -10.75 -45.95 15.34
CA VAL A 273 -10.29 -46.42 16.67
C VAL A 273 -10.70 -47.88 16.86
N SER A 274 -10.21 -48.49 17.93
CA SER A 274 -10.35 -49.91 18.23
C SER A 274 -11.57 -50.13 19.12
N THR A 275 -12.43 -51.05 18.74
CA THR A 275 -13.57 -51.47 19.56
C THR A 275 -13.63 -52.99 19.60
N MET A 276 -14.48 -53.52 20.46
CA MET A 276 -14.57 -54.98 20.66
C MET A 276 -15.36 -55.56 19.47
N VAL A 277 -14.71 -56.36 18.61
CA VAL A 277 -15.29 -56.73 17.28
C VAL A 277 -15.75 -58.18 17.21
N LYS A 278 -15.92 -58.87 18.34
CA LYS A 278 -16.60 -60.18 18.36
C LYS A 278 -17.95 -60.09 17.65
N GLY A 279 -18.18 -61.03 16.73
CA GLY A 279 -19.45 -61.17 16.00
C GLY A 279 -19.50 -60.30 14.75
N MET A 280 -18.47 -59.52 14.46
CA MET A 280 -18.36 -58.72 13.22
C MET A 280 -17.40 -59.40 12.24
N TYR A 281 -17.73 -59.43 10.93
CA TYR A 281 -16.86 -60.02 9.88
C TYR A 281 -16.42 -61.42 10.28
N GLY A 282 -17.30 -62.17 10.94
CA GLY A 282 -17.05 -63.60 11.26
C GLY A 282 -16.05 -63.79 12.39
N ILE A 283 -15.72 -62.73 13.14
CA ILE A 283 -14.73 -62.84 14.25
C ILE A 283 -15.44 -63.51 15.44
N GLU A 284 -14.85 -64.57 16.00
CA GLU A 284 -15.53 -65.37 17.05
C GLU A 284 -14.90 -65.11 18.44
N ASN A 285 -13.83 -64.33 18.52
CA ASN A 285 -13.20 -64.08 19.84
C ASN A 285 -13.32 -62.61 20.28
N GLU A 286 -13.14 -62.38 21.58
CA GLU A 286 -13.21 -61.02 22.16
C GLU A 286 -11.86 -60.33 21.97
N VAL A 287 -11.75 -59.55 20.91
CA VAL A 287 -10.52 -58.79 20.54
C VAL A 287 -10.96 -57.39 20.16
N PHE A 288 -10.04 -56.44 20.21
CA PHE A 288 -10.25 -55.06 19.80
C PHE A 288 -9.47 -54.83 18.50
N LEU A 289 -10.17 -54.43 17.45
CA LEU A 289 -9.54 -54.04 16.18
C LEU A 289 -10.18 -52.72 15.75
N SER A 290 -9.51 -51.98 14.88
CA SER A 290 -10.02 -50.67 14.41
C SER A 290 -11.01 -50.85 13.27
N LEU A 291 -12.12 -50.14 13.38
CA LEU A 291 -13.14 -49.96 12.34
C LEU A 291 -13.54 -48.49 12.40
N PRO A 292 -14.27 -47.97 11.40
CA PRO A 292 -14.70 -46.57 11.47
C PRO A 292 -15.79 -46.50 12.54
N CYS A 293 -15.53 -45.77 13.63
CA CYS A 293 -16.43 -45.74 14.80
C CYS A 293 -16.95 -44.31 15.01
N ILE A 294 -18.21 -44.22 15.45
CA ILE A 294 -18.81 -42.88 15.76
C ILE A 294 -18.49 -42.52 17.21
N LEU A 295 -17.88 -41.37 17.44
CA LEU A 295 -17.51 -40.89 18.79
C LEU A 295 -18.32 -39.65 19.14
N ASN A 296 -18.80 -39.63 20.36
CA ASN A 296 -19.57 -38.48 20.89
C ASN A 296 -19.48 -38.51 22.42
N ALA A 297 -20.34 -37.78 23.11
CA ALA A 297 -20.18 -37.55 24.57
C ALA A 297 -20.43 -38.85 25.32
N ARG A 298 -21.13 -39.83 24.73
CA ARG A 298 -21.36 -41.16 25.37
C ARG A 298 -20.12 -42.07 25.24
N GLY A 299 -19.26 -41.76 24.29
CA GLY A 299 -18.10 -42.60 23.92
C GLY A 299 -18.25 -43.09 22.50
N LEU A 300 -17.99 -44.37 22.31
CA LEU A 300 -17.97 -45.05 20.99
C LEU A 300 -19.33 -45.74 20.83
N THR A 301 -20.30 -45.10 20.19
CA THR A 301 -21.73 -45.53 20.25
C THR A 301 -22.08 -46.38 19.05
N SER A 302 -21.31 -46.33 17.96
CA SER A 302 -21.71 -47.00 16.70
C SER A 302 -20.48 -47.31 15.87
N VAL A 303 -20.61 -48.27 14.96
CA VAL A 303 -19.57 -48.63 13.96
C VAL A 303 -20.23 -48.58 12.60
N ILE A 304 -19.47 -48.21 11.58
CA ILE A 304 -19.91 -48.23 10.16
C ILE A 304 -19.78 -49.66 9.65
N ASN A 305 -20.85 -50.22 9.11
CA ASN A 305 -20.84 -51.47 8.32
C ASN A 305 -20.23 -51.19 6.95
N GLN A 306 -19.18 -51.94 6.59
CA GLN A 306 -18.44 -51.76 5.33
C GLN A 306 -18.60 -53.03 4.50
N LYS A 307 -18.43 -52.88 3.20
CA LYS A 307 -18.50 -54.02 2.26
C LYS A 307 -17.07 -54.52 2.10
N LEU A 308 -16.48 -55.17 3.12
CA LEU A 308 -15.05 -55.57 3.06
C LEU A 308 -14.91 -56.77 2.11
N LYS A 309 -13.82 -56.79 1.37
CA LYS A 309 -13.46 -57.85 0.39
C LYS A 309 -13.02 -59.08 1.19
N ASP A 310 -13.10 -60.28 0.59
CA ASP A 310 -12.73 -61.55 1.26
C ASP A 310 -11.30 -61.46 1.86
N ASP A 311 -10.35 -60.92 1.12
CA ASP A 311 -8.93 -60.79 1.58
C ASP A 311 -8.85 -59.85 2.80
N GLU A 312 -9.67 -58.78 2.84
CA GLU A 312 -9.72 -57.84 3.98
C GLU A 312 -10.26 -58.56 5.24
N VAL A 313 -11.38 -59.24 5.10
CA VAL A 313 -11.98 -60.07 6.19
C VAL A 313 -10.96 -61.11 6.65
N ALA A 314 -10.27 -61.75 5.71
CA ALA A 314 -9.31 -62.83 6.03
C ALA A 314 -8.23 -62.21 6.93
N GLN A 315 -7.76 -61.01 6.63
CA GLN A 315 -6.69 -60.40 7.46
C GLN A 315 -7.23 -60.07 8.87
N LEU A 316 -8.46 -59.54 8.95
CA LEU A 316 -9.07 -59.22 10.27
C LEU A 316 -9.18 -60.52 11.11
N LYS A 317 -9.52 -61.64 10.49
CA LYS A 317 -9.71 -62.90 11.24
C LYS A 317 -8.32 -63.41 11.72
N LYS A 318 -7.29 -63.30 10.87
CA LYS A 318 -5.90 -63.73 11.23
C LYS A 318 -5.41 -62.82 12.38
N SER A 319 -5.70 -61.52 12.31
CA SER A 319 -5.35 -60.57 13.42
C SER A 319 -6.04 -61.01 14.71
N ALA A 320 -7.33 -61.33 14.62
CA ALA A 320 -8.17 -61.74 15.77
C ALA A 320 -7.60 -63.02 16.39
N ASP A 321 -7.19 -63.99 15.56
CA ASP A 321 -6.56 -65.23 16.05
C ASP A 321 -5.22 -64.92 16.75
N THR A 322 -4.39 -64.07 16.18
CA THR A 322 -3.08 -63.69 16.77
C THR A 322 -3.32 -63.05 18.16
N LEU A 323 -4.25 -62.08 18.22
CA LEU A 323 -4.57 -61.38 19.48
C LEU A 323 -5.11 -62.39 20.51
N TRP A 324 -6.08 -63.23 20.11
CA TRP A 324 -6.74 -64.18 21.01
C TRP A 324 -5.69 -65.17 21.54
N ASP A 325 -4.74 -65.62 20.72
CA ASP A 325 -3.72 -66.62 21.14
C ASP A 325 -2.88 -66.06 22.30
N ILE A 326 -2.59 -64.75 22.29
CA ILE A 326 -1.87 -64.06 23.41
C ILE A 326 -2.83 -63.88 24.60
N GLN A 327 -4.05 -63.38 24.34
CA GLN A 327 -5.06 -63.02 25.38
C GLN A 327 -5.49 -64.25 26.18
N LYS A 328 -5.69 -65.41 25.55
CA LYS A 328 -6.24 -66.60 26.26
C LYS A 328 -5.30 -67.03 27.39
N ASP A 329 -4.02 -66.63 27.39
CA ASP A 329 -3.05 -67.09 28.43
C ASP A 329 -2.80 -66.00 29.47
N LEU A 330 -3.50 -64.85 29.39
CA LEU A 330 -3.37 -63.79 30.42
C LEU A 330 -4.19 -64.19 31.66
N LYS A 331 -3.62 -64.01 32.85
CA LYS A 331 -4.24 -64.46 34.13
C LYS A 331 -4.65 -63.23 34.94
N ASP A 332 -5.69 -63.38 35.76
CA ASP A 332 -6.09 -62.38 36.78
C ASP A 332 -6.54 -61.09 36.08
N LEU A 333 -7.28 -61.20 34.98
CA LEU A 333 -7.92 -60.04 34.30
C LEU A 333 -9.30 -59.82 34.93
N ALA B 1 -0.21 -39.75 -17.39
CA ALA B 1 -0.16 -41.22 -17.11
C ALA B 1 -0.17 -41.45 -15.60
N THR B 2 0.56 -40.63 -14.83
CA THR B 2 0.61 -40.72 -13.34
C THR B 2 -0.78 -40.43 -12.76
N LEU B 3 -1.08 -41.00 -11.60
CA LEU B 3 -2.39 -40.79 -10.92
C LEU B 3 -2.66 -39.30 -10.76
N LYS B 4 -1.67 -38.56 -10.30
CA LYS B 4 -1.74 -37.09 -10.11
C LYS B 4 -2.12 -36.41 -11.44
N GLU B 5 -1.60 -36.89 -12.56
CA GLU B 5 -1.90 -36.35 -13.92
C GLU B 5 -3.32 -36.72 -14.30
N LYS B 6 -3.79 -37.93 -13.97
CA LYS B 6 -5.16 -38.40 -14.30
C LYS B 6 -6.15 -37.62 -13.43
N LEU B 7 -5.75 -37.27 -12.21
CA LEU B 7 -6.68 -36.75 -11.17
C LEU B 7 -6.78 -35.22 -11.19
N ILE B 8 -5.65 -34.53 -11.31
CA ILE B 8 -5.57 -33.07 -11.00
C ILE B 8 -5.20 -32.32 -12.29
N ALA B 9 -6.11 -31.44 -12.73
CA ALA B 9 -5.95 -30.59 -13.92
C ALA B 9 -5.53 -29.20 -13.45
N PRO B 10 -4.36 -28.68 -13.87
CA PRO B 10 -3.99 -27.33 -13.48
C PRO B 10 -4.90 -26.26 -14.13
N VAL B 11 -5.23 -25.26 -13.32
CA VAL B 11 -5.88 -23.98 -13.71
C VAL B 11 -4.80 -22.91 -13.83
N ALA B 12 -3.85 -22.92 -12.90
CA ALA B 12 -2.67 -22.04 -12.95
C ALA B 12 -1.49 -22.93 -13.34
N GLU B 13 -0.51 -22.39 -14.04
CA GLU B 13 0.81 -23.06 -14.22
C GLU B 13 1.47 -23.20 -12.84
N GLU B 14 2.18 -24.31 -12.59
CA GLU B 14 3.03 -24.49 -11.38
C GLU B 14 4.02 -23.31 -11.35
N GLU B 15 4.28 -22.73 -10.18
CA GLU B 15 5.13 -21.51 -10.07
C GLU B 15 5.91 -21.50 -8.76
N ALA B 16 7.09 -20.88 -8.80
CA ALA B 16 8.00 -20.64 -7.65
C ALA B 16 7.30 -19.66 -6.71
N THR B 17 7.04 -20.12 -5.49
CA THR B 17 6.20 -19.45 -4.47
C THR B 17 7.07 -19.17 -3.24
N VAL B 18 6.77 -18.10 -2.51
CA VAL B 18 7.50 -17.63 -1.30
C VAL B 18 6.48 -17.67 -0.17
N PRO B 19 6.77 -18.29 1.00
CA PRO B 19 5.79 -18.31 2.08
C PRO B 19 5.65 -16.87 2.59
N ASN B 20 4.46 -16.55 3.05
CA ASN B 20 4.07 -15.22 3.59
C ASN B 20 4.29 -15.19 5.11
N ASN B 21 4.28 -16.34 5.77
CA ASN B 21 4.36 -16.43 7.25
C ASN B 21 5.23 -17.61 7.66
N LYS B 22 6.45 -17.65 7.16
CA LYS B 22 7.39 -18.75 7.52
C LYS B 22 8.02 -18.47 8.89
N ILE B 23 8.08 -19.48 9.72
CA ILE B 23 8.82 -19.44 11.01
C ILE B 23 9.91 -20.52 10.99
N THR B 24 11.07 -20.17 11.49
CA THR B 24 12.20 -21.12 11.75
C THR B 24 12.39 -21.26 13.26
N VAL B 25 12.50 -22.50 13.73
CA VAL B 25 13.00 -22.78 15.10
C VAL B 25 14.40 -23.39 14.96
N VAL B 26 15.38 -22.77 15.61
CA VAL B 26 16.76 -23.28 15.65
C VAL B 26 16.91 -23.98 16.99
N GLY B 27 17.23 -25.27 16.93
CA GLY B 27 17.34 -26.12 18.12
C GLY B 27 16.07 -26.90 18.30
N VAL B 28 16.18 -28.22 18.24
CA VAL B 28 15.03 -29.13 18.36
C VAL B 28 15.21 -29.91 19.67
N GLY B 29 15.70 -29.24 20.71
CA GLY B 29 15.61 -29.81 22.05
C GLY B 29 14.22 -29.64 22.63
N GLN B 30 14.07 -29.85 23.93
CA GLN B 30 12.71 -29.91 24.50
C GLN B 30 12.11 -28.48 24.37
N VAL B 31 12.92 -27.44 24.44
CA VAL B 31 12.39 -26.04 24.31
C VAL B 31 11.97 -25.81 22.85
N GLY B 32 12.87 -26.09 21.90
CA GLY B 32 12.59 -25.82 20.48
C GLY B 32 11.34 -26.57 20.06
N MET B 33 11.20 -27.82 20.49
CA MET B 33 10.01 -28.62 20.08
C MET B 33 8.77 -28.07 20.81
N ALA B 34 8.82 -27.65 22.07
CA ALA B 34 7.63 -27.01 22.69
C ALA B 34 7.24 -25.74 21.90
N CYS B 35 8.21 -24.94 21.47
CA CYS B 35 7.93 -23.77 20.59
C CYS B 35 7.23 -24.27 19.32
N ALA B 36 7.78 -25.29 18.67
CA ALA B 36 7.27 -25.76 17.36
C ALA B 36 5.82 -26.22 17.51
N ILE B 37 5.54 -27.04 18.51
CA ILE B 37 4.17 -27.62 18.61
C ILE B 37 3.21 -26.48 18.98
N SER B 38 3.64 -25.48 19.76
CA SER B 38 2.79 -24.34 20.15
C SER B 38 2.51 -23.45 18.92
N ILE B 39 3.51 -23.23 18.08
CA ILE B 39 3.40 -22.44 16.82
C ILE B 39 2.42 -23.18 15.90
N LEU B 40 2.57 -24.49 15.79
CA LEU B 40 1.69 -25.29 14.88
C LEU B 40 0.25 -25.31 15.40
N GLY B 41 0.07 -25.49 16.71
CA GLY B 41 -1.25 -25.54 17.35
C GLY B 41 -2.04 -24.25 17.20
N LYS B 42 -1.37 -23.11 17.09
CA LYS B 42 -2.00 -21.79 16.93
C LYS B 42 -2.11 -21.39 15.46
N SER B 43 -1.73 -22.28 14.54
CA SER B 43 -1.76 -22.06 13.07
C SER B 43 -0.98 -20.77 12.76
N LEU B 44 0.21 -20.58 13.29
CA LEU B 44 0.90 -19.29 13.06
C LEU B 44 1.81 -19.34 11.84
N ALA B 45 2.05 -20.51 11.26
CA ALA B 45 3.08 -20.65 10.21
C ALA B 45 2.46 -21.28 8.96
N ASP B 46 2.74 -20.74 7.78
CA ASP B 46 2.39 -21.42 6.51
C ASP B 46 3.56 -22.32 6.10
N GLU B 47 4.70 -22.10 6.71
CA GLU B 47 5.88 -22.97 6.54
C GLU B 47 6.64 -22.93 7.86
N LEU B 48 7.02 -24.09 8.36
CA LEU B 48 7.87 -24.21 9.56
C LEU B 48 9.17 -24.90 9.17
N ALA B 49 10.30 -24.26 9.42
CA ALA B 49 11.63 -24.86 9.19
C ALA B 49 12.25 -25.15 10.57
N LEU B 50 12.84 -26.33 10.71
CA LEU B 50 13.68 -26.71 11.89
C LEU B 50 15.14 -26.87 11.52
N VAL B 51 16.03 -26.41 12.39
CA VAL B 51 17.49 -26.49 12.19
C VAL B 51 18.10 -27.04 13.48
N ASP B 52 19.06 -27.95 13.37
CA ASP B 52 19.87 -28.42 14.51
C ASP B 52 21.16 -29.01 13.92
N VAL B 53 22.13 -29.31 14.75
CA VAL B 53 23.35 -30.04 14.32
C VAL B 53 23.09 -31.56 14.39
N LEU B 54 22.10 -32.02 15.14
CA LEU B 54 21.83 -33.48 15.31
C LEU B 54 20.93 -33.94 14.15
N GLU B 55 21.54 -34.42 13.07
CA GLU B 55 20.79 -34.62 11.79
C GLU B 55 19.67 -35.63 11.96
N ASP B 56 19.94 -36.74 12.64
CA ASP B 56 18.92 -37.82 12.76
C ASP B 56 17.77 -37.31 13.61
N LYS B 57 18.06 -36.78 14.80
CA LYS B 57 16.99 -36.25 15.68
C LYS B 57 16.15 -35.20 14.92
N LEU B 58 16.81 -34.36 14.14
CA LEU B 58 16.14 -33.27 13.39
C LEU B 58 15.16 -33.88 12.38
N LYS B 59 15.59 -34.93 11.69
CA LYS B 59 14.76 -35.57 10.66
C LYS B 59 13.54 -36.23 11.35
N GLY B 60 13.79 -36.89 12.48
CA GLY B 60 12.73 -37.58 13.24
C GLY B 60 11.66 -36.61 13.73
N GLU B 61 12.08 -35.46 14.24
CA GLU B 61 11.15 -34.41 14.73
C GLU B 61 10.31 -33.91 13.56
N MET B 62 10.98 -33.60 12.45
CA MET B 62 10.29 -33.10 11.22
C MET B 62 9.22 -34.13 10.80
N MET B 63 9.59 -35.39 10.74
CA MET B 63 8.67 -36.47 10.29
C MET B 63 7.50 -36.63 11.26
N ASP B 64 7.76 -36.57 12.57
CA ASP B 64 6.69 -36.73 13.58
C ASP B 64 5.66 -35.60 13.43
N LEU B 65 6.15 -34.37 13.28
CA LEU B 65 5.25 -33.21 13.02
C LEU B 65 4.46 -33.43 11.72
N GLN B 66 5.11 -33.85 10.63
CA GLN B 66 4.47 -34.07 9.31
C GLN B 66 3.35 -35.11 9.46
N HIS B 67 3.55 -36.13 10.29
CA HIS B 67 2.56 -37.22 10.49
C HIS B 67 1.28 -36.66 11.14
N GLY B 68 1.38 -35.51 11.80
CA GLY B 68 0.25 -34.86 12.47
C GLY B 68 -0.41 -33.80 11.60
N SER B 69 0.00 -33.67 10.32
CA SER B 69 -0.41 -32.64 9.34
C SER B 69 -1.94 -32.61 9.16
N LEU B 70 -2.59 -33.74 9.25
CA LEU B 70 -4.06 -33.81 9.12
C LEU B 70 -4.70 -32.87 10.14
N PHE B 71 -4.11 -32.71 11.34
CA PHE B 71 -4.70 -31.99 12.49
C PHE B 71 -4.24 -30.53 12.49
N LEU B 72 -3.44 -30.12 11.50
CA LEU B 72 -2.76 -28.80 11.51
C LEU B 72 -3.15 -27.98 10.30
N GLN B 73 -2.63 -26.76 10.22
CA GLN B 73 -2.83 -25.84 9.10
C GLN B 73 -1.48 -25.27 8.67
N THR B 74 -0.47 -26.13 8.53
CA THR B 74 0.90 -25.76 8.11
C THR B 74 1.30 -26.69 6.99
N PRO B 75 1.13 -26.26 5.72
CA PRO B 75 1.28 -27.15 4.57
C PRO B 75 2.69 -27.61 4.28
N LYS B 76 3.70 -26.95 4.86
CA LYS B 76 5.11 -27.25 4.57
C LYS B 76 5.88 -27.26 5.89
N ILE B 77 6.36 -28.44 6.25
CA ILE B 77 7.29 -28.63 7.42
C ILE B 77 8.59 -29.20 6.87
N VAL B 78 9.70 -28.50 7.09
CA VAL B 78 11.03 -28.83 6.52
C VAL B 78 12.10 -28.70 7.62
N ALA B 79 13.20 -29.42 7.46
CA ALA B 79 14.27 -29.45 8.46
C ALA B 79 15.58 -29.76 7.75
N ASP B 80 16.65 -29.12 8.18
CA ASP B 80 17.99 -29.42 7.66
C ASP B 80 19.01 -28.80 8.59
N LYS B 81 20.23 -29.32 8.59
CA LYS B 81 21.35 -28.70 9.33
C LYS B 81 21.83 -27.46 8.57
N ASP B 82 21.56 -27.38 7.27
CA ASP B 82 21.97 -26.29 6.38
C ASP B 82 20.99 -25.13 6.51
N TYR B 83 21.48 -23.93 6.78
CA TYR B 83 20.59 -22.77 7.04
C TYR B 83 19.83 -22.34 5.77
N SER B 84 20.17 -22.85 4.58
CA SER B 84 19.41 -22.59 3.33
C SER B 84 17.94 -22.99 3.52
N VAL B 85 17.65 -23.98 4.40
CA VAL B 85 16.27 -24.45 4.69
C VAL B 85 15.42 -23.34 5.33
N THR B 86 16.05 -22.33 5.93
CA THR B 86 15.40 -21.25 6.74
C THR B 86 15.05 -20.03 5.85
N ALA B 87 15.44 -20.06 4.58
CA ALA B 87 15.30 -18.91 3.64
C ALA B 87 13.91 -18.27 3.75
N ASN B 88 13.85 -16.95 3.79
CA ASN B 88 12.61 -16.11 3.74
C ASN B 88 11.74 -16.35 4.97
N SER B 89 12.32 -16.59 6.15
CA SER B 89 11.54 -16.65 7.40
C SER B 89 11.12 -15.23 7.80
N LYS B 90 9.90 -15.07 8.29
CA LYS B 90 9.48 -13.78 8.91
C LYS B 90 10.03 -13.69 10.34
N ILE B 91 10.06 -14.83 11.04
CA ILE B 91 10.44 -14.91 12.47
C ILE B 91 11.34 -16.13 12.60
N VAL B 92 12.45 -15.94 13.31
CA VAL B 92 13.39 -17.04 13.64
C VAL B 92 13.50 -17.08 15.16
N VAL B 93 13.24 -18.26 15.73
CA VAL B 93 13.31 -18.48 17.18
C VAL B 93 14.61 -19.24 17.43
N VAL B 94 15.48 -18.68 18.26
CA VAL B 94 16.79 -19.32 18.54
C VAL B 94 16.73 -19.95 19.93
N THR B 95 16.76 -21.29 19.98
CA THR B 95 16.78 -22.07 21.25
C THR B 95 18.08 -22.89 21.36
N ALA B 96 19.02 -22.72 20.44
CA ALA B 96 20.25 -23.51 20.38
C ALA B 96 21.15 -23.21 21.57
N GLY B 97 21.78 -24.25 22.08
CA GLY B 97 22.71 -24.14 23.21
C GLY B 97 23.46 -25.45 23.37
N VAL B 98 24.59 -25.39 24.05
CA VAL B 98 25.48 -26.57 24.30
C VAL B 98 25.09 -27.21 25.65
N ARG B 99 25.46 -28.47 25.90
CA ARG B 99 25.32 -29.12 27.24
C ARG B 99 26.57 -28.80 28.07
N GLN B 100 26.40 -28.39 29.33
CA GLN B 100 27.53 -28.23 30.29
C GLN B 100 28.35 -29.52 30.34
N GLN B 101 29.67 -29.41 30.34
CA GLN B 101 30.58 -30.55 30.58
C GLN B 101 30.68 -30.71 32.11
N GLU B 102 31.07 -31.89 32.62
CA GLU B 102 31.25 -32.12 34.09
C GLU B 102 32.21 -31.07 34.62
N GLY B 103 31.74 -30.23 35.57
CA GLY B 103 32.54 -29.23 36.30
C GLY B 103 32.97 -28.04 35.46
N GLU B 104 32.38 -27.81 34.28
CA GLU B 104 32.79 -26.69 33.39
C GLU B 104 32.38 -25.37 34.08
N SER B 105 33.28 -24.37 34.11
CA SER B 105 33.05 -23.04 34.74
C SER B 105 31.86 -22.35 34.07
N ARG B 106 31.33 -21.28 34.68
CA ARG B 106 30.07 -20.66 34.20
C ARG B 106 30.35 -19.71 33.02
N LEU B 107 31.44 -18.95 33.06
CA LEU B 107 31.81 -18.00 31.96
C LEU B 107 32.35 -18.78 30.75
N ASN B 108 32.84 -19.99 30.98
CA ASN B 108 33.26 -20.94 29.92
C ASN B 108 32.01 -21.40 29.15
N LEU B 109 30.97 -21.81 29.88
CA LEU B 109 29.67 -22.24 29.28
C LEU B 109 29.09 -21.08 28.46
N VAL B 110 29.14 -19.84 28.98
CA VAL B 110 28.72 -18.64 28.20
C VAL B 110 29.52 -18.54 26.90
N GLN B 111 30.85 -18.59 26.95
CA GLN B 111 31.73 -18.41 25.76
C GLN B 111 31.40 -19.50 24.73
N ARG B 112 31.11 -20.72 25.17
CA ARG B 112 30.80 -21.81 24.23
C ARG B 112 29.47 -21.52 23.50
N ASN B 113 28.48 -20.96 24.20
CA ASN B 113 27.18 -20.60 23.56
C ASN B 113 27.41 -19.43 22.59
N VAL B 114 28.26 -18.48 22.99
CA VAL B 114 28.56 -17.31 22.15
C VAL B 114 29.23 -17.80 20.86
N ASN B 115 30.13 -18.77 20.96
CA ASN B 115 30.81 -19.37 19.78
C ASN B 115 29.77 -20.07 18.87
N VAL B 116 28.76 -20.72 19.42
CA VAL B 116 27.65 -21.31 18.62
C VAL B 116 26.96 -20.16 17.84
N PHE B 117 26.63 -19.07 18.53
CA PHE B 117 25.91 -17.89 17.95
C PHE B 117 26.75 -17.22 16.84
N LYS B 118 28.08 -17.19 16.95
CA LYS B 118 28.97 -16.62 15.90
C LYS B 118 28.82 -17.32 14.55
N PHE B 119 28.47 -18.60 14.54
CA PHE B 119 28.18 -19.34 13.27
C PHE B 119 26.71 -19.12 12.90
N ILE B 120 25.76 -19.40 13.81
CA ILE B 120 24.28 -19.46 13.57
C ILE B 120 23.76 -18.09 13.11
N ILE B 121 24.10 -17.02 13.81
CA ILE B 121 23.34 -15.75 13.60
C ILE B 121 23.65 -15.17 12.21
N PRO B 122 24.90 -15.12 11.71
CA PRO B 122 25.17 -14.67 10.34
C PRO B 122 24.45 -15.51 9.28
N GLN B 123 24.30 -16.82 9.51
CA GLN B 123 23.62 -17.75 8.56
C GLN B 123 22.14 -17.39 8.54
N ILE B 124 21.56 -17.10 9.69
CA ILE B 124 20.12 -16.77 9.77
C ILE B 124 19.89 -15.53 8.92
N VAL B 125 20.67 -14.50 9.13
CA VAL B 125 20.40 -13.21 8.40
C VAL B 125 20.80 -13.32 6.93
N LYS B 126 21.74 -14.20 6.59
CA LYS B 126 22.09 -14.43 5.17
C LYS B 126 20.86 -14.91 4.41
N TYR B 127 20.12 -15.88 4.96
CA TYR B 127 18.99 -16.55 4.28
C TYR B 127 17.66 -15.82 4.52
N SER B 128 17.55 -15.07 5.61
CA SER B 128 16.31 -14.31 5.96
C SER B 128 16.68 -12.88 6.31
N PRO B 129 17.10 -12.05 5.33
CA PRO B 129 17.57 -10.69 5.65
C PRO B 129 16.47 -9.83 6.29
N ASP B 130 15.21 -10.21 6.13
CA ASP B 130 14.04 -9.40 6.56
C ASP B 130 13.47 -9.97 7.86
N CYS B 131 14.14 -10.88 8.56
CA CYS B 131 13.47 -11.59 9.69
C CYS B 131 13.49 -10.75 10.96
N ILE B 132 12.65 -11.17 11.92
CA ILE B 132 12.69 -10.77 13.34
C ILE B 132 13.24 -11.98 14.06
N ILE B 133 14.20 -11.76 14.96
CA ILE B 133 14.80 -12.87 15.74
C ILE B 133 14.30 -12.80 17.18
N ILE B 134 13.81 -13.92 17.68
CA ILE B 134 13.45 -14.07 19.13
C ILE B 134 14.53 -14.97 19.73
N VAL B 135 15.23 -14.45 20.73
CA VAL B 135 16.31 -15.22 21.41
C VAL B 135 15.72 -15.82 22.69
N VAL B 136 15.81 -17.14 22.80
CA VAL B 136 15.34 -17.90 23.98
C VAL B 136 16.53 -18.51 24.73
N SER B 137 17.63 -18.88 24.04
CA SER B 137 18.81 -19.56 24.62
C SER B 137 19.33 -18.81 25.84
N ASN B 138 19.75 -19.54 26.86
CA ASN B 138 20.40 -18.98 28.08
C ASN B 138 21.91 -18.96 27.94
N PRO B 139 22.60 -17.93 28.46
CA PRO B 139 21.96 -16.83 29.20
C PRO B 139 21.31 -15.78 28.29
N VAL B 140 20.03 -15.50 28.49
CA VAL B 140 19.17 -14.92 27.42
C VAL B 140 19.46 -13.42 27.20
N ASP B 141 19.71 -12.63 28.24
CA ASP B 141 20.00 -11.18 28.03
C ASP B 141 21.34 -11.00 27.31
N ILE B 142 22.37 -11.71 27.74
CA ILE B 142 23.68 -11.71 27.04
C ILE B 142 23.53 -12.19 25.58
N LEU B 143 22.83 -13.29 25.36
CA LEU B 143 22.76 -13.88 23.99
C LEU B 143 21.86 -13.04 23.10
N THR B 144 20.99 -12.21 23.67
CA THR B 144 20.22 -11.25 22.87
C THR B 144 21.16 -10.15 22.39
N TYR B 145 22.00 -9.60 23.25
CA TYR B 145 23.04 -8.64 22.88
C TYR B 145 23.95 -9.20 21.76
N VAL B 146 24.41 -10.42 21.96
CA VAL B 146 25.32 -11.11 21.00
C VAL B 146 24.62 -11.16 19.63
N THR B 147 23.35 -11.56 19.62
CA THR B 147 22.54 -11.77 18.40
C THR B 147 22.42 -10.42 17.69
N TRP B 148 22.12 -9.38 18.47
CA TRP B 148 22.01 -8.01 17.93
C TRP B 148 23.32 -7.61 17.25
N LYS B 149 24.44 -7.79 17.92
CA LYS B 149 25.75 -7.43 17.36
C LYS B 149 26.04 -8.26 16.11
N LEU B 150 25.94 -9.57 16.20
CA LEU B 150 26.30 -10.48 15.07
C LEU B 150 25.34 -10.29 13.88
N SER B 151 24.08 -9.92 14.12
CA SER B 151 23.02 -9.91 13.09
C SER B 151 23.16 -8.64 12.23
N GLY B 152 23.63 -7.54 12.82
CA GLY B 152 23.61 -6.22 12.19
C GLY B 152 22.17 -5.69 12.07
N LEU B 153 21.20 -6.33 12.72
CA LEU B 153 19.78 -5.91 12.62
C LEU B 153 19.54 -4.69 13.51
N PRO B 154 18.55 -3.86 13.13
CA PRO B 154 18.11 -2.76 13.97
C PRO B 154 17.48 -3.31 15.25
N LYS B 155 17.52 -2.49 16.31
CA LYS B 155 17.09 -3.02 17.64
C LYS B 155 15.61 -3.44 17.66
N HIS B 156 14.72 -2.93 16.79
CA HIS B 156 13.30 -3.36 16.76
C HIS B 156 13.15 -4.78 16.19
N ARG B 157 14.21 -5.37 15.64
CA ARG B 157 14.08 -6.71 15.04
C ARG B 157 14.82 -7.80 15.84
N VAL B 158 15.35 -7.50 17.01
CA VAL B 158 15.98 -8.54 17.87
C VAL B 158 15.32 -8.45 19.24
N ILE B 159 14.69 -9.54 19.66
CA ILE B 159 13.80 -9.54 20.86
C ILE B 159 14.29 -10.66 21.74
N GLY B 160 14.64 -10.34 22.98
CA GLY B 160 14.96 -11.37 23.97
C GLY B 160 13.72 -11.86 24.67
N SER B 161 13.59 -13.18 24.90
CA SER B 161 12.45 -13.74 25.67
C SER B 161 12.40 -13.05 27.05
N GLY B 162 13.55 -12.75 27.61
CA GLY B 162 13.78 -11.94 28.84
C GLY B 162 12.82 -12.36 29.94
N CYS B 163 12.01 -11.43 30.44
CA CYS B 163 11.15 -11.67 31.63
C CYS B 163 9.72 -12.03 31.22
N ASN B 164 9.51 -12.41 29.96
CA ASN B 164 8.17 -12.78 29.45
C ASN B 164 7.65 -13.96 30.27
N LEU B 165 8.47 -14.99 30.42
CA LEU B 165 8.11 -16.17 31.23
C LEU B 165 8.07 -15.81 32.74
N ASP B 166 9.01 -15.02 33.24
CA ASP B 166 9.02 -14.59 34.66
C ASP B 166 7.67 -13.91 34.97
N SER B 167 7.19 -13.04 34.10
CA SER B 167 5.91 -12.30 34.34
C SER B 167 4.73 -13.29 34.27
N ALA B 168 4.71 -14.22 33.31
CA ALA B 168 3.67 -15.27 33.26
C ALA B 168 3.65 -16.05 34.58
N ARG B 169 4.80 -16.44 35.13
CA ARG B 169 4.88 -17.19 36.42
C ARG B 169 4.32 -16.33 37.56
N PHE B 170 4.65 -15.05 37.57
CA PHE B 170 4.23 -14.11 38.64
C PHE B 170 2.70 -14.04 38.64
N ARG B 171 2.13 -13.91 37.44
CA ARG B 171 0.67 -13.73 37.29
C ARG B 171 -0.01 -15.04 37.66
N TYR B 172 0.61 -16.18 37.36
CA TYR B 172 0.10 -17.50 37.83
C TYR B 172 0.06 -17.55 39.38
N LEU B 173 1.18 -17.22 40.03
CA LEU B 173 1.29 -17.32 41.51
C LEU B 173 0.33 -16.33 42.18
N MET B 174 0.13 -15.17 41.56
CA MET B 174 -0.79 -14.19 42.19
C MET B 174 -2.24 -14.64 41.96
N ALA B 175 -2.53 -15.23 40.81
CA ALA B 175 -3.84 -15.84 40.48
C ALA B 175 -4.20 -16.99 41.45
N GLU B 176 -3.20 -17.82 41.78
CA GLU B 176 -3.38 -18.95 42.71
C GLU B 176 -3.79 -18.40 44.07
N LYS B 177 -3.12 -17.36 44.53
CA LYS B 177 -3.39 -16.72 45.85
C LYS B 177 -4.81 -16.12 45.87
N LEU B 178 -5.31 -15.59 44.75
CA LEU B 178 -6.58 -14.82 44.72
C LEU B 178 -7.76 -15.68 44.25
N GLY B 179 -7.50 -16.80 43.59
CA GLY B 179 -8.53 -17.69 43.03
C GLY B 179 -9.13 -17.15 41.75
N ILE B 180 -8.36 -16.37 40.97
CA ILE B 180 -8.86 -15.82 39.68
C ILE B 180 -7.96 -16.24 38.52
N HIS B 181 -8.42 -16.04 37.30
CA HIS B 181 -7.60 -16.40 36.12
C HIS B 181 -6.40 -15.46 36.04
N PRO B 182 -5.20 -15.97 35.67
CA PRO B 182 -4.01 -15.12 35.59
C PRO B 182 -4.16 -13.93 34.62
N SER B 183 -5.02 -14.06 33.62
CA SER B 183 -5.32 -12.97 32.63
C SER B 183 -6.00 -11.80 33.36
N SER B 184 -6.60 -12.02 34.53
CA SER B 184 -7.28 -10.98 35.33
C SER B 184 -6.36 -10.41 36.42
N CYS B 185 -5.16 -10.99 36.56
CA CYS B 185 -4.13 -10.54 37.52
C CYS B 185 -3.06 -9.82 36.74
N HIS B 186 -2.71 -8.60 37.10
CA HIS B 186 -1.75 -7.79 36.33
C HIS B 186 -0.56 -7.52 37.21
N GLY B 187 0.62 -7.70 36.64
CA GLY B 187 1.88 -7.43 37.36
C GLY B 187 3.04 -7.73 36.46
N TRP B 188 4.12 -6.98 36.63
CA TRP B 188 5.26 -6.93 35.68
C TRP B 188 6.52 -7.32 36.45
N ILE B 189 7.22 -8.32 35.92
CA ILE B 189 8.61 -8.65 36.31
C ILE B 189 9.51 -8.12 35.19
N LEU B 190 10.44 -7.23 35.52
CA LEU B 190 11.26 -6.50 34.52
C LEU B 190 12.75 -6.67 34.83
N GLY B 191 13.59 -6.12 33.95
CA GLY B 191 15.04 -6.15 34.11
C GLY B 191 15.63 -7.47 33.62
N GLU B 192 16.48 -8.08 34.44
CA GLU B 192 17.22 -9.31 34.10
C GLU B 192 16.31 -10.51 34.29
N HIS B 193 16.31 -11.44 33.34
CA HIS B 193 15.69 -12.77 33.51
C HIS B 193 16.32 -13.47 34.72
N GLY B 194 15.48 -14.09 35.58
CA GLY B 194 15.90 -14.98 36.69
C GLY B 194 16.24 -14.21 37.96
N ASP B 195 17.40 -14.46 38.58
CA ASP B 195 17.64 -14.17 40.03
C ASP B 195 17.51 -12.68 40.34
N SER B 196 17.93 -11.80 39.43
CA SER B 196 18.05 -10.35 39.72
C SER B 196 16.87 -9.55 39.20
N SER B 197 15.78 -10.18 38.79
CA SER B 197 14.59 -9.49 38.19
C SER B 197 13.97 -8.51 39.19
N VAL B 198 13.22 -7.55 38.66
CA VAL B 198 12.54 -6.48 39.44
C VAL B 198 11.02 -6.77 39.41
N ALA B 199 10.40 -6.88 40.56
CA ALA B 199 8.94 -6.94 40.68
C ALA B 199 8.44 -5.51 40.90
N VAL B 200 7.69 -4.99 39.94
CA VAL B 200 7.15 -3.60 39.98
C VAL B 200 5.86 -3.62 40.81
N TRP B 201 6.02 -3.61 42.13
CA TRP B 201 4.90 -3.80 43.10
C TRP B 201 3.82 -2.75 42.84
N SER B 202 4.22 -1.53 42.48
CA SER B 202 3.29 -0.39 42.34
C SER B 202 2.29 -0.64 41.20
N GLY B 203 2.59 -1.53 40.26
CA GLY B 203 1.73 -1.81 39.09
C GLY B 203 0.86 -3.04 39.30
N VAL B 204 1.11 -3.80 40.38
CA VAL B 204 0.38 -5.06 40.60
C VAL B 204 -1.08 -4.72 40.90
N ASN B 205 -2.03 -5.18 40.09
CA ASN B 205 -3.44 -4.76 40.29
C ASN B 205 -4.41 -5.86 39.82
N VAL B 206 -5.62 -5.80 40.33
CA VAL B 206 -6.78 -6.57 39.81
C VAL B 206 -7.90 -5.55 39.51
N ALA B 207 -8.41 -5.51 38.28
CA ALA B 207 -9.47 -4.58 37.87
C ALA B 207 -9.08 -3.13 38.20
N GLY B 208 -7.80 -2.78 38.10
CA GLY B 208 -7.27 -1.42 38.32
C GLY B 208 -7.12 -1.09 39.79
N VAL B 209 -7.36 -2.05 40.67
CA VAL B 209 -7.19 -1.89 42.15
C VAL B 209 -5.73 -2.21 42.49
N SER B 210 -4.97 -1.23 42.92
CA SER B 210 -3.55 -1.42 43.30
C SER B 210 -3.50 -2.33 44.52
N LEU B 211 -2.87 -3.49 44.43
CA LEU B 211 -2.76 -4.38 45.61
C LEU B 211 -1.82 -3.75 46.63
N GLN B 212 -0.87 -2.92 46.17
CA GLN B 212 0.06 -2.26 47.11
C GLN B 212 -0.70 -1.18 47.91
N GLU B 213 -1.70 -0.52 47.35
CA GLU B 213 -2.55 0.44 48.12
C GLU B 213 -3.30 -0.32 49.21
N LEU B 214 -3.84 -1.51 48.91
CA LEU B 214 -4.56 -2.37 49.89
C LEU B 214 -3.59 -2.87 50.97
N ASN B 215 -2.37 -3.24 50.58
CA ASN B 215 -1.29 -3.80 51.44
C ASN B 215 0.00 -3.01 51.21
N PRO B 216 0.23 -1.86 51.89
CA PRO B 216 1.37 -1.01 51.61
C PRO B 216 2.74 -1.63 51.98
N GLU B 217 2.73 -2.78 52.65
CA GLU B 217 3.96 -3.52 53.03
C GLU B 217 4.35 -4.55 51.96
N MET B 218 3.61 -4.62 50.85
CA MET B 218 3.98 -5.49 49.70
C MET B 218 5.41 -5.20 49.25
N GLY B 219 6.23 -6.23 49.14
CA GLY B 219 7.62 -6.14 48.65
C GLY B 219 8.62 -5.87 49.76
N THR B 220 8.14 -5.59 50.98
CA THR B 220 8.99 -5.25 52.15
C THR B 220 9.18 -6.51 53.01
N ASP B 221 10.07 -6.44 54.00
CA ASP B 221 10.40 -7.57 54.91
C ASP B 221 9.36 -7.67 56.03
N ASN B 222 8.47 -6.69 56.16
CA ASN B 222 7.46 -6.60 57.24
C ASN B 222 6.06 -6.78 56.62
N ASP B 223 5.82 -7.90 55.95
CA ASP B 223 4.63 -8.09 55.09
C ASP B 223 3.95 -9.43 55.42
N SER B 224 2.72 -9.39 55.91
CA SER B 224 1.92 -10.59 56.29
C SER B 224 1.45 -11.35 55.04
N GLU B 225 1.39 -10.69 53.87
CA GLU B 225 1.07 -11.37 52.57
C GLU B 225 2.34 -11.97 51.94
N ASN B 226 3.53 -11.76 52.52
CA ASN B 226 4.79 -12.37 52.02
C ASN B 226 4.93 -12.21 50.49
N TRP B 227 4.64 -11.03 49.93
CA TRP B 227 4.79 -10.78 48.48
C TRP B 227 6.25 -10.94 48.05
N LYS B 228 7.19 -10.60 48.91
CA LYS B 228 8.63 -10.80 48.59
C LYS B 228 8.88 -12.28 48.29
N GLU B 229 8.17 -13.16 49.02
CA GLU B 229 8.29 -14.63 48.83
C GLU B 229 7.68 -15.01 47.47
N VAL B 230 6.62 -14.35 47.01
CA VAL B 230 6.03 -14.65 45.68
C VAL B 230 7.11 -14.33 44.64
N HIS B 231 7.77 -13.17 44.75
CA HIS B 231 8.84 -12.79 43.80
C HIS B 231 9.96 -13.84 43.87
N LYS B 232 10.38 -14.20 45.08
CA LYS B 232 11.38 -15.28 45.28
C LYS B 232 10.91 -16.53 44.53
N MET B 233 9.64 -16.91 44.64
CA MET B 233 9.15 -18.17 44.01
C MET B 233 9.15 -18.05 42.48
N VAL B 234 8.96 -16.85 41.92
CA VAL B 234 9.10 -16.65 40.46
C VAL B 234 10.47 -17.19 40.03
N VAL B 235 11.51 -16.81 40.71
CA VAL B 235 12.92 -17.25 40.45
C VAL B 235 13.03 -18.76 40.79
N GLU B 236 12.70 -19.10 42.01
CA GLU B 236 12.95 -20.45 42.60
C GLU B 236 12.07 -21.53 41.94
N SER B 237 10.85 -21.20 41.49
CA SER B 237 9.95 -22.21 40.88
C SER B 237 10.60 -22.77 39.59
N ALA B 238 11.35 -21.97 38.85
CA ALA B 238 12.04 -22.38 37.62
C ALA B 238 13.17 -23.36 37.96
N TYR B 239 14.03 -23.01 38.94
CA TYR B 239 15.08 -23.93 39.43
C TYR B 239 14.45 -25.23 39.92
N GLU B 240 13.29 -25.13 40.58
CA GLU B 240 12.62 -26.34 41.12
C GLU B 240 12.21 -27.24 39.95
N VAL B 241 11.66 -26.69 38.87
CA VAL B 241 11.20 -27.51 37.70
C VAL B 241 12.44 -28.17 37.09
N ILE B 242 13.54 -27.43 36.99
CA ILE B 242 14.81 -27.97 36.40
C ILE B 242 15.31 -29.14 37.27
N LYS B 243 15.28 -28.99 38.59
CA LYS B 243 15.64 -30.06 39.56
C LYS B 243 14.74 -31.29 39.38
N LEU B 244 13.46 -31.09 39.14
CA LEU B 244 12.42 -32.16 39.14
C LEU B 244 12.36 -32.89 37.81
N LYS B 245 12.44 -32.21 36.66
CA LYS B 245 12.34 -32.90 35.34
C LYS B 245 13.62 -32.70 34.49
N GLY B 246 14.59 -31.87 34.90
CA GLY B 246 15.89 -31.67 34.23
C GLY B 246 15.96 -30.39 33.39
N TYR B 247 14.81 -29.75 33.14
CA TYR B 247 14.68 -28.60 32.20
C TYR B 247 13.28 -28.03 32.39
N THR B 248 12.99 -26.86 31.79
CA THR B 248 11.62 -26.35 31.61
C THR B 248 11.40 -26.22 30.09
N ASN B 249 10.17 -26.40 29.62
CA ASN B 249 9.88 -26.22 28.19
C ASN B 249 8.45 -25.84 27.90
N TRP B 250 7.44 -26.37 28.59
CA TRP B 250 6.04 -26.15 28.13
C TRP B 250 5.68 -24.67 28.22
N ALA B 251 5.97 -24.03 29.34
CA ALA B 251 5.53 -22.63 29.55
C ALA B 251 6.30 -21.73 28.57
N ILE B 252 7.61 -21.98 28.39
CA ILE B 252 8.41 -21.15 27.46
C ILE B 252 7.82 -21.28 26.05
N GLY B 253 7.52 -22.51 25.60
CA GLY B 253 6.88 -22.75 24.29
C GLY B 253 5.62 -21.93 24.09
N LEU B 254 4.74 -21.93 25.07
CA LEU B 254 3.47 -21.19 25.01
C LEU B 254 3.76 -19.70 24.94
N SER B 255 4.68 -19.20 25.74
CA SER B 255 5.00 -17.76 25.82
C SER B 255 5.58 -17.30 24.47
N VAL B 256 6.40 -18.13 23.83
CA VAL B 256 7.02 -17.74 22.52
C VAL B 256 5.94 -17.67 21.44
N ALA B 257 5.03 -18.62 21.39
CA ALA B 257 3.89 -18.62 20.45
C ALA B 257 3.00 -17.41 20.69
N ASP B 258 2.86 -16.97 21.94
CA ASP B 258 2.12 -15.73 22.30
C ASP B 258 2.80 -14.48 21.71
N LEU B 259 4.13 -14.35 21.81
CA LEU B 259 4.89 -13.24 21.15
C LEU B 259 4.67 -13.28 19.64
N ILE B 260 4.82 -14.45 19.02
CA ILE B 260 4.68 -14.58 17.56
C ILE B 260 3.28 -14.15 17.15
N GLU B 261 2.25 -14.53 17.91
CA GLU B 261 0.86 -14.18 17.58
C GLU B 261 0.72 -12.65 17.53
N SER B 262 1.34 -11.94 18.48
CA SER B 262 1.27 -10.46 18.51
C SER B 262 1.86 -9.89 17.21
N MET B 263 2.98 -10.47 16.77
CA MET B 263 3.72 -9.90 15.64
C MET B 263 3.02 -10.27 14.33
N LEU B 264 2.73 -11.54 14.11
CA LEU B 264 2.14 -11.98 12.82
C LEU B 264 0.72 -11.43 12.66
N LYS B 265 -0.02 -11.19 13.73
CA LYS B 265 -1.38 -10.61 13.63
C LYS B 265 -1.29 -9.10 13.79
N ASN B 266 -0.09 -8.55 13.92
CA ASN B 266 0.15 -7.08 13.91
C ASN B 266 -0.71 -6.42 15.01
N LEU B 267 -0.71 -6.96 16.22
CA LEU B 267 -1.68 -6.55 17.25
C LEU B 267 -1.22 -5.34 18.07
N SER B 268 0.08 -5.10 18.23
CA SER B 268 0.65 -4.04 19.13
C SER B 268 0.14 -4.31 20.56
N ARG B 269 0.31 -5.56 21.00
CA ARG B 269 0.13 -5.97 22.41
C ARG B 269 1.44 -5.72 23.15
N ILE B 270 1.33 -5.53 24.45
CA ILE B 270 2.49 -5.21 25.31
C ILE B 270 2.96 -6.48 26.03
N HIS B 271 4.26 -6.74 25.95
CA HIS B 271 4.87 -7.93 26.57
C HIS B 271 6.16 -7.51 27.24
N PRO B 272 6.48 -8.12 28.39
CA PRO B 272 7.74 -7.84 29.08
C PRO B 272 8.88 -8.68 28.46
N VAL B 273 9.43 -8.23 27.35
CA VAL B 273 10.55 -8.86 26.58
C VAL B 273 11.76 -7.93 26.69
N SER B 274 12.92 -8.47 26.31
CA SER B 274 14.22 -7.77 26.45
C SER B 274 14.49 -6.91 25.21
N THR B 275 14.87 -5.66 25.40
CA THR B 275 15.25 -4.74 24.32
C THR B 275 16.50 -4.00 24.73
N MET B 276 17.08 -3.24 23.82
CA MET B 276 18.39 -2.60 24.06
C MET B 276 18.11 -1.29 24.81
N VAL B 277 18.54 -1.21 26.07
CA VAL B 277 18.06 -0.16 27.02
C VAL B 277 19.12 0.93 27.26
N LYS B 278 20.19 0.96 26.47
CA LYS B 278 21.17 2.05 26.66
C LYS B 278 20.42 3.40 26.55
N GLY B 279 20.69 4.33 27.46
CA GLY B 279 20.01 5.65 27.44
C GLY B 279 18.71 5.68 28.24
N MET B 280 18.27 4.54 28.82
CA MET B 280 17.07 4.48 29.70
C MET B 280 17.49 4.23 31.16
N TYR B 281 16.85 4.89 32.13
CA TYR B 281 17.04 4.65 33.59
C TYR B 281 18.52 4.82 33.98
N GLY B 282 19.20 5.75 33.31
CA GLY B 282 20.63 6.06 33.55
C GLY B 282 21.60 4.93 33.16
N ILE B 283 21.20 4.02 32.28
CA ILE B 283 22.09 2.91 31.79
C ILE B 283 22.95 3.50 30.65
N GLU B 284 24.25 3.29 30.70
CA GLU B 284 25.19 3.95 29.75
C GLU B 284 25.97 2.92 28.94
N ASN B 285 25.51 1.68 28.86
CA ASN B 285 26.13 0.65 27.99
C ASN B 285 25.06 -0.09 27.20
N GLU B 286 25.47 -0.70 26.09
CA GLU B 286 24.57 -1.52 25.22
C GLU B 286 24.29 -2.87 25.91
N VAL B 287 23.14 -2.95 26.57
CA VAL B 287 22.65 -4.20 27.21
C VAL B 287 21.17 -4.33 26.88
N PHE B 288 20.67 -5.55 27.01
CA PHE B 288 19.26 -5.89 26.82
C PHE B 288 18.69 -6.24 28.19
N LEU B 289 17.63 -5.54 28.58
CA LEU B 289 16.86 -5.86 29.81
C LEU B 289 15.37 -5.75 29.45
N SER B 290 14.52 -6.38 30.25
CA SER B 290 13.09 -6.49 29.98
C SER B 290 12.37 -5.24 30.46
N LEU B 291 11.52 -4.70 29.59
CA LEU B 291 10.57 -3.59 29.89
C LEU B 291 9.26 -3.95 29.20
N PRO B 292 8.13 -3.24 29.43
CA PRO B 292 6.91 -3.51 28.68
C PRO B 292 7.04 -2.93 27.27
N CYS B 293 7.00 -3.81 26.27
CA CYS B 293 7.33 -3.51 24.86
C CYS B 293 6.12 -3.81 23.98
N ILE B 294 5.94 -2.97 22.98
CA ILE B 294 4.81 -3.10 22.04
C ILE B 294 5.31 -3.97 20.90
N LEU B 295 4.63 -5.07 20.60
CA LEU B 295 5.02 -5.99 19.51
C LEU B 295 3.94 -5.98 18.43
N ASN B 296 4.37 -5.87 17.18
CA ASN B 296 3.45 -5.92 16.01
C ASN B 296 4.24 -6.48 14.82
N ALA B 297 3.76 -6.28 13.61
CA ALA B 297 4.40 -6.95 12.44
C ALA B 297 5.79 -6.37 12.12
N ARG B 298 6.12 -5.19 12.62
CA ARG B 298 7.48 -4.63 12.38
C ARG B 298 8.46 -5.15 13.43
N GLY B 299 7.95 -5.77 14.50
CA GLY B 299 8.79 -6.28 15.59
C GLY B 299 8.51 -5.51 16.88
N LEU B 300 9.54 -5.04 17.55
CA LEU B 300 9.41 -4.42 18.88
C LEU B 300 9.54 -2.91 18.65
N THR B 301 8.42 -2.19 18.48
CA THR B 301 8.48 -0.82 17.89
C THR B 301 8.47 0.27 18.95
N SER B 302 8.07 -0.05 20.18
CA SER B 302 7.93 0.93 21.29
C SER B 302 8.16 0.26 22.64
N VAL B 303 8.55 1.05 23.62
CA VAL B 303 8.62 0.62 25.03
C VAL B 303 7.78 1.59 25.87
N ILE B 304 7.19 1.08 26.94
CA ILE B 304 6.40 1.88 27.90
C ILE B 304 7.39 2.49 28.90
N ASN B 305 7.30 3.81 29.05
CA ASN B 305 8.02 4.59 30.09
C ASN B 305 7.28 4.41 31.41
N GLN B 306 8.03 4.07 32.43
CA GLN B 306 7.61 3.93 33.85
C GLN B 306 8.43 4.96 34.61
N LYS B 307 7.83 5.66 35.58
CA LYS B 307 8.53 6.22 36.76
C LYS B 307 8.80 5.04 37.71
N LEU B 308 10.04 4.53 37.77
CA LEU B 308 10.45 3.43 38.69
C LEU B 308 10.98 4.05 39.99
N LYS B 309 10.89 3.29 41.09
CA LYS B 309 11.38 3.71 42.42
C LYS B 309 12.92 3.62 42.42
N ASP B 310 13.55 4.21 43.43
CA ASP B 310 15.03 4.32 43.51
C ASP B 310 15.66 2.92 43.51
N ASP B 311 15.09 1.96 44.28
CA ASP B 311 15.63 0.59 44.43
C ASP B 311 15.48 -0.15 43.09
N GLU B 312 14.42 0.14 42.34
CA GLU B 312 14.10 -0.50 41.04
C GLU B 312 15.12 -0.04 39.99
N VAL B 313 15.35 1.27 39.90
CA VAL B 313 16.39 1.84 39.01
C VAL B 313 17.78 1.31 39.41
N ALA B 314 18.10 1.31 40.72
CA ALA B 314 19.40 0.81 41.22
C ALA B 314 19.62 -0.61 40.66
N GLN B 315 18.61 -1.48 40.76
CA GLN B 315 18.76 -2.90 40.34
C GLN B 315 18.95 -2.96 38.81
N LEU B 316 18.17 -2.21 38.02
CA LEU B 316 18.39 -2.19 36.54
C LEU B 316 19.84 -1.75 36.25
N LYS B 317 20.36 -0.75 36.95
CA LYS B 317 21.74 -0.23 36.68
C LYS B 317 22.80 -1.30 37.08
N LYS B 318 22.56 -1.97 38.20
CA LYS B 318 23.45 -3.04 38.70
C LYS B 318 23.45 -4.21 37.69
N SER B 319 22.28 -4.56 37.17
CA SER B 319 22.09 -5.62 36.15
C SER B 319 22.85 -5.23 34.87
N ALA B 320 22.71 -3.99 34.44
CA ALA B 320 23.37 -3.49 33.21
C ALA B 320 24.89 -3.58 33.40
N ASP B 321 25.40 -3.26 34.60
CA ASP B 321 26.85 -3.31 34.92
C ASP B 321 27.31 -4.78 34.81
N THR B 322 26.59 -5.71 35.42
CA THR B 322 26.89 -7.16 35.40
C THR B 322 26.96 -7.64 33.93
N LEU B 323 25.95 -7.28 33.14
CA LEU B 323 25.89 -7.79 31.74
C LEU B 323 27.04 -7.16 30.96
N TRP B 324 27.27 -5.86 31.15
CA TRP B 324 28.32 -5.17 30.35
C TRP B 324 29.69 -5.75 30.75
N ASP B 325 29.92 -6.04 32.03
CA ASP B 325 31.22 -6.61 32.48
C ASP B 325 31.52 -7.92 31.72
N ILE B 326 30.51 -8.75 31.47
CA ILE B 326 30.66 -10.04 30.72
C ILE B 326 30.87 -9.68 29.24
N GLN B 327 30.03 -8.81 28.69
CA GLN B 327 30.01 -8.47 27.24
C GLN B 327 31.34 -7.85 26.80
N LYS B 328 31.90 -6.90 27.57
CA LYS B 328 33.04 -6.08 27.07
C LYS B 328 34.25 -7.00 26.82
N ASP B 329 34.29 -8.16 27.47
CA ASP B 329 35.38 -9.18 27.38
C ASP B 329 35.10 -10.25 26.29
N LEU B 330 33.93 -10.22 25.62
CA LEU B 330 33.67 -11.12 24.46
C LEU B 330 34.36 -10.53 23.21
N LYS B 331 34.87 -11.40 22.32
CA LYS B 331 35.66 -11.03 21.11
C LYS B 331 34.91 -11.39 19.83
N ASP B 332 35.22 -10.71 18.71
CA ASP B 332 34.77 -11.12 17.34
C ASP B 332 33.25 -11.04 17.25
N LEU B 333 32.63 -10.01 17.83
CA LEU B 333 31.16 -9.79 17.70
C LEU B 333 30.89 -8.84 16.52
N ALA C 1 4.33 17.97 26.23
CA ALA C 1 4.40 16.48 26.40
C ALA C 1 2.98 15.89 26.40
N THR C 2 2.51 15.46 25.21
CA THR C 2 1.32 14.60 24.98
C THR C 2 1.37 13.39 25.94
N LEU C 3 0.21 12.78 26.22
CA LEU C 3 0.16 11.59 27.12
C LEU C 3 0.96 10.48 26.44
N LYS C 4 0.67 10.24 25.16
CA LYS C 4 1.35 9.23 24.32
C LYS C 4 2.87 9.48 24.33
N GLU C 5 3.34 10.75 24.28
CA GLU C 5 4.80 11.07 24.31
C GLU C 5 5.40 10.71 25.67
N LYS C 6 4.71 10.99 26.78
CA LYS C 6 5.23 10.62 28.11
C LYS C 6 5.21 9.09 28.24
N LEU C 7 4.19 8.42 27.71
CA LEU C 7 3.96 6.97 28.00
C LEU C 7 4.82 6.06 27.11
N ILE C 8 4.95 6.39 25.84
CA ILE C 8 5.41 5.40 24.83
C ILE C 8 6.66 5.95 24.14
N ALA C 9 7.80 5.30 24.34
CA ALA C 9 9.10 5.70 23.74
C ALA C 9 9.31 4.87 22.47
N PRO C 10 9.56 5.51 21.30
CA PRO C 10 9.76 4.74 20.08
C PRO C 10 11.07 3.94 20.14
N VAL C 11 11.05 2.69 19.67
CA VAL C 11 12.27 1.88 19.39
C VAL C 11 12.58 1.91 17.88
N ALA C 12 11.56 1.78 17.03
CA ALA C 12 11.64 2.07 15.59
C ALA C 12 10.94 3.39 15.31
N GLU C 13 11.37 4.10 14.27
CA GLU C 13 10.66 5.30 13.80
C GLU C 13 9.29 4.86 13.26
N GLU C 14 8.26 5.63 13.56
CA GLU C 14 6.86 5.40 13.15
C GLU C 14 6.83 5.26 11.62
N GLU C 15 6.17 4.23 11.10
CA GLU C 15 6.17 3.92 9.65
C GLU C 15 4.84 3.27 9.26
N ALA C 16 4.43 3.50 8.01
CA ALA C 16 3.22 2.95 7.36
C ALA C 16 3.56 1.56 6.83
N THR C 17 2.83 0.56 7.31
CA THR C 17 3.03 -0.88 7.02
C THR C 17 1.90 -1.34 6.09
N VAL C 18 2.21 -2.03 4.98
CA VAL C 18 1.18 -2.64 4.10
C VAL C 18 0.67 -3.91 4.80
N PRO C 19 -0.67 -4.08 4.99
CA PRO C 19 -1.19 -5.27 5.66
C PRO C 19 -0.83 -6.54 4.86
N ASN C 20 -0.67 -7.64 5.59
CA ASN C 20 -0.18 -8.95 5.09
C ASN C 20 -1.37 -9.81 4.63
N ASN C 21 -2.55 -9.68 5.25
CA ASN C 21 -3.73 -10.52 4.90
C ASN C 21 -4.99 -9.67 5.02
N LYS C 22 -5.07 -8.66 4.19
CA LYS C 22 -6.22 -7.74 4.19
C LYS C 22 -7.36 -8.36 3.39
N ILE C 23 -8.58 -8.27 3.91
CA ILE C 23 -9.79 -8.74 3.18
C ILE C 23 -10.72 -7.54 2.99
N THR C 24 -11.36 -7.46 1.84
CA THR C 24 -12.40 -6.45 1.55
C THR C 24 -13.71 -7.23 1.37
N VAL C 25 -14.78 -6.75 1.98
CA VAL C 25 -16.15 -7.22 1.66
C VAL C 25 -16.89 -6.06 0.99
N VAL C 26 -17.36 -6.29 -0.25
CA VAL C 26 -18.16 -5.30 -1.01
C VAL C 26 -19.62 -5.64 -0.77
N GLY C 27 -20.34 -4.69 -0.15
CA GLY C 27 -21.77 -4.84 0.17
C GLY C 27 -21.89 -5.25 1.61
N VAL C 28 -22.54 -4.43 2.42
CA VAL C 28 -22.67 -4.59 3.90
C VAL C 28 -24.14 -4.93 4.22
N GLY C 29 -24.78 -5.66 3.31
CA GLY C 29 -26.11 -6.24 3.54
C GLY C 29 -26.05 -7.45 4.44
N GLN C 30 -27.13 -8.24 4.45
CA GLN C 30 -27.20 -9.44 5.32
C GLN C 30 -26.03 -10.37 5.01
N VAL C 31 -25.70 -10.58 3.75
CA VAL C 31 -24.68 -11.60 3.39
C VAL C 31 -23.30 -11.01 3.66
N GLY C 32 -23.07 -9.76 3.24
CA GLY C 32 -21.77 -9.12 3.47
C GLY C 32 -21.40 -9.09 4.95
N MET C 33 -22.36 -8.75 5.82
CA MET C 33 -22.05 -8.66 7.28
C MET C 33 -21.90 -10.06 7.86
N ALA C 34 -22.60 -11.09 7.36
CA ALA C 34 -22.33 -12.48 7.80
C ALA C 34 -20.90 -12.86 7.42
N CYS C 35 -20.46 -12.50 6.22
CA CYS C 35 -19.07 -12.79 5.79
C CYS C 35 -18.10 -12.07 6.74
N ALA C 36 -18.33 -10.79 7.01
CA ALA C 36 -17.43 -9.95 7.84
C ALA C 36 -17.32 -10.55 9.23
N ILE C 37 -18.43 -10.87 9.90
CA ILE C 37 -18.34 -11.37 11.29
C ILE C 37 -17.64 -12.75 11.30
N SER C 38 -17.82 -13.58 10.28
CA SER C 38 -17.17 -14.92 10.23
C SER C 38 -15.68 -14.77 9.98
N ILE C 39 -15.29 -13.87 9.09
CA ILE C 39 -13.87 -13.52 8.79
C ILE C 39 -13.20 -13.05 10.10
N LEU C 40 -13.84 -12.12 10.82
CA LEU C 40 -13.29 -11.58 12.09
C LEU C 40 -13.22 -12.68 13.15
N GLY C 41 -14.29 -13.49 13.32
CA GLY C 41 -14.34 -14.53 14.36
C GLY C 41 -13.25 -15.57 14.17
N LYS C 42 -12.82 -15.80 12.95
CA LYS C 42 -11.74 -16.79 12.64
C LYS C 42 -10.37 -16.12 12.57
N SER C 43 -10.26 -14.84 12.90
CA SER C 43 -8.99 -14.09 12.87
C SER C 43 -8.30 -14.27 11.52
N LEU C 44 -9.01 -14.10 10.41
CA LEU C 44 -8.41 -14.31 9.07
C LEU C 44 -7.79 -13.04 8.49
N ALA C 45 -8.10 -11.87 9.06
CA ALA C 45 -7.70 -10.58 8.47
C ALA C 45 -6.91 -9.75 9.48
N ASP C 46 -5.81 -9.12 9.05
CA ASP C 46 -5.10 -8.08 9.84
C ASP C 46 -5.73 -6.73 9.54
N GLU C 47 -6.46 -6.62 8.43
CA GLU C 47 -7.20 -5.41 8.05
C GLU C 47 -8.46 -5.89 7.34
N LEU C 48 -9.58 -5.33 7.72
CA LEU C 48 -10.87 -5.60 7.06
C LEU C 48 -11.37 -4.28 6.49
N ALA C 49 -11.67 -4.25 5.20
CA ALA C 49 -12.26 -3.08 4.52
C ALA C 49 -13.69 -3.42 4.09
N LEU C 50 -14.62 -2.50 4.34
CA LEU C 50 -16.02 -2.63 3.89
C LEU C 50 -16.31 -1.53 2.86
N VAL C 51 -17.05 -1.88 1.82
CA VAL C 51 -17.48 -0.91 0.79
C VAL C 51 -18.95 -1.15 0.50
N ASP C 52 -19.69 -0.05 0.31
CA ASP C 52 -21.13 -0.09 -0.07
C ASP C 52 -21.45 1.27 -0.68
N VAL C 53 -22.68 1.44 -1.15
CA VAL C 53 -23.14 2.74 -1.69
C VAL C 53 -23.95 3.49 -0.63
N LEU C 54 -24.32 2.83 0.47
CA LEU C 54 -25.10 3.44 1.58
C LEU C 54 -24.11 3.92 2.64
N GLU C 55 -23.70 5.18 2.56
CA GLU C 55 -22.68 5.81 3.44
C GLU C 55 -22.99 5.62 4.93
N ASP C 56 -24.21 5.94 5.38
CA ASP C 56 -24.53 5.87 6.84
C ASP C 56 -24.43 4.41 7.30
N LYS C 57 -25.11 3.49 6.60
CA LYS C 57 -25.13 2.08 7.04
C LYS C 57 -23.71 1.52 7.04
N LEU C 58 -22.91 1.86 6.04
CA LEU C 58 -21.50 1.42 5.95
C LEU C 58 -20.72 1.88 7.20
N LYS C 59 -20.89 3.15 7.58
CA LYS C 59 -20.15 3.73 8.72
C LYS C 59 -20.64 3.10 10.03
N GLY C 60 -21.95 2.89 10.17
CA GLY C 60 -22.53 2.19 11.34
C GLY C 60 -22.02 0.77 11.52
N GLU C 61 -21.88 0.02 10.43
CA GLU C 61 -21.40 -1.39 10.48
C GLU C 61 -19.93 -1.35 10.87
N MET C 62 -19.15 -0.50 10.23
CA MET C 62 -17.74 -0.26 10.58
C MET C 62 -17.61 0.00 12.10
N MET C 63 -18.38 0.94 12.65
CA MET C 63 -18.23 1.34 14.07
C MET C 63 -18.62 0.18 14.99
N ASP C 64 -19.69 -0.53 14.67
CA ASP C 64 -20.16 -1.68 15.50
C ASP C 64 -19.06 -2.76 15.58
N LEU C 65 -18.45 -3.11 14.44
CA LEU C 65 -17.33 -4.08 14.43
C LEU C 65 -16.15 -3.52 15.26
N GLN C 66 -15.79 -2.24 15.06
CA GLN C 66 -14.68 -1.61 15.83
C GLN C 66 -14.93 -1.73 17.34
N HIS C 67 -16.18 -1.56 17.76
CA HIS C 67 -16.52 -1.58 19.20
C HIS C 67 -16.31 -2.99 19.76
N GLY C 68 -16.27 -4.03 18.91
CA GLY C 68 -15.94 -5.40 19.35
C GLY C 68 -14.45 -5.75 19.30
N SER C 69 -13.58 -4.78 19.01
CA SER C 69 -12.11 -4.97 18.78
C SER C 69 -11.45 -5.71 19.94
N LEU C 70 -11.86 -5.42 21.18
CA LEU C 70 -11.28 -6.11 22.36
C LEU C 70 -11.37 -7.64 22.21
N PHE C 71 -12.42 -8.12 21.54
CA PHE C 71 -12.75 -9.54 21.45
C PHE C 71 -12.18 -10.16 20.18
N LEU C 72 -11.48 -9.39 19.35
CA LEU C 72 -11.00 -9.84 18.01
C LEU C 72 -9.48 -9.74 17.92
N GLN C 73 -8.94 -10.08 16.77
CA GLN C 73 -7.51 -9.94 16.43
C GLN C 73 -7.35 -9.29 15.05
N THR C 74 -8.09 -8.22 14.81
CA THR C 74 -8.06 -7.44 13.56
C THR C 74 -7.89 -5.98 13.99
N PRO C 75 -6.64 -5.49 13.96
CA PRO C 75 -6.30 -4.16 14.47
C PRO C 75 -6.74 -2.98 13.60
N LYS C 76 -7.21 -3.24 12.39
CA LYS C 76 -7.66 -2.14 11.50
C LYS C 76 -8.94 -2.56 10.79
N ILE C 77 -10.04 -1.87 11.09
CA ILE C 77 -11.34 -2.04 10.42
C ILE C 77 -11.68 -0.70 9.80
N VAL C 78 -11.81 -0.66 8.47
CA VAL C 78 -12.04 0.57 7.69
C VAL C 78 -13.23 0.39 6.73
N ALA C 79 -13.88 1.49 6.36
CA ALA C 79 -15.04 1.46 5.45
C ALA C 79 -15.14 2.78 4.70
N ASP C 80 -15.50 2.72 3.43
CA ASP C 80 -15.65 3.91 2.57
C ASP C 80 -16.43 3.52 1.32
N LYS C 81 -17.17 4.47 0.74
CA LYS C 81 -17.75 4.32 -0.61
C LYS C 81 -16.63 4.29 -1.69
N ASP C 82 -15.51 4.94 -1.34
CA ASP C 82 -14.32 5.07 -2.22
C ASP C 82 -13.50 3.78 -2.15
N TYR C 83 -13.22 3.18 -3.30
CA TYR C 83 -12.48 1.89 -3.41
C TYR C 83 -11.00 2.06 -2.98
N SER C 84 -10.47 3.29 -2.81
CA SER C 84 -9.10 3.50 -2.28
C SER C 84 -8.95 2.78 -0.92
N VAL C 85 -10.04 2.68 -0.15
CA VAL C 85 -10.04 2.01 1.19
C VAL C 85 -9.66 0.52 1.06
N THR C 86 -9.88 -0.11 -0.10
CA THR C 86 -9.70 -1.56 -0.36
C THR C 86 -8.26 -1.86 -0.78
N ALA C 87 -7.39 -0.84 -0.90
CA ALA C 87 -6.03 -1.04 -1.48
C ALA C 87 -5.28 -2.19 -0.79
N ASN C 88 -4.60 -3.00 -1.59
CA ASN C 88 -3.69 -4.08 -1.15
C ASN C 88 -4.49 -5.20 -0.44
N SER C 89 -5.71 -5.47 -0.88
CA SER C 89 -6.46 -6.65 -0.39
C SER C 89 -5.90 -7.93 -1.03
N LYS C 90 -5.77 -9.00 -0.25
CA LYS C 90 -5.40 -10.35 -0.75
C LYS C 90 -6.67 -10.94 -1.38
N ILE C 91 -7.79 -10.75 -0.69
CA ILE C 91 -9.08 -11.35 -1.13
C ILE C 91 -10.15 -10.28 -1.07
N VAL C 92 -11.01 -10.22 -2.09
CA VAL C 92 -12.18 -9.29 -2.12
C VAL C 92 -13.45 -10.13 -2.30
N VAL C 93 -14.39 -10.01 -1.38
CA VAL C 93 -15.68 -10.74 -1.39
C VAL C 93 -16.72 -9.79 -1.98
N VAL C 94 -17.34 -10.16 -3.12
CA VAL C 94 -18.39 -9.32 -3.76
C VAL C 94 -19.77 -9.92 -3.42
N THR C 95 -20.56 -9.15 -2.66
CA THR C 95 -21.95 -9.50 -2.27
C THR C 95 -22.92 -8.43 -2.77
N ALA C 96 -22.42 -7.40 -3.47
CA ALA C 96 -23.20 -6.27 -3.99
C ALA C 96 -24.26 -6.80 -4.96
N GLY C 97 -25.51 -6.38 -4.70
CA GLY C 97 -26.70 -6.86 -5.43
C GLY C 97 -27.63 -5.71 -5.76
N VAL C 98 -28.08 -5.65 -7.02
CA VAL C 98 -29.32 -4.91 -7.41
C VAL C 98 -30.44 -5.95 -7.34
N ARG C 99 -31.67 -5.56 -6.96
CA ARG C 99 -32.83 -6.49 -6.78
C ARG C 99 -33.63 -6.51 -8.09
N GLN C 100 -34.18 -7.68 -8.46
CA GLN C 100 -34.87 -7.87 -9.77
C GLN C 100 -36.27 -7.25 -9.69
N GLN C 101 -36.63 -6.47 -10.71
CA GLN C 101 -37.96 -5.80 -10.85
C GLN C 101 -38.98 -6.88 -11.26
N GLU C 102 -40.21 -6.80 -10.76
CA GLU C 102 -41.17 -7.95 -10.69
C GLU C 102 -41.79 -8.24 -12.06
N GLY C 103 -41.49 -7.45 -13.10
CA GLY C 103 -41.88 -7.76 -14.48
C GLY C 103 -40.67 -7.77 -15.42
N GLU C 104 -39.56 -8.39 -14.99
CA GLU C 104 -38.22 -8.17 -15.61
C GLU C 104 -37.66 -9.47 -16.20
N SER C 105 -37.19 -9.41 -17.46
CA SER C 105 -36.43 -10.48 -18.15
C SER C 105 -35.08 -10.72 -17.45
N ARG C 106 -34.55 -11.93 -17.56
CA ARG C 106 -33.30 -12.39 -16.91
C ARG C 106 -32.08 -11.73 -17.58
N LEU C 107 -32.15 -11.44 -18.87
CA LEU C 107 -31.11 -10.67 -19.63
C LEU C 107 -31.02 -9.24 -19.06
N ASN C 108 -32.17 -8.63 -18.73
CA ASN C 108 -32.23 -7.23 -18.24
C ASN C 108 -31.59 -7.15 -16.84
N LEU C 109 -31.92 -8.08 -15.94
CA LEU C 109 -31.43 -8.15 -14.54
C LEU C 109 -29.89 -8.23 -14.52
N VAL C 110 -29.35 -9.11 -15.37
CA VAL C 110 -27.89 -9.36 -15.45
C VAL C 110 -27.24 -8.10 -16.06
N GLN C 111 -27.82 -7.53 -17.14
CA GLN C 111 -27.25 -6.28 -17.73
C GLN C 111 -27.23 -5.16 -16.67
N ARG C 112 -28.20 -5.16 -15.74
CA ARG C 112 -28.29 -4.15 -14.66
C ARG C 112 -27.10 -4.32 -13.72
N ASN C 113 -26.81 -5.56 -13.35
CA ASN C 113 -25.60 -5.92 -12.56
C ASN C 113 -24.34 -5.58 -13.37
N VAL C 114 -24.29 -5.86 -14.66
CA VAL C 114 -23.06 -5.56 -15.47
C VAL C 114 -22.76 -4.06 -15.40
N ASN C 115 -23.82 -3.23 -15.43
CA ASN C 115 -23.70 -1.75 -15.40
C ASN C 115 -23.08 -1.32 -14.06
N VAL C 116 -23.45 -2.00 -12.96
CA VAL C 116 -22.88 -1.86 -11.57
C VAL C 116 -21.46 -2.44 -11.52
N PHE C 117 -21.31 -3.72 -11.86
CA PHE C 117 -20.02 -4.45 -11.81
C PHE C 117 -19.00 -3.75 -12.72
N LYS C 118 -19.47 -3.01 -13.76
CA LYS C 118 -18.55 -2.37 -14.72
C LYS C 118 -17.77 -1.23 -14.03
N PHE C 119 -18.29 -0.72 -12.90
CA PHE C 119 -17.54 0.25 -12.03
C PHE C 119 -16.77 -0.50 -10.92
N ILE C 120 -17.45 -1.36 -10.14
CA ILE C 120 -16.91 -2.10 -8.95
C ILE C 120 -15.65 -2.89 -9.33
N ILE C 121 -15.77 -3.76 -10.34
CA ILE C 121 -14.70 -4.76 -10.60
C ILE C 121 -13.42 -4.06 -11.06
N PRO C 122 -13.44 -3.14 -12.06
CA PRO C 122 -12.22 -2.41 -12.42
C PRO C 122 -11.59 -1.70 -11.19
N GLN C 123 -12.44 -1.10 -10.34
CA GLN C 123 -12.01 -0.33 -9.12
C GLN C 123 -11.30 -1.28 -8.16
N ILE C 124 -11.84 -2.48 -7.97
CA ILE C 124 -11.20 -3.49 -7.11
C ILE C 124 -9.80 -3.81 -7.64
N VAL C 125 -9.66 -4.12 -8.93
CA VAL C 125 -8.34 -4.56 -9.49
C VAL C 125 -7.38 -3.34 -9.55
N LYS C 126 -7.88 -2.13 -9.73
CA LYS C 126 -7.03 -0.90 -9.70
C LYS C 126 -6.27 -0.87 -8.36
N TYR C 127 -6.99 -1.02 -7.24
CA TYR C 127 -6.43 -0.86 -5.87
C TYR C 127 -5.78 -2.14 -5.33
N SER C 128 -6.16 -3.34 -5.81
CA SER C 128 -5.56 -4.62 -5.40
C SER C 128 -5.20 -5.47 -6.63
N PRO C 129 -4.12 -5.11 -7.35
CA PRO C 129 -3.79 -5.79 -8.60
C PRO C 129 -3.55 -7.29 -8.42
N ASP C 130 -3.06 -7.73 -7.24
CA ASP C 130 -2.74 -9.14 -6.90
C ASP C 130 -3.90 -9.88 -6.20
N CYS C 131 -5.14 -9.36 -6.21
CA CYS C 131 -6.19 -9.94 -5.35
C CYS C 131 -6.84 -11.16 -6.00
N ILE C 132 -7.46 -11.98 -5.16
CA ILE C 132 -8.40 -13.06 -5.53
C ILE C 132 -9.79 -12.47 -5.31
N ILE C 133 -10.71 -12.65 -6.25
CA ILE C 133 -12.09 -12.15 -6.07
C ILE C 133 -13.00 -13.38 -5.86
N ILE C 134 -13.74 -13.37 -4.76
CA ILE C 134 -14.81 -14.39 -4.49
C ILE C 134 -16.14 -13.72 -4.80
N VAL C 135 -16.88 -14.25 -5.77
CA VAL C 135 -18.16 -13.63 -6.19
C VAL C 135 -19.27 -14.41 -5.47
N VAL C 136 -20.08 -13.67 -4.71
CA VAL C 136 -21.20 -14.27 -3.93
C VAL C 136 -22.53 -13.82 -4.52
N SER C 137 -22.58 -12.64 -5.13
CA SER C 137 -23.80 -12.00 -5.70
C SER C 137 -24.53 -12.94 -6.67
N ASN C 138 -25.88 -12.98 -6.57
CA ASN C 138 -26.74 -13.76 -7.51
C ASN C 138 -27.16 -12.90 -8.68
N PRO C 139 -27.38 -13.50 -9.87
CA PRO C 139 -27.10 -14.92 -10.13
C PRO C 139 -25.61 -15.25 -10.27
N VAL C 140 -25.12 -16.19 -9.47
CA VAL C 140 -23.70 -16.27 -9.06
C VAL C 140 -22.83 -16.77 -10.23
N ASP C 141 -23.26 -17.75 -11.02
CA ASP C 141 -22.43 -18.26 -12.15
C ASP C 141 -22.26 -17.17 -13.22
N ILE C 142 -23.32 -16.46 -13.58
CA ILE C 142 -23.21 -15.41 -14.62
C ILE C 142 -22.31 -14.29 -14.10
N LEU C 143 -22.53 -13.90 -12.84
CA LEU C 143 -21.83 -12.71 -12.29
C LEU C 143 -20.34 -13.02 -12.11
N THR C 144 -20.00 -14.30 -11.94
CA THR C 144 -18.59 -14.74 -11.82
C THR C 144 -17.91 -14.55 -13.19
N TYR C 145 -18.61 -14.95 -14.27
CA TYR C 145 -18.12 -14.71 -15.64
C TYR C 145 -17.90 -13.19 -15.86
N VAL C 146 -18.92 -12.39 -15.53
CA VAL C 146 -18.93 -10.91 -15.71
C VAL C 146 -17.71 -10.38 -14.95
N THR C 147 -17.51 -10.83 -13.72
CA THR C 147 -16.38 -10.42 -12.86
C THR C 147 -15.04 -10.78 -13.51
N TRP C 148 -14.92 -12.02 -13.99
CA TRP C 148 -13.71 -12.48 -14.72
C TRP C 148 -13.42 -11.56 -15.93
N LYS C 149 -14.42 -11.34 -16.77
CA LYS C 149 -14.26 -10.52 -18.01
C LYS C 149 -13.85 -9.07 -17.67
N LEU C 150 -14.53 -8.44 -16.72
CA LEU C 150 -14.31 -7.02 -16.32
C LEU C 150 -13.00 -6.86 -15.57
N SER C 151 -12.49 -7.91 -14.92
CA SER C 151 -11.32 -7.84 -14.02
C SER C 151 -10.00 -7.95 -14.80
N GLY C 152 -10.03 -8.64 -15.97
CA GLY C 152 -8.81 -8.96 -16.74
C GLY C 152 -7.93 -9.98 -16.02
N LEU C 153 -8.37 -10.53 -14.89
CA LEU C 153 -7.56 -11.46 -14.08
C LEU C 153 -7.50 -12.84 -14.73
N PRO C 154 -6.43 -13.60 -14.48
CA PRO C 154 -6.38 -14.98 -14.94
C PRO C 154 -7.47 -15.77 -14.19
N LYS C 155 -7.88 -16.88 -14.80
CA LYS C 155 -8.96 -17.74 -14.27
C LYS C 155 -8.75 -18.11 -12.79
N HIS C 156 -7.51 -18.32 -12.35
CA HIS C 156 -7.20 -18.84 -11.00
C HIS C 156 -7.50 -17.79 -9.92
N ARG C 157 -7.71 -16.52 -10.26
CA ARG C 157 -7.95 -15.45 -9.26
C ARG C 157 -9.43 -15.04 -9.18
N VAL C 158 -10.32 -15.69 -9.95
CA VAL C 158 -11.78 -15.37 -9.90
C VAL C 158 -12.54 -16.66 -9.59
N ILE C 159 -13.19 -16.65 -8.43
CA ILE C 159 -13.86 -17.83 -7.80
C ILE C 159 -15.33 -17.47 -7.56
N GLY C 160 -16.25 -18.28 -8.10
CA GLY C 160 -17.67 -18.14 -7.76
C GLY C 160 -18.01 -19.04 -6.59
N SER C 161 -18.78 -18.51 -5.64
CA SER C 161 -19.30 -19.34 -4.53
C SER C 161 -19.97 -20.61 -5.12
N GLY C 162 -20.66 -20.47 -6.24
CA GLY C 162 -21.18 -21.62 -7.02
C GLY C 162 -21.98 -22.59 -6.16
N CYS C 163 -21.55 -23.86 -6.11
CA CYS C 163 -22.26 -24.96 -5.39
C CYS C 163 -21.62 -25.24 -4.04
N ASN C 164 -20.76 -24.34 -3.54
CA ASN C 164 -20.12 -24.48 -2.22
C ASN C 164 -21.21 -24.60 -1.15
N LEU C 165 -22.18 -23.71 -1.11
CA LEU C 165 -23.24 -23.81 -0.07
C LEU C 165 -24.20 -24.97 -0.38
N ASP C 166 -24.49 -25.25 -1.66
CA ASP C 166 -25.34 -26.39 -2.08
C ASP C 166 -24.76 -27.67 -1.48
N SER C 167 -23.45 -27.87 -1.61
CA SER C 167 -22.75 -29.07 -1.11
C SER C 167 -22.81 -29.10 0.44
N ALA C 168 -22.64 -27.95 1.11
CA ALA C 168 -22.71 -27.90 2.59
C ALA C 168 -24.13 -28.29 3.05
N ARG C 169 -25.18 -27.81 2.40
CA ARG C 169 -26.59 -28.16 2.75
C ARG C 169 -26.82 -29.65 2.45
N PHE C 170 -26.27 -30.16 1.35
CA PHE C 170 -26.41 -31.59 0.98
C PHE C 170 -25.82 -32.45 2.11
N ARG C 171 -24.62 -32.09 2.58
CA ARG C 171 -23.93 -32.84 3.66
C ARG C 171 -24.71 -32.71 4.96
N TYR C 172 -25.28 -31.54 5.23
CA TYR C 172 -26.17 -31.40 6.41
C TYR C 172 -27.36 -32.38 6.29
N LEU C 173 -27.99 -32.47 5.13
CA LEU C 173 -29.19 -33.32 4.95
C LEU C 173 -28.77 -34.80 5.05
N MET C 174 -27.61 -35.19 4.51
CA MET C 174 -27.09 -36.57 4.69
C MET C 174 -26.92 -36.81 6.20
N ALA C 175 -26.35 -35.83 6.92
CA ALA C 175 -25.93 -35.95 8.33
C ALA C 175 -27.19 -36.10 9.19
N GLU C 176 -28.24 -35.35 8.87
CA GLU C 176 -29.52 -35.43 9.64
C GLU C 176 -30.14 -36.82 9.45
N LYS C 177 -30.00 -37.49 8.31
CA LYS C 177 -30.53 -38.86 8.12
C LYS C 177 -29.77 -39.86 9.00
N LEU C 178 -28.50 -39.64 9.25
CA LEU C 178 -27.60 -40.63 9.88
C LEU C 178 -27.28 -40.32 11.35
N GLY C 179 -27.54 -39.12 11.83
CA GLY C 179 -27.18 -38.69 13.20
C GLY C 179 -25.68 -38.50 13.41
N ILE C 180 -24.92 -38.14 12.36
CA ILE C 180 -23.46 -37.91 12.44
C ILE C 180 -23.18 -36.47 12.02
N HIS C 181 -21.97 -36.02 12.31
CA HIS C 181 -21.49 -34.67 11.91
C HIS C 181 -21.41 -34.60 10.39
N PRO C 182 -21.83 -33.47 9.79
CA PRO C 182 -21.76 -33.30 8.34
C PRO C 182 -20.34 -33.50 7.78
N SER C 183 -19.30 -33.26 8.59
CA SER C 183 -17.89 -33.41 8.16
C SER C 183 -17.56 -34.90 7.89
N SER C 184 -18.33 -35.82 8.45
CA SER C 184 -18.15 -37.29 8.25
C SER C 184 -19.01 -37.80 7.10
N CYS C 185 -19.82 -36.93 6.51
CA CYS C 185 -20.66 -37.19 5.32
C CYS C 185 -19.97 -36.59 4.11
N HIS C 186 -19.84 -37.33 3.02
CA HIS C 186 -19.13 -36.80 1.83
C HIS C 186 -20.07 -36.88 0.64
N GLY C 187 -20.17 -35.77 -0.08
CA GLY C 187 -21.03 -35.72 -1.27
C GLY C 187 -20.87 -34.38 -1.96
N TRP C 188 -20.98 -34.39 -3.29
CA TRP C 188 -20.61 -33.25 -4.17
C TRP C 188 -21.81 -32.84 -5.03
N ILE C 189 -22.28 -31.61 -4.82
CA ILE C 189 -23.24 -30.90 -5.70
C ILE C 189 -22.40 -30.02 -6.62
N LEU C 190 -22.50 -30.24 -7.93
CA LEU C 190 -21.61 -29.58 -8.91
C LEU C 190 -22.46 -28.90 -10.00
N GLY C 191 -21.78 -28.21 -10.91
CA GLY C 191 -22.42 -27.57 -12.06
C GLY C 191 -23.02 -26.22 -11.68
N GLU C 192 -24.25 -25.97 -12.12
CA GLU C 192 -24.96 -24.67 -11.92
C GLU C 192 -25.51 -24.59 -10.49
N HIS C 193 -25.29 -23.48 -9.80
CA HIS C 193 -25.92 -23.19 -8.48
C HIS C 193 -27.44 -23.18 -8.65
N GLY C 194 -28.17 -23.79 -7.70
CA GLY C 194 -29.66 -23.77 -7.64
C GLY C 194 -30.30 -24.94 -8.37
N ASP C 195 -31.34 -24.67 -9.16
CA ASP C 195 -32.35 -25.68 -9.62
C ASP C 195 -31.71 -26.79 -10.46
N SER C 196 -30.69 -26.49 -11.25
CA SER C 196 -30.13 -27.41 -12.28
C SER C 196 -28.82 -28.06 -11.82
N SER C 197 -28.48 -28.01 -10.54
CA SER C 197 -27.21 -28.59 -10.03
C SER C 197 -27.17 -30.11 -10.29
N VAL C 198 -25.97 -30.69 -10.27
CA VAL C 198 -25.77 -32.14 -10.50
C VAL C 198 -25.36 -32.73 -9.17
N ALA C 199 -26.15 -33.66 -8.62
CA ALA C 199 -25.67 -34.47 -7.46
C ALA C 199 -24.88 -35.66 -8.03
N VAL C 200 -23.60 -35.76 -7.70
CA VAL C 200 -22.73 -36.85 -8.17
C VAL C 200 -22.92 -38.03 -7.23
N TRP C 201 -23.98 -38.80 -7.45
CA TRP C 201 -24.36 -39.92 -6.55
C TRP C 201 -23.18 -40.89 -6.34
N SER C 202 -22.35 -41.09 -7.36
CA SER C 202 -21.28 -42.12 -7.37
C SER C 202 -20.20 -41.74 -6.35
N GLY C 203 -20.13 -40.48 -5.91
CA GLY C 203 -19.14 -40.01 -4.92
C GLY C 203 -19.69 -39.90 -3.49
N VAL C 204 -20.99 -40.11 -3.30
CA VAL C 204 -21.63 -39.91 -1.97
C VAL C 204 -21.23 -41.08 -1.08
N ASN C 205 -20.56 -40.79 0.04
CA ASN C 205 -19.99 -41.87 0.88
C ASN C 205 -19.89 -41.43 2.34
N VAL C 206 -19.78 -42.42 3.21
CA VAL C 206 -19.44 -42.28 4.66
C VAL C 206 -18.30 -43.25 4.95
N ALA C 207 -17.16 -42.76 5.42
CA ALA C 207 -15.99 -43.60 5.74
C ALA C 207 -15.56 -44.41 4.52
N GLY C 208 -15.71 -43.85 3.32
CA GLY C 208 -15.33 -44.51 2.06
C GLY C 208 -16.30 -45.59 1.67
N VAL C 209 -17.46 -45.71 2.32
CA VAL C 209 -18.54 -46.65 1.92
C VAL C 209 -19.47 -45.93 0.96
N SER C 210 -19.48 -46.36 -0.28
CA SER C 210 -20.31 -45.79 -1.38
C SER C 210 -21.79 -46.08 -1.08
N LEU C 211 -22.58 -45.02 -0.94
CA LEU C 211 -24.03 -45.14 -0.69
C LEU C 211 -24.71 -45.61 -1.98
N GLN C 212 -24.18 -45.31 -3.17
CA GLN C 212 -24.72 -45.84 -4.45
C GLN C 212 -24.47 -47.36 -4.56
N GLU C 213 -23.35 -47.86 -4.07
CA GLU C 213 -23.08 -49.32 -4.01
C GLU C 213 -24.14 -50.01 -3.13
N LEU C 214 -24.46 -49.42 -1.98
CA LEU C 214 -25.47 -49.95 -1.01
C LEU C 214 -26.87 -49.87 -1.63
N ASN C 215 -27.12 -48.81 -2.41
CA ASN C 215 -28.42 -48.52 -3.07
C ASN C 215 -28.19 -48.12 -4.52
N PRO C 216 -28.05 -49.10 -5.43
CA PRO C 216 -27.75 -48.79 -6.83
C PRO C 216 -28.86 -47.93 -7.49
N GLU C 217 -30.05 -47.86 -6.88
CA GLU C 217 -31.20 -47.05 -7.38
C GLU C 217 -31.06 -45.61 -6.92
N MET C 218 -29.94 -45.27 -6.29
CA MET C 218 -29.72 -43.90 -5.78
C MET C 218 -29.90 -42.86 -6.91
N GLY C 219 -30.86 -41.94 -6.73
CA GLY C 219 -31.11 -40.82 -7.67
C GLY C 219 -32.09 -41.16 -8.78
N THR C 220 -32.57 -42.41 -8.86
CA THR C 220 -33.52 -42.81 -9.94
C THR C 220 -34.97 -42.60 -9.47
N ASP C 221 -35.92 -42.88 -10.34
CA ASP C 221 -37.39 -42.81 -10.06
C ASP C 221 -37.88 -44.15 -9.50
N ASN C 222 -36.96 -45.06 -9.16
CA ASN C 222 -37.31 -46.36 -8.51
C ASN C 222 -36.48 -46.52 -7.24
N ASP C 223 -36.43 -45.47 -6.42
CA ASP C 223 -35.47 -45.32 -5.30
C ASP C 223 -36.26 -45.27 -3.98
N SER C 224 -36.08 -46.25 -3.10
CA SER C 224 -36.78 -46.36 -1.79
C SER C 224 -36.26 -45.31 -0.79
N GLU C 225 -35.11 -44.67 -1.04
CA GLU C 225 -34.58 -43.61 -0.15
C GLU C 225 -34.89 -42.21 -0.70
N ASN C 226 -35.39 -42.15 -1.93
CA ASN C 226 -35.83 -40.92 -2.66
C ASN C 226 -34.74 -39.84 -2.60
N TRP C 227 -33.53 -40.19 -2.99
CA TRP C 227 -32.41 -39.23 -3.05
C TRP C 227 -32.73 -38.09 -4.02
N LYS C 228 -33.55 -38.32 -5.03
CA LYS C 228 -34.01 -37.21 -5.91
C LYS C 228 -34.63 -36.10 -5.03
N GLU C 229 -35.37 -36.49 -3.98
CA GLU C 229 -36.08 -35.56 -3.04
C GLU C 229 -35.04 -34.87 -2.16
N VAL C 230 -33.95 -35.55 -1.79
CA VAL C 230 -32.87 -34.89 -1.02
C VAL C 230 -32.23 -33.80 -1.89
N HIS C 231 -31.95 -34.09 -3.15
CA HIS C 231 -31.36 -33.11 -4.10
C HIS C 231 -32.32 -31.90 -4.24
N LYS C 232 -33.62 -32.17 -4.36
CA LYS C 232 -34.64 -31.09 -4.47
C LYS C 232 -34.61 -30.23 -3.19
N MET C 233 -34.46 -30.85 -2.03
CA MET C 233 -34.43 -30.18 -0.70
C MET C 233 -33.22 -29.24 -0.61
N VAL C 234 -32.11 -29.61 -1.24
CA VAL C 234 -30.91 -28.74 -1.30
C VAL C 234 -31.32 -27.38 -1.90
N VAL C 235 -31.99 -27.42 -3.04
CA VAL C 235 -32.51 -26.20 -3.74
C VAL C 235 -33.63 -25.61 -2.86
N GLU C 236 -34.64 -26.40 -2.54
CA GLU C 236 -35.89 -25.86 -1.93
C GLU C 236 -35.65 -25.32 -0.50
N SER C 237 -34.75 -25.91 0.30
CA SER C 237 -34.48 -25.49 1.71
C SER C 237 -34.04 -24.01 1.73
N ALA C 238 -33.31 -23.58 0.71
CA ALA C 238 -32.81 -22.18 0.58
C ALA C 238 -33.99 -21.23 0.33
N TYR C 239 -34.84 -21.55 -0.67
CA TYR C 239 -36.07 -20.80 -0.95
C TYR C 239 -36.95 -20.77 0.31
N GLU C 240 -36.97 -21.85 1.09
CA GLU C 240 -37.79 -21.90 2.32
C GLU C 240 -37.26 -20.88 3.32
N VAL C 241 -35.93 -20.78 3.47
CA VAL C 241 -35.33 -19.83 4.44
C VAL C 241 -35.68 -18.40 4.00
N ILE C 242 -35.55 -18.10 2.70
CA ILE C 242 -35.88 -16.76 2.13
C ILE C 242 -37.34 -16.44 2.47
N LYS C 243 -38.24 -17.39 2.27
CA LYS C 243 -39.68 -17.22 2.54
C LYS C 243 -39.87 -16.93 4.04
N LEU C 244 -39.17 -17.67 4.90
CA LEU C 244 -39.37 -17.59 6.37
C LEU C 244 -38.73 -16.35 7.00
N LYS C 245 -37.49 -15.98 6.61
CA LYS C 245 -36.83 -14.83 7.29
C LYS C 245 -36.50 -13.69 6.32
N GLY C 246 -36.75 -13.82 5.01
CA GLY C 246 -36.55 -12.71 4.04
C GLY C 246 -35.30 -12.88 3.17
N TYR C 247 -34.35 -13.74 3.57
CA TYR C 247 -33.00 -13.80 2.95
C TYR C 247 -32.30 -15.02 3.59
N THR C 248 -31.17 -15.47 3.04
CA THR C 248 -30.25 -16.36 3.80
C THR C 248 -28.95 -15.60 3.98
N ASN C 249 -28.23 -15.86 5.08
CA ASN C 249 -26.91 -15.20 5.29
C ASN C 249 -25.94 -16.00 6.16
N TRP C 250 -26.36 -16.64 7.25
CA TRP C 250 -25.39 -17.27 8.18
C TRP C 250 -24.60 -18.40 7.49
N ALA C 251 -25.25 -19.33 6.82
CA ALA C 251 -24.52 -20.47 6.20
C ALA C 251 -23.57 -19.91 5.12
N ILE C 252 -24.06 -18.99 4.28
CA ILE C 252 -23.18 -18.41 3.21
C ILE C 252 -21.96 -17.73 3.84
N GLY C 253 -22.11 -16.99 4.94
CA GLY C 253 -20.98 -16.30 5.57
C GLY C 253 -19.94 -17.28 6.10
N LEU C 254 -20.39 -18.32 6.80
CA LEU C 254 -19.46 -19.39 7.29
C LEU C 254 -18.74 -20.05 6.09
N SER C 255 -19.45 -20.33 5.03
CA SER C 255 -18.87 -21.01 3.84
C SER C 255 -17.80 -20.11 3.21
N VAL C 256 -18.06 -18.82 3.11
CA VAL C 256 -17.04 -17.89 2.52
C VAL C 256 -15.80 -17.84 3.40
N ALA C 257 -15.97 -17.72 4.72
CA ALA C 257 -14.83 -17.70 5.66
C ALA C 257 -14.01 -18.99 5.51
N ASP C 258 -14.66 -20.11 5.26
CA ASP C 258 -13.95 -21.40 5.09
C ASP C 258 -13.10 -21.36 3.80
N LEU C 259 -13.61 -20.83 2.68
CA LEU C 259 -12.83 -20.68 1.44
C LEU C 259 -11.63 -19.80 1.78
N ILE C 260 -11.86 -18.69 2.47
CA ILE C 260 -10.79 -17.71 2.77
C ILE C 260 -9.70 -18.38 3.58
N GLU C 261 -10.09 -19.17 4.59
CA GLU C 261 -9.15 -19.94 5.43
C GLU C 261 -8.29 -20.82 4.51
N SER C 262 -8.86 -21.53 3.53
CA SER C 262 -8.05 -22.41 2.65
C SER C 262 -6.98 -21.60 1.92
N MET C 263 -7.35 -20.41 1.44
CA MET C 263 -6.44 -19.64 0.56
C MET C 263 -5.41 -18.92 1.44
N LEU C 264 -5.83 -18.24 2.49
CA LEU C 264 -4.86 -17.43 3.30
C LEU C 264 -3.89 -18.34 4.05
N LYS C 265 -4.31 -19.54 4.42
CA LYS C 265 -3.43 -20.51 5.12
C LYS C 265 -2.71 -21.41 4.10
N ASN C 266 -2.98 -21.20 2.81
CA ASN C 266 -2.29 -21.87 1.68
C ASN C 266 -2.46 -23.38 1.81
N LEU C 267 -3.67 -23.88 2.09
CA LEU C 267 -3.88 -25.29 2.51
C LEU C 267 -4.05 -26.25 1.33
N SER C 268 -4.48 -25.80 0.14
CA SER C 268 -4.79 -26.71 -1.00
C SER C 268 -5.84 -27.71 -0.54
N ARG C 269 -6.93 -27.21 0.04
CA ARG C 269 -8.14 -27.99 0.33
C ARG C 269 -9.04 -27.95 -0.90
N ILE C 270 -9.91 -28.94 -1.00
CA ILE C 270 -10.83 -29.03 -2.16
C ILE C 270 -12.23 -28.53 -1.77
N HIS C 271 -12.74 -27.63 -2.58
CA HIS C 271 -14.08 -27.02 -2.40
C HIS C 271 -14.83 -27.04 -3.72
N PRO C 272 -16.16 -27.25 -3.68
CA PRO C 272 -16.98 -27.18 -4.88
C PRO C 272 -17.36 -25.72 -5.14
N VAL C 273 -16.44 -24.98 -5.73
CA VAL C 273 -16.66 -23.58 -6.19
C VAL C 273 -16.68 -23.57 -7.71
N SER C 274 -17.09 -22.44 -8.28
CA SER C 274 -17.26 -22.17 -9.72
C SER C 274 -15.94 -21.70 -10.34
N THR C 275 -15.48 -22.38 -11.38
CA THR C 275 -14.31 -21.99 -12.20
C THR C 275 -14.71 -21.92 -13.66
N MET C 276 -13.84 -21.35 -14.49
CA MET C 276 -14.07 -21.19 -15.94
C MET C 276 -13.80 -22.56 -16.60
N VAL C 277 -14.88 -23.21 -17.08
CA VAL C 277 -14.86 -24.65 -17.44
C VAL C 277 -14.86 -24.84 -18.96
N LYS C 278 -14.55 -23.81 -19.78
CA LYS C 278 -14.36 -23.99 -21.24
C LYS C 278 -13.27 -25.06 -21.46
N GLY C 279 -13.56 -26.02 -22.36
CA GLY C 279 -12.65 -27.11 -22.75
C GLY C 279 -12.75 -28.32 -21.84
N MET C 280 -13.69 -28.32 -20.89
CA MET C 280 -13.94 -29.45 -19.95
C MET C 280 -15.32 -30.03 -20.26
N TYR C 281 -15.46 -31.36 -20.21
CA TYR C 281 -16.75 -32.09 -20.36
C TYR C 281 -17.46 -31.67 -21.67
N GLY C 282 -16.67 -31.34 -22.70
CA GLY C 282 -17.16 -30.94 -24.03
C GLY C 282 -17.81 -29.56 -24.05
N ILE C 283 -17.62 -28.73 -23.02
CA ILE C 283 -18.20 -27.35 -22.96
C ILE C 283 -17.36 -26.44 -23.86
N GLU C 284 -18.00 -25.71 -24.78
CA GLU C 284 -17.29 -24.95 -25.85
C GLU C 284 -17.35 -23.45 -25.61
N ASN C 285 -18.01 -22.99 -24.54
CA ASN C 285 -18.19 -21.54 -24.26
C ASN C 285 -17.52 -21.19 -22.93
N GLU C 286 -17.10 -19.94 -22.79
CA GLU C 286 -16.55 -19.37 -21.53
C GLU C 286 -17.70 -19.22 -20.52
N VAL C 287 -17.86 -20.22 -19.66
CA VAL C 287 -18.86 -20.19 -18.56
C VAL C 287 -18.18 -20.68 -17.28
N PHE C 288 -18.80 -20.36 -16.16
CA PHE C 288 -18.36 -20.78 -14.81
C PHE C 288 -19.36 -21.79 -14.25
N LEU C 289 -18.87 -22.96 -13.83
CA LEU C 289 -19.67 -24.01 -13.18
C LEU C 289 -18.82 -24.56 -12.06
N SER C 290 -19.47 -25.17 -11.08
CA SER C 290 -18.81 -25.76 -9.91
C SER C 290 -18.28 -27.16 -10.24
N LEU C 291 -17.02 -27.35 -9.90
CA LEU C 291 -16.29 -28.63 -9.83
C LEU C 291 -15.47 -28.65 -8.54
N PRO C 292 -14.88 -29.81 -8.15
CA PRO C 292 -14.04 -29.86 -6.98
C PRO C 292 -12.73 -29.12 -7.28
N CYS C 293 -12.48 -27.99 -6.63
CA CYS C 293 -11.34 -27.11 -6.97
C CYS C 293 -10.39 -27.02 -5.78
N ILE C 294 -9.09 -27.00 -6.08
CA ILE C 294 -8.01 -26.91 -5.07
C ILE C 294 -7.75 -25.43 -4.81
N LEU C 295 -7.91 -25.00 -3.56
CA LEU C 295 -7.73 -23.58 -3.20
C LEU C 295 -6.50 -23.41 -2.30
N ASN C 296 -5.69 -22.38 -2.58
CA ASN C 296 -4.50 -22.08 -1.74
C ASN C 296 -4.18 -20.58 -1.96
N ALA C 297 -3.00 -20.13 -1.55
CA ALA C 297 -2.66 -18.69 -1.53
C ALA C 297 -2.68 -18.13 -2.95
N ARG C 298 -2.51 -18.93 -4.01
CA ARG C 298 -2.53 -18.42 -5.41
C ARG C 298 -3.97 -18.25 -5.90
N GLY C 299 -4.93 -18.83 -5.16
CA GLY C 299 -6.35 -18.84 -5.53
C GLY C 299 -6.78 -20.22 -5.93
N LEU C 300 -7.44 -20.36 -7.07
CA LEU C 300 -7.97 -21.67 -7.52
C LEU C 300 -6.96 -22.27 -8.52
N THR C 301 -6.06 -23.17 -8.08
CA THR C 301 -4.86 -23.51 -8.89
C THR C 301 -5.09 -24.78 -9.72
N SER C 302 -6.08 -25.58 -9.37
CA SER C 302 -6.29 -26.96 -9.88
C SER C 302 -7.77 -27.35 -9.81
N VAL C 303 -8.19 -28.28 -10.65
CA VAL C 303 -9.55 -28.87 -10.60
C VAL C 303 -9.40 -30.38 -10.60
N ILE C 304 -10.25 -31.07 -9.86
CA ILE C 304 -10.26 -32.56 -9.84
C ILE C 304 -11.03 -33.02 -11.08
N ASN C 305 -10.42 -33.90 -11.88
CA ASN C 305 -11.10 -34.65 -12.96
C ASN C 305 -11.99 -35.72 -12.34
N GLN C 306 -13.28 -35.70 -12.69
CA GLN C 306 -14.22 -36.79 -12.32
C GLN C 306 -14.53 -37.60 -13.58
N LYS C 307 -14.85 -38.88 -13.38
CA LYS C 307 -15.51 -39.79 -14.35
C LYS C 307 -17.00 -39.50 -14.24
N LEU C 308 -17.51 -38.55 -15.02
CA LEU C 308 -18.94 -38.19 -14.89
C LEU C 308 -19.74 -39.07 -15.86
N LYS C 309 -20.97 -39.42 -15.46
CA LYS C 309 -21.90 -40.23 -16.29
C LYS C 309 -22.40 -39.34 -17.42
N ASP C 310 -22.92 -39.93 -18.50
CA ASP C 310 -23.36 -39.22 -19.71
C ASP C 310 -24.43 -38.18 -19.35
N ASP C 311 -25.36 -38.55 -18.46
CA ASP C 311 -26.50 -37.70 -18.02
C ASP C 311 -25.96 -36.52 -17.18
N GLU C 312 -24.86 -36.72 -16.46
CA GLU C 312 -24.20 -35.64 -15.69
C GLU C 312 -23.49 -34.67 -16.66
N VAL C 313 -22.73 -35.17 -17.63
CA VAL C 313 -22.04 -34.36 -18.69
C VAL C 313 -23.09 -33.57 -19.48
N ALA C 314 -24.18 -34.22 -19.91
CA ALA C 314 -25.28 -33.57 -20.66
C ALA C 314 -25.85 -32.39 -19.85
N GLN C 315 -26.04 -32.57 -18.53
CA GLN C 315 -26.57 -31.49 -17.67
C GLN C 315 -25.55 -30.35 -17.56
N LEU C 316 -24.25 -30.67 -17.46
CA LEU C 316 -23.20 -29.61 -17.43
C LEU C 316 -23.25 -28.82 -18.76
N LYS C 317 -23.45 -29.53 -19.89
CA LYS C 317 -23.40 -28.92 -21.23
C LYS C 317 -24.63 -28.00 -21.39
N LYS C 318 -25.78 -28.47 -20.90
CA LYS C 318 -27.09 -27.76 -20.95
C LYS C 318 -26.97 -26.46 -20.13
N SER C 319 -26.48 -26.56 -18.90
CA SER C 319 -26.24 -25.41 -18.00
C SER C 319 -25.34 -24.37 -18.70
N ALA C 320 -24.28 -24.85 -19.35
CA ALA C 320 -23.30 -24.05 -20.13
C ALA C 320 -24.04 -23.31 -21.24
N ASP C 321 -24.88 -24.02 -22.00
CA ASP C 321 -25.71 -23.45 -23.09
C ASP C 321 -26.65 -22.35 -22.51
N THR C 322 -27.34 -22.62 -21.39
CA THR C 322 -28.27 -21.65 -20.75
C THR C 322 -27.49 -20.39 -20.35
N LEU C 323 -26.34 -20.55 -19.71
CA LEU C 323 -25.51 -19.40 -19.27
C LEU C 323 -25.01 -18.60 -20.48
N TRP C 324 -24.43 -19.30 -21.47
CA TRP C 324 -23.87 -18.67 -22.69
C TRP C 324 -25.01 -17.96 -23.43
N ASP C 325 -26.21 -18.55 -23.47
CA ASP C 325 -27.39 -17.94 -24.14
C ASP C 325 -27.60 -16.50 -23.60
N ILE C 326 -27.38 -16.27 -22.30
CA ILE C 326 -27.55 -14.92 -21.68
C ILE C 326 -26.28 -14.10 -21.91
N GLN C 327 -25.12 -14.68 -21.65
CA GLN C 327 -23.83 -13.95 -21.66
C GLN C 327 -23.56 -13.36 -23.04
N LYS C 328 -23.88 -14.09 -24.12
CA LYS C 328 -23.48 -13.66 -25.49
C LYS C 328 -24.14 -12.31 -25.81
N ASP C 329 -25.23 -11.96 -25.14
CA ASP C 329 -26.00 -10.71 -25.40
C ASP C 329 -25.57 -9.57 -24.46
N LEU C 330 -24.65 -9.82 -23.52
CA LEU C 330 -24.26 -8.77 -22.55
C LEU C 330 -23.35 -7.75 -23.25
N LYS C 331 -23.52 -6.47 -22.92
CA LYS C 331 -22.72 -5.37 -23.51
C LYS C 331 -21.75 -4.77 -22.47
N ASP C 332 -20.63 -4.25 -22.97
CA ASP C 332 -19.62 -3.45 -22.23
C ASP C 332 -18.87 -4.34 -21.21
N LEU C 333 -18.44 -5.53 -21.65
CA LEU C 333 -17.58 -6.46 -20.85
C LEU C 333 -16.12 -6.39 -21.33
N ALA D 1 -35.01 -52.10 5.63
CA ALA D 1 -33.81 -51.53 6.32
C ALA D 1 -33.51 -50.13 5.77
N THR D 2 -33.68 -49.08 6.60
CA THR D 2 -33.33 -47.67 6.29
C THR D 2 -31.85 -47.58 5.92
N LEU D 3 -31.44 -46.46 5.33
CA LEU D 3 -29.99 -46.21 5.11
C LEU D 3 -29.26 -46.37 6.44
N LYS D 4 -29.70 -45.63 7.46
CA LYS D 4 -29.08 -45.62 8.80
C LYS D 4 -28.91 -47.07 9.28
N GLU D 5 -29.92 -47.95 9.07
CA GLU D 5 -29.88 -49.35 9.57
C GLU D 5 -28.84 -50.16 8.79
N LYS D 6 -28.65 -49.91 7.50
CA LYS D 6 -27.65 -50.68 6.73
C LYS D 6 -26.25 -50.14 7.06
N LEU D 7 -26.15 -48.86 7.36
CA LEU D 7 -24.82 -48.21 7.35
C LEU D 7 -24.22 -48.22 8.76
N ILE D 8 -25.04 -48.10 9.81
CA ILE D 8 -24.56 -47.80 11.19
C ILE D 8 -25.03 -48.89 12.13
N ALA D 9 -24.09 -49.65 12.69
CA ALA D 9 -24.33 -50.73 13.68
C ALA D 9 -24.12 -50.16 15.08
N PRO D 10 -25.11 -50.32 15.99
CA PRO D 10 -24.93 -49.84 17.36
C PRO D 10 -23.90 -50.66 18.13
N VAL D 11 -23.10 -49.99 18.93
CA VAL D 11 -22.22 -50.55 20.00
C VAL D 11 -22.97 -50.35 21.32
N ALA D 12 -23.23 -49.10 21.66
CA ALA D 12 -24.06 -48.72 22.82
C ALA D 12 -25.51 -48.88 22.42
N GLU D 13 -26.38 -49.16 23.38
CA GLU D 13 -27.83 -48.99 23.18
C GLU D 13 -28.11 -47.51 22.92
N GLU D 14 -29.08 -47.26 22.08
CA GLU D 14 -29.58 -45.88 21.82
C GLU D 14 -30.26 -45.36 23.08
N GLU D 15 -29.95 -44.11 23.41
CA GLU D 15 -30.42 -43.45 24.65
C GLU D 15 -30.48 -41.96 24.37
N ALA D 16 -31.45 -41.26 24.97
CA ALA D 16 -31.49 -39.78 25.04
C ALA D 16 -30.26 -39.36 25.81
N THR D 17 -29.78 -38.16 25.57
CA THR D 17 -28.70 -37.59 26.40
C THR D 17 -29.07 -36.18 26.80
N VAL D 18 -28.56 -35.75 27.96
CA VAL D 18 -28.70 -34.35 28.46
C VAL D 18 -27.48 -33.62 27.91
N PRO D 19 -27.66 -32.49 27.18
CA PRO D 19 -26.50 -31.71 26.76
C PRO D 19 -25.76 -31.22 28.00
N ASN D 20 -24.45 -31.16 27.86
CA ASN D 20 -23.50 -30.73 28.89
C ASN D 20 -23.39 -29.19 28.92
N ASN D 21 -23.65 -28.53 27.79
CA ASN D 21 -23.40 -27.07 27.64
C ASN D 21 -24.42 -26.45 26.70
N LYS D 22 -25.69 -26.67 27.00
CA LYS D 22 -26.79 -26.10 26.18
C LYS D 22 -26.96 -24.61 26.49
N ILE D 23 -27.14 -23.82 25.45
CA ILE D 23 -27.42 -22.38 25.60
C ILE D 23 -28.72 -22.10 24.87
N THR D 24 -29.55 -21.27 25.47
CA THR D 24 -30.76 -20.72 24.83
C THR D 24 -30.57 -19.22 24.59
N VAL D 25 -31.02 -18.77 23.42
CA VAL D 25 -31.13 -17.33 23.10
C VAL D 25 -32.62 -17.05 22.92
N VAL D 26 -33.17 -16.19 23.78
CA VAL D 26 -34.57 -15.71 23.71
C VAL D 26 -34.58 -14.38 22.95
N GLY D 27 -35.25 -14.38 21.79
CA GLY D 27 -35.27 -13.27 20.84
C GLY D 27 -34.27 -13.48 19.72
N VAL D 28 -34.74 -13.66 18.49
CA VAL D 28 -33.85 -13.88 17.31
C VAL D 28 -33.84 -12.60 16.48
N GLY D 29 -33.84 -11.43 17.13
CA GLY D 29 -33.62 -10.15 16.44
C GLY D 29 -32.15 -9.95 16.11
N GLN D 30 -31.78 -8.73 15.80
CA GLN D 30 -30.38 -8.37 15.42
C GLN D 30 -29.42 -8.82 16.53
N VAL D 31 -29.77 -8.54 17.79
CA VAL D 31 -28.85 -8.83 18.94
C VAL D 31 -28.84 -10.35 19.19
N GLY D 32 -30.01 -10.96 19.23
CA GLY D 32 -30.12 -12.40 19.47
C GLY D 32 -29.31 -13.18 18.46
N MET D 33 -29.40 -12.83 17.17
CA MET D 33 -28.68 -13.62 16.13
C MET D 33 -27.17 -13.33 16.19
N ALA D 34 -26.74 -12.10 16.49
CA ALA D 34 -25.31 -11.78 16.76
C ALA D 34 -24.79 -12.62 17.94
N CYS D 35 -25.56 -12.77 19.02
CA CYS D 35 -25.16 -13.65 20.15
C CYS D 35 -25.05 -15.09 19.62
N ALA D 36 -26.05 -15.56 18.89
CA ALA D 36 -26.10 -16.97 18.44
C ALA D 36 -24.87 -17.25 17.55
N ILE D 37 -24.58 -16.40 16.57
CA ILE D 37 -23.46 -16.69 15.63
C ILE D 37 -22.12 -16.63 16.38
N SER D 38 -21.98 -15.75 17.35
CA SER D 38 -20.77 -15.63 18.20
C SER D 38 -20.62 -16.88 19.08
N ILE D 39 -21.71 -17.34 19.67
CA ILE D 39 -21.75 -18.57 20.51
C ILE D 39 -21.33 -19.75 19.65
N LEU D 40 -21.87 -19.85 18.44
CA LEU D 40 -21.56 -21.01 17.56
C LEU D 40 -20.11 -20.88 17.05
N GLY D 41 -19.63 -19.69 16.67
CA GLY D 41 -18.28 -19.53 16.11
C GLY D 41 -17.21 -19.91 17.15
N LYS D 42 -17.53 -19.72 18.43
CA LYS D 42 -16.60 -20.05 19.53
C LYS D 42 -16.80 -21.51 20.01
N SER D 43 -17.70 -22.27 19.37
CA SER D 43 -18.03 -23.66 19.77
C SER D 43 -18.41 -23.70 21.26
N LEU D 44 -19.23 -22.79 21.77
CA LEU D 44 -19.50 -22.79 23.24
C LEU D 44 -20.73 -23.64 23.58
N ALA D 45 -21.56 -24.02 22.60
CA ALA D 45 -22.81 -24.75 22.81
C ALA D 45 -22.72 -26.14 22.18
N ASP D 46 -23.01 -27.19 22.93
CA ASP D 46 -23.27 -28.51 22.32
C ASP D 46 -24.75 -28.61 21.88
N GLU D 47 -25.61 -27.72 22.39
CA GLU D 47 -27.00 -27.57 21.90
C GLU D 47 -27.37 -26.09 21.95
N LEU D 48 -27.94 -25.57 20.88
CA LEU D 48 -28.38 -24.16 20.85
C LEU D 48 -29.89 -24.15 20.64
N ALA D 49 -30.66 -23.60 21.58
CA ALA D 49 -32.11 -23.39 21.44
C ALA D 49 -32.40 -21.91 21.19
N LEU D 50 -33.30 -21.65 20.26
CA LEU D 50 -33.76 -20.29 19.93
C LEU D 50 -35.24 -20.19 20.26
N VAL D 51 -35.66 -19.09 20.91
CA VAL D 51 -37.10 -18.84 21.19
C VAL D 51 -37.45 -17.44 20.71
N ASP D 52 -38.62 -17.32 20.09
CA ASP D 52 -39.19 -16.00 19.71
C ASP D 52 -40.70 -16.16 19.61
N VAL D 53 -41.40 -15.06 19.43
CA VAL D 53 -42.87 -15.10 19.18
C VAL D 53 -43.11 -15.14 17.66
N LEU D 54 -42.12 -14.76 16.83
CA LEU D 54 -42.27 -14.75 15.35
C LEU D 54 -41.91 -16.14 14.86
N GLU D 55 -42.90 -16.99 14.61
CA GLU D 55 -42.67 -18.42 14.34
C GLU D 55 -41.91 -18.61 13.01
N ASP D 56 -42.26 -17.88 11.95
CA ASP D 56 -41.60 -18.05 10.62
C ASP D 56 -40.15 -17.58 10.72
N LYS D 57 -39.92 -16.37 11.24
CA LYS D 57 -38.53 -15.86 11.38
C LYS D 57 -37.70 -16.85 12.21
N LEU D 58 -38.27 -17.42 13.26
CA LEU D 58 -37.56 -18.35 14.18
C LEU D 58 -37.12 -19.58 13.40
N LYS D 59 -38.04 -20.18 12.64
CA LYS D 59 -37.76 -21.41 11.85
C LYS D 59 -36.70 -21.09 10.79
N GLY D 60 -36.80 -19.92 10.14
CA GLY D 60 -35.85 -19.47 9.12
C GLY D 60 -34.44 -19.33 9.69
N GLU D 61 -34.33 -18.71 10.85
CA GLU D 61 -33.01 -18.53 11.54
C GLU D 61 -32.44 -19.90 11.93
N MET D 62 -33.27 -20.76 12.52
CA MET D 62 -32.84 -22.14 12.86
C MET D 62 -32.27 -22.84 11.62
N MET D 63 -33.03 -22.84 10.51
CA MET D 63 -32.61 -23.57 9.29
C MET D 63 -31.31 -22.99 8.73
N ASP D 64 -31.14 -21.67 8.75
CA ASP D 64 -29.96 -21.01 8.15
C ASP D 64 -28.71 -21.45 8.96
N LEU D 65 -28.80 -21.46 10.30
CA LEU D 65 -27.72 -21.96 11.18
C LEU D 65 -27.46 -23.43 10.88
N GLN D 66 -28.51 -24.24 10.80
CA GLN D 66 -28.36 -25.68 10.51
C GLN D 66 -27.60 -25.88 9.18
N HIS D 67 -27.92 -25.09 8.15
CA HIS D 67 -27.24 -25.20 6.82
C HIS D 67 -25.73 -24.91 6.93
N GLY D 68 -25.29 -24.22 7.99
CA GLY D 68 -23.87 -23.92 8.26
C GLY D 68 -23.19 -24.98 9.14
N SER D 69 -23.89 -26.06 9.50
CA SER D 69 -23.46 -27.08 10.50
C SER D 69 -22.09 -27.67 10.16
N LEU D 70 -21.83 -27.85 8.86
CA LEU D 70 -20.55 -28.41 8.38
C LEU D 70 -19.41 -27.61 8.99
N PHE D 71 -19.60 -26.29 9.15
CA PHE D 71 -18.57 -25.32 9.55
C PHE D 71 -18.54 -25.11 11.05
N LEU D 72 -19.41 -25.77 11.79
CA LEU D 72 -19.59 -25.54 13.24
C LEU D 72 -19.29 -26.80 14.06
N GLN D 73 -19.39 -26.68 15.38
CA GLN D 73 -19.25 -27.81 16.32
C GLN D 73 -20.42 -27.80 17.29
N THR D 74 -21.62 -27.67 16.77
CA THR D 74 -22.85 -27.67 17.58
C THR D 74 -23.79 -28.66 16.94
N PRO D 75 -23.89 -29.91 17.47
CA PRO D 75 -24.65 -30.97 16.81
C PRO D 75 -26.18 -30.86 16.84
N LYS D 76 -26.74 -29.98 17.68
CA LYS D 76 -28.20 -29.82 17.82
C LYS D 76 -28.55 -28.34 17.91
N ILE D 77 -29.25 -27.84 16.89
CA ILE D 77 -29.83 -26.48 16.83
C ILE D 77 -31.33 -26.64 16.70
N VAL D 78 -32.07 -26.11 17.67
CA VAL D 78 -33.55 -26.28 17.74
C VAL D 78 -34.16 -24.90 17.98
N ALA D 79 -35.42 -24.76 17.65
CA ALA D 79 -36.09 -23.44 17.79
C ALA D 79 -37.60 -23.68 17.93
N ASP D 80 -38.25 -22.96 18.81
CA ASP D 80 -39.72 -23.12 18.99
C ASP D 80 -40.22 -21.94 19.81
N LYS D 81 -41.49 -21.55 19.63
CA LYS D 81 -42.10 -20.49 20.47
C LYS D 81 -42.39 -21.04 21.88
N ASP D 82 -42.40 -22.38 21.99
CA ASP D 82 -42.68 -23.09 23.27
C ASP D 82 -41.36 -23.33 24.03
N TYR D 83 -41.32 -22.94 25.30
CA TYR D 83 -40.11 -22.96 26.15
C TYR D 83 -39.70 -24.41 26.47
N SER D 84 -40.50 -25.43 26.14
CA SER D 84 -40.04 -26.83 26.27
C SER D 84 -38.75 -27.08 25.49
N VAL D 85 -38.48 -26.32 24.42
CA VAL D 85 -37.30 -26.47 23.54
C VAL D 85 -36.03 -26.04 24.31
N THR D 86 -36.20 -25.29 25.41
CA THR D 86 -35.10 -24.70 26.19
C THR D 86 -34.65 -25.59 27.36
N ALA D 87 -35.28 -26.74 27.58
CA ALA D 87 -35.07 -27.58 28.78
C ALA D 87 -33.57 -27.87 28.96
N ASN D 88 -33.09 -27.81 30.21
CA ASN D 88 -31.74 -28.24 30.61
C ASN D 88 -30.68 -27.30 30.03
N SER D 89 -30.99 -26.00 29.84
CA SER D 89 -29.96 -25.03 29.40
C SER D 89 -29.07 -24.73 30.61
N LYS D 90 -27.78 -24.57 30.38
CA LYS D 90 -26.82 -24.04 31.40
C LYS D 90 -26.94 -22.52 31.49
N ILE D 91 -27.05 -21.88 30.33
CA ILE D 91 -27.09 -20.40 30.21
C ILE D 91 -28.26 -20.06 29.29
N VAL D 92 -29.01 -19.04 29.68
CA VAL D 92 -30.12 -18.49 28.87
C VAL D 92 -29.82 -16.99 28.70
N VAL D 93 -29.74 -16.57 27.45
CA VAL D 93 -29.46 -15.14 27.10
C VAL D 93 -30.80 -14.54 26.71
N VAL D 94 -31.22 -13.49 27.41
CA VAL D 94 -32.52 -12.82 27.12
C VAL D 94 -32.27 -11.51 26.37
N THR D 95 -32.66 -11.47 25.08
CA THR D 95 -32.51 -10.32 24.14
C THR D 95 -33.87 -9.79 23.71
N ALA D 96 -34.97 -10.34 24.23
CA ALA D 96 -36.34 -10.02 23.77
C ALA D 96 -36.77 -8.68 24.37
N GLY D 97 -37.77 -8.07 23.77
CA GLY D 97 -38.39 -6.86 24.32
C GLY D 97 -38.71 -5.89 23.22
N VAL D 98 -38.50 -4.61 23.48
CA VAL D 98 -38.40 -3.54 22.45
C VAL D 98 -36.99 -2.93 22.50
N ARG D 99 -36.50 -2.40 21.37
CA ARG D 99 -35.22 -1.62 21.28
C ARG D 99 -35.52 -0.15 21.03
N GLN D 100 -34.57 0.72 21.39
CA GLN D 100 -34.74 2.20 21.27
C GLN D 100 -34.74 2.57 19.78
N GLN D 101 -35.62 3.51 19.39
CA GLN D 101 -35.60 4.17 18.06
C GLN D 101 -34.50 5.24 18.07
N GLU D 102 -34.32 5.92 19.21
CA GLU D 102 -33.23 6.90 19.50
C GLU D 102 -32.67 6.65 20.92
N GLY D 103 -33.52 6.72 21.96
CA GLY D 103 -33.17 6.26 23.33
C GLY D 103 -34.01 6.91 24.42
N GLU D 104 -34.51 6.09 25.37
CA GLU D 104 -35.27 6.54 26.58
C GLU D 104 -35.38 5.37 27.60
N SER D 105 -36.43 5.35 28.44
CA SER D 105 -36.60 4.56 29.70
C SER D 105 -37.49 5.37 30.68
N ARG D 106 -38.64 4.80 31.13
CA ARG D 106 -39.67 5.45 31.99
C ARG D 106 -40.61 4.37 32.56
N LEU D 107 -41.27 4.63 33.70
CA LEU D 107 -42.04 3.62 34.49
C LEU D 107 -42.92 2.75 33.56
N ASN D 108 -43.64 3.38 32.63
CA ASN D 108 -44.66 2.65 31.81
C ASN D 108 -43.96 1.66 30.86
N LEU D 109 -42.91 2.12 30.15
CA LEU D 109 -42.12 1.31 29.18
C LEU D 109 -41.64 0.05 29.89
N VAL D 110 -41.17 0.18 31.13
CA VAL D 110 -40.62 -0.95 31.94
C VAL D 110 -41.78 -1.88 32.32
N GLN D 111 -42.96 -1.35 32.66
CA GLN D 111 -44.13 -2.21 33.01
C GLN D 111 -44.53 -3.06 31.80
N ARG D 112 -44.33 -2.56 30.58
CA ARG D 112 -44.65 -3.30 29.33
C ARG D 112 -43.69 -4.50 29.22
N ASN D 113 -42.39 -4.26 29.40
CA ASN D 113 -41.37 -5.34 29.50
C ASN D 113 -41.72 -6.30 30.66
N VAL D 114 -42.00 -5.80 31.87
CA VAL D 114 -42.38 -6.68 33.01
C VAL D 114 -43.52 -7.61 32.56
N ASN D 115 -44.49 -7.06 31.82
CA ASN D 115 -45.61 -7.81 31.20
C ASN D 115 -45.07 -8.93 30.29
N VAL D 116 -44.04 -8.63 29.49
CA VAL D 116 -43.33 -9.60 28.58
C VAL D 116 -42.54 -10.59 29.44
N PHE D 117 -41.67 -10.08 30.30
CA PHE D 117 -40.78 -10.88 31.17
C PHE D 117 -41.59 -11.74 32.14
N LYS D 118 -42.78 -11.27 32.57
CA LYS D 118 -43.66 -12.01 33.51
C LYS D 118 -44.01 -13.37 32.87
N PHE D 119 -44.07 -13.47 31.53
CA PHE D 119 -44.38 -14.76 30.84
C PHE D 119 -43.08 -15.50 30.57
N ILE D 120 -42.05 -14.79 30.09
CA ILE D 120 -40.75 -15.40 29.64
C ILE D 120 -39.99 -16.02 30.82
N ILE D 121 -39.71 -15.24 31.86
CA ILE D 121 -38.75 -15.65 32.91
C ILE D 121 -39.29 -16.89 33.65
N PRO D 122 -40.56 -16.97 34.07
CA PRO D 122 -41.05 -18.18 34.73
C PRO D 122 -40.99 -19.46 33.86
N GLN D 123 -41.19 -19.29 32.56
CA GLN D 123 -41.04 -20.37 31.55
C GLN D 123 -39.58 -20.87 31.51
N ILE D 124 -38.62 -19.93 31.50
CA ILE D 124 -37.15 -20.26 31.50
C ILE D 124 -36.82 -21.14 32.72
N VAL D 125 -37.17 -20.72 33.92
CA VAL D 125 -36.80 -21.45 35.16
C VAL D 125 -37.63 -22.74 35.25
N LYS D 126 -38.83 -22.76 34.66
CA LYS D 126 -39.69 -23.99 34.62
C LYS D 126 -38.92 -25.10 33.91
N TYR D 127 -38.33 -24.81 32.74
CA TYR D 127 -37.61 -25.84 31.96
C TYR D 127 -36.12 -25.96 32.30
N SER D 128 -35.46 -24.93 32.87
CA SER D 128 -34.02 -24.96 33.25
C SER D 128 -33.85 -24.40 34.67
N PRO D 129 -34.31 -25.12 35.72
CA PRO D 129 -34.33 -24.54 37.06
C PRO D 129 -32.93 -24.20 37.60
N ASP D 130 -31.88 -24.80 37.04
CA ASP D 130 -30.46 -24.66 37.45
C ASP D 130 -29.67 -23.73 36.49
N CYS D 131 -30.33 -23.02 35.56
CA CYS D 131 -29.60 -22.16 34.59
C CYS D 131 -29.01 -20.93 35.29
N ILE D 132 -28.16 -20.25 34.56
CA ILE D 132 -27.70 -18.85 34.75
C ILE D 132 -28.39 -18.04 33.64
N ILE D 133 -28.94 -16.90 33.98
CA ILE D 133 -29.62 -15.99 33.00
C ILE D 133 -28.71 -14.78 32.81
N ILE D 134 -28.40 -14.48 31.53
CA ILE D 134 -27.72 -13.22 31.12
C ILE D 134 -28.79 -12.33 30.51
N VAL D 135 -29.02 -11.18 31.12
CA VAL D 135 -30.02 -10.20 30.60
C VAL D 135 -29.30 -9.17 29.73
N VAL D 136 -29.76 -9.04 28.47
CA VAL D 136 -29.22 -8.08 27.48
C VAL D 136 -30.28 -7.03 27.13
N SER D 137 -31.58 -7.38 27.14
CA SER D 137 -32.71 -6.48 26.84
C SER D 137 -32.61 -5.15 27.62
N ASN D 138 -32.88 -4.01 26.93
CA ASN D 138 -32.86 -2.66 27.55
C ASN D 138 -34.23 -2.30 28.10
N PRO D 139 -34.34 -1.50 29.18
CA PRO D 139 -33.17 -1.00 29.92
C PRO D 139 -32.52 -2.07 30.82
N VAL D 140 -31.24 -2.34 30.60
CA VAL D 140 -30.68 -3.65 31.03
C VAL D 140 -30.58 -3.76 32.58
N ASP D 141 -30.22 -2.70 33.29
CA ASP D 141 -30.05 -2.76 34.77
C ASP D 141 -31.43 -3.01 35.42
N ILE D 142 -32.46 -2.29 34.95
CA ILE D 142 -33.82 -2.50 35.52
C ILE D 142 -34.26 -3.93 35.17
N LEU D 143 -34.10 -4.32 33.90
CA LEU D 143 -34.62 -5.65 33.47
C LEU D 143 -33.82 -6.79 34.09
N THR D 144 -32.61 -6.56 34.56
CA THR D 144 -31.85 -7.57 35.33
C THR D 144 -32.52 -7.75 36.70
N TYR D 145 -32.85 -6.64 37.38
CA TYR D 145 -33.60 -6.69 38.65
C TYR D 145 -34.95 -7.43 38.48
N VAL D 146 -35.70 -7.08 37.44
CA VAL D 146 -37.03 -7.71 37.11
C VAL D 146 -36.84 -9.24 36.91
N THR D 147 -35.85 -9.61 36.11
CA THR D 147 -35.54 -11.04 35.83
C THR D 147 -35.22 -11.78 37.14
N TRP D 148 -34.43 -11.12 38.01
CA TRP D 148 -34.05 -11.68 39.34
C TRP D 148 -35.32 -11.96 40.16
N LYS D 149 -36.18 -10.95 40.30
CA LYS D 149 -37.43 -11.05 41.08
C LYS D 149 -38.36 -12.15 40.52
N LEU D 150 -38.55 -12.19 39.21
CA LEU D 150 -39.51 -13.10 38.55
C LEU D 150 -38.97 -14.53 38.58
N SER D 151 -37.65 -14.70 38.58
CA SER D 151 -36.96 -16.01 38.42
C SER D 151 -36.94 -16.77 39.76
N GLY D 152 -36.88 -16.03 40.88
CA GLY D 152 -36.57 -16.54 42.23
C GLY D 152 -35.16 -17.14 42.37
N LEU D 153 -34.26 -16.91 41.43
CA LEU D 153 -32.90 -17.50 41.46
C LEU D 153 -32.04 -16.69 42.44
N PRO D 154 -30.98 -17.31 43.00
CA PRO D 154 -30.03 -16.57 43.82
C PRO D 154 -29.27 -15.57 42.94
N LYS D 155 -28.79 -14.50 43.56
CA LYS D 155 -28.17 -13.38 42.82
C LYS D 155 -26.97 -13.84 41.98
N HIS D 156 -26.24 -14.88 42.35
CA HIS D 156 -25.07 -15.32 41.55
C HIS D 156 -25.53 -15.90 40.20
N ARG D 157 -26.82 -16.11 39.96
CA ARG D 157 -27.28 -16.79 38.71
C ARG D 157 -28.02 -15.85 37.77
N VAL D 158 -28.10 -14.57 38.11
CA VAL D 158 -28.78 -13.53 37.28
C VAL D 158 -27.74 -12.45 37.04
N ILE D 159 -27.36 -12.28 35.78
CA ILE D 159 -26.25 -11.40 35.35
C ILE D 159 -26.81 -10.43 34.31
N GLY D 160 -26.59 -9.14 34.50
CA GLY D 160 -26.91 -8.13 33.48
C GLY D 160 -25.72 -7.86 32.60
N SER D 161 -25.93 -7.73 31.29
CA SER D 161 -24.85 -7.31 30.34
C SER D 161 -24.13 -6.07 30.91
N GLY D 162 -24.91 -5.17 31.49
CA GLY D 162 -24.46 -3.97 32.21
C GLY D 162 -23.41 -3.18 31.43
N CYS D 163 -22.24 -2.92 32.02
CA CYS D 163 -21.19 -2.04 31.42
C CYS D 163 -20.10 -2.87 30.77
N ASN D 164 -20.36 -4.15 30.49
CA ASN D 164 -19.40 -5.03 29.79
C ASN D 164 -19.07 -4.41 28.43
N LEU D 165 -20.07 -4.05 27.65
CA LEU D 165 -19.91 -3.44 26.32
C LEU D 165 -19.36 -2.01 26.47
N ASP D 166 -19.86 -1.23 27.42
CA ASP D 166 -19.33 0.14 27.70
C ASP D 166 -17.81 0.04 27.92
N SER D 167 -17.37 -0.90 28.73
CA SER D 167 -15.93 -1.06 29.06
C SER D 167 -15.14 -1.45 27.80
N ALA D 168 -15.69 -2.34 26.98
CA ALA D 168 -15.06 -2.75 25.69
C ALA D 168 -14.94 -1.52 24.78
N ARG D 169 -15.97 -0.72 24.67
CA ARG D 169 -15.92 0.50 23.80
C ARG D 169 -14.86 1.46 24.37
N PHE D 170 -14.78 1.58 25.69
CA PHE D 170 -13.81 2.47 26.36
C PHE D 170 -12.39 2.02 25.99
N ARG D 171 -12.16 0.72 26.02
CA ARG D 171 -10.81 0.17 25.79
C ARG D 171 -10.46 0.31 24.32
N TYR D 172 -11.44 0.16 23.43
CA TYR D 172 -11.24 0.45 22.00
C TYR D 172 -10.83 1.92 21.81
N LEU D 173 -11.56 2.86 22.42
CA LEU D 173 -11.24 4.32 22.25
C LEU D 173 -9.86 4.64 22.86
N MET D 174 -9.50 4.01 23.98
CA MET D 174 -8.17 4.21 24.61
C MET D 174 -7.13 3.73 23.61
N ALA D 175 -7.37 2.55 23.02
CA ALA D 175 -6.42 1.87 22.08
C ALA D 175 -6.21 2.75 20.84
N GLU D 176 -7.28 3.34 20.33
CA GLU D 176 -7.20 4.23 19.15
C GLU D 176 -6.33 5.44 19.53
N LYS D 177 -6.42 5.93 20.76
CA LYS D 177 -5.64 7.11 21.18
C LYS D 177 -4.14 6.77 21.26
N LEU D 178 -3.81 5.60 21.80
CA LEU D 178 -2.41 5.24 22.16
C LEU D 178 -1.73 4.40 21.07
N GLY D 179 -2.49 3.82 20.16
CA GLY D 179 -1.95 2.94 19.11
C GLY D 179 -1.55 1.59 19.67
N ILE D 180 -2.29 1.06 20.63
CA ILE D 180 -2.00 -0.30 21.17
C ILE D 180 -3.26 -1.15 21.13
N HIS D 181 -3.13 -2.46 21.24
CA HIS D 181 -4.30 -3.36 21.19
C HIS D 181 -5.19 -3.06 22.39
N PRO D 182 -6.54 -3.06 22.22
CA PRO D 182 -7.42 -2.86 23.38
C PRO D 182 -7.16 -3.79 24.57
N SER D 183 -6.66 -5.02 24.37
CA SER D 183 -6.41 -5.98 25.49
C SER D 183 -5.23 -5.48 26.34
N SER D 184 -4.39 -4.58 25.83
CA SER D 184 -3.24 -3.98 26.56
C SER D 184 -3.63 -2.63 27.18
N CYS D 185 -4.86 -2.15 26.94
CA CYS D 185 -5.40 -0.93 27.55
C CYS D 185 -6.36 -1.33 28.68
N HIS D 186 -6.17 -0.85 29.90
CA HIS D 186 -7.01 -1.25 31.06
C HIS D 186 -7.80 -0.06 31.54
N GLY D 187 -9.09 -0.28 31.72
CA GLY D 187 -10.00 0.79 32.15
C GLY D 187 -11.40 0.25 32.38
N TRP D 188 -12.09 0.78 33.39
CA TRP D 188 -13.38 0.23 33.88
C TRP D 188 -14.46 1.32 33.81
N ILE D 189 -15.50 1.06 33.05
CA ILE D 189 -16.80 1.78 33.05
C ILE D 189 -17.76 0.98 33.88
N LEU D 190 -18.24 1.60 34.95
CA LEU D 190 -19.04 0.91 35.98
C LEU D 190 -20.36 1.68 36.19
N GLY D 191 -21.22 1.11 37.02
CA GLY D 191 -22.49 1.73 37.44
C GLY D 191 -23.59 1.39 36.45
N GLU D 192 -24.36 2.40 36.06
CA GLU D 192 -25.47 2.24 35.09
C GLU D 192 -24.91 2.15 33.67
N HIS D 193 -25.42 1.20 32.88
CA HIS D 193 -25.21 1.17 31.41
C HIS D 193 -25.73 2.48 30.79
N GLY D 194 -25.00 3.05 29.82
CA GLY D 194 -25.41 4.26 29.09
C GLY D 194 -25.03 5.56 29.79
N ASP D 195 -25.99 6.50 29.87
CA ASP D 195 -25.74 7.94 30.09
C ASP D 195 -25.03 8.24 31.42
N SER D 196 -25.38 7.56 32.50
CA SER D 196 -24.93 7.89 33.87
C SER D 196 -23.75 6.97 34.30
N SER D 197 -23.12 6.25 33.37
CA SER D 197 -21.99 5.33 33.70
C SER D 197 -20.85 6.13 34.38
N VAL D 198 -20.01 5.43 35.13
CA VAL D 198 -18.86 6.02 35.86
C VAL D 198 -17.57 5.53 35.21
N ALA D 199 -16.70 6.46 34.83
CA ALA D 199 -15.34 6.10 34.36
C ALA D 199 -14.42 6.14 35.58
N VAL D 200 -13.86 4.98 35.93
CA VAL D 200 -12.96 4.90 37.12
C VAL D 200 -11.55 5.28 36.66
N TRP D 201 -11.31 6.59 36.60
CA TRP D 201 -10.06 7.15 36.06
C TRP D 201 -8.85 6.58 36.83
N SER D 202 -8.99 6.38 38.15
CA SER D 202 -7.93 5.85 39.05
C SER D 202 -7.38 4.51 38.55
N GLY D 203 -8.17 3.75 37.78
CA GLY D 203 -7.84 2.38 37.36
C GLY D 203 -7.32 2.32 35.93
N VAL D 204 -7.40 3.43 35.20
CA VAL D 204 -6.99 3.43 33.77
C VAL D 204 -5.48 3.34 33.70
N ASN D 205 -4.98 2.32 33.00
CA ASN D 205 -3.52 2.08 33.01
C ASN D 205 -3.11 1.30 31.76
N VAL D 206 -1.84 1.47 31.42
CA VAL D 206 -1.11 0.62 30.46
C VAL D 206 0.09 0.02 31.21
N ALA D 207 0.20 -1.31 31.20
CA ALA D 207 1.33 -2.05 31.78
C ALA D 207 1.49 -1.69 33.26
N GLY D 208 0.38 -1.41 33.94
CA GLY D 208 0.35 -1.00 35.34
C GLY D 208 0.78 0.46 35.58
N VAL D 209 0.97 1.26 34.53
CA VAL D 209 1.25 2.71 34.67
C VAL D 209 -0.07 3.49 34.72
N SER D 210 -0.40 4.08 35.85
CA SER D 210 -1.61 4.91 36.03
C SER D 210 -1.58 6.11 35.06
N LEU D 211 -2.51 6.20 34.12
CA LEU D 211 -2.56 7.37 33.21
C LEU D 211 -2.99 8.62 33.99
N GLN D 212 -3.78 8.47 35.07
CA GLN D 212 -4.18 9.60 35.94
C GLN D 212 -2.94 10.15 36.64
N GLU D 213 -1.97 9.31 37.01
CA GLU D 213 -0.67 9.79 37.60
C GLU D 213 0.08 10.63 36.56
N LEU D 214 0.15 10.22 35.28
CA LEU D 214 0.83 11.01 34.21
C LEU D 214 0.04 12.30 33.88
N ASN D 215 -1.26 12.30 34.18
CA ASN D 215 -2.21 13.40 33.87
C ASN D 215 -3.25 13.51 34.97
N PRO D 216 -2.93 14.12 36.14
CA PRO D 216 -3.87 14.16 37.27
C PRO D 216 -5.17 14.95 36.98
N GLU D 217 -5.25 15.64 35.83
CA GLU D 217 -6.42 16.43 35.36
C GLU D 217 -7.35 15.56 34.51
N MET D 218 -7.00 14.28 34.31
CA MET D 218 -7.81 13.34 33.50
C MET D 218 -9.26 13.36 33.98
N GLY D 219 -10.19 13.59 33.06
CA GLY D 219 -11.63 13.51 33.35
C GLY D 219 -12.25 14.83 33.78
N THR D 220 -11.46 15.91 33.92
CA THR D 220 -11.96 17.28 34.25
C THR D 220 -11.92 18.15 32.99
N ASP D 221 -12.31 19.44 33.05
CA ASP D 221 -11.99 20.38 31.95
C ASP D 221 -10.60 21.01 32.17
N ASN D 222 -9.83 20.55 33.16
CA ASN D 222 -8.42 20.97 33.33
C ASN D 222 -7.53 20.11 32.42
N ASP D 223 -8.06 19.43 31.38
CA ASP D 223 -7.42 18.26 30.69
C ASP D 223 -7.30 18.44 29.17
N SER D 224 -6.07 18.50 28.62
CA SER D 224 -5.77 18.71 27.18
C SER D 224 -5.84 17.41 26.36
N GLU D 225 -5.99 16.27 27.03
CA GLU D 225 -6.16 14.94 26.40
C GLU D 225 -7.66 14.63 26.31
N ASN D 226 -8.48 15.49 26.92
CA ASN D 226 -9.97 15.48 26.89
C ASN D 226 -10.52 14.07 27.11
N TRP D 227 -10.05 13.39 28.16
CA TRP D 227 -10.56 12.06 28.56
C TRP D 227 -12.07 12.12 28.88
N LYS D 228 -12.57 13.26 29.36
CA LYS D 228 -14.03 13.43 29.60
C LYS D 228 -14.79 13.15 28.29
N GLU D 229 -14.20 13.57 27.16
CA GLU D 229 -14.81 13.41 25.81
C GLU D 229 -14.74 11.92 25.42
N VAL D 230 -13.69 11.19 25.77
CA VAL D 230 -13.63 9.73 25.52
C VAL D 230 -14.82 9.08 26.24
N HIS D 231 -15.05 9.42 27.51
CA HIS D 231 -16.17 8.85 28.30
C HIS D 231 -17.49 9.24 27.60
N LYS D 232 -17.62 10.49 27.15
CA LYS D 232 -18.83 10.95 26.43
C LYS D 232 -19.01 10.05 25.20
N MET D 233 -17.94 9.80 24.45
CA MET D 233 -18.00 8.97 23.22
C MET D 233 -18.42 7.53 23.54
N VAL D 234 -18.12 6.99 24.72
CA VAL D 234 -18.59 5.61 25.07
C VAL D 234 -20.13 5.54 24.98
N VAL D 235 -20.79 6.53 25.54
CA VAL D 235 -22.26 6.76 25.51
C VAL D 235 -22.71 7.10 24.07
N GLU D 236 -22.21 8.18 23.49
CA GLU D 236 -22.66 8.72 22.17
C GLU D 236 -22.35 7.75 21.02
N SER D 237 -21.22 7.01 21.05
CA SER D 237 -20.82 6.11 19.92
C SER D 237 -21.92 5.05 19.69
N ALA D 238 -22.65 4.68 20.74
CA ALA D 238 -23.78 3.74 20.68
C ALA D 238 -24.97 4.36 19.93
N TYR D 239 -25.41 5.54 20.39
CA TYR D 239 -26.46 6.37 19.75
C TYR D 239 -26.10 6.59 18.28
N GLU D 240 -24.83 6.81 17.97
CA GLU D 240 -24.34 7.08 16.61
C GLU D 240 -24.52 5.83 15.74
N VAL D 241 -24.22 4.64 16.28
CA VAL D 241 -24.34 3.40 15.49
C VAL D 241 -25.83 3.18 15.20
N ILE D 242 -26.69 3.44 16.20
CA ILE D 242 -28.16 3.29 16.04
C ILE D 242 -28.65 4.30 14.97
N LYS D 243 -28.17 5.53 15.01
CA LYS D 243 -28.49 6.56 13.98
C LYS D 243 -28.14 6.00 12.59
N LEU D 244 -26.94 5.45 12.44
CA LEU D 244 -26.34 5.12 11.12
C LEU D 244 -26.93 3.81 10.57
N LYS D 245 -27.06 2.75 11.38
CA LYS D 245 -27.45 1.41 10.84
C LYS D 245 -28.80 0.96 11.42
N GLY D 246 -29.39 1.69 12.37
CA GLY D 246 -30.72 1.40 12.92
C GLY D 246 -30.70 0.70 14.26
N TYR D 247 -29.58 0.10 14.66
CA TYR D 247 -29.47 -0.74 15.88
C TYR D 247 -27.98 -1.01 16.12
N THR D 248 -27.61 -1.61 17.24
CA THR D 248 -26.25 -2.20 17.38
C THR D 248 -26.41 -3.68 17.65
N ASN D 249 -25.49 -4.51 17.19
CA ASN D 249 -25.60 -5.96 17.43
C ASN D 249 -24.23 -6.63 17.49
N TRP D 250 -23.27 -6.31 16.61
CA TRP D 250 -22.05 -7.15 16.55
C TRP D 250 -21.23 -7.08 17.85
N ALA D 251 -20.95 -5.88 18.35
CA ALA D 251 -20.11 -5.73 19.56
C ALA D 251 -20.82 -6.44 20.73
N ILE D 252 -22.13 -6.28 20.87
CA ILE D 252 -22.87 -6.89 22.03
C ILE D 252 -22.83 -8.41 21.90
N GLY D 253 -23.02 -8.94 20.69
CA GLY D 253 -22.88 -10.39 20.44
C GLY D 253 -21.54 -10.91 20.90
N LEU D 254 -20.46 -10.23 20.55
CA LEU D 254 -19.09 -10.68 20.89
C LEU D 254 -18.90 -10.61 22.39
N SER D 255 -19.42 -9.57 23.02
CA SER D 255 -19.25 -9.33 24.47
C SER D 255 -20.03 -10.39 25.26
N VAL D 256 -21.23 -10.79 24.80
CA VAL D 256 -22.02 -11.86 25.46
C VAL D 256 -21.28 -13.21 25.32
N ALA D 257 -20.74 -13.56 24.15
CA ALA D 257 -19.98 -14.81 23.93
C ALA D 257 -18.74 -14.87 24.85
N ASP D 258 -18.14 -13.72 25.12
CA ASP D 258 -16.96 -13.58 26.02
C ASP D 258 -17.39 -13.91 27.47
N LEU D 259 -18.54 -13.42 27.92
CA LEU D 259 -19.07 -13.76 29.28
C LEU D 259 -19.34 -15.26 29.36
N ILE D 260 -19.98 -15.81 28.34
CA ILE D 260 -20.32 -17.27 28.30
C ILE D 260 -19.05 -18.12 28.36
N GLU D 261 -18.02 -17.73 27.63
CA GLU D 261 -16.71 -18.45 27.62
C GLU D 261 -16.13 -18.46 29.04
N SER D 262 -16.16 -17.35 29.77
CA SER D 262 -15.65 -17.32 31.17
C SER D 262 -16.41 -18.34 31.99
N MET D 263 -17.73 -18.44 31.82
CA MET D 263 -18.54 -19.27 32.73
C MET D 263 -18.42 -20.75 32.32
N LEU D 264 -18.57 -21.09 31.05
CA LEU D 264 -18.56 -22.52 30.65
C LEU D 264 -17.17 -23.12 30.76
N LYS D 265 -16.11 -22.32 30.67
CA LYS D 265 -14.74 -22.84 30.89
C LYS D 265 -14.27 -22.63 32.34
N ASN D 266 -15.16 -22.10 33.20
CA ASN D 266 -14.92 -21.99 34.65
C ASN D 266 -13.64 -21.18 34.94
N LEU D 267 -13.43 -20.05 34.27
CA LEU D 267 -12.13 -19.35 34.28
C LEU D 267 -11.97 -18.44 35.49
N SER D 268 -13.03 -17.94 36.10
CA SER D 268 -12.92 -16.89 37.15
C SER D 268 -12.18 -15.70 36.55
N ARG D 269 -12.65 -15.23 35.40
CA ARG D 269 -12.18 -13.97 34.79
C ARG D 269 -13.08 -12.85 35.32
N ILE D 270 -12.59 -11.63 35.32
CA ILE D 270 -13.32 -10.47 35.87
C ILE D 270 -13.90 -9.63 34.72
N HIS D 271 -15.18 -9.34 34.81
CA HIS D 271 -15.97 -8.59 33.81
C HIS D 271 -16.81 -7.54 34.53
N PRO D 272 -16.98 -6.36 33.93
CA PRO D 272 -17.90 -5.35 34.44
C PRO D 272 -19.35 -5.58 34.02
N VAL D 273 -20.02 -6.48 34.74
CA VAL D 273 -21.43 -6.87 34.50
C VAL D 273 -22.26 -6.38 35.67
N SER D 274 -23.59 -6.44 35.53
CA SER D 274 -24.54 -5.88 36.51
C SER D 274 -24.87 -6.95 37.55
N THR D 275 -24.73 -6.63 38.84
CA THR D 275 -25.08 -7.52 39.96
C THR D 275 -25.88 -6.72 40.99
N MET D 276 -26.44 -7.41 41.96
CA MET D 276 -27.32 -6.84 42.99
C MET D 276 -26.44 -6.21 44.08
N VAL D 277 -26.47 -4.87 44.15
CA VAL D 277 -25.41 -4.08 44.84
C VAL D 277 -26.00 -3.45 46.09
N LYS D 278 -27.16 -3.91 46.55
CA LYS D 278 -27.69 -3.46 47.87
C LYS D 278 -26.59 -3.67 48.89
N GLY D 279 -26.30 -2.64 49.69
CA GLY D 279 -25.37 -2.73 50.83
C GLY D 279 -23.95 -2.50 50.43
N MET D 280 -23.71 -2.09 49.17
CA MET D 280 -22.39 -1.64 48.69
C MET D 280 -22.44 -0.14 48.40
N TYR D 281 -21.31 0.54 48.68
CA TYR D 281 -21.08 1.99 48.44
C TYR D 281 -22.29 2.77 48.94
N GLY D 282 -22.87 2.34 50.06
CA GLY D 282 -23.99 3.02 50.76
C GLY D 282 -25.30 2.91 50.01
N ILE D 283 -25.45 1.94 49.08
CA ILE D 283 -26.73 1.73 48.36
C ILE D 283 -27.67 0.93 49.28
N GLU D 284 -28.93 1.36 49.41
CA GLU D 284 -29.87 0.81 50.43
C GLU D 284 -30.98 -0.01 49.77
N ASN D 285 -31.14 0.09 48.43
CA ASN D 285 -32.24 -0.59 47.70
C ASN D 285 -31.68 -1.74 46.86
N GLU D 286 -32.55 -2.71 46.52
CA GLU D 286 -32.27 -3.84 45.61
C GLU D 286 -32.24 -3.29 44.17
N VAL D 287 -31.05 -2.92 43.73
CA VAL D 287 -30.76 -2.49 42.32
C VAL D 287 -29.55 -3.23 41.84
N PHE D 288 -29.45 -3.28 40.51
CA PHE D 288 -28.36 -3.90 39.73
C PHE D 288 -27.57 -2.78 39.06
N LEU D 289 -26.26 -2.79 39.34
CA LEU D 289 -25.28 -1.87 38.74
C LEU D 289 -24.04 -2.69 38.41
N SER D 290 -23.26 -2.20 37.46
CA SER D 290 -22.04 -2.87 37.01
C SER D 290 -20.89 -2.58 37.99
N LEU D 291 -20.22 -3.66 38.39
CA LEU D 291 -18.94 -3.62 39.13
C LEU D 291 -18.05 -4.72 38.53
N PRO D 292 -16.73 -4.75 38.86
CA PRO D 292 -15.87 -5.84 38.42
C PRO D 292 -16.27 -7.12 39.17
N CYS D 293 -16.78 -8.10 38.44
CA CYS D 293 -17.31 -9.37 38.99
C CYS D 293 -16.52 -10.58 38.44
N ILE D 294 -16.38 -11.58 39.28
CA ILE D 294 -15.73 -12.86 38.91
C ILE D 294 -16.78 -13.80 38.35
N LEU D 295 -16.54 -14.26 37.14
CA LEU D 295 -17.46 -15.18 36.44
C LEU D 295 -16.80 -16.56 36.31
N ASN D 296 -17.56 -17.60 36.61
CA ASN D 296 -17.11 -19.00 36.42
C ASN D 296 -18.33 -19.90 36.24
N ALA D 297 -18.18 -21.21 36.36
CA ALA D 297 -19.25 -22.18 36.04
C ALA D 297 -20.44 -22.02 37.02
N ARG D 298 -20.26 -21.41 38.19
CA ARG D 298 -21.37 -21.20 39.16
C ARG D 298 -22.16 -19.96 38.78
N GLY D 299 -21.58 -19.08 37.97
CA GLY D 299 -22.18 -17.80 37.59
C GLY D 299 -21.32 -16.67 38.09
N LEU D 300 -21.92 -15.72 38.76
CA LEU D 300 -21.22 -14.50 39.20
C LEU D 300 -20.96 -14.70 40.71
N THR D 301 -19.76 -15.18 41.09
CA THR D 301 -19.53 -15.70 42.47
C THR D 301 -18.92 -14.66 43.39
N SER D 302 -18.35 -13.58 42.86
CA SER D 302 -17.69 -12.53 43.68
C SER D 302 -17.73 -11.19 42.99
N VAL D 303 -17.47 -10.15 43.77
CA VAL D 303 -17.27 -8.75 43.28
C VAL D 303 -15.94 -8.28 43.84
N ILE D 304 -15.22 -7.50 43.04
CA ILE D 304 -14.01 -6.78 43.49
C ILE D 304 -14.41 -5.51 44.25
N ASN D 305 -13.95 -5.35 45.50
CA ASN D 305 -14.01 -4.06 46.24
C ASN D 305 -12.97 -3.08 45.69
N GLN D 306 -13.35 -1.85 45.45
CA GLN D 306 -12.42 -0.82 44.91
C GLN D 306 -12.35 0.35 45.88
N LYS D 307 -11.25 1.11 45.83
CA LYS D 307 -11.09 2.36 46.58
C LYS D 307 -11.60 3.49 45.67
N LEU D 308 -12.93 3.62 45.60
CA LEU D 308 -13.68 4.59 44.74
C LEU D 308 -13.71 5.95 45.44
N LYS D 309 -13.75 7.01 44.62
CA LYS D 309 -13.82 8.43 45.03
C LYS D 309 -15.26 8.77 45.43
N ASP D 310 -15.40 9.86 46.19
CA ASP D 310 -16.71 10.31 46.75
C ASP D 310 -17.71 10.59 45.63
N ASP D 311 -17.24 11.15 44.50
CA ASP D 311 -18.11 11.56 43.35
C ASP D 311 -18.56 10.32 42.57
N GLU D 312 -17.70 9.31 42.50
CA GLU D 312 -18.04 8.00 41.88
C GLU D 312 -19.12 7.32 42.71
N VAL D 313 -18.99 7.39 44.03
CA VAL D 313 -19.95 6.77 44.99
C VAL D 313 -21.29 7.52 44.91
N ALA D 314 -21.27 8.86 44.87
CA ALA D 314 -22.47 9.71 44.68
C ALA D 314 -23.21 9.27 43.41
N GLN D 315 -22.49 9.07 42.30
CA GLN D 315 -23.10 8.64 41.00
C GLN D 315 -23.77 7.27 41.14
N LEU D 316 -23.11 6.28 41.79
CA LEU D 316 -23.72 4.94 42.02
C LEU D 316 -25.00 5.10 42.85
N LYS D 317 -24.95 5.90 43.91
CA LYS D 317 -26.12 6.16 44.79
C LYS D 317 -27.28 6.77 43.96
N LYS D 318 -26.97 7.76 43.11
CA LYS D 318 -28.00 8.51 42.33
C LYS D 318 -28.65 7.57 41.31
N SER D 319 -27.82 6.77 40.63
CA SER D 319 -28.27 5.70 39.71
C SER D 319 -29.24 4.74 40.43
N ALA D 320 -28.81 4.31 41.63
CA ALA D 320 -29.60 3.41 42.50
C ALA D 320 -30.95 4.07 42.80
N ASP D 321 -30.95 5.35 43.21
CA ASP D 321 -32.19 6.12 43.49
C ASP D 321 -33.05 6.11 42.22
N THR D 322 -32.44 6.45 41.08
CA THR D 322 -33.10 6.51 39.74
C THR D 322 -33.77 5.17 39.42
N LEU D 323 -33.05 4.06 39.57
CA LEU D 323 -33.60 2.73 39.22
C LEU D 323 -34.68 2.35 40.25
N TRP D 324 -34.43 2.69 41.52
CA TRP D 324 -35.37 2.28 42.61
C TRP D 324 -36.67 3.07 42.45
N ASP D 325 -36.57 4.33 42.00
CA ASP D 325 -37.74 5.22 41.78
C ASP D 325 -38.73 4.54 40.84
N ILE D 326 -38.19 3.82 39.84
CA ILE D 326 -38.97 3.11 38.78
C ILE D 326 -39.48 1.79 39.34
N GLN D 327 -38.59 0.99 39.93
CA GLN D 327 -38.85 -0.42 40.32
C GLN D 327 -39.97 -0.48 41.36
N LYS D 328 -39.96 0.44 42.33
CA LYS D 328 -40.91 0.46 43.48
C LYS D 328 -42.37 0.52 42.99
N ASP D 329 -42.62 1.05 41.77
CA ASP D 329 -43.97 1.15 41.20
C ASP D 329 -44.25 0.05 40.17
N LEU D 330 -43.32 -0.90 39.96
CA LEU D 330 -43.59 -2.06 39.09
C LEU D 330 -44.52 -3.02 39.84
N LYS D 331 -45.53 -3.56 39.14
CA LYS D 331 -46.50 -4.56 39.68
C LYS D 331 -46.30 -5.91 38.97
N ASP D 332 -46.81 -6.97 39.61
CA ASP D 332 -46.79 -8.38 39.12
C ASP D 332 -45.36 -8.91 39.09
N LEU D 333 -44.52 -8.50 40.07
CA LEU D 333 -43.24 -9.18 40.42
C LEU D 333 -43.49 -10.04 41.66
N ALA E 1 33.87 17.91 -51.72
CA ALA E 1 32.53 17.29 -51.59
C ALA E 1 32.48 16.39 -50.34
N THR E 2 32.58 16.96 -49.14
CA THR E 2 32.39 16.24 -47.84
C THR E 2 30.89 16.00 -47.63
N LEU E 3 30.53 15.12 -46.72
CA LEU E 3 29.09 14.80 -46.50
C LEU E 3 28.40 16.07 -46.03
N LYS E 4 28.97 16.74 -45.04
CA LYS E 4 28.42 18.03 -44.55
C LYS E 4 28.20 18.97 -45.76
N GLU E 5 29.14 19.03 -46.72
CA GLU E 5 29.07 19.99 -47.88
C GLU E 5 27.94 19.58 -48.82
N LYS E 6 27.71 18.29 -48.96
CA LYS E 6 26.62 17.75 -49.81
C LYS E 6 25.26 18.01 -49.14
N LEU E 7 25.19 17.90 -47.82
CA LEU E 7 23.90 17.87 -47.08
C LEU E 7 23.44 19.29 -46.74
N ILE E 8 24.36 20.19 -46.40
CA ILE E 8 23.98 21.42 -45.66
C ILE E 8 24.42 22.64 -46.48
N ALA E 9 23.45 23.43 -46.95
CA ALA E 9 23.68 24.64 -47.76
C ALA E 9 23.67 25.84 -46.83
N PRO E 10 24.73 26.67 -46.81
CA PRO E 10 24.75 27.81 -45.91
C PRO E 10 23.77 28.89 -46.38
N VAL E 11 23.03 29.45 -45.43
CA VAL E 11 22.25 30.71 -45.60
C VAL E 11 23.12 31.84 -45.05
N ALA E 12 23.48 31.74 -43.77
CA ALA E 12 24.42 32.68 -43.09
C ALA E 12 25.85 32.25 -43.40
N GLU E 13 26.76 33.22 -43.48
CA GLU E 13 28.20 32.91 -43.48
C GLU E 13 28.57 32.29 -42.14
N GLU E 14 29.50 31.33 -42.11
CA GLU E 14 30.07 30.80 -40.84
C GLU E 14 30.80 31.93 -40.10
N GLU E 15 30.58 32.03 -38.80
CA GLU E 15 31.36 32.96 -37.93
C GLU E 15 31.27 32.51 -36.48
N ALA E 16 32.27 32.85 -35.69
CA ALA E 16 32.31 32.58 -34.23
C ALA E 16 31.05 33.17 -33.61
N THR E 17 30.57 32.55 -32.55
CA THR E 17 29.44 33.03 -31.72
C THR E 17 29.84 33.03 -30.24
N VAL E 18 29.29 33.94 -29.42
CA VAL E 18 29.47 33.94 -27.94
C VAL E 18 28.20 33.36 -27.35
N PRO E 19 28.29 32.41 -26.38
CA PRO E 19 27.09 31.87 -25.75
C PRO E 19 26.41 33.00 -24.96
N ASN E 20 25.10 32.90 -24.83
CA ASN E 20 24.25 33.88 -24.15
C ASN E 20 24.12 33.53 -22.66
N ASN E 21 24.20 32.24 -22.34
CA ASN E 21 23.97 31.73 -20.96
C ASN E 21 24.98 30.65 -20.62
N LYS E 22 26.27 30.95 -20.67
CA LYS E 22 27.31 29.96 -20.34
C LYS E 22 27.44 29.85 -18.83
N ILE E 23 27.56 28.62 -18.36
CA ILE E 23 27.79 28.30 -16.92
C ILE E 23 29.04 27.43 -16.86
N THR E 24 29.92 27.74 -15.90
CA THR E 24 31.08 26.91 -15.58
C THR E 24 30.83 26.27 -14.21
N VAL E 25 31.16 25.01 -14.08
CA VAL E 25 31.29 24.32 -12.76
C VAL E 25 32.76 23.97 -12.56
N VAL E 26 33.37 24.48 -11.50
CA VAL E 26 34.77 24.22 -11.13
C VAL E 26 34.74 23.17 -10.03
N GLY E 27 35.36 22.01 -10.26
CA GLY E 27 35.27 20.85 -9.37
C GLY E 27 34.23 19.89 -9.88
N VAL E 28 34.63 18.72 -10.39
CA VAL E 28 33.65 17.75 -10.95
C VAL E 28 33.63 16.55 -10.00
N GLY E 29 33.54 16.80 -8.69
CA GLY E 29 33.35 15.72 -7.70
C GLY E 29 31.86 15.41 -7.55
N GLN E 30 31.46 14.93 -6.37
CA GLN E 30 30.05 14.57 -6.09
C GLN E 30 29.15 15.78 -6.27
N VAL E 31 29.54 16.92 -5.71
CA VAL E 31 28.68 18.15 -5.71
C VAL E 31 28.72 18.76 -7.12
N GLY E 32 29.93 18.94 -7.68
CA GLY E 32 30.05 19.53 -9.03
C GLY E 32 29.15 18.81 -10.02
N MET E 33 29.16 17.49 -10.01
CA MET E 33 28.39 16.75 -11.05
C MET E 33 26.89 16.82 -10.72
N ALA E 34 26.50 16.86 -9.43
CA ALA E 34 25.06 17.06 -9.05
C ALA E 34 24.61 18.41 -9.56
N CYS E 35 25.46 19.44 -9.41
CA CYS E 35 25.17 20.78 -9.95
C CYS E 35 25.04 20.71 -11.48
N ALA E 36 25.97 20.04 -12.14
CA ALA E 36 26.02 20.00 -13.62
C ALA E 36 24.77 19.30 -14.14
N ILE E 37 24.39 18.17 -13.55
CA ILE E 37 23.23 17.39 -14.09
C ILE E 37 21.95 18.21 -13.84
N SER E 38 21.88 18.95 -12.72
CA SER E 38 20.69 19.77 -12.37
C SER E 38 20.57 20.97 -13.34
N ILE E 39 21.70 21.61 -13.63
CA ILE E 39 21.78 22.74 -14.59
C ILE E 39 21.31 22.25 -15.96
N LEU E 40 21.82 21.10 -16.40
CA LEU E 40 21.48 20.54 -17.74
C LEU E 40 20.00 20.12 -17.77
N GLY E 41 19.49 19.51 -16.69
CA GLY E 41 18.10 19.03 -16.61
C GLY E 41 17.10 20.15 -16.75
N LYS E 42 17.44 21.33 -16.24
CA LYS E 42 16.57 22.52 -16.30
C LYS E 42 16.86 23.37 -17.54
N SER E 43 17.73 22.92 -18.43
CA SER E 43 18.10 23.61 -19.70
C SER E 43 18.63 25.01 -19.38
N LEU E 44 19.42 25.19 -18.33
CA LEU E 44 19.76 26.57 -17.91
C LEU E 44 20.95 27.10 -18.71
N ALA E 45 21.71 26.24 -19.37
CA ALA E 45 23.01 26.59 -19.98
C ALA E 45 22.94 26.37 -21.49
N ASP E 46 23.31 27.34 -22.32
CA ASP E 46 23.56 27.06 -23.75
C ASP E 46 25.01 26.55 -23.95
N GLU E 47 25.89 26.72 -22.97
CA GLU E 47 27.27 26.16 -22.97
C GLU E 47 27.55 25.81 -21.51
N LEU E 48 28.07 24.61 -21.27
CA LEU E 48 28.54 24.20 -19.93
C LEU E 48 30.01 23.91 -20.03
N ALA E 49 30.83 24.56 -19.21
CA ALA E 49 32.26 24.25 -19.07
C ALA E 49 32.54 23.61 -17.71
N LEU E 50 33.39 22.57 -17.67
CA LEU E 50 33.83 21.85 -16.44
C LEU E 50 35.34 22.05 -16.30
N VAL E 51 35.78 22.26 -15.07
CA VAL E 51 37.22 22.40 -14.74
C VAL E 51 37.50 21.54 -13.51
N ASP E 52 38.65 20.91 -13.51
CA ASP E 52 39.14 20.11 -12.35
C ASP E 52 40.64 19.98 -12.52
N VAL E 53 41.35 19.42 -11.55
CA VAL E 53 42.79 19.12 -11.70
C VAL E 53 42.94 17.64 -12.09
N LEU E 54 41.90 16.83 -11.90
CA LEU E 54 41.90 15.38 -12.31
C LEU E 54 41.52 15.30 -13.81
N GLU E 55 42.51 15.42 -14.69
CA GLU E 55 42.29 15.54 -16.15
C GLU E 55 41.54 14.32 -16.71
N ASP E 56 41.80 13.13 -16.18
CA ASP E 56 41.12 11.91 -16.68
C ASP E 56 39.66 11.87 -16.23
N LYS E 57 39.36 11.97 -14.93
CA LYS E 57 37.96 12.10 -14.46
C LYS E 57 37.23 13.22 -15.26
N LEU E 58 37.86 14.38 -15.39
CA LEU E 58 37.27 15.59 -16.03
C LEU E 58 36.82 15.24 -17.45
N LYS E 59 37.68 14.58 -18.20
CA LYS E 59 37.37 14.18 -19.59
C LYS E 59 36.23 13.15 -19.58
N GLY E 60 36.26 12.19 -18.67
CA GLY E 60 35.20 11.17 -18.59
C GLY E 60 33.85 11.80 -18.30
N GLU E 61 33.81 12.77 -17.39
CA GLU E 61 32.56 13.42 -16.97
C GLU E 61 32.02 14.18 -18.18
N MET E 62 32.89 14.92 -18.87
CA MET E 62 32.49 15.69 -20.06
C MET E 62 31.87 14.74 -21.10
N MET E 63 32.54 13.63 -21.38
CA MET E 63 32.11 12.64 -22.40
C MET E 63 30.78 12.03 -21.95
N ASP E 64 30.64 11.70 -20.66
CA ASP E 64 29.39 11.05 -20.17
C ASP E 64 28.21 12.03 -20.41
N LEU E 65 28.37 13.29 -20.04
CA LEU E 65 27.30 14.29 -20.22
C LEU E 65 27.05 14.46 -21.72
N GLN E 66 28.10 14.51 -22.54
CA GLN E 66 27.93 14.64 -24.01
C GLN E 66 27.10 13.49 -24.59
N HIS E 67 27.31 12.29 -24.10
CA HIS E 67 26.59 11.09 -24.60
C HIS E 67 25.10 11.23 -24.27
N GLY E 68 24.75 12.08 -23.31
CA GLY E 68 23.36 12.35 -22.92
C GLY E 68 22.70 13.48 -23.71
N SER E 69 23.40 14.11 -24.66
CA SER E 69 23.02 15.33 -25.42
C SER E 69 21.65 15.19 -26.07
N LEU E 70 21.35 14.02 -26.60
CA LEU E 70 20.05 13.76 -27.26
C LEU E 70 18.91 14.14 -26.31
N PHE E 71 19.10 13.95 -25.00
CA PHE E 71 18.05 14.12 -23.96
C PHE E 71 18.08 15.53 -23.38
N LEU E 72 19.00 16.40 -23.82
CA LEU E 72 19.24 17.72 -23.20
C LEU E 72 19.01 18.85 -24.23
N GLN E 73 19.21 20.08 -23.80
CA GLN E 73 19.09 21.33 -24.60
C GLN E 73 20.31 22.20 -24.31
N THR E 74 21.49 21.60 -24.30
CA THR E 74 22.79 22.27 -24.10
C THR E 74 23.69 21.87 -25.26
N PRO E 75 23.83 22.71 -26.31
CA PRO E 75 24.57 22.33 -27.52
C PRO E 75 26.10 22.28 -27.41
N LYS E 76 26.66 22.81 -26.32
CA LYS E 76 28.13 22.85 -26.16
C LYS E 76 28.48 22.49 -24.70
N ILE E 77 29.12 21.34 -24.52
CA ILE E 77 29.71 20.88 -23.24
C ILE E 77 31.21 20.72 -23.48
N VAL E 78 32.03 21.43 -22.70
CA VAL E 78 33.51 21.46 -22.81
C VAL E 78 34.12 21.34 -21.41
N ALA E 79 35.37 20.93 -21.37
CA ALA E 79 36.05 20.62 -20.09
C ALA E 79 37.56 20.68 -20.36
N ASP E 80 38.29 21.27 -19.43
CA ASP E 80 39.75 21.41 -19.53
C ASP E 80 40.28 21.81 -18.15
N LYS E 81 41.53 21.44 -17.84
CA LYS E 81 42.15 21.97 -16.61
C LYS E 81 42.49 23.46 -16.81
N ASP E 82 42.63 23.89 -18.08
CA ASP E 82 43.00 25.28 -18.45
C ASP E 82 41.75 26.16 -18.36
N TYR E 83 41.80 27.30 -17.67
CA TYR E 83 40.59 28.17 -17.50
C TYR E 83 40.21 28.91 -18.78
N SER E 84 41.00 28.83 -19.86
CA SER E 84 40.56 29.38 -21.16
C SER E 84 39.19 28.76 -21.54
N VAL E 85 38.92 27.52 -21.11
CA VAL E 85 37.69 26.78 -21.45
C VAL E 85 36.47 27.48 -20.84
N THR E 86 36.69 28.33 -19.84
CA THR E 86 35.61 28.96 -19.04
C THR E 86 35.25 30.35 -19.55
N ALA E 87 35.89 30.81 -20.62
CA ALA E 87 35.75 32.21 -21.12
C ALA E 87 34.28 32.59 -21.31
N ASN E 88 33.92 33.79 -20.88
CA ASN E 88 32.58 34.40 -21.14
C ASN E 88 31.46 33.67 -20.43
N SER E 89 31.74 33.11 -19.25
CA SER E 89 30.70 32.47 -18.41
C SER E 89 29.84 33.58 -17.78
N LYS E 90 28.53 33.42 -17.75
CA LYS E 90 27.62 34.33 -17.01
C LYS E 90 27.69 34.00 -15.52
N ILE E 91 27.78 32.70 -15.21
CA ILE E 91 27.77 32.18 -13.82
C ILE E 91 28.86 31.11 -13.71
N VAL E 92 29.64 31.19 -12.62
CA VAL E 92 30.68 30.19 -12.32
C VAL E 92 30.34 29.63 -10.95
N VAL E 93 30.17 28.32 -10.90
CA VAL E 93 29.86 27.61 -9.63
C VAL E 93 31.18 27.02 -9.16
N VAL E 94 31.59 27.32 -7.92
CA VAL E 94 32.85 26.76 -7.37
C VAL E 94 32.52 25.68 -6.34
N THR E 95 32.82 24.43 -6.68
CA THR E 95 32.63 23.26 -5.79
C THR E 95 33.96 22.57 -5.49
N ALA E 96 35.08 23.17 -5.85
CA ALA E 96 36.39 22.51 -5.87
C ALA E 96 36.98 22.49 -4.47
N GLY E 97 37.80 21.47 -4.20
CA GLY E 97 38.63 21.39 -2.99
C GLY E 97 38.42 20.05 -2.35
N VAL E 98 38.35 20.01 -1.03
CA VAL E 98 38.10 18.75 -0.30
C VAL E 98 36.96 19.01 0.67
N ARG E 99 36.21 17.97 0.95
CA ARG E 99 35.21 17.94 2.03
C ARG E 99 35.93 17.92 3.37
N GLN E 100 35.20 18.22 4.43
CA GLN E 100 35.72 17.95 5.78
C GLN E 100 35.92 16.43 5.92
N GLN E 101 36.87 16.03 6.72
CA GLN E 101 37.18 14.62 7.04
C GLN E 101 37.11 14.42 8.55
N GLU E 102 36.60 13.26 9.00
CA GLU E 102 36.49 12.93 10.43
C GLU E 102 37.89 13.10 11.02
N GLY E 103 38.01 13.76 12.18
CA GLY E 103 39.31 13.95 12.85
C GLY E 103 40.01 15.24 12.50
N GLU E 104 39.56 15.98 11.48
CA GLU E 104 40.21 17.24 11.03
C GLU E 104 39.42 18.47 11.54
N SER E 105 40.12 19.57 11.80
CA SER E 105 39.56 20.80 12.43
C SER E 105 38.95 21.70 11.36
N ARG E 106 38.11 22.64 11.79
CA ARG E 106 37.51 23.65 10.88
C ARG E 106 38.66 24.49 10.28
N LEU E 107 39.60 24.90 11.11
CA LEU E 107 40.79 25.69 10.66
C LEU E 107 41.52 24.92 9.55
N ASN E 108 41.71 23.61 9.73
CA ASN E 108 42.40 22.75 8.74
C ASN E 108 41.65 22.81 7.41
N LEU E 109 40.32 22.76 7.43
CA LEU E 109 39.55 22.75 6.16
C LEU E 109 39.69 24.10 5.45
N VAL E 110 39.68 25.18 6.22
CA VAL E 110 39.92 26.55 5.71
C VAL E 110 41.28 26.57 5.00
N GLN E 111 42.33 26.05 5.65
CA GLN E 111 43.68 26.17 5.07
C GLN E 111 43.71 25.35 3.79
N ARG E 112 43.11 24.14 3.80
CA ARG E 112 43.19 23.26 2.61
C ARG E 112 42.48 23.95 1.44
N ASN E 113 41.29 24.49 1.68
CA ASN E 113 40.47 25.02 0.56
C ASN E 113 40.90 26.43 0.15
N VAL E 114 41.41 27.24 1.09
CA VAL E 114 41.94 28.57 0.72
C VAL E 114 43.14 28.38 -0.24
N ASN E 115 43.96 27.35 0.03
CA ASN E 115 45.15 27.00 -0.80
C ASN E 115 44.67 26.78 -2.24
N VAL E 116 43.55 26.07 -2.42
CA VAL E 116 42.90 25.79 -3.72
C VAL E 116 42.35 27.10 -4.32
N PHE E 117 41.59 27.86 -3.57
CA PHE E 117 40.91 29.08 -4.09
C PHE E 117 41.91 30.16 -4.53
N LYS E 118 43.08 30.24 -3.91
CA LYS E 118 44.11 31.25 -4.29
C LYS E 118 44.54 31.05 -5.74
N PHE E 119 44.49 29.81 -6.25
CA PHE E 119 44.82 29.55 -7.67
C PHE E 119 43.56 29.74 -8.53
N ILE E 120 42.41 29.22 -8.09
CA ILE E 120 41.18 29.12 -8.94
C ILE E 120 40.59 30.51 -9.18
N ILE E 121 40.36 31.30 -8.14
CA ILE E 121 39.50 32.51 -8.29
C ILE E 121 40.12 33.51 -9.26
N PRO E 122 41.44 33.80 -9.20
CA PRO E 122 42.03 34.74 -10.16
C PRO E 122 41.86 34.26 -11.61
N GLN E 123 41.94 32.95 -11.84
CA GLN E 123 41.80 32.35 -13.20
C GLN E 123 40.35 32.54 -13.67
N ILE E 124 39.35 32.30 -12.81
CA ILE E 124 37.91 32.52 -13.17
C ILE E 124 37.74 33.94 -13.68
N VAL E 125 38.14 34.95 -12.89
CA VAL E 125 37.83 36.36 -13.31
C VAL E 125 38.72 36.81 -14.48
N LYS E 126 39.90 36.20 -14.70
CA LYS E 126 40.75 36.47 -15.89
C LYS E 126 39.96 36.18 -17.18
N TYR E 127 39.25 35.05 -17.23
CA TYR E 127 38.56 34.58 -18.45
C TYR E 127 37.09 35.03 -18.49
N SER E 128 36.45 35.32 -17.34
CA SER E 128 35.05 35.80 -17.30
C SER E 128 34.98 37.02 -16.37
N PRO E 129 35.53 38.17 -16.79
CA PRO E 129 35.61 39.34 -15.92
C PRO E 129 34.22 39.86 -15.46
N ASP E 130 33.17 39.48 -16.17
CA ASP E 130 31.78 39.98 -15.95
C ASP E 130 30.93 38.91 -15.25
N CYS E 131 31.48 37.77 -14.81
CA CYS E 131 30.61 36.67 -14.28
C CYS E 131 30.07 37.02 -12.88
N ILE E 132 29.07 36.24 -12.47
CA ILE E 132 28.60 36.02 -11.07
C ILE E 132 29.23 34.71 -10.59
N ILE E 133 29.75 34.70 -9.37
CA ILE E 133 30.33 33.46 -8.79
C ILE E 133 29.39 33.03 -7.66
N ILE E 134 29.04 31.77 -7.70
CA ILE E 134 28.31 31.06 -6.62
C ILE E 134 29.34 30.17 -5.94
N VAL E 135 29.55 30.39 -4.65
CA VAL E 135 30.57 29.63 -3.90
C VAL E 135 29.84 28.52 -3.15
N VAL E 136 30.27 27.27 -3.33
CA VAL E 136 29.63 26.11 -2.66
C VAL E 136 30.61 25.42 -1.70
N SER E 137 31.90 25.34 -2.04
CA SER E 137 32.98 24.71 -1.23
C SER E 137 32.94 25.21 0.24
N ASN E 138 33.22 24.31 1.19
CA ASN E 138 33.18 24.64 2.64
C ASN E 138 34.55 24.99 3.18
N PRO E 139 34.64 25.76 4.29
CA PRO E 139 33.46 26.31 4.98
C PRO E 139 32.93 27.49 4.15
N VAL E 140 31.69 27.36 3.70
CA VAL E 140 31.19 28.21 2.59
C VAL E 140 31.25 29.72 2.94
N ASP E 141 30.96 30.15 4.17
CA ASP E 141 30.94 31.61 4.47
C ASP E 141 32.38 32.14 4.41
N ILE E 142 33.33 31.38 4.92
CA ILE E 142 34.76 31.82 4.83
C ILE E 142 35.19 31.84 3.37
N LEU E 143 34.88 30.79 2.61
CA LEU E 143 35.37 30.70 1.21
C LEU E 143 34.66 31.74 0.34
N THR E 144 33.50 32.21 0.75
CA THR E 144 32.80 33.26 0.00
C THR E 144 33.57 34.55 0.20
N TYR E 145 33.91 34.90 1.42
CA TYR E 145 34.77 36.07 1.72
C TYR E 145 36.06 35.99 0.89
N VAL E 146 36.73 34.84 0.90
CA VAL E 146 38.03 34.64 0.18
C VAL E 146 37.82 34.89 -1.31
N THR E 147 36.76 34.35 -1.91
CA THR E 147 36.35 34.57 -3.32
C THR E 147 36.19 36.07 -3.58
N TRP E 148 35.44 36.75 -2.73
CA TRP E 148 35.17 38.19 -2.94
C TRP E 148 36.50 38.97 -2.93
N LYS E 149 37.41 38.64 -2.02
CA LYS E 149 38.71 39.34 -1.91
C LYS E 149 39.57 39.02 -3.15
N LEU E 150 39.67 37.74 -3.50
CA LEU E 150 40.58 37.33 -4.59
C LEU E 150 40.03 37.85 -5.93
N SER E 151 38.71 37.88 -6.11
CA SER E 151 38.04 38.15 -7.41
C SER E 151 38.10 39.65 -7.73
N GLY E 152 38.10 40.48 -6.70
CA GLY E 152 37.88 41.93 -6.83
C GLY E 152 36.49 42.31 -7.33
N LEU E 153 35.53 41.38 -7.33
CA LEU E 153 34.19 41.66 -7.87
C LEU E 153 33.39 42.46 -6.85
N PRO E 154 32.37 43.23 -7.29
CA PRO E 154 31.45 43.89 -6.38
C PRO E 154 30.60 42.85 -5.63
N LYS E 155 30.05 43.24 -4.48
CA LYS E 155 29.41 42.24 -3.57
C LYS E 155 28.17 41.59 -4.20
N HIS E 156 27.48 42.25 -5.14
CA HIS E 156 26.28 41.69 -5.81
C HIS E 156 26.62 40.58 -6.80
N ARG E 157 27.90 40.37 -7.11
CA ARG E 157 28.34 39.30 -8.05
C ARG E 157 29.04 38.15 -7.31
N VAL E 158 29.10 38.13 -5.98
CA VAL E 158 29.69 36.99 -5.23
C VAL E 158 28.62 36.50 -4.25
N ILE E 159 28.19 35.26 -4.41
CA ILE E 159 27.05 34.67 -3.66
C ILE E 159 27.50 33.37 -3.03
N GLY E 160 27.38 33.26 -1.70
CA GLY E 160 27.64 32.02 -0.97
C GLY E 160 26.38 31.20 -0.96
N SER E 161 26.48 29.90 -1.25
CA SER E 161 25.32 28.98 -1.13
C SER E 161 24.68 29.15 0.26
N GLY E 162 25.51 29.33 1.29
CA GLY E 162 25.11 29.68 2.67
C GLY E 162 24.00 28.78 3.23
N CYS E 163 22.91 29.38 3.68
CA CYS E 163 21.78 28.71 4.36
C CYS E 163 20.66 28.36 3.38
N ASN E 164 20.93 28.40 2.07
CA ASN E 164 19.92 28.06 1.06
C ASN E 164 19.50 26.59 1.28
N LEU E 165 20.47 25.72 1.44
CA LEU E 165 20.21 24.27 1.68
C LEU E 165 19.64 24.05 3.09
N ASP E 166 20.12 24.78 4.09
CA ASP E 166 19.64 24.66 5.49
C ASP E 166 18.15 24.99 5.49
N SER E 167 17.75 26.05 4.78
CA SER E 167 16.34 26.47 4.74
C SER E 167 15.50 25.42 4.01
N ALA E 168 16.02 24.84 2.92
CA ALA E 168 15.31 23.76 2.19
C ALA E 168 15.11 22.57 3.15
N ARG E 169 16.13 22.19 3.92
CA ARG E 169 16.02 21.06 4.88
C ARG E 169 14.95 21.42 5.92
N PHE E 170 14.97 22.66 6.40
CA PHE E 170 14.03 23.11 7.46
C PHE E 170 12.60 22.96 6.96
N ARG E 171 12.36 23.41 5.74
CA ARG E 171 11.02 23.36 5.11
C ARG E 171 10.60 21.90 4.86
N TYR E 172 11.53 21.03 4.48
CA TYR E 172 11.26 19.56 4.40
C TYR E 172 10.82 19.01 5.77
N LEU E 173 11.53 19.37 6.83
CA LEU E 173 11.26 18.79 8.18
C LEU E 173 9.92 19.29 8.70
N MET E 174 9.59 20.55 8.40
CA MET E 174 8.29 21.18 8.73
C MET E 174 7.17 20.48 7.94
N ALA E 175 7.39 20.24 6.65
CA ALA E 175 6.44 19.59 5.74
C ALA E 175 6.15 18.17 6.24
N GLU E 176 7.18 17.46 6.66
CA GLU E 176 7.05 16.08 7.22
C GLU E 176 6.19 16.14 8.49
N LYS E 177 6.36 17.13 9.37
CA LYS E 177 5.54 17.25 10.63
C LYS E 177 4.06 17.46 10.28
N LEU E 178 3.79 18.22 9.22
CA LEU E 178 2.42 18.72 8.91
C LEU E 178 1.75 17.94 7.78
N GLY E 179 2.46 17.10 7.02
CA GLY E 179 1.90 16.36 5.87
C GLY E 179 1.53 17.26 4.69
N ILE E 180 2.30 18.33 4.44
CA ILE E 180 2.05 19.30 3.33
C ILE E 180 3.35 19.48 2.54
N HIS E 181 3.24 19.98 1.31
CA HIS E 181 4.41 20.17 0.44
C HIS E 181 5.35 21.19 1.08
N PRO E 182 6.68 21.00 1.02
CA PRO E 182 7.60 21.98 1.61
C PRO E 182 7.39 23.38 1.02
N SER E 183 6.93 23.49 -0.23
CA SER E 183 6.65 24.81 -0.87
C SER E 183 5.49 25.55 -0.18
N SER E 184 4.64 24.85 0.59
CA SER E 184 3.53 25.46 1.37
C SER E 184 3.93 25.70 2.83
N CYS E 185 5.14 25.31 3.23
CA CYS E 185 5.73 25.57 4.57
C CYS E 185 6.72 26.72 4.41
N HIS E 186 6.64 27.73 5.24
CA HIS E 186 7.52 28.91 5.13
C HIS E 186 8.36 29.07 6.38
N GLY E 187 9.64 29.32 6.19
CA GLY E 187 10.53 29.52 7.33
C GLY E 187 11.95 29.69 6.89
N TRP E 188 12.70 30.48 7.66
CA TRP E 188 14.01 31.00 7.20
C TRP E 188 15.07 30.55 8.21
N ILE E 189 16.05 29.79 7.74
CA ILE E 189 17.33 29.57 8.49
C ILE E 189 18.34 30.56 7.93
N LEU E 190 18.96 31.36 8.79
CA LEU E 190 19.83 32.48 8.36
C LEU E 190 21.16 32.39 9.14
N GLY E 191 22.13 33.23 8.78
CA GLY E 191 23.42 33.37 9.49
C GLY E 191 24.47 32.44 8.91
N GLU E 192 25.21 31.74 9.76
CA GLU E 192 26.23 30.76 9.32
C GLU E 192 25.55 29.47 8.87
N HIS E 193 25.97 28.93 7.72
CA HIS E 193 25.63 27.56 7.26
C HIS E 193 26.05 26.57 8.35
N GLY E 194 25.20 25.58 8.65
CA GLY E 194 25.55 24.49 9.61
C GLY E 194 25.26 24.82 11.06
N ASP E 195 26.24 24.57 11.95
CA ASP E 195 26.06 24.41 13.42
C ASP E 195 25.43 25.65 14.05
N SER E 196 25.81 26.84 13.63
CA SER E 196 25.52 28.07 14.41
C SER E 196 24.40 28.87 13.74
N SER E 197 23.63 28.25 12.85
CA SER E 197 22.57 28.94 12.09
C SER E 197 21.47 29.43 13.03
N VAL E 198 20.68 30.38 12.54
CA VAL E 198 19.60 31.07 13.28
C VAL E 198 18.28 30.66 12.65
N ALA E 199 17.38 30.09 13.44
CA ALA E 199 16.02 29.79 12.95
C ALA E 199 15.13 30.97 13.32
N VAL E 200 14.57 31.68 12.36
CA VAL E 200 13.79 32.92 12.64
C VAL E 200 12.36 32.50 12.94
N TRP E 201 12.07 32.17 14.20
CA TRP E 201 10.76 31.53 14.56
C TRP E 201 9.57 32.42 14.19
N SER E 202 9.71 33.74 14.31
CA SER E 202 8.58 34.70 14.10
C SER E 202 8.10 34.61 12.65
N GLY E 203 8.92 34.13 11.72
CA GLY E 203 8.55 34.07 10.29
C GLY E 203 7.98 32.72 9.87
N VAL E 204 8.04 31.71 10.75
CA VAL E 204 7.62 30.33 10.39
C VAL E 204 6.10 30.33 10.30
N ASN E 205 5.57 29.95 9.15
CA ASN E 205 4.11 30.06 8.93
C ASN E 205 3.65 29.12 7.81
N VAL E 206 2.37 28.81 7.86
CA VAL E 206 1.61 28.07 6.80
C VAL E 206 0.40 28.92 6.43
N ALA E 207 0.29 29.27 5.15
CA ALA E 207 -0.80 30.15 4.62
C ALA E 207 -0.91 31.45 5.42
N GLY E 208 0.22 31.99 5.87
CA GLY E 208 0.26 33.27 6.62
C GLY E 208 -0.12 33.13 8.08
N VAL E 209 -0.37 31.90 8.57
CA VAL E 209 -0.64 31.59 10.00
C VAL E 209 0.72 31.41 10.70
N SER E 210 1.06 32.38 11.54
CA SER E 210 2.28 32.37 12.38
C SER E 210 2.19 31.18 13.36
N LEU E 211 3.08 30.22 13.24
CA LEU E 211 3.09 29.07 14.17
C LEU E 211 3.48 29.57 15.58
N GLN E 212 4.28 30.63 15.68
CA GLN E 212 4.69 31.20 16.99
C GLN E 212 3.51 31.90 17.69
N GLU E 213 2.58 32.47 16.93
CA GLU E 213 1.32 32.99 17.52
C GLU E 213 0.51 31.82 18.11
N LEU E 214 0.47 30.64 17.46
CA LEU E 214 -0.24 29.44 17.97
C LEU E 214 0.50 28.92 19.20
N ASN E 215 1.83 28.87 19.18
CA ASN E 215 2.69 28.38 20.29
C ASN E 215 3.75 29.44 20.60
N PRO E 216 3.42 30.36 21.53
CA PRO E 216 4.33 31.41 21.99
C PRO E 216 5.70 30.91 22.49
N GLU E 217 5.77 29.64 22.93
CA GLU E 217 6.99 28.99 23.47
C GLU E 217 7.87 28.42 22.35
N MET E 218 7.45 28.54 21.09
CA MET E 218 8.18 27.97 19.93
C MET E 218 9.66 28.36 19.98
N GLY E 219 10.58 27.37 19.99
CA GLY E 219 12.03 27.59 19.94
C GLY E 219 12.68 27.81 21.31
N THR E 220 11.91 27.78 22.39
CA THR E 220 12.44 27.94 23.78
C THR E 220 12.72 26.55 24.37
N ASP E 221 13.33 26.53 25.57
CA ASP E 221 13.68 25.28 26.28
C ASP E 221 12.50 24.88 27.19
N ASN E 222 11.30 25.38 26.92
CA ASN E 222 10.04 24.94 27.59
C ASN E 222 8.88 24.98 26.59
N ASP E 223 8.99 24.17 25.54
CA ASP E 223 8.12 24.16 24.34
C ASP E 223 7.70 22.71 24.06
N SER E 224 6.39 22.42 24.07
CA SER E 224 5.82 21.05 23.95
C SER E 224 6.05 20.51 22.53
N GLU E 225 6.07 21.37 21.52
CA GLU E 225 6.31 20.98 20.10
C GLU E 225 7.82 20.80 19.83
N ASN E 226 8.68 21.10 20.83
CA ASN E 226 10.18 21.05 20.79
C ASN E 226 10.69 21.45 19.40
N TRP E 227 10.35 22.65 18.96
CA TRP E 227 10.82 23.20 17.65
C TRP E 227 12.34 23.32 17.67
N LYS E 228 12.94 23.58 18.83
CA LYS E 228 14.42 23.63 18.96
C LYS E 228 15.00 22.39 18.27
N GLU E 229 14.37 21.23 18.49
CA GLU E 229 14.84 19.91 17.99
C GLU E 229 14.74 19.86 16.46
N VAL E 230 13.77 20.55 15.87
CA VAL E 230 13.65 20.61 14.39
C VAL E 230 14.87 21.40 13.87
N HIS E 231 15.22 22.52 14.50
CA HIS E 231 16.43 23.31 14.12
C HIS E 231 17.69 22.44 14.30
N LYS E 232 17.78 21.70 15.41
CA LYS E 232 18.94 20.81 15.64
C LYS E 232 19.00 19.81 14.49
N MET E 233 17.85 19.31 14.01
CA MET E 233 17.81 18.24 12.99
C MET E 233 18.21 18.81 11.63
N VAL E 234 18.02 20.12 11.41
CA VAL E 234 18.53 20.80 10.19
C VAL E 234 20.04 20.51 10.10
N VAL E 235 20.74 20.68 11.21
CA VAL E 235 22.22 20.53 11.34
C VAL E 235 22.53 19.02 11.30
N GLU E 236 21.90 18.26 12.19
CA GLU E 236 22.24 16.85 12.45
C GLU E 236 21.88 15.98 11.23
N SER E 237 20.80 16.27 10.49
CA SER E 237 20.40 15.44 9.33
C SER E 237 21.52 15.44 8.28
N ALA E 238 22.24 16.57 8.13
CA ALA E 238 23.35 16.70 7.16
C ALA E 238 24.49 15.76 7.59
N TYR E 239 24.84 15.83 8.87
CA TYR E 239 25.88 14.97 9.47
C TYR E 239 25.50 13.51 9.27
N GLU E 240 24.23 13.17 9.44
CA GLU E 240 23.78 11.76 9.32
C GLU E 240 23.99 11.33 7.86
N VAL E 241 23.58 12.13 6.90
CA VAL E 241 23.76 11.78 5.46
C VAL E 241 25.26 11.57 5.18
N ILE E 242 26.12 12.45 5.66
CA ILE E 242 27.60 12.31 5.51
C ILE E 242 28.08 10.98 6.11
N LYS E 243 27.65 10.63 7.32
CA LYS E 243 28.07 9.37 7.95
C LYS E 243 27.59 8.21 7.09
N LEU E 244 26.37 8.29 6.54
CA LEU E 244 25.69 7.13 5.89
C LEU E 244 26.26 6.92 4.49
N LYS E 245 26.38 7.95 3.67
CA LYS E 245 26.76 7.74 2.23
C LYS E 245 28.12 8.42 1.94
N GLY E 246 28.69 9.15 2.90
CA GLY E 246 30.05 9.73 2.82
C GLY E 246 30.08 11.22 2.55
N TYR E 247 29.01 11.80 2.03
CA TYR E 247 28.94 13.20 1.56
C TYR E 247 27.47 13.54 1.31
N THR E 248 27.14 14.79 1.03
CA THR E 248 25.82 15.19 0.51
C THR E 248 26.04 15.80 -0.88
N ASN E 249 25.13 15.57 -1.80
CA ASN E 249 25.29 16.22 -3.14
C ASN E 249 23.96 16.51 -3.84
N TRP E 250 22.95 15.66 -3.70
CA TRP E 250 21.73 15.84 -4.53
C TRP E 250 20.98 17.10 -4.14
N ALA E 251 20.71 17.30 -2.85
CA ALA E 251 19.93 18.49 -2.42
C ALA E 251 20.72 19.76 -2.78
N ILE E 252 22.03 19.80 -2.55
CA ILE E 252 22.82 21.03 -2.86
C ILE E 252 22.77 21.27 -4.36
N GLY E 253 22.89 20.23 -5.21
CA GLY E 253 22.85 20.38 -6.66
C GLY E 253 21.54 21.01 -7.12
N LEU E 254 20.42 20.52 -6.56
CA LEU E 254 19.08 21.08 -6.86
C LEU E 254 19.00 22.52 -6.39
N SER E 255 19.53 22.82 -5.23
CA SER E 255 19.42 24.19 -4.67
C SER E 255 20.20 25.16 -5.56
N VAL E 256 21.41 24.78 -5.96
CA VAL E 256 22.26 25.66 -6.81
C VAL E 256 21.54 25.93 -8.14
N ALA E 257 21.00 24.90 -8.80
CA ALA E 257 20.23 25.05 -10.06
C ALA E 257 19.02 26.00 -9.86
N ASP E 258 18.37 25.96 -8.69
CA ASP E 258 17.25 26.90 -8.37
C ASP E 258 17.76 28.37 -8.32
N LEU E 259 18.90 28.62 -7.67
CA LEU E 259 19.52 29.97 -7.62
C LEU E 259 19.76 30.42 -9.09
N ILE E 260 20.38 29.56 -9.88
CA ILE E 260 20.79 29.94 -11.27
C ILE E 260 19.55 30.28 -12.06
N GLU E 261 18.45 29.55 -11.84
CA GLU E 261 17.14 29.81 -12.51
C GLU E 261 16.68 31.21 -12.19
N SER E 262 16.68 31.59 -10.91
CA SER E 262 16.27 32.94 -10.49
C SER E 262 17.10 33.99 -11.23
N MET E 263 18.41 33.78 -11.38
CA MET E 263 19.28 34.81 -11.99
C MET E 263 19.08 34.80 -13.52
N LEU E 264 19.18 33.66 -14.18
CA LEU E 264 19.15 33.66 -15.67
C LEU E 264 17.79 34.04 -16.21
N LYS E 265 16.70 33.80 -15.47
CA LYS E 265 15.32 34.22 -15.87
C LYS E 265 14.97 35.55 -15.25
N ASN E 266 15.92 36.18 -14.55
CA ASN E 266 15.77 37.56 -14.05
C ASN E 266 14.53 37.68 -13.18
N LEU E 267 14.30 36.75 -12.25
CA LEU E 267 12.97 36.66 -11.59
C LEU E 267 12.87 37.55 -10.35
N SER E 268 13.97 37.90 -9.69
CA SER E 268 13.92 38.64 -8.40
C SER E 268 13.10 37.82 -7.40
N ARG E 269 13.43 36.53 -7.28
CA ARG E 269 12.88 35.69 -6.19
C ARG E 269 13.82 35.86 -4.99
N ILE E 270 13.33 35.55 -3.81
CA ILE E 270 14.10 35.74 -2.55
C ILE E 270 14.65 34.39 -2.09
N HIS E 271 15.94 34.32 -1.77
CA HIS E 271 16.62 33.10 -1.36
C HIS E 271 17.51 33.41 -0.17
N PRO E 272 17.63 32.49 0.80
CA PRO E 272 18.55 32.68 1.91
C PRO E 272 19.99 32.27 1.56
N VAL E 273 20.74 33.19 0.94
CA VAL E 273 22.13 32.97 0.48
C VAL E 273 23.04 33.96 1.23
N SER E 274 24.34 33.77 1.09
CA SER E 274 25.36 34.44 1.94
C SER E 274 25.79 35.68 1.18
N THR E 275 25.66 36.83 1.82
CA THR E 275 26.08 38.13 1.26
C THR E 275 26.98 38.81 2.28
N MET E 276 27.67 39.86 1.85
CA MET E 276 28.62 40.59 2.71
C MET E 276 27.79 41.53 3.62
N VAL E 277 27.78 41.26 4.93
CA VAL E 277 26.81 41.87 5.90
C VAL E 277 27.47 42.95 6.76
N LYS E 278 28.71 43.38 6.47
CA LYS E 278 29.31 44.52 7.18
C LYS E 278 28.31 45.69 7.14
N GLY E 279 28.02 46.26 8.30
CA GLY E 279 27.13 47.42 8.47
C GLY E 279 25.71 46.98 8.73
N MET E 280 25.44 45.67 8.81
CA MET E 280 24.08 45.14 9.14
C MET E 280 24.08 44.47 10.52
N TYR E 281 23.00 44.71 11.28
CA TYR E 281 22.75 44.07 12.60
C TYR E 281 23.96 44.25 13.53
N GLY E 282 24.67 45.38 13.49
CA GLY E 282 25.77 45.64 14.43
C GLY E 282 27.06 44.89 14.04
N ILE E 283 27.09 44.23 12.89
CA ILE E 283 28.34 43.56 12.41
C ILE E 283 29.23 44.60 11.72
N GLU E 284 30.50 44.72 12.12
CA GLU E 284 31.44 45.66 11.47
C GLU E 284 32.71 44.96 10.98
N ASN E 285 32.73 43.63 10.84
CA ASN E 285 33.82 42.95 10.11
C ASN E 285 33.30 42.56 8.73
N GLU E 286 34.21 42.40 7.76
CA GLU E 286 33.84 41.92 6.42
C GLU E 286 33.66 40.42 6.55
N VAL E 287 32.41 40.02 6.72
CA VAL E 287 32.01 38.59 6.71
C VAL E 287 30.78 38.41 5.83
N PHE E 288 30.62 37.18 5.37
CA PHE E 288 29.44 36.75 4.62
C PHE E 288 28.58 35.88 5.54
N LEU E 289 27.30 36.25 5.70
CA LEU E 289 26.25 35.45 6.37
C LEU E 289 24.98 35.48 5.50
N SER E 290 24.09 34.50 5.70
CA SER E 290 22.86 34.34 4.90
C SER E 290 21.76 35.22 5.50
N LEU E 291 21.16 35.97 4.61
CA LEU E 291 19.91 36.73 4.80
C LEU E 291 19.00 36.48 3.58
N PRO E 292 17.71 36.88 3.64
CA PRO E 292 16.81 36.73 2.49
C PRO E 292 17.22 37.75 1.43
N CYS E 293 17.77 37.26 0.33
CA CYS E 293 18.38 38.11 -0.74
C CYS E 293 17.59 37.98 -2.04
N ILE E 294 17.42 39.09 -2.75
CA ILE E 294 16.72 39.13 -4.08
C ILE E 294 17.74 38.77 -5.16
N LEU E 295 17.46 37.78 -5.98
CA LEU E 295 18.37 37.34 -7.04
C LEU E 295 17.72 37.58 -8.41
N ASN E 296 18.49 38.13 -9.34
CA ASN E 296 18.01 38.38 -10.72
C ASN E 296 19.24 38.40 -11.64
N ALA E 297 19.09 38.88 -12.88
CA ALA E 297 20.15 38.76 -13.92
C ALA E 297 21.43 39.51 -13.50
N ARG E 298 21.34 40.48 -12.62
CA ARG E 298 22.51 41.28 -12.16
C ARG E 298 23.24 40.55 -11.04
N GLY E 299 22.60 39.57 -10.42
CA GLY E 299 23.17 38.81 -9.27
C GLY E 299 22.33 39.04 -8.02
N LEU E 300 22.98 39.36 -6.91
CA LEU E 300 22.29 39.53 -5.61
C LEU E 300 22.11 41.03 -5.43
N THR E 301 20.96 41.59 -5.75
CA THR E 301 20.80 43.07 -5.90
C THR E 301 20.23 43.75 -4.66
N SER E 302 19.58 43.01 -3.79
CA SER E 302 18.88 43.54 -2.60
C SER E 302 18.89 42.52 -1.46
N VAL E 303 18.79 43.01 -0.22
CA VAL E 303 18.53 42.16 0.98
C VAL E 303 17.24 42.65 1.61
N ILE E 304 16.47 41.75 2.22
CA ILE E 304 15.27 42.08 3.05
C ILE E 304 15.72 42.49 4.46
N ASN E 305 15.31 43.68 4.90
CA ASN E 305 15.43 44.15 6.31
C ASN E 305 14.37 43.44 7.16
N GLN E 306 14.82 42.75 8.21
CA GLN E 306 13.93 42.01 9.15
C GLN E 306 14.07 42.65 10.53
N LYS E 307 13.00 42.61 11.31
CA LYS E 307 13.03 42.97 12.77
C LYS E 307 13.45 41.70 13.51
N LEU E 308 14.77 41.48 13.63
CA LEU E 308 15.32 40.29 14.32
C LEU E 308 15.32 40.55 15.83
N LYS E 309 15.09 39.50 16.62
CA LYS E 309 15.09 39.56 18.10
C LYS E 309 16.53 39.75 18.57
N ASP E 310 16.70 40.22 19.81
CA ASP E 310 18.04 40.54 20.38
C ASP E 310 18.93 39.29 20.30
N ASP E 311 18.40 38.11 20.66
CA ASP E 311 19.12 36.82 20.71
C ASP E 311 19.50 36.35 19.29
N GLU E 312 18.67 36.66 18.28
CA GLU E 312 18.97 36.37 16.85
C GLU E 312 20.12 37.27 16.41
N VAL E 313 20.06 38.55 16.76
CA VAL E 313 21.16 39.51 16.44
C VAL E 313 22.46 39.07 17.17
N ALA E 314 22.39 38.65 18.42
CA ALA E 314 23.58 38.21 19.19
C ALA E 314 24.23 37.01 18.48
N GLN E 315 23.42 36.08 17.96
CA GLN E 315 24.01 34.91 17.25
C GLN E 315 24.72 35.38 15.97
N LEU E 316 24.11 36.25 15.17
CA LEU E 316 24.74 36.76 13.93
C LEU E 316 26.09 37.43 14.27
N LYS E 317 26.12 38.21 15.34
CA LYS E 317 27.35 38.94 15.78
C LYS E 317 28.45 37.97 16.24
N LYS E 318 28.04 36.92 16.97
CA LYS E 318 28.96 35.85 17.45
C LYS E 318 29.52 35.09 16.24
N SER E 319 28.67 34.76 15.27
CA SER E 319 29.12 34.11 14.02
C SER E 319 30.11 35.05 13.31
N ALA E 320 29.80 36.34 13.23
CA ALA E 320 30.68 37.30 12.51
C ALA E 320 32.05 37.30 13.21
N ASP E 321 32.04 37.39 14.54
CA ASP E 321 33.30 37.44 15.35
C ASP E 321 34.11 36.17 15.06
N THR E 322 33.44 35.01 15.01
CA THR E 322 34.11 33.69 14.83
C THR E 322 34.77 33.63 13.44
N LEU E 323 34.03 34.00 12.42
CA LEU E 323 34.52 34.00 11.01
C LEU E 323 35.66 35.02 10.89
N TRP E 324 35.49 36.23 11.42
CA TRP E 324 36.55 37.25 11.31
C TRP E 324 37.85 36.75 11.99
N ASP E 325 37.78 36.04 13.11
CA ASP E 325 39.01 35.63 13.85
C ASP E 325 39.85 34.64 13.03
N ILE E 326 39.22 33.82 12.19
CA ILE E 326 39.95 32.96 11.20
C ILE E 326 40.46 33.83 10.06
N GLN E 327 39.57 34.67 9.50
CA GLN E 327 39.83 35.43 8.25
C GLN E 327 40.98 36.42 8.43
N LYS E 328 41.16 37.02 9.61
CA LYS E 328 42.13 38.11 9.81
C LYS E 328 43.55 37.57 9.65
N ASP E 329 43.75 36.25 9.79
CA ASP E 329 45.09 35.62 9.68
C ASP E 329 45.30 34.97 8.31
N LEU E 330 44.35 35.10 7.37
CA LEU E 330 44.52 34.62 5.97
C LEU E 330 45.42 35.62 5.23
N LYS E 331 46.45 35.09 4.58
CA LYS E 331 47.56 35.86 3.95
C LYS E 331 47.30 35.86 2.44
N ASP E 332 47.76 36.92 1.75
CA ASP E 332 47.85 36.99 0.26
C ASP E 332 46.46 36.85 -0.38
N LEU E 333 45.46 37.53 0.18
CA LEU E 333 44.12 37.62 -0.46
C LEU E 333 44.09 38.88 -1.33
N ALA F 1 -3.82 19.77 22.67
CA ALA F 1 -3.98 20.01 21.22
C ALA F 1 -2.61 20.08 20.55
N THR F 2 -2.31 19.12 19.67
CA THR F 2 -1.13 19.14 18.76
C THR F 2 -1.18 20.42 17.91
N LEU F 3 -0.02 20.92 17.50
CA LEU F 3 0.09 21.99 16.47
C LEU F 3 -0.74 21.59 15.24
N LYS F 4 -0.54 20.39 14.73
CA LYS F 4 -1.23 19.84 13.55
C LYS F 4 -2.75 19.81 13.78
N GLU F 5 -3.23 19.38 14.94
CA GLU F 5 -4.68 19.38 15.30
C GLU F 5 -5.22 20.82 15.37
N LYS F 6 -4.40 21.78 15.83
CA LYS F 6 -4.79 23.21 15.93
C LYS F 6 -4.83 23.83 14.53
N LEU F 7 -3.90 23.46 13.66
CA LEU F 7 -3.65 24.13 12.34
C LEU F 7 -4.52 23.50 11.25
N ILE F 8 -4.67 22.17 11.23
CA ILE F 8 -5.22 21.44 10.04
C ILE F 8 -6.54 20.75 10.39
N ALA F 9 -7.65 21.23 9.82
CA ALA F 9 -8.98 20.64 10.00
C ALA F 9 -9.23 19.65 8.87
N PRO F 10 -9.55 18.36 9.17
CA PRO F 10 -9.88 17.39 8.13
C PRO F 10 -11.20 17.69 7.38
N VAL F 11 -11.17 17.53 6.06
CA VAL F 11 -12.35 17.57 5.13
C VAL F 11 -12.68 16.12 4.72
N ALA F 12 -11.67 15.37 4.28
CA ALA F 12 -11.71 13.91 4.09
C ALA F 12 -11.17 13.28 5.38
N GLU F 13 -11.62 12.08 5.72
CA GLU F 13 -11.02 11.31 6.84
C GLU F 13 -9.62 10.87 6.38
N GLU F 14 -8.63 10.89 7.28
CA GLU F 14 -7.25 10.42 7.02
C GLU F 14 -7.32 8.95 6.55
N GLU F 15 -6.55 8.57 5.53
CA GLU F 15 -6.66 7.25 4.87
C GLU F 15 -5.30 6.85 4.28
N ALA F 16 -4.94 5.57 4.39
CA ALA F 16 -3.83 4.96 3.62
C ALA F 16 -4.15 5.17 2.13
N THR F 17 -3.28 5.92 1.47
CA THR F 17 -3.33 6.25 0.03
C THR F 17 -2.35 5.34 -0.70
N VAL F 18 -2.59 5.03 -1.97
CA VAL F 18 -1.58 4.32 -2.79
C VAL F 18 -1.18 5.27 -3.89
N PRO F 19 0.12 5.24 -4.26
CA PRO F 19 0.62 6.09 -5.34
C PRO F 19 0.04 5.70 -6.71
N ASN F 20 -0.07 6.68 -7.59
CA ASN F 20 -0.57 6.52 -8.99
C ASN F 20 0.58 6.20 -9.96
N ASN F 21 1.82 6.64 -9.69
CA ASN F 21 2.95 6.41 -10.62
C ASN F 21 4.22 6.25 -9.79
N LYS F 22 4.26 5.18 -9.02
CA LYS F 22 5.44 4.82 -8.20
C LYS F 22 6.53 4.19 -9.08
N ILE F 23 7.77 4.58 -8.83
CA ILE F 23 8.95 3.99 -9.50
C ILE F 23 9.86 3.48 -8.39
N THR F 24 10.41 2.30 -8.60
CA THR F 24 11.51 1.75 -7.79
C THR F 24 12.79 1.73 -8.63
N VAL F 25 13.88 2.11 -8.01
CA VAL F 25 15.25 1.88 -8.55
C VAL F 25 15.96 0.89 -7.61
N VAL F 26 16.37 -0.25 -8.16
CA VAL F 26 17.11 -1.32 -7.44
C VAL F 26 18.59 -1.09 -7.72
N GLY F 27 19.36 -0.83 -6.66
CA GLY F 27 20.79 -0.49 -6.78
C GLY F 27 20.98 0.99 -6.74
N VAL F 28 21.65 1.48 -5.68
CA VAL F 28 21.91 2.94 -5.50
C VAL F 28 23.40 3.24 -5.71
N GLY F 29 24.03 2.53 -6.66
CA GLY F 29 25.33 2.95 -7.16
C GLY F 29 25.23 4.16 -8.06
N GLN F 30 26.31 4.45 -8.78
CA GLN F 30 26.36 5.65 -9.66
C GLN F 30 25.21 5.58 -10.65
N VAL F 31 24.96 4.43 -11.24
CA VAL F 31 23.90 4.30 -12.29
C VAL F 31 22.52 4.50 -11.65
N GLY F 32 22.23 3.77 -10.57
CA GLY F 32 20.94 3.88 -9.87
C GLY F 32 20.62 5.30 -9.46
N MET F 33 21.58 6.01 -8.90
CA MET F 33 21.32 7.38 -8.41
C MET F 33 21.18 8.35 -9.61
N ALA F 34 21.88 8.14 -10.73
CA ALA F 34 21.67 8.98 -11.92
C ALA F 34 20.26 8.75 -12.46
N CYS F 35 19.80 7.49 -12.51
CA CYS F 35 18.39 7.17 -12.83
C CYS F 35 17.47 7.93 -11.85
N ALA F 36 17.73 7.86 -10.54
CA ALA F 36 16.85 8.46 -9.51
C ALA F 36 16.73 9.98 -9.71
N ILE F 37 17.85 10.67 -9.91
CA ILE F 37 17.82 12.15 -9.97
C ILE F 37 17.15 12.55 -11.28
N SER F 38 17.34 11.79 -12.36
CA SER F 38 16.68 12.07 -13.67
C SER F 38 15.15 11.88 -13.57
N ILE F 39 14.71 10.82 -12.90
CA ILE F 39 13.27 10.54 -12.67
C ILE F 39 12.68 11.69 -11.84
N LEU F 40 13.35 12.08 -10.75
CA LEU F 40 12.86 13.17 -9.89
C LEU F 40 12.85 14.49 -10.68
N GLY F 41 13.94 14.79 -11.42
CA GLY F 41 14.05 16.07 -12.17
C GLY F 41 12.91 16.22 -13.17
N LYS F 42 12.48 15.12 -13.76
CA LYS F 42 11.39 15.12 -14.78
C LYS F 42 10.01 14.98 -14.12
N SER F 43 9.92 14.94 -12.78
CA SER F 43 8.66 14.77 -12.00
C SER F 43 7.91 13.55 -12.50
N LEU F 44 8.57 12.40 -12.68
CA LEU F 44 7.90 11.24 -13.30
C LEU F 44 7.28 10.32 -12.24
N ALA F 45 7.59 10.53 -10.96
CA ALA F 45 7.19 9.66 -9.83
C ALA F 45 6.46 10.48 -8.76
N ASP F 46 5.31 9.98 -8.30
CA ASP F 46 4.61 10.54 -7.11
C ASP F 46 5.17 9.81 -5.88
N GLU F 47 5.81 8.66 -6.08
CA GLU F 47 6.53 7.91 -5.01
C GLU F 47 7.78 7.28 -5.66
N LEU F 48 8.94 7.46 -5.04
CA LEU F 48 10.20 6.83 -5.50
C LEU F 48 10.68 5.92 -4.37
N ALA F 49 10.90 4.66 -4.66
CA ALA F 49 11.48 3.71 -3.68
C ALA F 49 12.88 3.35 -4.17
N LEU F 50 13.82 3.27 -3.24
CA LEU F 50 15.19 2.79 -3.49
C LEU F 50 15.41 1.51 -2.70
N VAL F 51 16.09 0.55 -3.32
CA VAL F 51 16.43 -0.76 -2.68
C VAL F 51 17.91 -1.06 -2.96
N ASP F 52 18.61 -1.55 -1.96
CA ASP F 52 20.02 -1.98 -2.12
C ASP F 52 20.28 -2.91 -0.96
N VAL F 53 21.41 -3.58 -0.95
CA VAL F 53 21.84 -4.43 0.18
C VAL F 53 22.69 -3.60 1.16
N LEU F 54 23.13 -2.41 0.76
CA LEU F 54 24.03 -1.58 1.62
C LEU F 54 23.11 -0.64 2.41
N GLU F 55 22.73 -1.04 3.62
CA GLU F 55 21.63 -0.35 4.36
C GLU F 55 21.97 1.11 4.66
N ASP F 56 23.22 1.39 5.05
CA ASP F 56 23.62 2.78 5.40
C ASP F 56 23.63 3.68 4.14
N LYS F 57 24.29 3.25 3.06
CA LYS F 57 24.35 4.07 1.83
C LYS F 57 22.92 4.32 1.32
N LEU F 58 22.04 3.33 1.47
CA LEU F 58 20.67 3.43 0.95
C LEU F 58 19.91 4.49 1.74
N LYS F 59 20.03 4.49 3.05
CA LYS F 59 19.36 5.50 3.90
C LYS F 59 19.93 6.88 3.57
N GLY F 60 21.25 6.95 3.40
CA GLY F 60 21.92 8.24 3.08
C GLY F 60 21.42 8.84 1.79
N GLU F 61 21.32 8.04 0.72
CA GLU F 61 20.76 8.48 -0.59
C GLU F 61 19.32 8.97 -0.40
N MET F 62 18.49 8.19 0.27
CA MET F 62 17.07 8.56 0.53
C MET F 62 16.99 9.94 1.19
N MET F 63 17.75 10.15 2.27
CA MET F 63 17.71 11.42 3.04
C MET F 63 18.16 12.58 2.14
N ASP F 64 19.24 12.38 1.37
CA ASP F 64 19.79 13.46 0.52
C ASP F 64 18.69 13.88 -0.48
N LEU F 65 18.04 12.90 -1.13
CA LEU F 65 16.93 13.22 -2.05
C LEU F 65 15.80 13.96 -1.33
N GLN F 66 15.40 13.48 -0.16
CA GLN F 66 14.31 14.08 0.62
C GLN F 66 14.67 15.54 0.92
N HIS F 67 15.94 15.82 1.24
CA HIS F 67 16.37 17.22 1.58
C HIS F 67 16.16 18.18 0.40
N GLY F 68 16.07 17.67 -0.82
CA GLY F 68 15.81 18.44 -2.03
C GLY F 68 14.34 18.53 -2.40
N SER F 69 13.43 18.03 -1.55
CA SER F 69 11.97 17.93 -1.81
C SER F 69 11.34 19.27 -2.16
N LEU F 70 11.82 20.35 -1.57
CA LEU F 70 11.34 21.71 -1.92
C LEU F 70 11.43 21.97 -3.42
N PHE F 71 12.42 21.41 -4.11
CA PHE F 71 12.72 21.70 -5.52
C PHE F 71 12.07 20.66 -6.43
N LEU F 72 11.34 19.70 -5.84
CA LEU F 72 10.84 18.52 -6.59
C LEU F 72 9.32 18.47 -6.50
N GLN F 73 8.75 17.45 -7.13
CA GLN F 73 7.29 17.17 -7.13
C GLN F 73 7.08 15.69 -6.86
N THR F 74 7.79 15.16 -5.88
CA THR F 74 7.71 13.75 -5.45
C THR F 74 7.48 13.74 -3.94
N PRO F 75 6.22 13.62 -3.48
CA PRO F 75 5.93 13.79 -2.07
C PRO F 75 6.33 12.61 -1.16
N LYS F 76 6.69 11.46 -1.74
CA LYS F 76 7.11 10.29 -0.92
C LYS F 76 8.38 9.67 -1.53
N ILE F 77 9.49 9.81 -0.82
CA ILE F 77 10.76 9.11 -1.18
C ILE F 77 11.07 8.14 -0.05
N VAL F 78 11.19 6.87 -0.38
CA VAL F 78 11.35 5.78 0.63
C VAL F 78 12.51 4.86 0.20
N ALA F 79 13.06 4.10 1.14
CA ALA F 79 14.24 3.26 0.86
C ALA F 79 14.34 2.18 1.92
N ASP F 80 14.61 0.95 1.50
CA ASP F 80 14.77 -0.18 2.46
C ASP F 80 15.43 -1.35 1.75
N LYS F 81 16.09 -2.22 2.53
CA LYS F 81 16.62 -3.50 2.01
C LYS F 81 15.46 -4.46 1.68
N ASP F 82 14.37 -4.34 2.45
CA ASP F 82 13.17 -5.21 2.34
C ASP F 82 12.37 -4.72 1.14
N TYR F 83 12.08 -5.62 0.19
CA TYR F 83 11.33 -5.30 -1.05
C TYR F 83 9.88 -4.91 -0.76
N SER F 84 9.38 -5.04 0.49
CA SER F 84 8.05 -4.54 0.88
C SER F 84 7.93 -3.04 0.54
N VAL F 85 9.05 -2.31 0.63
CA VAL F 85 9.14 -0.86 0.31
C VAL F 85 8.80 -0.60 -1.17
N THR F 86 8.85 -1.62 -2.05
CA THR F 86 8.64 -1.44 -3.50
C THR F 86 7.18 -1.65 -3.88
N ALA F 87 6.29 -2.04 -2.94
CA ALA F 87 4.89 -2.40 -3.27
C ALA F 87 4.24 -1.32 -4.15
N ASN F 88 3.51 -1.78 -5.17
CA ASN F 88 2.59 -0.98 -6.00
C ASN F 88 3.39 -0.14 -7.00
N SER F 89 4.57 -0.63 -7.42
CA SER F 89 5.44 0.12 -8.37
C SER F 89 4.90 -0.08 -9.79
N LYS F 90 4.73 0.97 -10.57
CA LYS F 90 4.38 0.86 -12.00
C LYS F 90 5.58 0.37 -12.81
N ILE F 91 6.76 0.92 -12.49
CA ILE F 91 8.03 0.58 -13.20
C ILE F 91 9.12 0.29 -12.17
N VAL F 92 9.92 -0.74 -12.41
CA VAL F 92 11.09 -1.11 -11.54
C VAL F 92 12.32 -1.10 -12.44
N VAL F 93 13.28 -0.26 -12.10
CA VAL F 93 14.56 -0.11 -12.83
C VAL F 93 15.61 -0.93 -12.07
N VAL F 94 16.17 -1.96 -12.70
CA VAL F 94 17.18 -2.84 -12.06
C VAL F 94 18.58 -2.46 -12.57
N THR F 95 19.39 -1.94 -11.65
CA THR F 95 20.78 -1.53 -11.91
C THR F 95 21.72 -2.33 -10.99
N ALA F 96 21.20 -3.30 -10.23
CA ALA F 96 22.01 -4.05 -9.24
C ALA F 96 23.04 -4.93 -9.95
N GLY F 97 24.23 -5.03 -9.37
CA GLY F 97 25.26 -5.96 -9.85
C GLY F 97 26.46 -5.98 -8.92
N VAL F 98 27.34 -6.93 -9.16
CA VAL F 98 28.48 -7.27 -8.27
C VAL F 98 29.73 -6.53 -8.78
N ARG F 99 30.76 -6.38 -7.94
CA ARG F 99 32.07 -5.76 -8.31
C ARG F 99 33.05 -6.89 -8.63
N GLN F 100 33.77 -6.81 -9.76
CA GLN F 100 34.74 -7.86 -10.18
C GLN F 100 35.86 -7.97 -9.15
N GLN F 101 36.22 -9.21 -8.79
CA GLN F 101 37.34 -9.54 -7.86
C GLN F 101 38.63 -9.66 -8.67
N GLU F 102 39.79 -9.37 -8.06
CA GLU F 102 41.11 -9.51 -8.75
C GLU F 102 41.19 -10.91 -9.34
N GLY F 103 41.34 -11.01 -10.67
CA GLY F 103 41.65 -12.27 -11.38
C GLY F 103 40.41 -13.02 -11.81
N GLU F 104 39.22 -12.52 -11.49
CA GLU F 104 37.94 -13.19 -11.80
C GLU F 104 37.74 -13.23 -13.32
N SER F 105 37.56 -14.43 -13.89
CA SER F 105 37.07 -14.66 -15.27
C SER F 105 35.75 -13.93 -15.49
N ARG F 106 35.48 -13.52 -16.74
CA ARG F 106 34.24 -12.77 -17.13
C ARG F 106 33.01 -13.70 -17.09
N LEU F 107 33.17 -15.02 -17.22
CA LEU F 107 32.01 -15.96 -17.15
C LEU F 107 31.57 -16.22 -15.70
N ASN F 108 32.48 -16.17 -14.71
CA ASN F 108 32.06 -16.30 -13.29
C ASN F 108 31.53 -14.96 -12.77
N LEU F 109 31.85 -13.83 -13.42
CA LEU F 109 31.23 -12.51 -13.12
C LEU F 109 29.76 -12.53 -13.56
N VAL F 110 29.46 -13.15 -14.71
CA VAL F 110 28.07 -13.30 -15.25
C VAL F 110 27.27 -14.19 -14.29
N GLN F 111 27.84 -15.30 -13.84
CA GLN F 111 27.12 -16.27 -12.94
C GLN F 111 26.74 -15.62 -11.61
N ARG F 112 27.61 -14.77 -11.07
CA ARG F 112 27.40 -14.06 -9.78
C ARG F 112 26.32 -12.98 -9.96
N ASN F 113 26.27 -12.32 -11.13
CA ASN F 113 25.19 -11.34 -11.45
C ASN F 113 23.86 -12.06 -11.64
N VAL F 114 23.87 -13.20 -12.33
CA VAL F 114 22.70 -14.11 -12.47
C VAL F 114 22.17 -14.48 -11.08
N ASN F 115 23.05 -14.82 -10.13
CA ASN F 115 22.67 -15.24 -8.75
C ASN F 115 22.03 -14.07 -7.99
N VAL F 116 22.52 -12.83 -8.16
CA VAL F 116 21.93 -11.60 -7.57
C VAL F 116 20.46 -11.55 -7.99
N PHE F 117 20.19 -11.79 -9.27
CA PHE F 117 18.86 -11.66 -9.91
C PHE F 117 17.91 -12.76 -9.41
N LYS F 118 18.40 -13.96 -9.09
CA LYS F 118 17.55 -15.06 -8.53
C LYS F 118 16.87 -14.61 -7.22
N PHE F 119 17.50 -13.77 -6.39
CA PHE F 119 16.83 -13.24 -5.17
C PHE F 119 15.96 -12.03 -5.53
N ILE F 120 16.47 -11.12 -6.36
CA ILE F 120 15.84 -9.78 -6.55
C ILE F 120 14.51 -9.95 -7.30
N ILE F 121 14.55 -10.63 -8.43
CA ILE F 121 13.43 -10.55 -9.42
C ILE F 121 12.13 -11.13 -8.79
N PRO F 122 12.11 -12.30 -8.11
CA PRO F 122 10.88 -12.79 -7.49
C PRO F 122 10.34 -11.83 -6.40
N GLN F 123 11.24 -11.16 -5.67
CA GLN F 123 10.85 -10.14 -4.64
C GLN F 123 10.11 -9.01 -5.36
N ILE F 124 10.65 -8.54 -6.50
CA ILE F 124 10.04 -7.40 -7.23
C ILE F 124 8.60 -7.77 -7.64
N VAL F 125 8.43 -8.96 -8.21
CA VAL F 125 7.11 -9.30 -8.81
C VAL F 125 6.14 -9.66 -7.68
N LYS F 126 6.64 -10.15 -6.53
CA LYS F 126 5.78 -10.40 -5.35
C LYS F 126 5.07 -9.09 -4.93
N TYR F 127 5.80 -7.98 -4.81
CA TYR F 127 5.28 -6.71 -4.23
C TYR F 127 4.64 -5.83 -5.32
N SER F 128 5.01 -6.01 -6.59
CA SER F 128 4.50 -5.21 -7.75
C SER F 128 4.17 -6.17 -8.89
N PRO F 129 3.15 -7.04 -8.76
CA PRO F 129 2.93 -8.07 -9.77
C PRO F 129 2.47 -7.47 -11.11
N ASP F 130 2.08 -6.19 -11.11
CA ASP F 130 1.59 -5.44 -12.30
C ASP F 130 2.73 -4.61 -12.93
N CYS F 131 3.95 -4.62 -12.40
CA CYS F 131 5.00 -3.67 -12.83
C CYS F 131 5.54 -4.02 -14.23
N ILE F 132 6.17 -3.04 -14.85
CA ILE F 132 7.09 -3.18 -16.00
C ILE F 132 8.50 -3.16 -15.41
N ILE F 133 9.39 -4.05 -15.84
CA ILE F 133 10.80 -4.02 -15.37
C ILE F 133 11.71 -3.53 -16.50
N ILE F 134 12.56 -2.53 -16.19
CA ILE F 134 13.63 -2.07 -17.10
C ILE F 134 14.94 -2.63 -16.53
N VAL F 135 15.66 -3.41 -17.34
CA VAL F 135 16.95 -4.02 -16.92
C VAL F 135 18.10 -3.18 -17.49
N VAL F 136 18.94 -2.67 -16.60
CA VAL F 136 20.12 -1.84 -16.96
C VAL F 136 21.41 -2.63 -16.66
N SER F 137 21.40 -3.48 -15.65
CA SER F 137 22.59 -4.22 -15.16
C SER F 137 23.29 -4.92 -16.34
N ASN F 138 24.62 -4.90 -16.35
CA ASN F 138 25.41 -5.65 -17.35
C ASN F 138 25.77 -7.04 -16.82
N PRO F 139 25.88 -8.08 -17.69
CA PRO F 139 25.59 -7.94 -19.12
C PRO F 139 24.10 -7.88 -19.50
N VAL F 140 23.67 -6.83 -20.18
CA VAL F 140 22.27 -6.36 -20.11
C VAL F 140 21.37 -7.27 -20.94
N ASP F 141 21.86 -7.79 -22.06
CA ASP F 141 21.02 -8.67 -22.92
C ASP F 141 20.76 -10.00 -22.18
N ILE F 142 21.81 -10.62 -21.62
CA ILE F 142 21.69 -11.87 -20.83
C ILE F 142 20.75 -11.62 -19.65
N LEU F 143 20.98 -10.54 -18.91
CA LEU F 143 20.24 -10.33 -17.64
C LEU F 143 18.79 -9.93 -17.91
N THR F 144 18.50 -9.42 -19.10
CA THR F 144 17.09 -9.15 -19.48
C THR F 144 16.36 -10.48 -19.70
N TYR F 145 16.99 -11.43 -20.38
CA TYR F 145 16.49 -12.81 -20.54
C TYR F 145 16.26 -13.43 -19.15
N VAL F 146 17.25 -13.29 -18.27
CA VAL F 146 17.17 -13.90 -16.91
C VAL F 146 15.96 -13.30 -16.18
N THR F 147 15.82 -11.97 -16.20
CA THR F 147 14.69 -11.25 -15.57
C THR F 147 13.36 -11.79 -16.14
N TRP F 148 13.27 -11.96 -17.46
CA TRP F 148 12.02 -12.45 -18.09
C TRP F 148 11.67 -13.84 -17.56
N LYS F 149 12.62 -14.77 -17.61
CA LYS F 149 12.43 -16.15 -17.12
C LYS F 149 12.05 -16.14 -15.63
N LEU F 150 12.70 -15.31 -14.80
CA LEU F 150 12.53 -15.38 -13.33
C LEU F 150 11.21 -14.73 -12.92
N SER F 151 10.82 -13.70 -13.66
CA SER F 151 9.66 -12.83 -13.36
C SER F 151 8.38 -13.60 -13.68
N GLY F 152 8.41 -14.48 -14.68
CA GLY F 152 7.20 -15.06 -15.28
C GLY F 152 6.33 -14.01 -15.98
N LEU F 153 6.84 -12.79 -16.21
CA LEU F 153 6.05 -11.71 -16.85
C LEU F 153 5.96 -11.95 -18.36
N PRO F 154 4.89 -11.42 -18.98
CA PRO F 154 4.77 -11.41 -20.43
C PRO F 154 5.94 -10.61 -21.03
N LYS F 155 6.31 -10.98 -22.26
CA LYS F 155 7.31 -10.28 -23.11
C LYS F 155 7.19 -8.75 -23.01
N HIS F 156 5.99 -8.18 -23.06
CA HIS F 156 5.81 -6.70 -23.18
C HIS F 156 6.10 -5.97 -21.86
N ARG F 157 6.34 -6.69 -20.74
CA ARG F 157 6.56 -6.05 -19.41
C ARG F 157 8.02 -6.18 -18.90
N VAL F 158 8.90 -6.73 -19.73
CA VAL F 158 10.36 -6.86 -19.42
C VAL F 158 11.14 -6.23 -20.58
N ILE F 159 11.86 -5.17 -20.26
CA ILE F 159 12.52 -4.29 -21.28
C ILE F 159 13.98 -4.17 -20.90
N GLY F 160 14.88 -4.52 -21.81
CA GLY F 160 16.33 -4.30 -21.63
C GLY F 160 16.73 -2.91 -22.09
N SER F 161 17.54 -2.19 -21.31
CA SER F 161 18.14 -0.91 -21.75
C SER F 161 18.79 -1.10 -23.13
N GLY F 162 19.50 -2.22 -23.32
CA GLY F 162 20.05 -2.66 -24.62
C GLY F 162 20.81 -1.55 -25.34
N CYS F 163 20.38 -1.19 -26.56
CA CYS F 163 21.12 -0.26 -27.46
C CYS F 163 20.55 1.14 -27.42
N ASN F 164 19.73 1.42 -26.41
CA ASN F 164 19.18 2.78 -26.19
C ASN F 164 20.34 3.76 -26.08
N LEU F 165 21.31 3.45 -25.23
CA LEU F 165 22.47 4.34 -24.97
C LEU F 165 23.40 4.31 -26.18
N ASP F 166 23.63 3.16 -26.81
CA ASP F 166 24.48 3.06 -28.03
C ASP F 166 23.91 3.99 -29.10
N SER F 167 22.60 3.99 -29.27
CA SER F 167 21.95 4.82 -30.31
C SER F 167 22.09 6.30 -29.95
N ALA F 168 21.89 6.68 -28.69
CA ALA F 168 22.08 8.09 -28.25
C ALA F 168 23.52 8.52 -28.52
N ARG F 169 24.52 7.70 -28.21
CA ARG F 169 25.94 8.04 -28.48
C ARG F 169 26.14 8.21 -29.98
N PHE F 170 25.54 7.33 -30.78
CA PHE F 170 25.66 7.39 -32.26
C PHE F 170 25.11 8.73 -32.78
N ARG F 171 23.96 9.14 -32.27
CA ARG F 171 23.29 10.38 -32.72
C ARG F 171 24.08 11.61 -32.23
N TYR F 172 24.68 11.53 -31.06
CA TYR F 172 25.60 12.60 -30.58
C TYR F 172 26.78 12.72 -31.58
N LEU F 173 27.41 11.58 -31.95
CA LEU F 173 28.59 11.56 -32.86
C LEU F 173 28.21 12.07 -34.26
N MET F 174 27.02 11.75 -34.76
CA MET F 174 26.48 12.25 -36.05
C MET F 174 26.34 13.77 -35.94
N ALA F 175 25.72 14.23 -34.86
CA ALA F 175 25.44 15.65 -34.57
C ALA F 175 26.76 16.44 -34.57
N GLU F 176 27.78 15.90 -33.92
CA GLU F 176 29.11 16.54 -33.83
C GLU F 176 29.71 16.65 -35.25
N LYS F 177 29.54 15.64 -36.11
CA LYS F 177 30.07 15.69 -37.50
C LYS F 177 29.31 16.78 -38.28
N LEU F 178 28.02 16.95 -38.04
CA LEU F 178 27.16 17.78 -38.93
C LEU F 178 26.87 19.18 -38.36
N GLY F 179 27.13 19.41 -37.07
CA GLY F 179 26.78 20.66 -36.38
C GLY F 179 25.27 20.82 -36.22
N ILE F 180 24.53 19.75 -35.90
CA ILE F 180 23.06 19.87 -35.66
C ILE F 180 22.69 19.17 -34.36
N HIS F 181 21.52 19.46 -33.80
CA HIS F 181 21.09 18.86 -32.52
C HIS F 181 20.96 17.35 -32.74
N PRO F 182 21.39 16.49 -31.80
CA PRO F 182 21.25 15.05 -32.01
C PRO F 182 19.81 14.59 -32.30
N SER F 183 18.82 15.37 -31.86
CA SER F 183 17.39 15.07 -32.06
C SER F 183 17.00 15.26 -33.54
N SER F 184 17.78 16.00 -34.32
CA SER F 184 17.58 16.17 -35.78
C SER F 184 18.42 15.19 -36.59
N CYS F 185 19.21 14.33 -35.94
CA CYS F 185 20.06 13.30 -36.58
C CYS F 185 19.39 11.96 -36.31
N HIS F 186 19.16 11.13 -37.30
CA HIS F 186 18.40 9.88 -37.09
C HIS F 186 19.28 8.71 -37.50
N GLY F 187 19.31 7.67 -36.67
CA GLY F 187 20.10 6.46 -36.96
C GLY F 187 19.99 5.49 -35.80
N TRP F 188 20.03 4.20 -36.12
CA TRP F 188 19.69 3.10 -35.19
C TRP F 188 20.92 2.17 -35.07
N ILE F 189 21.40 2.02 -33.84
CA ILE F 189 22.37 0.97 -33.42
C ILE F 189 21.53 -0.11 -32.76
N LEU F 190 21.54 -1.33 -33.28
CA LEU F 190 20.57 -2.36 -32.84
C LEU F 190 21.35 -3.62 -32.49
N GLY F 191 20.66 -4.72 -32.16
CA GLY F 191 21.29 -6.01 -31.80
C GLY F 191 21.80 -6.00 -30.37
N GLU F 192 23.03 -6.41 -30.18
CA GLU F 192 23.66 -6.62 -28.86
C GLU F 192 24.25 -5.30 -28.37
N HIS F 193 24.02 -4.91 -27.13
CA HIS F 193 24.68 -3.73 -26.51
C HIS F 193 26.20 -3.91 -26.60
N GLY F 194 26.96 -2.84 -26.87
CA GLY F 194 28.44 -2.88 -26.92
C GLY F 194 29.04 -3.45 -28.21
N ASP F 195 29.95 -4.41 -28.10
CA ASP F 195 30.98 -4.76 -29.12
C ASP F 195 30.39 -5.16 -30.49
N SER F 196 29.27 -5.89 -30.51
CA SER F 196 28.74 -6.61 -31.69
C SER F 196 27.49 -5.91 -32.25
N SER F 197 27.25 -4.67 -31.84
CA SER F 197 26.05 -3.89 -32.25
C SER F 197 26.04 -3.74 -33.77
N VAL F 198 24.86 -3.56 -34.32
CA VAL F 198 24.63 -3.36 -35.77
C VAL F 198 24.31 -1.89 -36.01
N ALA F 199 25.06 -1.25 -36.90
CA ALA F 199 24.74 0.11 -37.39
C ALA F 199 23.91 -0.03 -38.65
N VAL F 200 22.62 0.31 -38.58
CA VAL F 200 21.68 0.15 -39.72
C VAL F 200 21.86 1.36 -40.65
N TRP F 201 22.86 1.28 -41.53
CA TRP F 201 23.33 2.42 -42.36
C TRP F 201 22.17 2.96 -43.21
N SER F 202 21.28 2.10 -43.71
CA SER F 202 20.16 2.44 -44.64
C SER F 202 19.20 3.40 -43.95
N GLY F 203 19.21 3.45 -42.63
CA GLY F 203 18.23 4.26 -41.89
C GLY F 203 18.80 5.61 -41.49
N VAL F 204 20.12 5.80 -41.63
CA VAL F 204 20.81 7.02 -41.12
C VAL F 204 20.41 8.19 -42.02
N ASN F 205 19.78 9.20 -41.45
CA ASN F 205 19.19 10.30 -42.25
C ASN F 205 19.11 11.56 -41.43
N VAL F 206 19.03 12.68 -42.18
CA VAL F 206 18.72 14.02 -41.64
C VAL F 206 17.57 14.55 -42.49
N ALA F 207 16.44 14.91 -41.88
CA ALA F 207 15.28 15.46 -42.62
C ALA F 207 14.85 14.49 -43.72
N GLY F 208 14.93 13.19 -43.45
CA GLY F 208 14.51 12.15 -44.40
C GLY F 208 15.45 11.97 -45.57
N VAL F 209 16.65 12.57 -45.52
CA VAL F 209 17.69 12.42 -46.59
C VAL F 209 18.62 11.27 -46.19
N SER F 210 18.59 10.17 -46.94
CA SER F 210 19.46 9.00 -46.68
C SER F 210 20.92 9.44 -46.77
N LEU F 211 21.70 9.33 -45.71
CA LEU F 211 23.13 9.75 -45.81
C LEU F 211 23.91 8.71 -46.61
N GLN F 212 23.47 7.46 -46.57
CA GLN F 212 24.09 6.40 -47.40
C GLN F 212 23.90 6.71 -48.88
N GLU F 213 22.81 7.36 -49.26
CA GLU F 213 22.56 7.72 -50.70
C GLU F 213 23.56 8.82 -51.11
N LEU F 214 23.82 9.81 -50.26
CA LEU F 214 24.83 10.88 -50.49
C LEU F 214 26.26 10.30 -50.50
N ASN F 215 26.51 9.30 -49.63
CA ASN F 215 27.85 8.82 -49.21
C ASN F 215 27.78 7.29 -49.27
N PRO F 216 27.64 6.71 -50.48
CA PRO F 216 27.43 5.27 -50.64
C PRO F 216 28.58 4.41 -50.09
N GLU F 217 29.70 5.05 -49.72
CA GLU F 217 30.90 4.43 -49.08
C GLU F 217 30.59 4.10 -47.61
N MET F 218 29.57 4.74 -47.03
CA MET F 218 29.17 4.59 -45.60
C MET F 218 29.21 3.11 -45.16
N GLY F 219 30.00 2.81 -44.12
CA GLY F 219 30.09 1.48 -43.47
C GLY F 219 31.10 0.55 -44.13
N THR F 220 31.63 0.88 -45.31
CA THR F 220 32.68 0.08 -46.01
C THR F 220 34.05 0.48 -45.47
N ASP F 221 35.12 -0.12 -46.00
CA ASP F 221 36.53 0.13 -45.60
C ASP F 221 37.14 1.25 -46.47
N ASN F 222 36.47 1.66 -47.55
CA ASN F 222 36.92 2.77 -48.45
C ASN F 222 35.96 3.97 -48.32
N ASP F 223 36.09 4.78 -47.26
CA ASP F 223 35.07 5.79 -46.87
C ASP F 223 35.73 7.03 -46.26
N SER F 224 35.78 8.16 -47.00
CA SER F 224 36.35 9.46 -46.55
C SER F 224 35.58 9.98 -45.33
N GLU F 225 34.31 9.58 -45.15
CA GLU F 225 33.50 9.97 -43.97
C GLU F 225 33.80 9.03 -42.79
N ASN F 226 34.50 7.91 -43.01
CA ASN F 226 34.99 7.11 -41.85
C ASN F 226 33.82 6.64 -40.96
N TRP F 227 32.66 6.29 -41.54
CA TRP F 227 31.46 5.88 -40.74
C TRP F 227 31.76 4.59 -39.95
N LYS F 228 32.51 3.66 -40.52
CA LYS F 228 32.90 2.45 -39.75
C LYS F 228 33.58 2.87 -38.44
N GLU F 229 34.34 3.97 -38.44
CA GLU F 229 35.07 4.46 -37.25
C GLU F 229 34.07 5.14 -36.32
N VAL F 230 33.01 5.73 -36.85
CA VAL F 230 31.98 6.35 -35.99
C VAL F 230 31.32 5.21 -35.18
N HIS F 231 30.95 4.11 -35.83
CA HIS F 231 30.33 2.95 -35.16
C HIS F 231 31.32 2.43 -34.12
N LYS F 232 32.60 2.29 -34.51
CA LYS F 232 33.66 1.81 -33.57
C LYS F 232 33.71 2.76 -32.34
N MET F 233 33.64 4.07 -32.55
CA MET F 233 33.66 5.07 -31.45
C MET F 233 32.42 4.96 -30.54
N VAL F 234 31.28 4.53 -31.07
CA VAL F 234 30.09 4.26 -30.22
C VAL F 234 30.49 3.27 -29.11
N VAL F 235 31.08 2.15 -29.51
CA VAL F 235 31.61 1.03 -28.66
C VAL F 235 32.71 1.60 -27.76
N GLU F 236 33.73 2.17 -28.39
CA GLU F 236 35.00 2.58 -27.75
C GLU F 236 34.79 3.78 -26.81
N SER F 237 33.89 4.71 -27.12
CA SER F 237 33.72 5.92 -26.26
C SER F 237 33.22 5.48 -24.87
N ALA F 238 32.44 4.40 -24.76
CA ALA F 238 31.97 3.85 -23.47
C ALA F 238 33.15 3.28 -22.68
N TYR F 239 34.02 2.50 -23.33
CA TYR F 239 35.19 1.92 -22.65
C TYR F 239 36.09 3.07 -22.19
N GLU F 240 36.16 4.13 -23.00
CA GLU F 240 37.02 5.31 -22.72
C GLU F 240 36.52 5.99 -21.44
N VAL F 241 35.20 6.15 -21.31
CA VAL F 241 34.60 6.81 -20.12
C VAL F 241 34.89 5.92 -18.92
N ILE F 242 34.72 4.61 -19.03
CA ILE F 242 35.02 3.65 -17.91
C ILE F 242 36.50 3.74 -17.51
N LYS F 243 37.42 3.83 -18.47
CA LYS F 243 38.86 3.98 -18.16
C LYS F 243 39.12 5.31 -17.43
N LEU F 244 38.45 6.39 -17.81
CA LEU F 244 38.77 7.76 -17.31
C LEU F 244 38.14 8.05 -15.94
N LYS F 245 36.89 7.65 -15.72
CA LYS F 245 36.16 7.97 -14.45
C LYS F 245 35.79 6.68 -13.72
N GLY F 246 35.96 5.47 -14.28
CA GLY F 246 35.70 4.23 -13.51
C GLY F 246 34.40 3.55 -13.89
N TYR F 247 33.46 4.29 -14.50
CA TYR F 247 32.08 3.84 -14.78
C TYR F 247 31.46 4.90 -15.71
N THR F 248 30.28 4.64 -16.27
CA THR F 248 29.42 5.67 -16.92
C THR F 248 28.11 5.71 -16.15
N ASN F 249 27.49 6.87 -16.05
CA ASN F 249 26.20 6.96 -15.34
C ASN F 249 25.27 8.03 -15.90
N TRP F 250 25.76 9.23 -16.20
CA TRP F 250 24.84 10.35 -16.49
C TRP F 250 24.00 10.03 -17.74
N ALA F 251 24.61 9.59 -18.84
CA ALA F 251 23.84 9.37 -20.09
C ALA F 251 22.82 8.24 -19.84
N ILE F 252 23.25 7.17 -19.17
CA ILE F 252 22.32 6.02 -18.93
C ILE F 252 21.12 6.50 -18.07
N GLY F 253 21.36 7.31 -17.04
CA GLY F 253 20.27 7.85 -16.20
C GLY F 253 19.26 8.69 -17.00
N LEU F 254 19.75 9.55 -17.87
CA LEU F 254 18.90 10.36 -18.78
C LEU F 254 18.10 9.44 -19.68
N SER F 255 18.75 8.44 -20.24
CA SER F 255 18.17 7.52 -21.24
C SER F 255 17.04 6.72 -20.58
N VAL F 256 17.23 6.33 -19.34
CA VAL F 256 16.21 5.52 -18.60
C VAL F 256 15.02 6.40 -18.26
N ALA F 257 15.23 7.65 -17.85
CA ALA F 257 14.11 8.56 -17.54
C ALA F 257 13.31 8.84 -18.82
N ASP F 258 13.98 8.86 -19.97
CA ASP F 258 13.32 9.07 -21.29
C ASP F 258 12.41 7.86 -21.60
N LEU F 259 12.88 6.64 -21.38
CA LEU F 259 12.03 5.42 -21.55
C LEU F 259 10.80 5.52 -20.63
N ILE F 260 11.01 5.88 -19.37
CA ILE F 260 9.95 5.95 -18.34
C ILE F 260 8.92 7.02 -18.75
N GLU F 261 9.36 8.17 -19.27
CA GLU F 261 8.46 9.24 -19.75
C GLU F 261 7.54 8.68 -20.83
N SER F 262 8.08 7.93 -21.79
CA SER F 262 7.24 7.35 -22.87
C SER F 262 6.14 6.48 -22.25
N MET F 263 6.51 5.66 -21.27
CA MET F 263 5.56 4.65 -20.72
C MET F 263 4.54 5.31 -19.80
N LEU F 264 4.97 6.13 -18.83
CA LEU F 264 4.01 6.75 -17.88
C LEU F 264 3.13 7.77 -18.61
N LYS F 265 3.56 8.42 -19.69
CA LYS F 265 2.71 9.40 -20.41
C LYS F 265 1.97 8.69 -21.54
N ASN F 266 2.20 7.37 -21.69
CA ASN F 266 1.47 6.51 -22.66
C ASN F 266 1.66 7.00 -24.10
N LEU F 267 2.89 7.31 -24.49
CA LEU F 267 3.14 8.12 -25.73
C LEU F 267 3.22 7.22 -26.98
N SER F 268 3.60 5.95 -26.87
CA SER F 268 3.89 5.06 -28.05
C SER F 268 5.03 5.68 -28.89
N ARG F 269 6.07 6.17 -28.22
CA ARG F 269 7.30 6.58 -28.90
C ARG F 269 8.15 5.33 -29.19
N ILE F 270 9.06 5.44 -30.13
CA ILE F 270 9.89 4.30 -30.58
C ILE F 270 11.29 4.48 -30.01
N HIS F 271 11.79 3.45 -29.33
CA HIS F 271 13.11 3.43 -28.67
C HIS F 271 13.85 2.16 -29.05
N PRO F 272 15.19 2.19 -29.25
CA PRO F 272 15.98 0.99 -29.51
C PRO F 272 16.36 0.30 -28.19
N VAL F 273 15.42 -0.44 -27.65
CA VAL F 273 15.53 -1.21 -26.40
C VAL F 273 15.49 -2.68 -26.79
N SER F 274 15.81 -3.53 -25.82
CA SER F 274 15.98 -4.99 -25.96
C SER F 274 14.62 -5.66 -25.74
N THR F 275 14.15 -6.50 -26.69
CA THR F 275 12.90 -7.31 -26.50
C THR F 275 13.24 -8.77 -26.86
N MET F 276 12.31 -9.71 -26.58
CA MET F 276 12.55 -11.14 -26.85
C MET F 276 12.25 -11.37 -28.36
N VAL F 277 13.31 -11.63 -29.14
CA VAL F 277 13.33 -11.52 -30.62
C VAL F 277 13.30 -12.92 -31.27
N LYS F 278 12.97 -13.97 -30.50
CA LYS F 278 12.79 -15.30 -31.14
C LYS F 278 11.76 -15.13 -32.28
N GLY F 279 12.16 -15.50 -33.52
CA GLY F 279 11.23 -15.53 -34.65
C GLY F 279 11.24 -14.24 -35.45
N MET F 280 12.05 -13.26 -35.06
CA MET F 280 12.34 -12.04 -35.86
C MET F 280 13.64 -12.30 -36.65
N TYR F 281 13.60 -12.08 -37.97
CA TYR F 281 14.77 -12.18 -38.87
C TYR F 281 15.26 -13.64 -38.86
N GLY F 282 14.31 -14.55 -38.63
CA GLY F 282 14.54 -15.99 -38.42
C GLY F 282 15.38 -16.33 -37.19
N ILE F 283 15.47 -15.44 -36.21
CA ILE F 283 16.25 -15.75 -34.98
C ILE F 283 15.59 -16.98 -34.32
N GLU F 284 16.42 -17.94 -33.92
CA GLU F 284 15.99 -19.33 -33.55
C GLU F 284 15.75 -19.49 -32.04
N ASN F 285 16.40 -18.69 -31.19
CA ASN F 285 16.38 -18.92 -29.73
C ASN F 285 15.76 -17.74 -29.00
N GLU F 286 15.34 -18.02 -27.77
CA GLU F 286 14.75 -17.02 -26.84
C GLU F 286 15.90 -16.18 -26.29
N VAL F 287 16.13 -15.04 -26.94
CA VAL F 287 17.17 -14.06 -26.54
C VAL F 287 16.55 -12.67 -26.64
N PHE F 288 17.18 -11.73 -25.96
CA PHE F 288 16.83 -10.29 -26.01
C PHE F 288 17.91 -9.58 -26.83
N LEU F 289 17.48 -8.85 -27.86
CA LEU F 289 18.31 -7.93 -28.67
C LEU F 289 17.50 -6.67 -28.91
N SER F 290 18.18 -5.58 -29.26
CA SER F 290 17.54 -4.26 -29.45
C SER F 290 17.05 -4.16 -30.90
N LEU F 291 15.80 -3.72 -31.02
CA LEU F 291 15.10 -3.36 -32.27
C LEU F 291 14.39 -2.06 -31.92
N PRO F 292 13.87 -1.32 -32.91
CA PRO F 292 13.04 -0.16 -32.63
C PRO F 292 11.71 -0.69 -32.06
N CYS F 293 11.37 -0.30 -30.83
CA CYS F 293 10.17 -0.81 -30.10
C CYS F 293 9.27 0.33 -29.68
N ILE F 294 7.97 0.07 -29.68
CA ILE F 294 6.93 1.05 -29.27
C ILE F 294 6.74 0.90 -27.77
N LEU F 295 6.91 2.00 -27.03
CA LEU F 295 6.69 2.01 -25.56
C LEU F 295 5.51 2.91 -25.20
N ASN F 296 4.67 2.43 -24.28
CA ASN F 296 3.46 3.16 -23.79
C ASN F 296 3.11 2.56 -22.43
N ALA F 297 1.93 2.87 -21.90
CA ALA F 297 1.59 2.55 -20.49
C ALA F 297 1.52 1.04 -20.30
N ARG F 298 1.34 0.27 -21.37
CA ARG F 298 1.29 -1.21 -21.26
C ARG F 298 2.70 -1.80 -21.16
N GLY F 299 3.70 -1.05 -21.61
CA GLY F 299 5.11 -1.48 -21.70
C GLY F 299 5.56 -1.47 -23.15
N LEU F 300 6.16 -2.56 -23.61
CA LEU F 300 6.73 -2.67 -24.97
C LEU F 300 5.75 -3.50 -25.81
N THR F 301 4.89 -2.81 -26.58
CA THR F 301 3.69 -3.44 -27.19
C THR F 301 3.97 -3.86 -28.63
N SER F 302 4.96 -3.26 -29.30
CA SER F 302 5.20 -3.52 -30.74
C SER F 302 6.69 -3.37 -31.07
N VAL F 303 7.11 -3.99 -32.16
CA VAL F 303 8.45 -3.80 -32.79
C VAL F 303 8.23 -3.32 -34.21
N ILE F 304 9.11 -2.44 -34.67
CA ILE F 304 9.11 -2.00 -36.09
C ILE F 304 9.85 -3.06 -36.89
N ASN F 305 9.21 -3.62 -37.89
CA ASN F 305 9.85 -4.51 -38.88
C ASN F 305 10.68 -3.67 -39.85
N GLN F 306 11.92 -4.05 -40.09
CA GLN F 306 12.89 -3.29 -40.91
C GLN F 306 13.34 -4.13 -42.13
N LYS F 307 13.77 -3.45 -43.19
CA LYS F 307 14.37 -4.13 -44.36
C LYS F 307 15.86 -4.30 -44.08
N LEU F 308 16.24 -5.27 -43.24
CA LEU F 308 17.67 -5.49 -42.87
C LEU F 308 18.39 -6.23 -43.99
N LYS F 309 19.63 -5.81 -44.28
CA LYS F 309 20.54 -6.47 -45.26
C LYS F 309 20.93 -7.85 -44.69
N ASP F 310 21.48 -8.69 -45.56
CA ASP F 310 21.94 -10.07 -45.24
C ASP F 310 22.98 -10.02 -44.12
N ASP F 311 23.98 -9.13 -44.21
CA ASP F 311 25.09 -9.04 -43.23
C ASP F 311 24.56 -8.55 -41.88
N GLU F 312 23.48 -7.75 -41.89
CA GLU F 312 22.84 -7.22 -40.66
C GLU F 312 22.11 -8.38 -39.96
N VAL F 313 21.29 -9.11 -40.70
CA VAL F 313 20.55 -10.29 -40.15
C VAL F 313 21.55 -11.32 -39.59
N ALA F 314 22.67 -11.55 -40.32
CA ALA F 314 23.72 -12.52 -39.96
C ALA F 314 24.36 -12.13 -38.62
N GLN F 315 24.66 -10.85 -38.40
CA GLN F 315 25.22 -10.38 -37.11
C GLN F 315 24.19 -10.63 -35.99
N LEU F 316 22.91 -10.36 -36.24
CA LEU F 316 21.85 -10.57 -35.20
C LEU F 316 21.81 -12.05 -34.82
N LYS F 317 21.84 -12.94 -35.81
CA LYS F 317 21.73 -14.40 -35.55
C LYS F 317 23.03 -14.84 -34.85
N LYS F 318 24.16 -14.25 -35.21
CA LYS F 318 25.48 -14.52 -34.56
C LYS F 318 25.40 -14.12 -33.08
N SER F 319 24.94 -12.90 -32.81
CA SER F 319 24.68 -12.35 -31.45
C SER F 319 23.73 -13.26 -30.66
N ALA F 320 22.60 -13.65 -31.25
CA ALA F 320 21.61 -14.59 -30.66
C ALA F 320 22.30 -15.91 -30.28
N ASP F 321 23.21 -16.42 -31.13
CA ASP F 321 23.91 -17.71 -30.90
C ASP F 321 24.85 -17.60 -29.68
N THR F 322 25.68 -16.54 -29.62
CA THR F 322 26.59 -16.25 -28.48
C THR F 322 25.80 -16.20 -27.17
N LEU F 323 24.70 -15.44 -27.14
CA LEU F 323 23.82 -15.29 -25.95
C LEU F 323 23.22 -16.65 -25.57
N TRP F 324 22.65 -17.37 -26.54
CA TRP F 324 22.00 -18.68 -26.25
C TRP F 324 23.06 -19.64 -25.68
N ASP F 325 24.27 -19.62 -26.24
CA ASP F 325 25.41 -20.48 -25.80
C ASP F 325 25.62 -20.34 -24.30
N ILE F 326 25.54 -19.12 -23.79
CA ILE F 326 25.66 -18.80 -22.35
C ILE F 326 24.35 -19.18 -21.65
N GLN F 327 23.20 -18.79 -22.22
CA GLN F 327 21.88 -18.96 -21.55
C GLN F 327 21.55 -20.46 -21.34
N LYS F 328 21.84 -21.33 -22.30
CA LYS F 328 21.37 -22.74 -22.23
C LYS F 328 22.00 -23.48 -21.02
N ASP F 329 23.01 -22.89 -20.37
CA ASP F 329 23.74 -23.51 -19.23
C ASP F 329 23.48 -22.78 -17.90
N LEU F 330 22.58 -21.78 -17.87
CA LEU F 330 22.14 -21.13 -16.61
C LEU F 330 21.10 -22.05 -15.90
N LYS F 331 21.20 -22.20 -14.57
CA LYS F 331 20.36 -23.14 -13.75
C LYS F 331 19.31 -22.36 -12.93
N ASP F 332 18.17 -23.02 -12.64
CA ASP F 332 17.10 -22.54 -11.69
C ASP F 332 16.51 -21.21 -12.20
N LEU F 333 16.11 -21.17 -13.48
CA LEU F 333 15.61 -19.96 -14.16
C LEU F 333 14.08 -20.08 -14.34
N ALA G 1 -3.02 -7.29 -46.45
CA ALA G 1 -1.53 -7.03 -46.43
C ALA G 1 -1.25 -5.55 -46.19
N THR G 2 -1.71 -4.97 -45.09
CA THR G 2 -1.71 -3.48 -44.86
C THR G 2 -0.30 -2.97 -44.50
N LEU G 3 -0.09 -1.65 -44.62
CA LEU G 3 1.19 -1.00 -44.22
C LEU G 3 1.47 -1.31 -42.74
N LYS G 4 0.51 -1.00 -41.87
CA LYS G 4 0.58 -1.24 -40.40
C LYS G 4 0.97 -2.70 -40.14
N GLU G 5 0.30 -3.65 -40.79
CA GLU G 5 0.63 -5.09 -40.66
C GLU G 5 2.06 -5.35 -41.14
N LYS G 6 2.54 -4.69 -42.20
CA LYS G 6 3.91 -4.94 -42.73
C LYS G 6 4.93 -4.33 -41.78
N LEU G 7 4.65 -3.13 -41.27
CA LEU G 7 5.61 -2.30 -40.53
C LEU G 7 5.70 -2.74 -39.06
N ILE G 8 4.57 -3.06 -38.43
CA ILE G 8 4.47 -3.14 -36.94
C ILE G 8 4.13 -4.57 -36.52
N ALA G 9 5.06 -5.21 -35.81
CA ALA G 9 4.92 -6.58 -35.28
C ALA G 9 4.45 -6.46 -33.84
N PRO G 10 3.27 -7.01 -33.48
CA PRO G 10 2.77 -6.91 -32.11
C PRO G 10 3.61 -7.77 -31.16
N VAL G 11 3.92 -7.23 -29.98
CA VAL G 11 4.53 -7.98 -28.85
C VAL G 11 3.43 -8.33 -27.84
N ALA G 12 2.47 -7.43 -27.61
CA ALA G 12 1.30 -7.70 -26.75
C ALA G 12 0.07 -7.69 -27.66
N GLU G 13 -0.97 -8.47 -27.32
CA GLU G 13 -2.26 -8.46 -28.04
C GLU G 13 -2.87 -7.07 -27.85
N GLU G 14 -3.43 -6.49 -28.92
CA GLU G 14 -4.18 -5.20 -28.84
C GLU G 14 -5.30 -5.34 -27.82
N GLU G 15 -5.45 -4.34 -26.96
CA GLU G 15 -6.29 -4.41 -25.73
C GLU G 15 -6.89 -3.02 -25.45
N ALA G 16 -8.14 -2.99 -24.99
CA ALA G 16 -8.79 -1.81 -24.36
C ALA G 16 -7.93 -1.37 -23.17
N THR G 17 -7.56 -0.10 -23.11
CA THR G 17 -6.80 0.51 -21.98
C THR G 17 -7.67 1.59 -21.33
N VAL G 18 -7.48 1.83 -20.03
CA VAL G 18 -8.13 2.95 -19.30
C VAL G 18 -7.06 4.00 -19.06
N PRO G 19 -7.33 5.28 -19.40
CA PRO G 19 -6.36 6.33 -19.13
C PRO G 19 -6.12 6.47 -17.62
N ASN G 20 -4.90 6.80 -17.28
CA ASN G 20 -4.38 6.96 -15.91
C ASN G 20 -4.69 8.37 -15.37
N ASN G 21 -4.70 9.39 -16.23
CA ASN G 21 -4.80 10.82 -15.83
C ASN G 21 -5.65 11.55 -16.87
N LYS G 22 -6.88 11.13 -17.02
CA LYS G 22 -7.82 11.75 -17.98
C LYS G 22 -8.42 12.99 -17.32
N ILE G 23 -8.52 14.06 -18.10
CA ILE G 23 -9.14 15.34 -17.68
C ILE G 23 -10.21 15.65 -18.72
N THR G 24 -11.36 16.10 -18.24
CA THR G 24 -12.46 16.62 -19.09
C THR G 24 -12.58 18.12 -18.78
N VAL G 25 -12.75 18.92 -19.84
CA VAL G 25 -13.15 20.35 -19.75
C VAL G 25 -14.57 20.46 -20.33
N VAL G 26 -15.51 20.94 -19.51
CA VAL G 26 -16.91 21.18 -19.94
C VAL G 26 -17.04 22.65 -20.28
N GLY G 27 -17.38 22.97 -21.54
CA GLY G 27 -17.41 24.34 -22.05
C GLY G 27 -16.12 24.68 -22.75
N VAL G 28 -16.14 24.89 -24.08
CA VAL G 28 -14.95 25.24 -24.91
C VAL G 28 -15.00 26.72 -25.30
N GLY G 29 -15.48 27.56 -24.39
CA GLY G 29 -15.41 29.03 -24.51
C GLY G 29 -14.00 29.53 -24.24
N GLN G 30 -13.89 30.82 -23.99
CA GLN G 30 -12.63 31.54 -23.71
C GLN G 30 -11.92 30.86 -22.53
N VAL G 31 -12.66 30.57 -21.45
CA VAL G 31 -12.07 30.00 -20.20
C VAL G 31 -11.76 28.53 -20.43
N GLY G 32 -12.72 27.76 -20.97
CA GLY G 32 -12.48 26.31 -21.18
C GLY G 32 -11.25 26.06 -22.05
N MET G 33 -11.07 26.83 -23.14
CA MET G 33 -9.87 26.62 -23.99
C MET G 33 -8.59 27.11 -23.29
N ALA G 34 -8.63 28.17 -22.49
CA ALA G 34 -7.45 28.59 -21.70
C ALA G 34 -7.08 27.48 -20.73
N CYS G 35 -8.08 26.81 -20.15
CA CYS G 35 -7.80 25.69 -19.23
C CYS G 35 -7.18 24.55 -20.05
N ALA G 36 -7.75 24.23 -21.20
CA ALA G 36 -7.28 23.10 -22.03
C ALA G 36 -5.84 23.32 -22.47
N ILE G 37 -5.50 24.51 -23.00
CA ILE G 37 -4.10 24.74 -23.50
C ILE G 37 -3.12 24.65 -22.33
N SER G 38 -3.51 25.14 -21.16
CA SER G 38 -2.63 25.17 -19.97
C SER G 38 -2.45 23.73 -19.46
N ILE G 39 -3.51 22.95 -19.40
CA ILE G 39 -3.44 21.52 -19.01
C ILE G 39 -2.51 20.78 -19.99
N LEU G 40 -2.69 20.98 -21.28
CA LEU G 40 -1.85 20.27 -22.28
C LEU G 40 -0.41 20.76 -22.23
N GLY G 41 -0.20 22.06 -22.04
CA GLY G 41 1.17 22.61 -21.96
C GLY G 41 1.95 22.07 -20.78
N LYS G 42 1.27 21.69 -19.69
CA LYS G 42 1.96 21.17 -18.47
C LYS G 42 1.97 19.64 -18.49
N SER G 43 1.56 19.03 -19.60
CA SER G 43 1.47 17.55 -19.82
C SER G 43 0.73 16.92 -18.66
N LEU G 44 -0.40 17.48 -18.23
CA LEU G 44 -1.09 16.96 -17.04
C LEU G 44 -2.05 15.81 -17.40
N ALA G 45 -2.37 15.61 -18.68
CA ALA G 45 -3.42 14.66 -19.13
C ALA G 45 -2.86 13.64 -20.13
N ASP G 46 -3.17 12.36 -19.93
CA ASP G 46 -2.90 11.31 -20.94
C ASP G 46 -4.11 11.21 -21.87
N GLU G 47 -5.26 11.76 -21.48
CA GLU G 47 -6.45 11.89 -22.34
C GLU G 47 -7.11 13.21 -21.95
N LEU G 48 -7.44 14.05 -22.92
CA LEU G 48 -8.23 15.27 -22.71
C LEU G 48 -9.53 15.11 -23.48
N ALA G 49 -10.66 15.19 -22.77
CA ALA G 49 -12.02 15.15 -23.36
C ALA G 49 -12.62 16.54 -23.23
N LEU G 50 -13.25 17.01 -24.31
CA LEU G 50 -13.94 18.31 -24.33
C LEU G 50 -15.43 18.07 -24.53
N VAL G 51 -16.29 18.78 -23.79
CA VAL G 51 -17.78 18.73 -23.98
C VAL G 51 -18.30 20.16 -24.13
N ASP G 52 -19.28 20.32 -25.03
CA ASP G 52 -20.01 21.60 -25.22
C ASP G 52 -21.33 21.25 -25.91
N VAL G 53 -22.24 22.20 -25.98
CA VAL G 53 -23.53 22.06 -26.72
C VAL G 53 -23.33 22.54 -28.15
N LEU G 54 -22.25 23.25 -28.45
CA LEU G 54 -21.99 23.80 -29.81
C LEU G 54 -21.12 22.82 -30.57
N GLU G 55 -21.73 21.97 -31.42
CA GLU G 55 -21.02 20.77 -31.95
C GLU G 55 -19.91 21.16 -32.93
N ASP G 56 -20.15 22.15 -33.78
CA ASP G 56 -19.12 22.65 -34.74
C ASP G 56 -17.94 23.26 -33.97
N LYS G 57 -18.17 24.21 -33.07
CA LYS G 57 -17.06 24.86 -32.33
C LYS G 57 -16.28 23.78 -31.56
N LEU G 58 -16.98 22.85 -30.91
CA LEU G 58 -16.37 21.73 -30.15
C LEU G 58 -15.44 20.91 -31.07
N LYS G 59 -15.89 20.47 -32.25
CA LYS G 59 -15.06 19.68 -33.18
C LYS G 59 -13.88 20.54 -33.68
N GLY G 60 -14.10 21.83 -34.00
CA GLY G 60 -13.00 22.73 -34.43
C GLY G 60 -11.92 22.83 -33.38
N GLU G 61 -12.30 23.02 -32.12
CA GLU G 61 -11.35 23.14 -30.99
C GLU G 61 -10.58 21.82 -30.82
N MET G 62 -11.29 20.70 -30.86
CA MET G 62 -10.67 19.37 -30.76
C MET G 62 -9.60 19.20 -31.86
N MET G 63 -9.94 19.50 -33.11
CA MET G 63 -9.03 19.29 -34.26
C MET G 63 -7.80 20.20 -34.13
N ASP G 64 -7.99 21.45 -33.70
CA ASP G 64 -6.90 22.46 -33.59
C ASP G 64 -5.88 21.94 -32.55
N LEU G 65 -6.35 21.48 -31.39
CA LEU G 65 -5.46 20.92 -30.35
C LEU G 65 -4.78 19.68 -30.93
N GLN G 66 -5.53 18.80 -31.62
CA GLN G 66 -4.96 17.56 -32.19
C GLN G 66 -3.83 17.91 -33.17
N HIS G 67 -4.00 18.97 -33.95
CA HIS G 67 -2.97 19.41 -34.92
C HIS G 67 -1.68 19.81 -34.19
N GLY G 68 -1.76 20.22 -32.92
CA GLY G 68 -0.55 20.57 -32.13
C GLY G 68 0.11 19.37 -31.43
N SER G 69 -0.40 18.16 -31.66
CA SER G 69 0.02 16.91 -30.96
C SER G 69 1.54 16.72 -30.95
N LEU G 70 2.20 17.01 -32.07
CA LEU G 70 3.67 16.82 -32.16
C LEU G 70 4.36 17.57 -31.02
N PHE G 71 3.82 18.70 -30.59
CA PHE G 71 4.47 19.58 -29.59
C PHE G 71 4.01 19.24 -28.18
N LEU G 72 3.14 18.23 -28.01
CA LEU G 72 2.48 17.92 -26.71
C LEU G 72 2.81 16.49 -26.30
N GLN G 73 2.35 16.11 -25.11
CA GLN G 73 2.50 14.76 -24.54
C GLN G 73 1.14 14.28 -24.09
N THR G 74 0.11 14.46 -24.94
CA THR G 74 -1.26 13.98 -24.69
C THR G 74 -1.68 13.19 -25.92
N PRO G 75 -1.59 11.84 -25.88
CA PRO G 75 -1.85 11.02 -27.07
C PRO G 75 -3.31 10.80 -27.49
N LYS G 76 -4.28 11.18 -26.65
CA LYS G 76 -5.71 11.07 -27.02
C LYS G 76 -6.42 12.37 -26.65
N ILE G 77 -6.88 13.10 -27.66
CA ILE G 77 -7.76 14.30 -27.48
C ILE G 77 -9.09 13.94 -28.16
N VAL G 78 -10.19 14.00 -27.41
CA VAL G 78 -11.54 13.62 -27.90
C VAL G 78 -12.54 14.70 -27.51
N ALA G 79 -13.64 14.78 -28.27
CA ALA G 79 -14.70 15.77 -27.99
C ALA G 79 -16.02 15.23 -28.51
N ASP G 80 -17.07 15.51 -27.75
CA ASP G 80 -18.44 15.11 -28.14
C ASP G 80 -19.44 15.83 -27.25
N LYS G 81 -20.64 15.99 -27.77
CA LYS G 81 -21.78 16.56 -27.01
C LYS G 81 -22.14 15.56 -25.86
N ASP G 82 -22.01 14.25 -26.22
CA ASP G 82 -22.41 13.07 -25.39
C ASP G 82 -21.42 12.85 -24.26
N TYR G 83 -21.89 12.76 -23.00
CA TYR G 83 -20.98 12.71 -21.81
C TYR G 83 -20.29 11.34 -21.75
N SER G 84 -20.65 10.40 -22.62
CA SER G 84 -19.92 9.10 -22.74
C SER G 84 -18.45 9.38 -23.07
N VAL G 85 -18.15 10.50 -23.72
CA VAL G 85 -16.75 10.84 -24.12
C VAL G 85 -15.93 11.14 -22.86
N THR G 86 -16.57 11.45 -21.73
CA THR G 86 -15.88 11.90 -20.49
C THR G 86 -15.56 10.70 -19.59
N ALA G 87 -15.93 9.48 -19.99
CA ALA G 87 -15.88 8.30 -19.08
C ALA G 87 -14.45 8.15 -18.52
N ASN G 88 -14.36 7.90 -17.20
CA ASN G 88 -13.10 7.57 -16.48
C ASN G 88 -12.20 8.81 -16.38
N SER G 89 -12.77 10.00 -16.24
CA SER G 89 -12.00 11.25 -15.96
C SER G 89 -11.58 11.25 -14.48
N LYS G 90 -10.33 11.63 -14.21
CA LYS G 90 -9.85 11.86 -12.83
C LYS G 90 -10.37 13.20 -12.34
N ILE G 91 -10.34 14.19 -13.23
CA ILE G 91 -10.73 15.58 -12.90
C ILE G 91 -11.62 16.06 -14.04
N VAL G 92 -12.68 16.75 -13.67
CA VAL G 92 -13.62 17.41 -14.61
C VAL G 92 -13.65 18.88 -14.22
N VAL G 93 -13.29 19.73 -15.19
CA VAL G 93 -13.32 21.22 -15.04
C VAL G 93 -14.62 21.71 -15.68
N VAL G 94 -15.46 22.40 -14.89
CA VAL G 94 -16.75 22.94 -15.40
C VAL G 94 -16.64 24.47 -15.60
N THR G 95 -16.68 24.87 -16.89
CA THR G 95 -16.62 26.29 -17.34
C THR G 95 -17.92 26.68 -18.05
N ALA G 96 -18.92 25.80 -18.09
CA ALA G 96 -20.19 26.03 -18.82
C ALA G 96 -20.98 27.12 -18.08
N GLY G 97 -21.65 27.97 -18.84
CA GLY G 97 -22.62 28.92 -18.24
C GLY G 97 -23.34 29.73 -19.31
N VAL G 98 -24.17 30.67 -18.86
CA VAL G 98 -25.05 31.53 -19.71
C VAL G 98 -24.71 33.01 -19.43
N ARG G 99 -25.41 33.96 -20.10
CA ARG G 99 -25.11 35.43 -20.14
C ARG G 99 -25.93 36.20 -19.09
N GLN G 100 -25.29 37.12 -18.34
CA GLN G 100 -25.69 37.63 -16.99
C GLN G 100 -26.77 38.72 -17.06
N GLN G 101 -27.17 39.18 -18.26
CA GLN G 101 -27.97 40.42 -18.45
C GLN G 101 -29.47 40.14 -18.28
N GLU G 102 -29.95 38.98 -18.76
CA GLU G 102 -31.40 38.58 -18.79
C GLU G 102 -31.95 38.52 -17.36
N GLY G 103 -31.36 37.65 -16.52
CA GLY G 103 -31.68 37.51 -15.08
C GLY G 103 -31.09 38.67 -14.29
N GLU G 104 -31.65 39.88 -14.40
CA GLU G 104 -31.12 41.10 -13.72
C GLU G 104 -30.83 40.70 -12.27
N SER G 105 -31.81 40.12 -11.57
CA SER G 105 -31.67 39.65 -10.16
C SER G 105 -30.71 38.46 -10.07
N ARG G 106 -29.90 38.44 -9.00
CA ARG G 106 -28.92 37.37 -8.71
C ARG G 106 -29.66 36.03 -8.53
N LEU G 107 -30.82 36.00 -7.86
CA LEU G 107 -31.63 34.75 -7.70
C LEU G 107 -32.02 34.22 -9.08
N ASN G 108 -32.40 35.11 -10.01
CA ASN G 108 -32.83 34.79 -11.39
C ASN G 108 -31.67 34.19 -12.19
N LEU G 109 -30.51 34.86 -12.23
CA LEU G 109 -29.34 34.49 -13.09
C LEU G 109 -28.81 33.09 -12.71
N VAL G 110 -28.76 32.81 -11.40
CA VAL G 110 -28.40 31.48 -10.83
C VAL G 110 -29.33 30.42 -11.44
N GLN G 111 -30.66 30.61 -11.38
CA GLN G 111 -31.66 29.58 -11.81
C GLN G 111 -31.29 29.05 -13.21
N ARG G 112 -30.91 29.93 -14.16
CA ARG G 112 -30.62 29.50 -15.56
C ARG G 112 -29.32 28.69 -15.59
N ASN G 113 -28.32 29.09 -14.82
CA ASN G 113 -27.07 28.28 -14.70
C ASN G 113 -27.40 26.96 -14.02
N VAL G 114 -28.26 26.97 -13.00
CA VAL G 114 -28.73 25.75 -12.27
C VAL G 114 -29.44 24.82 -13.25
N ASN G 115 -30.22 25.35 -14.20
CA ASN G 115 -30.82 24.55 -15.29
C ASN G 115 -29.71 23.85 -16.08
N VAL G 116 -28.68 24.57 -16.50
CA VAL G 116 -27.56 23.97 -17.28
C VAL G 116 -26.93 22.85 -16.44
N PHE G 117 -26.61 23.15 -15.18
CA PHE G 117 -25.90 22.23 -14.26
C PHE G 117 -26.79 21.04 -13.92
N LYS G 118 -28.11 21.21 -13.89
CA LYS G 118 -29.01 20.09 -13.50
C LYS G 118 -28.80 18.92 -14.48
N PHE G 119 -28.49 19.20 -15.77
CA PHE G 119 -28.17 18.18 -16.82
C PHE G 119 -26.71 17.74 -16.77
N ILE G 120 -25.79 18.71 -16.71
CA ILE G 120 -24.34 18.45 -16.87
C ILE G 120 -23.86 17.55 -15.73
N ILE G 121 -24.16 17.96 -14.49
CA ILE G 121 -23.47 17.34 -13.31
C ILE G 121 -23.91 15.88 -13.16
N PRO G 122 -25.21 15.51 -13.17
CA PRO G 122 -25.60 14.09 -13.10
C PRO G 122 -25.02 13.13 -14.21
N GLN G 123 -24.72 13.78 -15.39
CA GLN G 123 -24.03 13.13 -16.54
C GLN G 123 -22.54 12.92 -16.19
N ILE G 124 -21.87 13.95 -15.66
CA ILE G 124 -20.43 13.85 -15.26
C ILE G 124 -20.27 12.64 -14.33
N VAL G 125 -21.07 12.57 -13.25
CA VAL G 125 -20.81 11.53 -12.21
C VAL G 125 -21.28 10.16 -12.73
N LYS G 126 -22.28 10.16 -13.61
CA LYS G 126 -22.70 8.93 -14.31
C LYS G 126 -21.47 8.26 -14.96
N TYR G 127 -20.67 9.02 -15.72
CA TYR G 127 -19.60 8.45 -16.58
C TYR G 127 -18.24 8.43 -15.86
N SER G 128 -18.07 9.25 -14.81
CA SER G 128 -16.88 9.20 -13.90
C SER G 128 -17.30 9.32 -12.44
N PRO G 129 -17.83 8.21 -11.83
CA PRO G 129 -18.23 8.22 -10.43
C PRO G 129 -17.13 8.61 -9.42
N ASP G 130 -15.86 8.34 -9.73
CA ASP G 130 -14.73 8.56 -8.80
C ASP G 130 -14.04 9.92 -9.08
N CYS G 131 -14.62 10.83 -9.87
CA CYS G 131 -13.90 12.04 -10.33
C CYS G 131 -13.81 13.09 -9.21
N ILE G 132 -12.92 14.05 -9.39
CA ILE G 132 -12.90 15.36 -8.71
C ILE G 132 -13.52 16.38 -9.69
N ILE G 133 -14.43 17.24 -9.23
CA ILE G 133 -14.97 18.33 -10.09
C ILE G 133 -14.39 19.66 -9.60
N ILE G 134 -13.79 20.44 -10.49
CA ILE G 134 -13.37 21.85 -10.26
C ILE G 134 -14.43 22.70 -10.96
N VAL G 135 -15.14 23.50 -10.18
CA VAL G 135 -16.17 24.44 -10.70
C VAL G 135 -15.53 25.81 -10.95
N VAL G 136 -15.63 26.26 -12.20
CA VAL G 136 -15.08 27.56 -12.66
C VAL G 136 -16.24 28.50 -13.00
N SER G 137 -17.36 27.99 -13.48
CA SER G 137 -18.51 28.81 -13.95
C SER G 137 -18.99 29.80 -12.88
N ASN G 138 -19.32 31.04 -13.27
CA ASN G 138 -19.85 32.07 -12.34
C ASN G 138 -21.37 31.99 -12.34
N PRO G 139 -22.06 32.30 -11.21
CA PRO G 139 -21.40 32.69 -9.97
C PRO G 139 -20.85 31.47 -9.21
N VAL G 140 -19.55 31.50 -8.96
CA VAL G 140 -18.76 30.26 -8.70
C VAL G 140 -19.13 29.65 -7.33
N ASP G 141 -19.30 30.45 -6.28
CA ASP G 141 -19.49 29.90 -4.92
C ASP G 141 -20.85 29.18 -4.87
N ILE G 142 -21.87 29.78 -5.49
CA ILE G 142 -23.22 29.15 -5.62
C ILE G 142 -23.14 27.88 -6.50
N LEU G 143 -22.54 27.99 -7.70
CA LEU G 143 -22.54 26.85 -8.66
C LEU G 143 -21.67 25.71 -8.09
N THR G 144 -20.79 26.03 -7.11
CA THR G 144 -20.00 24.97 -6.41
C THR G 144 -20.95 24.22 -5.47
N TYR G 145 -21.78 24.95 -4.71
CA TYR G 145 -22.84 24.36 -3.84
C TYR G 145 -23.84 23.50 -4.68
N VAL G 146 -24.24 24.06 -5.83
CA VAL G 146 -25.19 23.40 -6.76
C VAL G 146 -24.56 22.08 -7.27
N THR G 147 -23.31 22.14 -7.72
CA THR G 147 -22.57 20.95 -8.20
C THR G 147 -22.55 19.86 -7.07
N TRP G 148 -22.18 20.27 -5.86
CA TRP G 148 -22.02 19.34 -4.69
C TRP G 148 -23.35 18.59 -4.51
N LYS G 149 -24.48 19.30 -4.51
CA LYS G 149 -25.83 18.72 -4.26
C LYS G 149 -26.29 17.80 -5.42
N LEU G 150 -25.96 18.21 -6.69
CA LEU G 150 -26.41 17.44 -7.88
C LEU G 150 -25.52 16.20 -8.05
N SER G 151 -24.23 16.30 -7.69
CA SER G 151 -23.20 15.24 -7.91
C SER G 151 -23.38 14.08 -6.91
N GLY G 152 -23.88 14.38 -5.70
CA GLY G 152 -23.89 13.45 -4.56
C GLY G 152 -22.48 13.11 -4.07
N LEU G 153 -21.47 13.90 -4.46
CA LEU G 153 -20.05 13.62 -4.15
C LEU G 153 -19.74 14.12 -2.74
N PRO G 154 -18.76 13.46 -2.06
CA PRO G 154 -18.31 13.91 -0.75
C PRO G 154 -17.67 15.29 -0.90
N LYS G 155 -17.63 16.06 0.19
CA LYS G 155 -17.05 17.43 0.19
C LYS G 155 -15.68 17.50 -0.49
N HIS G 156 -14.81 16.52 -0.27
CA HIS G 156 -13.39 16.55 -0.69
C HIS G 156 -13.25 16.41 -2.21
N ARG G 157 -14.34 16.09 -2.93
CA ARG G 157 -14.39 15.80 -4.39
C ARG G 157 -14.95 17.00 -5.17
N VAL G 158 -15.46 18.03 -4.49
CA VAL G 158 -16.05 19.21 -5.18
C VAL G 158 -15.30 20.46 -4.73
N ILE G 159 -14.62 21.11 -5.67
CA ILE G 159 -13.76 22.27 -5.39
C ILE G 159 -14.20 23.47 -6.24
N GLY G 160 -14.38 24.63 -5.62
CA GLY G 160 -14.69 25.88 -6.32
C GLY G 160 -13.43 26.67 -6.58
N SER G 161 -13.29 27.24 -7.79
CA SER G 161 -12.13 28.08 -8.12
C SER G 161 -12.03 29.17 -7.06
N GLY G 162 -13.18 29.71 -6.63
CA GLY G 162 -13.30 30.59 -5.46
C GLY G 162 -12.32 31.75 -5.55
N CYS G 163 -11.47 31.94 -4.54
CA CYS G 163 -10.50 33.07 -4.44
C CYS G 163 -9.11 32.69 -4.91
N ASN G 164 -8.99 31.60 -5.66
CA ASN G 164 -7.69 31.16 -6.17
C ASN G 164 -7.12 32.26 -7.09
N LEU G 165 -7.92 32.77 -8.01
CA LEU G 165 -7.46 33.80 -8.99
C LEU G 165 -7.31 35.14 -8.24
N ASP G 166 -8.21 35.44 -7.32
CA ASP G 166 -8.19 36.68 -6.52
C ASP G 166 -6.82 36.79 -5.81
N SER G 167 -6.38 35.71 -5.15
CA SER G 167 -5.11 35.67 -4.39
C SER G 167 -3.92 35.86 -5.34
N ALA G 168 -3.92 35.19 -6.51
CA ALA G 168 -2.87 35.30 -7.54
C ALA G 168 -2.76 36.76 -8.01
N ARG G 169 -3.88 37.41 -8.22
CA ARG G 169 -3.90 38.85 -8.61
C ARG G 169 -3.34 39.71 -7.48
N PHE G 170 -3.74 39.44 -6.23
CA PHE G 170 -3.22 40.16 -5.03
C PHE G 170 -1.70 40.06 -4.97
N ARG G 171 -1.16 38.85 -5.17
CA ARG G 171 0.30 38.63 -5.08
C ARG G 171 1.00 39.35 -6.24
N TYR G 172 0.39 39.37 -7.43
CA TYR G 172 0.92 40.13 -8.59
C TYR G 172 1.00 41.62 -8.22
N LEU G 173 -0.07 42.21 -7.67
CA LEU G 173 -0.09 43.65 -7.30
C LEU G 173 0.91 43.96 -6.18
N MET G 174 1.06 43.08 -5.19
CA MET G 174 2.12 43.18 -4.14
C MET G 174 3.50 43.19 -4.81
N ALA G 175 3.71 42.31 -5.79
CA ALA G 175 5.00 42.10 -6.47
C ALA G 175 5.35 43.35 -7.26
N GLU G 176 4.34 43.92 -7.89
CA GLU G 176 4.52 45.11 -8.75
C GLU G 176 4.94 46.26 -7.82
N LYS G 177 4.41 46.35 -6.60
CA LYS G 177 4.77 47.41 -5.63
C LYS G 177 6.20 47.23 -5.13
N LEU G 178 6.71 46.01 -5.02
CA LEU G 178 8.00 45.77 -4.34
C LEU G 178 9.13 45.43 -5.32
N GLY G 179 8.82 45.10 -6.58
CA GLY G 179 9.82 44.78 -7.62
C GLY G 179 10.35 43.37 -7.46
N ILE G 180 9.53 42.45 -6.94
CA ILE G 180 9.94 41.04 -6.69
C ILE G 180 8.95 40.10 -7.35
N HIS G 181 9.34 38.85 -7.54
CA HIS G 181 8.48 37.84 -8.18
C HIS G 181 7.26 37.62 -7.29
N PRO G 182 6.04 37.46 -7.86
CA PRO G 182 4.86 37.19 -7.04
C PRO G 182 5.00 35.95 -6.13
N SER G 183 5.80 34.96 -6.52
CA SER G 183 5.98 33.71 -5.73
C SER G 183 6.75 34.01 -4.43
N SER G 184 7.45 35.15 -4.35
CA SER G 184 8.14 35.62 -3.12
C SER G 184 7.26 36.59 -2.32
N CYS G 185 6.06 36.91 -2.81
CA CYS G 185 5.02 37.72 -2.14
C CYS G 185 3.98 36.77 -1.59
N HIS G 186 3.55 36.95 -0.35
CA HIS G 186 2.62 36.01 0.31
C HIS G 186 1.45 36.82 0.86
N GLY G 187 0.24 36.37 0.57
CA GLY G 187 -0.99 36.99 1.07
C GLY G 187 -2.20 36.22 0.57
N TRP G 188 -3.27 36.26 1.35
CA TRP G 188 -4.49 35.42 1.14
C TRP G 188 -5.73 36.31 1.00
N ILE G 189 -6.41 36.17 -0.14
CA ILE G 189 -7.78 36.67 -0.33
C ILE G 189 -8.70 35.46 -0.15
N LEU G 190 -9.62 35.55 0.81
CA LEU G 190 -10.50 34.40 1.22
C LEU G 190 -11.97 34.81 1.16
N GLY G 191 -12.87 33.86 1.43
CA GLY G 191 -14.32 34.08 1.47
C GLY G 191 -14.95 34.01 0.11
N GLU G 192 -15.82 34.97 -0.18
CA GLU G 192 -16.59 35.05 -1.44
C GLU G 192 -15.66 35.58 -2.54
N HIS G 193 -15.54 34.88 -3.67
CA HIS G 193 -14.92 35.43 -4.91
C HIS G 193 -15.59 36.74 -5.29
N GLY G 194 -14.79 37.69 -5.80
CA GLY G 194 -15.25 39.00 -6.27
C GLY G 194 -15.42 39.99 -5.12
N ASP G 195 -16.57 40.66 -5.09
CA ASP G 195 -16.77 41.95 -4.39
C ASP G 195 -16.57 41.82 -2.87
N SER G 196 -17.03 40.73 -2.29
CA SER G 196 -17.19 40.59 -0.81
C SER G 196 -15.96 39.92 -0.21
N SER G 197 -14.91 39.69 -1.00
CA SER G 197 -13.71 38.91 -0.55
C SER G 197 -13.09 39.57 0.68
N VAL G 198 -12.41 38.76 1.48
CA VAL G 198 -11.66 39.18 2.68
C VAL G 198 -10.17 39.16 2.36
N ALA G 199 -9.46 40.26 2.66
CA ALA G 199 -7.98 40.32 2.59
C ALA G 199 -7.44 40.13 3.99
N VAL G 200 -6.71 39.01 4.23
CA VAL G 200 -6.18 38.66 5.57
C VAL G 200 -4.85 39.39 5.77
N TRP G 201 -4.92 40.64 6.23
CA TRP G 201 -3.78 41.59 6.34
C TRP G 201 -2.70 41.00 7.25
N SER G 202 -3.06 40.27 8.31
CA SER G 202 -2.09 39.72 9.31
C SER G 202 -1.18 38.68 8.64
N GLY G 203 -1.60 38.06 7.53
CA GLY G 203 -0.81 37.02 6.85
C GLY G 203 0.04 37.56 5.71
N VAL G 204 -0.08 38.85 5.35
CA VAL G 204 0.64 39.44 4.19
C VAL G 204 2.11 39.58 4.60
N ASN G 205 3.01 38.92 3.89
CA ASN G 205 4.43 38.93 4.32
C ASN G 205 5.35 38.71 3.12
N VAL G 206 6.61 39.12 3.29
CA VAL G 206 7.73 38.80 2.38
C VAL G 206 8.83 38.20 3.27
N ALA G 207 9.29 36.99 2.96
CA ALA G 207 10.37 36.31 3.70
C ALA G 207 10.03 36.20 5.20
N GLY G 208 8.75 36.07 5.52
CA GLY G 208 8.26 35.93 6.91
C GLY G 208 8.18 37.26 7.64
N VAL G 209 8.46 38.39 6.97
CA VAL G 209 8.35 39.74 7.58
C VAL G 209 6.89 40.19 7.41
N SER G 210 6.16 40.32 8.50
CA SER G 210 4.77 40.82 8.50
C SER G 210 4.75 42.28 8.02
N LEU G 211 4.04 42.57 6.93
CA LEU G 211 3.99 43.96 6.38
C LEU G 211 3.08 44.79 7.29
N GLN G 212 2.16 44.13 8.00
CA GLN G 212 1.19 44.76 8.94
C GLN G 212 1.90 45.09 10.25
N GLU G 213 2.93 44.34 10.63
CA GLU G 213 3.78 44.76 11.77
C GLU G 213 4.53 46.02 11.36
N LEU G 214 5.16 46.02 10.17
CA LEU G 214 5.89 47.20 9.66
C LEU G 214 4.90 48.37 9.72
N ASN G 215 3.80 48.27 8.99
CA ASN G 215 2.76 49.34 8.83
C ASN G 215 1.46 48.93 9.52
N PRO G 216 1.25 49.23 10.83
CA PRO G 216 0.04 48.82 11.53
C PRO G 216 -1.28 49.41 11.00
N GLU G 217 -1.21 50.29 9.98
CA GLU G 217 -2.35 51.04 9.40
C GLU G 217 -2.88 50.33 8.14
N MET G 218 -2.08 49.42 7.57
CA MET G 218 -2.45 48.57 6.41
C MET G 218 -3.93 48.14 6.54
N GLY G 219 -4.76 48.48 5.54
CA GLY G 219 -6.17 48.04 5.47
C GLY G 219 -7.15 49.06 6.03
N THR G 220 -6.66 50.08 6.75
CA THR G 220 -7.48 51.24 7.23
C THR G 220 -7.64 52.23 6.07
N ASP G 221 -8.39 53.32 6.29
CA ASP G 221 -8.56 54.49 5.38
C ASP G 221 -7.40 55.47 5.58
N ASN G 222 -6.49 55.14 6.51
CA ASN G 222 -5.51 56.03 7.18
C ASN G 222 -4.12 55.39 7.00
N ASP G 223 -3.73 55.11 5.75
CA ASP G 223 -2.57 54.26 5.37
C ASP G 223 -1.95 54.79 4.07
N SER G 224 -0.65 55.07 4.05
CA SER G 224 0.09 55.76 2.95
C SER G 224 0.67 54.79 1.91
N GLU G 225 0.66 53.46 2.16
CA GLU G 225 0.93 52.41 1.13
C GLU G 225 -0.40 52.02 0.46
N ASN G 226 -1.50 52.49 1.04
CA ASN G 226 -2.90 52.39 0.55
C ASN G 226 -3.24 50.95 0.19
N TRP G 227 -3.27 50.06 1.19
CA TRP G 227 -3.48 48.60 1.00
C TRP G 227 -4.97 48.33 0.71
N LYS G 228 -5.87 49.08 1.32
CA LYS G 228 -7.33 48.98 1.01
C LYS G 228 -7.53 49.13 -0.50
N GLU G 229 -6.75 50.01 -1.15
CA GLU G 229 -6.80 50.23 -2.62
C GLU G 229 -6.34 48.95 -3.32
N VAL G 230 -5.27 48.29 -2.85
CA VAL G 230 -4.75 47.07 -3.53
C VAL G 230 -5.84 45.97 -3.52
N HIS G 231 -6.53 45.77 -2.40
CA HIS G 231 -7.66 44.80 -2.27
C HIS G 231 -8.77 45.21 -3.24
N LYS G 232 -9.10 46.51 -3.29
CA LYS G 232 -10.12 47.02 -4.24
C LYS G 232 -9.65 46.69 -5.67
N MET G 233 -8.37 46.86 -5.99
CA MET G 233 -7.83 46.61 -7.36
C MET G 233 -7.96 45.13 -7.74
N VAL G 234 -7.83 44.20 -6.77
CA VAL G 234 -7.98 42.73 -7.01
C VAL G 234 -9.30 42.49 -7.74
N VAL G 235 -10.35 43.08 -7.21
CA VAL G 235 -11.73 43.01 -7.78
C VAL G 235 -11.83 43.89 -9.05
N GLU G 236 -11.44 45.16 -8.96
CA GLU G 236 -11.66 46.15 -10.05
C GLU G 236 -10.90 45.70 -11.31
N SER G 237 -9.68 45.19 -11.14
CA SER G 237 -8.77 44.77 -12.25
C SER G 237 -9.47 43.71 -13.12
N ALA G 238 -10.26 42.79 -12.55
CA ALA G 238 -10.97 41.74 -13.33
C ALA G 238 -12.09 42.37 -14.17
N TYR G 239 -12.91 43.24 -13.56
CA TYR G 239 -13.97 44.01 -14.23
C TYR G 239 -13.34 44.83 -15.38
N GLU G 240 -12.19 45.45 -15.10
CA GLU G 240 -11.42 46.27 -16.08
C GLU G 240 -11.01 45.38 -17.27
N VAL G 241 -10.48 44.18 -17.04
CA VAL G 241 -10.11 43.27 -18.16
C VAL G 241 -11.35 42.95 -19.00
N ILE G 242 -12.47 42.64 -18.35
CA ILE G 242 -13.75 42.27 -19.01
C ILE G 242 -14.22 43.44 -19.91
N LYS G 243 -14.14 44.68 -19.42
CA LYS G 243 -14.52 45.90 -20.17
C LYS G 243 -13.57 46.06 -21.36
N LEU G 244 -12.27 45.77 -21.18
CA LEU G 244 -11.20 46.03 -22.18
C LEU G 244 -11.21 44.95 -23.28
N LYS G 245 -11.26 43.64 -22.97
CA LYS G 245 -11.17 42.58 -24.01
C LYS G 245 -12.44 41.74 -24.11
N GLY G 246 -13.47 41.95 -23.27
CA GLY G 246 -14.76 41.22 -23.35
C GLY G 246 -14.96 40.14 -22.29
N TYR G 247 -13.89 39.64 -21.69
CA TYR G 247 -13.89 38.45 -20.82
C TYR G 247 -12.52 38.40 -20.16
N THR G 248 -12.31 37.51 -19.19
CA THR G 248 -10.96 37.13 -18.72
C THR G 248 -10.79 35.64 -18.96
N ASN G 249 -9.58 35.20 -19.31
CA ASN G 249 -9.37 33.75 -19.52
C ASN G 249 -7.95 33.28 -19.20
N TRP G 250 -6.87 34.02 -19.56
CA TRP G 250 -5.49 33.47 -19.47
C TRP G 250 -5.14 33.18 -18.01
N ALA G 251 -5.37 34.12 -17.10
CA ALA G 251 -4.98 33.93 -15.68
C ALA G 251 -5.80 32.78 -15.07
N ILE G 252 -7.11 32.72 -15.32
CA ILE G 252 -7.93 31.59 -14.78
C ILE G 252 -7.38 30.25 -15.30
N GLY G 253 -7.11 30.15 -16.61
CA GLY G 253 -6.58 28.92 -17.22
C GLY G 253 -5.33 28.44 -16.51
N LEU G 254 -4.38 29.34 -16.30
CA LEU G 254 -3.10 29.03 -15.61
C LEU G 254 -3.40 28.54 -14.19
N SER G 255 -4.29 29.23 -13.50
CA SER G 255 -4.62 28.93 -12.08
C SER G 255 -5.26 27.54 -11.99
N VAL G 256 -6.11 27.17 -12.96
CA VAL G 256 -6.79 25.84 -12.98
C VAL G 256 -5.75 24.74 -13.19
N ALA G 257 -4.80 24.94 -14.11
CA ALA G 257 -3.73 23.95 -14.39
C ALA G 257 -2.83 23.79 -13.14
N ASP G 258 -2.66 24.86 -12.37
CA ASP G 258 -1.90 24.84 -11.10
C ASP G 258 -2.64 23.99 -10.07
N LEU G 259 -3.96 24.08 -9.93
CA LEU G 259 -4.72 23.24 -8.98
C LEU G 259 -4.62 21.78 -9.43
N ILE G 260 -4.72 21.55 -10.73
CA ILE G 260 -4.68 20.18 -11.29
C ILE G 260 -3.30 19.58 -11.02
N GLU G 261 -2.26 20.37 -11.20
CA GLU G 261 -0.90 19.86 -10.94
C GLU G 261 -0.83 19.37 -9.49
N SER G 262 -1.31 20.16 -8.52
CA SER G 262 -1.28 19.80 -7.08
C SER G 262 -1.95 18.45 -6.87
N MET G 263 -3.05 18.21 -7.58
CA MET G 263 -3.87 17.00 -7.34
C MET G 263 -3.26 15.80 -8.06
N LEU G 264 -2.89 15.92 -9.32
CA LEU G 264 -2.44 14.73 -10.08
C LEU G 264 -1.04 14.30 -9.62
N LYS G 265 -0.23 15.23 -9.09
CA LYS G 265 1.12 14.92 -8.57
C LYS G 265 1.08 14.70 -7.06
N ASN G 266 -0.12 14.71 -6.46
CA ASN G 266 -0.37 14.32 -5.06
C ASN G 266 0.50 15.20 -4.12
N LEU G 267 0.55 16.51 -4.36
CA LEU G 267 1.56 17.34 -3.68
C LEU G 267 1.12 17.82 -2.29
N SER G 268 -0.16 17.95 -1.98
CA SER G 268 -0.62 18.54 -0.69
C SER G 268 -0.08 19.96 -0.57
N ARG G 269 -0.17 20.71 -1.67
CA ARG G 269 0.05 22.18 -1.65
C ARG G 269 -1.24 22.86 -1.19
N ILE G 270 -1.09 24.07 -0.65
CA ILE G 270 -2.21 24.84 -0.07
C ILE G 270 -2.61 25.92 -1.10
N HIS G 271 -3.90 25.93 -1.46
CA HIS G 271 -4.51 26.87 -2.42
C HIS G 271 -5.74 27.47 -1.78
N PRO G 272 -6.01 28.77 -2.04
CA PRO G 272 -7.25 29.38 -1.58
C PRO G 272 -8.42 29.10 -2.54
N VAL G 273 -9.05 27.93 -2.40
CA VAL G 273 -10.19 27.46 -3.25
C VAL G 273 -11.42 27.34 -2.35
N SER G 274 -12.58 27.08 -2.93
CA SER G 274 -13.89 27.06 -2.24
C SER G 274 -14.19 25.64 -1.73
N THR G 275 -14.49 25.53 -0.43
CA THR G 275 -14.95 24.27 0.22
C THR G 275 -16.21 24.57 1.05
N MET G 276 -16.92 23.50 1.40
CA MET G 276 -18.16 23.55 2.20
C MET G 276 -17.77 23.90 3.65
N VAL G 277 -18.16 25.10 4.10
CA VAL G 277 -17.61 25.74 5.32
C VAL G 277 -18.63 25.70 6.46
N LYS G 278 -19.71 24.91 6.36
CA LYS G 278 -20.66 24.76 7.49
C LYS G 278 -19.89 24.24 8.72
N GLY G 279 -20.08 24.90 9.87
CA GLY G 279 -19.41 24.55 11.14
C GLY G 279 -18.14 25.35 11.36
N MET G 280 -17.73 26.18 10.41
CA MET G 280 -16.47 26.94 10.56
C MET G 280 -16.81 28.41 10.76
N TYR G 281 -16.07 29.07 11.66
CA TYR G 281 -16.18 30.54 11.91
C TYR G 281 -17.65 30.90 12.21
N GLY G 282 -18.40 29.99 12.84
CA GLY G 282 -19.80 30.18 13.25
C GLY G 282 -20.80 30.13 12.11
N ILE G 283 -20.43 29.62 10.92
CA ILE G 283 -21.37 29.53 9.76
C ILE G 283 -22.32 28.34 9.98
N GLU G 284 -23.62 28.54 9.78
CA GLU G 284 -24.68 27.57 10.15
C GLU G 284 -25.36 26.98 8.92
N ASN G 285 -25.00 27.42 7.72
CA ASN G 285 -25.65 26.95 6.47
C ASN G 285 -24.61 26.29 5.55
N GLU G 286 -25.08 25.43 4.64
CA GLU G 286 -24.26 24.75 3.62
C GLU G 286 -23.95 25.73 2.48
N VAL G 287 -22.72 26.22 2.50
CA VAL G 287 -22.21 27.36 1.70
C VAL G 287 -20.75 27.02 1.40
N PHE G 288 -20.28 27.42 0.23
CA PHE G 288 -18.88 27.25 -0.20
C PHE G 288 -18.20 28.62 -0.17
N LEU G 289 -17.13 28.74 0.62
CA LEU G 289 -16.28 29.95 0.69
C LEU G 289 -14.82 29.50 0.59
N SER G 290 -13.94 30.42 0.18
CA SER G 290 -12.52 30.10 -0.04
C SER G 290 -11.77 30.23 1.28
N LEU G 291 -11.05 29.18 1.65
CA LEU G 291 -10.08 29.14 2.77
C LEU G 291 -8.81 28.50 2.24
N PRO G 292 -7.68 28.56 2.96
CA PRO G 292 -6.48 27.88 2.49
C PRO G 292 -6.71 26.37 2.62
N CYS G 293 -6.72 25.67 1.50
CA CYS G 293 -7.08 24.24 1.46
C CYS G 293 -5.91 23.43 0.94
N ILE G 294 -5.71 22.24 1.50
CA ILE G 294 -4.68 21.27 1.06
C ILE G 294 -5.25 20.44 -0.09
N LEU G 295 -4.54 20.42 -1.23
CA LEU G 295 -4.99 19.68 -2.43
C LEU G 295 -3.99 18.54 -2.73
N ASN G 296 -4.53 17.37 -3.00
CA ASN G 296 -3.69 16.21 -3.43
C ASN G 296 -4.54 15.24 -4.24
N ALA G 297 -4.09 14.00 -4.43
CA ALA G 297 -4.72 13.06 -5.40
C ALA G 297 -6.14 12.71 -4.97
N ARG G 298 -6.48 12.85 -3.70
CA ARG G 298 -7.83 12.54 -3.16
C ARG G 298 -8.78 13.75 -3.35
N GLY G 299 -8.25 14.93 -3.64
CA GLY G 299 -9.01 16.18 -3.81
C GLY G 299 -8.61 17.15 -2.72
N LEU G 300 -9.58 17.76 -2.07
CA LEU G 300 -9.43 18.78 -1.02
C LEU G 300 -9.63 18.09 0.32
N THR G 301 -8.53 17.73 1.00
CA THR G 301 -8.56 16.79 2.15
C THR G 301 -8.52 17.53 3.48
N SER G 302 -8.04 18.76 3.53
CA SER G 302 -7.91 19.54 4.78
C SER G 302 -8.08 21.02 4.49
N VAL G 303 -8.41 21.78 5.52
CA VAL G 303 -8.38 23.27 5.51
C VAL G 303 -7.46 23.72 6.66
N ILE G 304 -6.77 24.83 6.44
CA ILE G 304 -5.99 25.52 7.49
C ILE G 304 -6.94 26.39 8.31
N ASN G 305 -7.02 26.09 9.61
CA ASN G 305 -7.64 26.96 10.63
C ASN G 305 -6.81 28.24 10.75
N GLN G 306 -7.44 29.38 10.52
CA GLN G 306 -6.87 30.71 10.84
C GLN G 306 -7.53 31.24 12.12
N LYS G 307 -6.79 32.03 12.89
CA LYS G 307 -7.37 32.94 13.92
C LYS G 307 -7.66 34.26 13.20
N LEU G 308 -8.86 34.37 12.65
CA LEU G 308 -9.35 35.56 11.92
C LEU G 308 -9.91 36.58 12.94
N LYS G 309 -9.73 37.86 12.65
CA LYS G 309 -10.16 38.97 13.54
C LYS G 309 -11.68 39.06 13.47
N ASP G 310 -12.31 39.60 14.51
CA ASP G 310 -13.79 39.63 14.66
C ASP G 310 -14.45 40.08 13.33
N ASP G 311 -13.92 41.12 12.68
CA ASP G 311 -14.54 41.72 11.48
C ASP G 311 -14.34 40.81 10.25
N GLU G 312 -13.29 39.97 10.23
CA GLU G 312 -13.07 39.00 9.12
C GLU G 312 -14.15 37.91 9.21
N VAL G 313 -14.31 37.32 10.40
CA VAL G 313 -15.36 36.30 10.70
C VAL G 313 -16.74 36.87 10.32
N ALA G 314 -16.98 38.15 10.63
CA ALA G 314 -18.24 38.89 10.36
C ALA G 314 -18.56 38.82 8.87
N GLN G 315 -17.58 39.12 8.02
CA GLN G 315 -17.75 39.14 6.55
C GLN G 315 -18.03 37.73 6.02
N LEU G 316 -17.30 36.72 6.52
CA LEU G 316 -17.54 35.29 6.15
C LEU G 316 -19.01 34.96 6.44
N LYS G 317 -19.50 35.34 7.62
CA LYS G 317 -20.89 35.03 8.06
C LYS G 317 -21.91 35.72 7.14
N LYS G 318 -21.67 36.98 6.79
CA LYS G 318 -22.58 37.79 5.93
C LYS G 318 -22.51 37.28 4.48
N SER G 319 -21.33 36.91 3.99
CA SER G 319 -21.21 36.19 2.69
C SER G 319 -22.01 34.88 2.75
N ALA G 320 -21.87 34.09 3.83
CA ALA G 320 -22.62 32.82 4.02
C ALA G 320 -24.13 33.09 3.95
N ASP G 321 -24.57 34.15 4.67
CA ASP G 321 -26.00 34.57 4.75
C ASP G 321 -26.48 34.89 3.32
N THR G 322 -25.69 35.73 2.59
CA THR G 322 -26.04 36.18 1.22
C THR G 322 -26.18 34.98 0.29
N LEU G 323 -25.25 34.02 0.37
CA LEU G 323 -25.28 32.81 -0.52
C LEU G 323 -26.48 31.93 -0.17
N TRP G 324 -26.71 31.66 1.11
CA TRP G 324 -27.85 30.79 1.54
C TRP G 324 -29.18 31.41 1.09
N ASP G 325 -29.27 32.75 1.20
CA ASP G 325 -30.50 33.51 0.87
C ASP G 325 -30.88 33.29 -0.60
N ILE G 326 -29.91 33.00 -1.48
CA ILE G 326 -30.21 32.55 -2.88
C ILE G 326 -30.45 31.04 -2.90
N GLN G 327 -29.54 30.25 -2.30
CA GLN G 327 -29.57 28.76 -2.39
C GLN G 327 -30.92 28.19 -1.86
N LYS G 328 -31.45 28.76 -0.77
CA LYS G 328 -32.60 28.15 -0.06
C LYS G 328 -33.84 28.14 -0.97
N ASP G 329 -33.84 28.95 -2.04
CA ASP G 329 -35.00 29.12 -2.98
C ASP G 329 -34.74 28.44 -4.33
N LEU G 330 -33.68 27.64 -4.49
CA LEU G 330 -33.41 26.85 -5.73
C LEU G 330 -34.11 25.48 -5.64
N LYS G 331 -34.64 25.00 -6.77
CA LYS G 331 -35.47 23.76 -6.88
C LYS G 331 -34.72 22.64 -7.63
N ASP G 332 -35.12 21.38 -7.40
CA ASP G 332 -34.76 20.15 -8.17
C ASP G 332 -33.25 19.88 -8.09
N LEU G 333 -32.49 20.74 -7.43
CA LEU G 333 -31.08 20.41 -7.10
C LEU G 333 -31.12 19.36 -5.98
N ALA H 1 9.41 57.08 5.21
CA ALA H 1 9.95 55.85 4.52
C ALA H 1 8.79 55.09 3.85
N THR H 2 8.91 54.82 2.55
CA THR H 2 8.04 53.90 1.78
C THR H 2 8.22 52.48 2.33
N LEU H 3 7.27 51.59 2.06
CA LEU H 3 7.38 50.18 2.49
C LEU H 3 8.59 49.54 1.78
N LYS H 4 8.74 49.80 0.49
CA LYS H 4 9.88 49.31 -0.34
C LYS H 4 11.20 49.80 0.28
N GLU H 5 11.25 51.06 0.74
CA GLU H 5 12.43 51.64 1.42
C GLU H 5 12.66 50.97 2.78
N LYS H 6 11.60 50.67 3.55
CA LYS H 6 11.76 50.01 4.87
C LYS H 6 12.17 48.54 4.68
N LEU H 7 11.60 47.87 3.69
CA LEU H 7 11.68 46.38 3.58
C LEU H 7 12.96 45.96 2.84
N ILE H 8 13.36 46.71 1.80
CA ILE H 8 14.34 46.24 0.77
C ILE H 8 15.57 47.15 0.79
N ALA H 9 16.72 46.60 1.19
CA ALA H 9 17.99 47.34 1.22
C ALA H 9 18.80 46.96 -0.01
N PRO H 10 19.30 47.94 -0.80
CA PRO H 10 20.03 47.64 -2.01
C PRO H 10 21.45 47.14 -1.70
N VAL H 11 21.91 46.16 -2.46
CA VAL H 11 23.30 45.65 -2.44
C VAL H 11 24.02 46.20 -3.68
N ALA H 12 23.32 46.23 -4.81
CA ALA H 12 23.74 46.91 -6.06
C ALA H 12 22.94 48.21 -6.20
N GLU H 13 23.59 49.26 -6.68
CA GLU H 13 22.89 50.48 -7.15
C GLU H 13 21.98 50.10 -8.32
N GLU H 14 20.72 50.58 -8.28
CA GLU H 14 19.70 50.49 -9.37
C GLU H 14 20.32 50.96 -10.69
N GLU H 15 19.95 50.30 -11.80
CA GLU H 15 20.53 50.48 -13.15
C GLU H 15 19.51 50.06 -14.22
N ALA H 16 19.32 50.88 -15.27
CA ALA H 16 18.67 50.46 -16.54
C ALA H 16 19.29 49.14 -17.01
N THR H 17 18.48 48.10 -17.23
CA THR H 17 18.96 46.77 -17.70
C THR H 17 18.29 46.41 -19.01
N VAL H 18 19.00 45.68 -19.88
CA VAL H 18 18.42 45.27 -21.19
C VAL H 18 18.06 43.80 -21.05
N PRO H 19 16.82 43.37 -21.40
CA PRO H 19 16.43 41.98 -21.21
C PRO H 19 17.28 41.14 -22.16
N ASN H 20 17.52 39.92 -21.74
CA ASN H 20 18.40 38.96 -22.44
C ASN H 20 17.62 38.18 -23.51
N ASN H 21 16.30 38.06 -23.37
CA ASN H 21 15.48 37.14 -24.19
C ASN H 21 14.10 37.78 -24.35
N LYS H 22 14.06 38.98 -24.88
CA LYS H 22 12.79 39.70 -25.02
C LYS H 22 12.14 39.22 -26.30
N ILE H 23 10.84 39.00 -26.24
CA ILE H 23 10.05 38.60 -27.43
C ILE H 23 8.93 39.62 -27.56
N THR H 24 8.66 40.03 -28.80
CA THR H 24 7.48 40.84 -29.14
C THR H 24 6.51 39.95 -29.93
N VAL H 25 5.21 40.09 -29.66
CA VAL H 25 4.13 39.58 -30.55
C VAL H 25 3.35 40.77 -31.09
N VAL H 26 3.34 40.92 -32.40
CA VAL H 26 2.55 41.98 -33.09
C VAL H 26 1.22 41.37 -33.51
N GLY H 27 0.11 41.92 -33.02
CA GLY H 27 -1.25 41.37 -33.22
C GLY H 27 -1.68 40.51 -32.05
N VAL H 28 -2.68 40.95 -31.29
CA VAL H 28 -3.18 40.19 -30.11
C VAL H 28 -4.54 39.58 -30.45
N GLY H 29 -4.72 39.06 -31.66
CA GLY H 29 -5.89 38.27 -32.03
C GLY H 29 -5.76 36.83 -31.56
N GLN H 30 -6.50 35.93 -32.22
CA GLN H 30 -6.56 34.49 -31.83
C GLN H 30 -5.16 33.88 -31.93
N VAL H 31 -4.42 34.21 -32.99
CA VAL H 31 -3.07 33.63 -33.26
C VAL H 31 -2.06 34.28 -32.31
N GLY H 32 -2.00 35.62 -32.24
CA GLY H 32 -1.00 36.27 -31.38
C GLY H 32 -1.18 35.83 -29.93
N MET H 33 -2.42 35.70 -29.43
CA MET H 33 -2.58 35.34 -28.00
C MET H 33 -2.19 33.87 -27.80
N ALA H 34 -2.45 32.99 -28.76
CA ALA H 34 -1.96 31.60 -28.72
C ALA H 34 -0.43 31.57 -28.69
N CYS H 35 0.23 32.40 -29.50
CA CYS H 35 1.71 32.51 -29.48
C CYS H 35 2.15 32.97 -28.10
N ALA H 36 1.49 33.99 -27.56
CA ALA H 36 1.90 34.63 -26.29
C ALA H 36 1.79 33.59 -25.18
N ILE H 37 0.68 32.89 -25.10
CA ILE H 37 0.46 31.93 -23.98
C ILE H 37 1.44 30.76 -24.11
N SER H 38 1.78 30.34 -25.32
CA SER H 38 2.74 29.22 -25.57
C SER H 38 4.17 29.67 -25.22
N ILE H 39 4.54 30.89 -25.59
CA ILE H 39 5.86 31.50 -25.22
C ILE H 39 5.98 31.59 -23.68
N LEU H 40 4.94 32.08 -23.01
CA LEU H 40 4.94 32.23 -21.53
C LEU H 40 4.98 30.86 -20.86
N GLY H 41 4.19 29.91 -21.34
CA GLY H 41 4.10 28.56 -20.75
C GLY H 41 5.43 27.84 -20.78
N LYS H 42 6.28 28.15 -21.77
CA LYS H 42 7.59 27.50 -21.96
C LYS H 42 8.70 28.33 -21.34
N SER H 43 8.38 29.42 -20.64
CA SER H 43 9.36 30.37 -20.04
C SER H 43 10.41 30.81 -21.05
N LEU H 44 10.02 31.19 -22.28
CA LEU H 44 10.99 31.51 -23.35
C LEU H 44 11.35 32.99 -23.36
N ALA H 45 10.65 33.85 -22.60
CA ALA H 45 10.82 35.33 -22.60
C ALA H 45 11.09 35.84 -21.19
N ASP H 46 12.14 36.66 -21.01
CA ASP H 46 12.32 37.42 -19.74
C ASP H 46 11.50 38.69 -19.85
N GLU H 47 11.03 39.02 -21.03
CA GLU H 47 10.20 40.22 -21.25
C GLU H 47 9.33 39.92 -22.47
N LEU H 48 8.04 40.16 -22.35
CA LEU H 48 7.09 39.94 -23.46
C LEU H 48 6.46 41.30 -23.74
N ALA H 49 6.56 41.77 -24.98
CA ALA H 49 5.89 42.98 -25.46
C ALA H 49 4.78 42.61 -26.43
N LEU H 50 3.64 43.27 -26.28
CA LEU H 50 2.48 43.10 -27.21
C LEU H 50 2.23 44.40 -27.94
N VAL H 51 1.89 44.30 -29.22
CA VAL H 51 1.55 45.50 -30.05
C VAL H 51 0.29 45.18 -30.84
N ASP H 52 -0.65 46.11 -30.88
CA ASP H 52 -1.88 46.02 -31.71
C ASP H 52 -2.37 47.44 -31.99
N VAL H 53 -3.27 47.61 -32.97
CA VAL H 53 -3.91 48.93 -33.25
C VAL H 53 -5.13 49.11 -32.32
N LEU H 54 -5.65 48.02 -31.74
CA LEU H 54 -6.85 48.05 -30.87
C LEU H 54 -6.38 48.24 -29.43
N GLU H 55 -6.37 49.48 -28.95
CA GLU H 55 -5.69 49.86 -27.68
C GLU H 55 -6.37 49.20 -26.47
N ASP H 56 -7.70 49.11 -26.46
CA ASP H 56 -8.45 48.51 -25.33
C ASP H 56 -8.15 47.01 -25.28
N LYS H 57 -8.35 46.30 -26.40
CA LYS H 57 -8.07 44.84 -26.44
C LYS H 57 -6.62 44.58 -25.99
N LEU H 58 -5.70 45.40 -26.50
CA LEU H 58 -4.26 45.26 -26.18
C LEU H 58 -4.06 45.33 -24.66
N LYS H 59 -4.55 46.40 -24.04
CA LYS H 59 -4.39 46.63 -22.58
C LYS H 59 -5.04 45.48 -21.80
N GLY H 60 -6.19 44.97 -22.24
CA GLY H 60 -6.92 43.87 -21.58
C GLY H 60 -6.15 42.56 -21.62
N GLU H 61 -5.59 42.21 -22.79
CA GLU H 61 -4.74 41.02 -22.98
C GLU H 61 -3.48 41.14 -22.11
N MET H 62 -2.83 42.30 -22.08
CA MET H 62 -1.62 42.56 -21.25
C MET H 62 -1.98 42.27 -19.78
N MET H 63 -3.09 42.86 -19.32
CA MET H 63 -3.48 42.76 -17.89
C MET H 63 -3.79 41.30 -17.55
N ASP H 64 -4.46 40.58 -18.46
CA ASP H 64 -4.90 39.19 -18.18
C ASP H 64 -3.65 38.33 -18.00
N LEU H 65 -2.65 38.48 -18.87
CA LEU H 65 -1.36 37.76 -18.77
C LEU H 65 -0.68 38.14 -17.46
N GLN H 66 -0.59 39.42 -17.13
CA GLN H 66 0.05 39.94 -15.89
C GLN H 66 -0.58 39.25 -14.67
N HIS H 67 -1.90 39.06 -14.67
CA HIS H 67 -2.63 38.48 -13.53
C HIS H 67 -2.21 37.03 -13.34
N GLY H 68 -1.63 36.39 -14.38
CA GLY H 68 -1.16 35.00 -14.31
C GLY H 68 0.31 34.86 -13.95
N SER H 69 0.94 35.98 -13.59
CA SER H 69 2.40 36.15 -13.37
C SER H 69 2.90 35.17 -12.31
N LEU H 70 2.12 34.96 -11.27
CA LEU H 70 2.47 33.98 -10.20
C LEU H 70 2.80 32.60 -10.79
N PHE H 71 2.16 32.18 -11.88
CA PHE H 71 2.29 30.84 -12.49
C PHE H 71 3.34 30.82 -13.60
N LEU H 72 4.00 31.94 -13.85
CA LEU H 72 4.92 32.12 -14.99
C LEU H 72 6.33 32.49 -14.50
N GLN H 73 7.25 32.65 -15.44
CA GLN H 73 8.65 33.06 -15.18
C GLN H 73 9.02 34.17 -16.18
N THR H 74 8.15 35.14 -16.32
CA THR H 74 8.35 36.31 -17.22
C THR H 74 8.11 37.57 -16.41
N PRO H 75 9.19 38.21 -15.93
CA PRO H 75 9.03 39.28 -14.95
C PRO H 75 8.51 40.62 -15.51
N LYS H 76 8.46 40.79 -16.84
CA LYS H 76 8.01 42.07 -17.47
C LYS H 76 7.12 41.75 -18.66
N ILE H 77 5.85 42.12 -18.56
CA ILE H 77 4.85 41.98 -19.66
C ILE H 77 4.33 43.38 -19.93
N VAL H 78 4.57 43.89 -21.15
CA VAL H 78 4.25 45.28 -21.54
C VAL H 78 3.49 45.27 -22.87
N ALA H 79 2.74 46.32 -23.12
CA ALA H 79 1.91 46.43 -24.34
C ALA H 79 1.66 47.88 -24.66
N ASP H 80 1.68 48.20 -25.94
CA ASP H 80 1.42 49.59 -26.41
C ASP H 80 1.28 49.55 -27.93
N LYS H 81 0.48 50.47 -28.48
CA LYS H 81 0.36 50.67 -29.95
C LYS H 81 1.71 51.18 -30.52
N ASP H 82 2.48 51.86 -29.67
CA ASP H 82 3.78 52.48 -30.02
C ASP H 82 4.88 51.41 -29.95
N TYR H 83 5.68 51.29 -31.01
CA TYR H 83 6.73 50.23 -31.13
C TYR H 83 7.91 50.53 -30.22
N SER H 84 7.97 51.69 -29.55
CA SER H 84 9.01 51.98 -28.53
C SER H 84 8.96 50.88 -27.47
N VAL H 85 7.79 50.29 -27.24
CA VAL H 85 7.60 49.21 -26.24
C VAL H 85 8.38 47.94 -26.63
N THR H 86 8.72 47.77 -27.91
CA THR H 86 9.30 46.52 -28.48
C THR H 86 10.84 46.59 -28.50
N ALA H 87 11.45 47.67 -28.00
CA ALA H 87 12.90 47.95 -28.12
C ALA H 87 13.72 46.73 -27.64
N ASN H 88 14.73 46.34 -28.43
CA ASN H 88 15.74 45.30 -28.08
C ASN H 88 15.09 43.92 -27.95
N SER H 89 14.08 43.61 -28.76
CA SER H 89 13.52 42.24 -28.89
C SER H 89 14.56 41.35 -29.57
N LYS H 90 14.74 40.13 -29.08
CA LYS H 90 15.54 39.12 -29.79
C LYS H 90 14.75 38.57 -30.97
N ILE H 91 13.46 38.36 -30.74
CA ILE H 91 12.53 37.75 -31.73
C ILE H 91 11.24 38.56 -31.73
N VAL H 92 10.74 38.84 -32.92
CA VAL H 92 9.45 39.54 -33.12
C VAL H 92 8.58 38.61 -33.96
N VAL H 93 7.42 38.27 -33.42
CA VAL H 93 6.42 37.38 -34.09
C VAL H 93 5.35 38.28 -34.68
N VAL H 94 5.15 38.23 -36.00
CA VAL H 94 4.13 39.09 -36.64
C VAL H 94 2.92 38.26 -37.01
N THR H 95 1.78 38.51 -36.34
CA THR H 95 0.51 37.79 -36.55
C THR H 95 -0.53 38.80 -37.02
N ALA H 96 -0.17 40.07 -37.23
CA ALA H 96 -1.17 41.12 -37.51
C ALA H 96 -1.68 40.97 -38.94
N GLY H 97 -2.96 41.31 -39.10
CA GLY H 97 -3.55 41.58 -40.41
C GLY H 97 -4.94 40.97 -40.50
N VAL H 98 -5.52 41.00 -41.68
CA VAL H 98 -6.78 40.27 -41.98
C VAL H 98 -6.46 38.76 -42.00
N ARG H 99 -7.48 37.93 -41.73
CA ARG H 99 -7.41 36.45 -41.85
C ARG H 99 -8.47 35.94 -42.84
N GLN H 100 -8.42 34.64 -43.12
CA GLN H 100 -9.29 33.95 -44.10
C GLN H 100 -10.72 33.93 -43.58
N GLN H 101 -11.68 34.30 -44.43
CA GLN H 101 -13.11 33.92 -44.25
C GLN H 101 -13.27 32.46 -44.68
N GLU H 102 -14.42 31.86 -44.34
CA GLU H 102 -14.77 30.46 -44.69
C GLU H 102 -14.58 30.27 -46.21
N GLY H 103 -13.61 29.44 -46.61
CA GLY H 103 -13.33 29.02 -48.01
C GLY H 103 -12.46 29.99 -48.80
N GLU H 104 -12.00 31.09 -48.17
CA GLU H 104 -11.16 32.15 -48.81
C GLU H 104 -9.69 31.67 -48.82
N SER H 105 -8.98 31.85 -49.95
CA SER H 105 -7.54 31.56 -50.10
C SER H 105 -6.73 32.51 -49.20
N ARG H 106 -5.65 32.01 -48.61
CA ARG H 106 -4.59 32.84 -47.98
C ARG H 106 -4.09 33.89 -48.99
N LEU H 107 -3.95 33.53 -50.27
CA LEU H 107 -3.35 34.40 -51.31
C LEU H 107 -4.25 35.62 -51.54
N ASN H 108 -5.51 35.56 -51.12
CA ASN H 108 -6.50 36.65 -51.31
C ASN H 108 -6.27 37.77 -50.27
N LEU H 109 -5.52 37.51 -49.19
CA LEU H 109 -5.33 38.50 -48.09
C LEU H 109 -4.19 39.49 -48.44
N VAL H 110 -3.70 39.49 -49.69
CA VAL H 110 -2.34 40.01 -50.05
C VAL H 110 -2.34 41.55 -50.02
N GLN H 111 -3.28 42.20 -50.70
CA GLN H 111 -3.17 43.67 -50.89
C GLN H 111 -3.38 44.37 -49.52
N ARG H 112 -4.34 43.86 -48.75
CA ARG H 112 -4.71 44.41 -47.41
C ARG H 112 -3.51 44.20 -46.46
N ASN H 113 -2.98 42.99 -46.37
CA ASN H 113 -1.91 42.68 -45.38
C ASN H 113 -0.56 43.24 -45.82
N VAL H 114 -0.27 43.40 -47.11
CA VAL H 114 0.95 44.12 -47.60
C VAL H 114 0.93 45.56 -47.07
N ASN H 115 -0.23 46.25 -47.17
CA ASN H 115 -0.40 47.64 -46.62
C ASN H 115 -0.12 47.67 -45.10
N VAL H 116 -0.65 46.70 -44.35
CA VAL H 116 -0.44 46.56 -42.88
C VAL H 116 1.07 46.46 -42.61
N PHE H 117 1.78 45.60 -43.36
CA PHE H 117 3.23 45.32 -43.18
C PHE H 117 4.09 46.55 -43.55
N LYS H 118 3.60 47.46 -44.39
CA LYS H 118 4.41 48.65 -44.80
C LYS H 118 4.60 49.61 -43.62
N PHE H 119 3.63 49.60 -42.68
CA PHE H 119 3.67 50.42 -41.44
C PHE H 119 4.45 49.66 -40.37
N ILE H 120 4.19 48.36 -40.22
CA ILE H 120 4.68 47.53 -39.07
C ILE H 120 6.19 47.31 -39.19
N ILE H 121 6.64 46.84 -40.36
CA ILE H 121 7.99 46.22 -40.43
C ILE H 121 9.07 47.27 -40.19
N PRO H 122 9.03 48.47 -40.81
CA PRO H 122 10.04 49.50 -40.51
C PRO H 122 10.12 49.90 -39.02
N GLN H 123 8.97 49.89 -38.33
CA GLN H 123 8.89 50.23 -36.88
C GLN H 123 9.58 49.15 -36.06
N ILE H 124 9.38 47.87 -36.41
CA ILE H 124 10.06 46.74 -35.73
C ILE H 124 11.57 46.95 -35.80
N VAL H 125 12.11 47.18 -36.99
CA VAL H 125 13.58 47.22 -37.18
C VAL H 125 14.13 48.54 -36.63
N LYS H 126 13.32 49.61 -36.57
CA LYS H 126 13.69 50.86 -35.88
C LYS H 126 14.10 50.52 -34.44
N TYR H 127 13.25 49.82 -33.70
CA TYR H 127 13.41 49.60 -32.24
C TYR H 127 14.22 48.35 -31.91
N SER H 128 14.31 47.37 -32.82
CA SER H 128 15.12 46.13 -32.59
C SER H 128 15.90 45.81 -33.86
N PRO H 129 16.94 46.59 -34.20
CA PRO H 129 17.61 46.41 -35.50
C PRO H 129 18.33 45.04 -35.59
N ASP H 130 18.57 44.37 -34.45
CA ASP H 130 19.26 43.05 -34.37
C ASP H 130 18.30 41.87 -34.15
N CYS H 131 16.98 42.06 -34.25
CA CYS H 131 16.01 40.97 -34.02
C CYS H 131 15.98 39.98 -35.18
N ILE H 132 15.40 38.82 -34.91
CA ILE H 132 14.91 37.82 -35.89
C ILE H 132 13.41 38.07 -36.00
N ILE H 133 12.87 38.11 -37.21
CA ILE H 133 11.40 38.24 -37.39
C ILE H 133 10.85 36.88 -37.79
N ILE H 134 9.81 36.43 -37.09
CA ILE H 134 9.02 35.25 -37.54
C ILE H 134 7.69 35.74 -38.07
N VAL H 135 7.44 35.48 -39.35
CA VAL H 135 6.22 35.95 -40.03
C VAL H 135 5.18 34.83 -39.96
N VAL H 136 4.01 35.16 -39.40
CA VAL H 136 2.88 34.19 -39.27
C VAL H 136 1.69 34.67 -40.10
N SER H 137 1.49 35.97 -40.27
CA SER H 137 0.31 36.49 -41.02
C SER H 137 0.23 35.84 -42.42
N ASN H 138 -0.98 35.61 -42.93
CA ASN H 138 -1.18 35.07 -44.30
C ASN H 138 -1.44 36.19 -45.30
N PRO H 139 -1.03 36.00 -46.58
CA PRO H 139 -0.35 34.77 -47.03
C PRO H 139 1.13 34.69 -46.66
N VAL H 140 1.53 33.66 -45.90
CA VAL H 140 2.75 33.73 -45.06
C VAL H 140 4.00 33.76 -45.95
N ASP H 141 4.07 32.99 -47.02
CA ASP H 141 5.25 33.00 -47.94
C ASP H 141 5.41 34.38 -48.62
N ILE H 142 4.34 34.98 -49.10
CA ILE H 142 4.39 36.34 -49.72
C ILE H 142 4.81 37.36 -48.66
N LEU H 143 4.22 37.29 -47.46
CA LEU H 143 4.48 38.34 -46.43
C LEU H 143 5.88 38.18 -45.85
N THR H 144 6.46 36.97 -45.91
CA THR H 144 7.86 36.77 -45.47
C THR H 144 8.77 37.47 -46.49
N TYR H 145 8.45 37.34 -47.79
CA TYR H 145 9.18 38.07 -48.86
C TYR H 145 9.10 39.61 -48.61
N VAL H 146 7.87 40.07 -48.34
CA VAL H 146 7.55 41.51 -48.10
C VAL H 146 8.33 41.98 -46.86
N THR H 147 8.34 41.17 -45.82
CA THR H 147 9.05 41.51 -44.57
C THR H 147 10.56 41.67 -44.89
N TRP H 148 11.10 40.68 -45.62
CA TRP H 148 12.54 40.68 -46.04
C TRP H 148 12.85 41.97 -46.80
N LYS H 149 12.03 42.33 -47.77
CA LYS H 149 12.22 43.56 -48.58
C LYS H 149 12.17 44.80 -47.67
N LEU H 150 11.11 44.91 -46.85
CA LEU H 150 10.84 46.13 -46.04
C LEU H 150 11.87 46.26 -44.91
N SER H 151 12.33 45.14 -44.35
CA SER H 151 13.17 45.11 -43.13
C SER H 151 14.62 45.50 -43.44
N GLY H 152 15.12 45.17 -44.63
CA GLY H 152 16.57 45.19 -44.94
C GLY H 152 17.38 44.26 -44.05
N LEU H 153 16.75 43.26 -43.41
CA LEU H 153 17.46 42.21 -42.65
C LEU H 153 18.04 41.19 -43.64
N PRO H 154 19.16 40.54 -43.24
CA PRO H 154 19.66 39.38 -43.97
C PRO H 154 18.64 38.23 -43.93
N LYS H 155 18.61 37.44 -45.02
CA LYS H 155 17.86 36.15 -45.11
C LYS H 155 17.80 35.43 -43.77
N HIS H 156 18.93 35.25 -43.07
CA HIS H 156 19.01 34.36 -41.90
C HIS H 156 18.17 34.90 -40.73
N ARG H 157 17.73 36.17 -40.77
CA ARG H 157 16.95 36.77 -39.67
C ARG H 157 15.48 37.00 -40.03
N VAL H 158 15.03 36.51 -41.18
CA VAL H 158 13.60 36.61 -41.60
C VAL H 158 13.13 35.20 -41.92
N ILE H 159 12.22 34.72 -41.10
CA ILE H 159 11.72 33.32 -41.15
C ILE H 159 10.18 33.35 -41.28
N GLY H 160 9.64 32.66 -42.26
CA GLY H 160 8.19 32.40 -42.39
C GLY H 160 7.81 31.13 -41.64
N SER H 161 6.74 31.17 -40.83
CA SER H 161 6.33 29.94 -40.13
C SER H 161 6.09 28.82 -41.16
N GLY H 162 5.63 29.17 -42.36
CA GLY H 162 5.62 28.35 -43.59
C GLY H 162 4.93 27.00 -43.36
N CYS H 163 5.64 25.88 -43.59
CA CYS H 163 5.10 24.50 -43.52
C CYS H 163 5.42 23.81 -42.19
N ASN H 164 5.92 24.52 -41.16
CA ASN H 164 6.14 23.93 -39.82
C ASN H 164 4.81 23.34 -39.31
N LEU H 165 3.73 24.09 -39.46
CA LEU H 165 2.37 23.64 -39.04
C LEU H 165 1.88 22.53 -39.98
N ASP H 166 2.06 22.66 -41.29
CA ASP H 166 1.59 21.64 -42.28
C ASP H 166 2.27 20.30 -41.98
N SER H 167 3.58 20.34 -41.73
CA SER H 167 4.38 19.15 -41.37
C SER H 167 3.90 18.57 -40.03
N ALA H 168 3.58 19.42 -39.03
CA ALA H 168 3.07 18.92 -37.73
C ALA H 168 1.73 18.19 -38.00
N ARG H 169 0.84 18.78 -38.79
CA ARG H 169 -0.50 18.17 -39.13
C ARG H 169 -0.25 16.85 -39.85
N PHE H 170 0.68 16.82 -40.80
CA PHE H 170 1.04 15.58 -41.53
C PHE H 170 1.47 14.49 -40.53
N ARG H 171 2.33 14.85 -39.57
CA ARG H 171 2.92 13.86 -38.63
C ARG H 171 1.81 13.37 -37.67
N TYR H 172 0.88 14.26 -37.34
CA TYR H 172 -0.30 13.87 -36.54
C TYR H 172 -1.10 12.82 -37.33
N LEU H 173 -1.39 13.09 -38.60
CA LEU H 173 -2.24 12.18 -39.44
C LEU H 173 -1.52 10.84 -39.65
N MET H 174 -0.18 10.84 -39.80
CA MET H 174 0.65 9.61 -39.91
C MET H 174 0.50 8.84 -38.60
N ALA H 175 0.60 9.56 -37.48
CA ALA H 175 0.56 8.99 -36.11
C ALA H 175 -0.79 8.30 -35.88
N GLU H 176 -1.87 8.97 -36.30
CA GLU H 176 -3.26 8.43 -36.25
C GLU H 176 -3.33 7.11 -37.05
N LYS H 177 -2.80 7.11 -38.27
CA LYS H 177 -2.77 5.94 -39.19
C LYS H 177 -2.01 4.78 -38.56
N LEU H 178 -0.89 5.04 -37.87
CA LEU H 178 0.05 3.97 -37.43
C LEU H 178 -0.08 3.66 -35.92
N GLY H 179 -0.77 4.48 -35.14
CA GLY H 179 -0.87 4.30 -33.68
C GLY H 179 0.44 4.55 -32.94
N ILE H 180 1.24 5.52 -33.40
CA ILE H 180 2.54 5.88 -32.79
C ILE H 180 2.57 7.38 -32.53
N HIS H 181 3.43 7.84 -31.63
CA HIS H 181 3.50 9.29 -31.30
C HIS H 181 3.95 10.04 -32.55
N PRO H 182 3.40 11.24 -32.84
CA PRO H 182 3.86 12.03 -33.99
C PRO H 182 5.38 12.28 -34.01
N SER H 183 6.02 12.38 -32.84
CA SER H 183 7.49 12.59 -32.75
C SER H 183 8.25 11.40 -33.34
N SER H 184 7.65 10.20 -33.41
CA SER H 184 8.30 8.97 -33.94
C SER H 184 7.89 8.74 -35.40
N CYS H 185 7.05 9.61 -35.96
CA CYS H 185 6.63 9.60 -37.38
C CYS H 185 7.39 10.71 -38.12
N HIS H 186 8.10 10.38 -39.19
CA HIS H 186 8.96 11.38 -39.86
C HIS H 186 8.42 11.61 -41.27
N GLY H 187 8.33 12.90 -41.63
CA GLY H 187 7.78 13.25 -42.94
C GLY H 187 7.69 14.75 -43.13
N TRP H 188 8.04 15.21 -44.33
CA TRP H 188 8.26 16.66 -44.61
C TRP H 188 7.19 17.11 -45.60
N ILE H 189 6.40 18.12 -45.22
CA ILE H 189 5.59 18.93 -46.16
C ILE H 189 6.35 20.24 -46.39
N LEU H 190 6.62 20.55 -47.65
CA LEU H 190 7.52 21.66 -48.06
C LEU H 190 6.83 22.53 -49.09
N GLY H 191 7.52 23.60 -49.47
CA GLY H 191 7.04 24.52 -50.52
C GLY H 191 6.07 25.51 -49.93
N GLU H 192 4.96 25.76 -50.63
CA GLU H 192 3.96 26.76 -50.20
C GLU H 192 3.20 26.25 -49.00
N HIS H 193 2.92 27.09 -48.02
CA HIS H 193 1.94 26.77 -46.96
C HIS H 193 0.61 26.59 -47.71
N GLY H 194 -0.19 25.59 -47.31
CA GLY H 194 -1.57 25.46 -47.84
C GLY H 194 -1.63 24.70 -49.15
N ASP H 195 -2.29 25.27 -50.16
CA ASP H 195 -2.89 24.50 -51.29
C ASP H 195 -1.82 23.74 -52.07
N SER H 196 -0.69 24.35 -52.42
CA SER H 196 0.28 23.78 -53.39
C SER H 196 1.48 23.15 -52.67
N SER H 197 1.33 22.79 -51.38
CA SER H 197 2.43 22.18 -50.59
C SER H 197 2.86 20.88 -51.25
N VAL H 198 4.10 20.47 -50.98
CA VAL H 198 4.74 19.27 -51.59
C VAL H 198 4.98 18.25 -50.49
N ALA H 199 4.40 17.05 -50.63
CA ALA H 199 4.68 15.92 -49.71
C ALA H 199 5.91 15.18 -50.24
N VAL H 200 7.00 15.16 -49.47
CA VAL H 200 8.26 14.49 -49.88
C VAL H 200 8.16 13.00 -49.48
N TRP H 201 7.46 12.22 -50.29
CA TRP H 201 7.17 10.79 -50.01
C TRP H 201 8.45 10.02 -49.68
N SER H 202 9.53 10.29 -50.43
CA SER H 202 10.84 9.59 -50.29
C SER H 202 11.39 9.70 -48.87
N GLY H 203 11.01 10.74 -48.11
CA GLY H 203 11.54 10.97 -46.76
C GLY H 203 10.62 10.43 -45.67
N VAL H 204 9.41 9.99 -46.02
CA VAL H 204 8.43 9.53 -45.00
C VAL H 204 8.96 8.21 -44.42
N ASN H 205 9.17 8.16 -43.12
CA ASN H 205 9.77 6.95 -42.51
C ASN H 205 9.38 6.85 -41.03
N VAL H 206 9.46 5.62 -40.51
CA VAL H 206 9.41 5.31 -39.05
C VAL H 206 10.67 4.48 -38.74
N ALA H 207 11.47 4.94 -37.77
CA ALA H 207 12.75 4.29 -37.35
C ALA H 207 13.69 4.10 -38.55
N GLY H 208 13.68 5.02 -39.51
CA GLY H 208 14.57 4.89 -40.70
C GLY H 208 14.03 3.90 -41.72
N VAL H 209 12.83 3.36 -41.54
CA VAL H 209 12.22 2.45 -42.54
C VAL H 209 11.43 3.31 -43.53
N SER H 210 11.93 3.41 -44.75
CA SER H 210 11.28 4.14 -45.86
C SER H 210 9.90 3.50 -46.14
N LEU H 211 8.82 4.21 -45.87
CA LEU H 211 7.45 3.67 -46.12
C LEU H 211 7.20 3.62 -47.63
N GLN H 212 7.82 4.51 -48.43
CA GLN H 212 7.67 4.44 -49.90
C GLN H 212 8.30 3.14 -50.45
N GLU H 213 9.27 2.56 -49.75
CA GLU H 213 9.88 1.26 -50.14
C GLU H 213 8.88 0.14 -49.82
N LEU H 214 8.22 0.17 -48.66
CA LEU H 214 7.18 -0.86 -48.30
C LEU H 214 5.99 -0.72 -49.25
N ASN H 215 5.68 0.51 -49.70
CA ASN H 215 4.45 0.82 -50.49
C ASN H 215 4.84 1.75 -51.63
N PRO H 216 5.45 1.21 -52.71
CA PRO H 216 5.89 2.02 -53.85
C PRO H 216 4.80 2.88 -54.52
N GLU H 217 3.53 2.56 -54.23
CA GLU H 217 2.36 3.27 -54.80
C GLU H 217 2.05 4.52 -53.96
N MET H 218 2.74 4.69 -52.82
CA MET H 218 2.61 5.90 -51.99
C MET H 218 2.69 7.16 -52.89
N GLY H 219 1.69 8.04 -52.75
CA GLY H 219 1.60 9.30 -53.50
C GLY H 219 0.87 9.16 -54.82
N THR H 220 0.66 7.94 -55.32
CA THR H 220 -0.04 7.70 -56.61
C THR H 220 -1.55 7.67 -56.38
N ASP H 221 -2.33 7.63 -57.47
CA ASP H 221 -3.80 7.42 -57.46
C ASP H 221 -4.13 5.93 -57.34
N ASN H 222 -3.12 5.05 -57.31
CA ASN H 222 -3.35 3.58 -57.26
C ASN H 222 -2.67 3.00 -56.02
N ASP H 223 -3.13 3.43 -54.84
CA ASP H 223 -2.46 3.25 -53.52
C ASP H 223 -3.54 2.80 -52.50
N SER H 224 -3.48 1.55 -52.04
CA SER H 224 -4.42 1.01 -51.03
C SER H 224 -4.21 1.66 -49.66
N GLU H 225 -3.09 2.37 -49.41
CA GLU H 225 -2.85 3.09 -48.13
C GLU H 225 -3.33 4.54 -48.24
N ASN H 226 -3.67 5.03 -49.44
CA ASN H 226 -4.38 6.33 -49.63
C ASN H 226 -3.58 7.49 -49.05
N TRP H 227 -2.26 7.46 -49.25
CA TRP H 227 -1.29 8.49 -48.76
C TRP H 227 -1.60 9.83 -49.42
N LYS H 228 -1.96 9.85 -50.69
CA LYS H 228 -2.36 11.10 -51.38
C LYS H 228 -3.43 11.80 -50.54
N GLU H 229 -4.40 11.06 -50.02
CA GLU H 229 -5.54 11.60 -49.25
C GLU H 229 -5.05 12.14 -47.90
N VAL H 230 -4.01 11.57 -47.31
CA VAL H 230 -3.42 12.11 -46.05
C VAL H 230 -2.89 13.54 -46.34
N HIS H 231 -2.16 13.69 -47.45
CA HIS H 231 -1.65 15.01 -47.95
C HIS H 231 -2.83 15.96 -48.25
N LYS H 232 -3.90 15.53 -48.93
CA LYS H 232 -5.11 16.38 -49.12
C LYS H 232 -5.64 16.83 -47.73
N MET H 233 -5.74 15.91 -46.78
CA MET H 233 -6.25 16.26 -45.43
C MET H 233 -5.36 17.31 -44.75
N VAL H 234 -4.05 17.30 -44.94
CA VAL H 234 -3.18 18.38 -44.41
C VAL H 234 -3.67 19.74 -44.95
N VAL H 235 -3.87 19.82 -46.26
CA VAL H 235 -4.31 21.04 -47.01
C VAL H 235 -5.70 21.49 -46.52
N GLU H 236 -6.59 20.54 -46.19
CA GLU H 236 -8.08 20.65 -46.00
C GLU H 236 -8.49 20.62 -44.52
N SER H 237 -7.78 19.88 -43.66
CA SER H 237 -7.83 19.97 -42.18
C SER H 237 -8.03 21.44 -41.76
N ALA H 238 -7.25 22.36 -42.33
CA ALA H 238 -7.16 23.80 -41.95
C ALA H 238 -8.44 24.59 -42.29
N TYR H 239 -8.92 24.44 -43.53
CA TYR H 239 -10.22 24.99 -44.00
C TYR H 239 -11.34 24.43 -43.10
N GLU H 240 -11.28 23.13 -42.80
CA GLU H 240 -12.26 22.43 -41.92
C GLU H 240 -12.29 23.11 -40.54
N VAL H 241 -11.14 23.42 -39.96
CA VAL H 241 -11.11 24.06 -38.61
C VAL H 241 -11.71 25.48 -38.72
N ILE H 242 -11.32 26.25 -39.74
CA ILE H 242 -11.87 27.63 -39.94
C ILE H 242 -13.40 27.51 -40.08
N LYS H 243 -13.88 26.51 -40.81
CA LYS H 243 -15.34 26.31 -41.03
C LYS H 243 -16.02 26.01 -39.69
N LEU H 244 -15.35 25.27 -38.80
CA LEU H 244 -15.95 24.75 -37.55
C LEU H 244 -15.90 25.78 -36.42
N LYS H 245 -14.76 26.46 -36.18
CA LYS H 245 -14.62 27.42 -35.04
C LYS H 245 -14.31 28.87 -35.51
N GLY H 246 -14.10 29.11 -36.82
CA GLY H 246 -13.98 30.46 -37.39
C GLY H 246 -12.54 30.86 -37.73
N TYR H 247 -11.57 30.15 -37.20
CA TYR H 247 -10.14 30.48 -37.28
C TYR H 247 -9.36 29.26 -36.77
N THR H 248 -8.05 29.28 -36.92
CA THR H 248 -7.17 28.33 -36.20
C THR H 248 -6.15 29.13 -35.38
N ASN H 249 -5.71 28.58 -34.25
CA ASN H 249 -4.76 29.32 -33.39
C ASN H 249 -3.92 28.40 -32.50
N TRP H 250 -4.48 27.34 -31.92
CA TRP H 250 -3.71 26.57 -30.90
C TRP H 250 -2.49 25.92 -31.55
N ALA H 251 -2.67 25.21 -32.67
CA ALA H 251 -1.54 24.46 -33.28
C ALA H 251 -0.48 25.46 -33.77
N ILE H 252 -0.91 26.56 -34.38
CA ILE H 252 0.10 27.57 -34.84
C ILE H 252 0.83 28.14 -33.62
N GLY H 253 0.14 28.48 -32.53
CA GLY H 253 0.83 28.97 -31.32
C GLY H 253 1.93 28.02 -30.87
N LEU H 254 1.61 26.73 -30.76
CA LEU H 254 2.60 25.73 -30.31
C LEU H 254 3.78 25.66 -31.29
N SER H 255 3.48 25.67 -32.58
CA SER H 255 4.43 25.64 -33.72
C SER H 255 5.48 26.77 -33.58
N VAL H 256 4.99 27.98 -33.37
CA VAL H 256 5.81 29.22 -33.24
C VAL H 256 6.66 29.10 -31.97
N ALA H 257 6.11 28.67 -30.85
CA ALA H 257 6.88 28.52 -29.59
C ALA H 257 7.99 27.48 -29.80
N ASP H 258 7.72 26.43 -30.57
CA ASP H 258 8.73 25.38 -30.95
C ASP H 258 9.91 26.02 -31.71
N LEU H 259 9.66 26.91 -32.66
CA LEU H 259 10.72 27.62 -33.43
C LEU H 259 11.54 28.48 -32.49
N ILE H 260 10.86 29.14 -31.56
CA ILE H 260 11.52 30.11 -30.65
C ILE H 260 12.43 29.30 -29.73
N GLU H 261 11.95 28.16 -29.25
CA GLU H 261 12.75 27.32 -28.35
C GLU H 261 14.07 26.92 -29.05
N SER H 262 14.03 26.45 -30.30
CA SER H 262 15.24 26.10 -31.07
C SER H 262 16.20 27.28 -31.15
N MET H 263 15.69 28.48 -31.43
CA MET H 263 16.56 29.66 -31.62
C MET H 263 17.11 30.09 -30.26
N LEU H 264 16.28 30.29 -29.25
CA LEU H 264 16.79 30.91 -28.00
C LEU H 264 17.67 29.92 -27.24
N LYS H 265 17.48 28.62 -27.39
CA LYS H 265 18.34 27.61 -26.75
C LYS H 265 19.51 27.26 -27.67
N ASN H 266 19.60 27.88 -28.84
CA ASN H 266 20.71 27.71 -29.79
C ASN H 266 20.90 26.24 -30.18
N LEU H 267 19.80 25.54 -30.47
CA LEU H 267 19.87 24.06 -30.61
C LEU H 267 20.34 23.58 -31.99
N SER H 268 20.14 24.35 -33.07
CA SER H 268 20.44 23.84 -34.44
C SER H 268 19.56 22.61 -34.68
N ARG H 269 18.28 22.74 -34.34
CA ARG H 269 17.24 21.74 -34.76
C ARG H 269 16.74 22.11 -36.16
N ILE H 270 16.25 21.12 -36.89
CA ILE H 270 15.78 21.35 -38.27
C ILE H 270 14.26 21.46 -38.29
N HIS H 271 13.76 22.51 -38.94
CA HIS H 271 12.30 22.81 -39.03
C HIS H 271 11.97 23.17 -40.46
N PRO H 272 10.78 22.77 -40.95
CA PRO H 272 10.34 23.17 -42.27
C PRO H 272 9.77 24.59 -42.16
N VAL H 273 10.58 25.59 -42.44
CA VAL H 273 10.13 27.00 -42.39
C VAL H 273 10.49 27.64 -43.72
N SER H 274 9.95 28.82 -43.95
CA SER H 274 10.04 29.56 -45.23
C SER H 274 11.32 30.37 -45.25
N THR H 275 12.12 30.21 -46.30
CA THR H 275 13.37 30.94 -46.51
C THR H 275 13.44 31.31 -47.98
N MET H 276 14.35 32.22 -48.31
CA MET H 276 14.52 32.72 -49.67
C MET H 276 15.24 31.65 -50.49
N VAL H 277 14.57 31.03 -51.47
CA VAL H 277 15.04 29.78 -52.13
C VAL H 277 15.58 30.06 -53.53
N LYS H 278 15.77 31.32 -53.91
CA LYS H 278 16.33 31.63 -55.25
C LYS H 278 17.61 30.82 -55.40
N GLY H 279 17.77 30.12 -56.53
CA GLY H 279 18.96 29.35 -56.89
C GLY H 279 18.91 27.93 -56.35
N MET H 280 17.82 27.53 -55.70
CA MET H 280 17.64 26.14 -55.23
C MET H 280 16.63 25.43 -56.12
N TYR H 281 16.94 24.21 -56.56
CA TYR H 281 16.04 23.35 -57.38
C TYR H 281 15.63 24.12 -58.63
N GLY H 282 16.56 24.87 -59.22
CA GLY H 282 16.34 25.66 -60.44
C GLY H 282 15.35 26.82 -60.26
N ILE H 283 15.00 27.22 -59.03
CA ILE H 283 14.11 28.40 -58.83
C ILE H 283 14.91 29.67 -59.12
N GLU H 284 14.36 30.57 -59.92
CA GLU H 284 15.11 31.72 -60.49
C GLU H 284 14.59 33.05 -59.94
N ASN H 285 13.54 33.06 -59.11
CA ASN H 285 12.99 34.32 -58.55
C ASN H 285 13.19 34.35 -57.04
N GLU H 286 13.16 35.56 -56.47
CA GLU H 286 13.30 35.78 -55.02
C GLU H 286 11.95 35.46 -54.40
N VAL H 287 11.74 34.19 -54.11
CA VAL H 287 10.53 33.71 -53.41
C VAL H 287 10.91 33.00 -52.13
N PHE H 288 9.96 32.95 -51.20
CA PHE H 288 10.13 32.26 -49.91
C PHE H 288 9.26 31.01 -49.99
N LEU H 289 9.86 29.86 -49.76
CA LEU H 289 9.16 28.54 -49.70
C LEU H 289 9.80 27.77 -48.57
N SER H 290 9.05 26.81 -48.01
CA SER H 290 9.54 25.98 -46.89
C SER H 290 10.45 24.85 -47.40
N LEU H 291 11.61 24.74 -46.77
CA LEU H 291 12.54 23.62 -46.88
C LEU H 291 12.97 23.31 -45.45
N PRO H 292 13.65 22.20 -45.20
CA PRO H 292 14.16 21.88 -43.87
C PRO H 292 15.36 22.79 -43.56
N CYS H 293 15.23 23.65 -42.55
CA CYS H 293 16.24 24.67 -42.19
C CYS H 293 16.75 24.46 -40.77
N ILE H 294 18.03 24.76 -40.55
CA ILE H 294 18.67 24.72 -39.23
C ILE H 294 18.37 26.04 -38.51
N LEU H 295 17.77 25.98 -37.32
CA LEU H 295 17.49 27.19 -36.50
C LEU H 295 18.33 27.16 -35.25
N ASN H 296 18.91 28.31 -34.92
CA ASN H 296 19.72 28.47 -33.69
C ASN H 296 19.70 29.95 -33.30
N ALA H 297 20.56 30.38 -32.38
CA ALA H 297 20.46 31.74 -31.82
C ALA H 297 20.73 32.78 -32.91
N ARG H 298 21.42 32.43 -34.00
CA ARG H 298 21.69 33.38 -35.09
C ARG H 298 20.43 33.58 -35.92
N GLY H 299 19.53 32.60 -35.92
CA GLY H 299 18.36 32.60 -36.79
C GLY H 299 18.39 31.36 -37.67
N LEU H 300 18.13 31.53 -38.96
CA LEU H 300 18.04 30.42 -39.93
C LEU H 300 19.36 30.33 -40.70
N THR H 301 20.26 29.44 -40.30
CA THR H 301 21.67 29.54 -40.75
C THR H 301 21.94 28.64 -41.95
N SER H 302 21.16 27.60 -42.16
CA SER H 302 21.43 26.61 -43.23
C SER H 302 20.13 26.01 -43.70
N VAL H 303 20.18 25.44 -44.89
CA VAL H 303 19.07 24.66 -45.48
C VAL H 303 19.62 23.26 -45.74
N ILE H 304 18.79 22.24 -45.59
CA ILE H 304 19.18 20.85 -45.94
C ILE H 304 18.92 20.65 -47.44
N ASN H 305 19.95 20.23 -48.18
CA ASN H 305 19.86 19.78 -49.59
C ASN H 305 19.23 18.39 -49.60
N GLN H 306 18.16 18.22 -50.37
CA GLN H 306 17.39 16.96 -50.48
C GLN H 306 17.50 16.40 -51.89
N LYS H 307 17.41 15.08 -51.99
CA LYS H 307 17.34 14.36 -53.29
C LYS H 307 15.87 14.33 -53.73
N LEU H 308 15.33 15.46 -54.18
CA LEU H 308 13.91 15.59 -54.58
C LEU H 308 13.73 15.06 -56.01
N LYS H 309 12.55 14.51 -56.28
CA LYS H 309 12.13 13.98 -57.60
C LYS H 309 11.81 15.14 -58.56
N ASP H 310 11.81 14.87 -59.86
CA ASP H 310 11.57 15.89 -60.92
C ASP H 310 10.24 16.60 -60.66
N ASP H 311 9.20 15.89 -60.21
CA ASP H 311 7.83 16.44 -60.07
C ASP H 311 7.74 17.31 -58.80
N GLU H 312 8.46 16.90 -57.77
CA GLU H 312 8.60 17.69 -56.52
C GLU H 312 9.25 19.04 -56.88
N VAL H 313 10.33 18.97 -57.66
CA VAL H 313 11.04 20.17 -58.22
C VAL H 313 10.06 21.00 -59.07
N ALA H 314 9.30 20.36 -59.97
CA ALA H 314 8.36 21.06 -60.89
C ALA H 314 7.33 21.84 -60.08
N GLN H 315 6.82 21.26 -59.00
CA GLN H 315 5.90 21.96 -58.05
C GLN H 315 6.55 23.18 -57.36
N LEU H 316 7.81 23.10 -56.90
CA LEU H 316 8.47 24.24 -56.19
C LEU H 316 8.65 25.38 -57.21
N LYS H 317 9.07 25.02 -58.44
CA LYS H 317 9.23 26.00 -59.55
C LYS H 317 7.89 26.69 -59.81
N LYS H 318 6.78 25.95 -59.80
CA LYS H 318 5.45 26.49 -60.22
C LYS H 318 4.92 27.42 -59.12
N SER H 319 5.07 27.02 -57.86
CA SER H 319 4.83 27.86 -56.65
C SER H 319 5.61 29.17 -56.74
N ALA H 320 6.88 29.13 -57.12
CA ALA H 320 7.73 30.34 -57.22
C ALA H 320 7.15 31.25 -58.30
N ASP H 321 6.83 30.68 -59.46
CA ASP H 321 6.21 31.42 -60.59
C ASP H 321 4.91 32.06 -60.09
N THR H 322 4.13 31.29 -59.33
CA THR H 322 2.86 31.75 -58.70
C THR H 322 3.11 32.91 -57.74
N LEU H 323 4.08 32.76 -56.82
CA LEU H 323 4.34 33.79 -55.80
C LEU H 323 5.00 35.01 -56.48
N TRP H 324 5.92 34.74 -57.43
CA TRP H 324 6.63 35.83 -58.15
C TRP H 324 5.59 36.66 -58.94
N ASP H 325 4.66 35.99 -59.65
CA ASP H 325 3.64 36.66 -60.50
C ASP H 325 2.87 37.69 -59.67
N ILE H 326 2.50 37.36 -58.41
CA ILE H 326 1.93 38.32 -57.42
C ILE H 326 2.98 39.37 -57.03
N GLN H 327 4.16 38.94 -56.64
CA GLN H 327 5.22 39.78 -56.02
C GLN H 327 5.77 40.85 -56.96
N LYS H 328 5.91 40.58 -58.27
CA LYS H 328 6.53 41.55 -59.20
C LYS H 328 5.66 42.81 -59.31
N ASP H 329 4.37 42.67 -58.96
CA ASP H 329 3.34 43.73 -59.11
C ASP H 329 3.16 44.52 -57.81
N LEU H 330 3.74 44.06 -56.71
CA LEU H 330 3.71 44.79 -55.40
C LEU H 330 4.55 46.07 -55.53
N LYS H 331 4.01 47.19 -55.06
CA LYS H 331 4.67 48.53 -55.15
C LYS H 331 5.32 48.93 -53.82
N ASP H 332 6.45 49.65 -53.91
CA ASP H 332 7.16 50.38 -52.83
C ASP H 332 7.67 49.40 -51.76
N LEU H 333 8.28 48.29 -52.19
CA LEU H 333 9.02 47.36 -51.31
C LEU H 333 10.51 47.71 -51.37
#